data_5WDU
#
_entry.id   5WDU
#
_cell.length_a   361.810
_cell.length_b   215.850
_cell.length_c   176.610
_cell.angle_alpha   90.00
_cell.angle_beta   114.03
_cell.angle_gamma   90.00
#
_symmetry.space_group_name_H-M   'C 1 2 1'
#
loop_
_entity.id
_entity.type
_entity.pdbx_description
1 polymer 'Envelope glycoprotein gp160'
2 polymer 'bnAb NIH45-46 scFv'
3 polymer 'Envelope glycoprotein gp160'
4 polymer 'bnAb PGT122 Fab light chain'
5 polymer 'bnAb PGT122 Fab heavy chain'
6 polymer 'bnAb 35O22 Fab heavy chain'
7 polymer 'bnAb 35O22 Fab light chain'
8 branched alpha-D-mannopyranose-(1-3)-[alpha-D-mannopyranose-(1-6)]beta-D-mannopyranose-(1-4)-2-acetamido-2-deoxy-beta-D-glucopyranose-(1-4)-2-acetamido-2-deoxy-beta-D-glucopyranose
9 branched beta-D-mannopyranose-(1-4)-2-acetamido-2-deoxy-beta-D-glucopyranose-(1-4)-2-acetamido-2-deoxy-beta-D-glucopyranose
10 branched alpha-D-mannopyranose-(1-6)-beta-D-mannopyranose-(1-4)-2-acetamido-2-deoxy-beta-D-glucopyranose-(1-4)-2-acetamido-2-deoxy-beta-D-glucopyranose
11 branched alpha-D-mannopyranose-(1-3)-[alpha-D-mannopyranose-(1-6)]alpha-D-mannopyranose-(1-6)-[alpha-D-mannopyranose-(1-3)]beta-D-mannopyranose-(1-4)-2-acetamido-2-deoxy-beta-D-glucopyranose-(1-4)-2-acetamido-2-deoxy-beta-D-glucopyranose
12 branched alpha-D-mannopyranose-(1-2)-alpha-D-mannopyranose-(1-3)-[alpha-D-mannopyranose-(1-6)]beta-D-mannopyranose-(1-4)-2-acetamido-2-deoxy-beta-D-glucopyranose-(1-4)-2-acetamido-2-deoxy-beta-D-glucopyranose
13 branched 2-acetamido-2-deoxy-beta-D-glucopyranose-(1-4)-2-acetamido-2-deoxy-beta-D-glucopyranose
14 branched alpha-D-mannopyranose-(1-2)-alpha-D-mannopyranose-(1-3)-[alpha-D-mannopyranose-(1-3)-[alpha-D-mannopyranose-(1-6)]alpha-D-mannopyranose-(1-6)]beta-D-mannopyranose-(1-4)-2-acetamido-2-deoxy-beta-D-glucopyranose-(1-4)-2-acetamido-2-deoxy-beta-D-glucopyranose
15 non-polymer 2-acetamido-2-deoxy-beta-D-glucopyranose
#
loop_
_entity_poly.entity_id
_entity_poly.type
_entity_poly.pdbx_seq_one_letter_code
_entity_poly.pdbx_strand_id
1 'polypeptide(L)'
;ENLWVTVYYGVPVWKDAETTLFCASDAKAYETEKHNVWATCACVPTDPNPQEIHLENVTEEFNMWKNNMVEQMHTDIISL
WDQSLKPCVKLTPLCVTLQCTNVTNNITDDMRGELKNCSFNMTTELRDKKQKVYSLFYRLDVVQINENQGNRSNNSNKEY
RLINCNTSAITQACPKVSFEPIPIHYCAPAGFAILKCKDKKFNGTGPCPSVSTVQCTHGIKPVVSTQLLLNGSLAEEEVM
IRSENITNNAKNILVQFNTPVQINCTRPNNNTRKSIRIGPGQAFYATGDIIGDIRQAHCNVSKATWNETLGKVVKQLRKH
FGNNTIIRFANSSGGDLEVTTHSFNCGGEFFYCNTSGLFNSTWISNTSVQGSNSTGSNDSITLPCRIKQIINMWQRIGQA
MYAPPIQGVIRCVSNITGLILTRDGGANNTSTETFRPGGGDMRDNWRSELYKYKVVKIEPLGVAPTRCKRR
;
G,F,Q
2 'polypeptide(L)'
;(PCA)VRLSQSGGQMKKPGESMRLSCRASGYEFLNCPINWIRLAPGRRPEWMGWLKPRGGAVNYARKFQGRVTMTRDVYS
DTAFLELRSLTSDDTAVYFCTRGKYCTARDYYNWDFEHWGRGAPVTVSSGGGGSGGGGSGGGGSEIVLTQSPATLSLSPG
ETAIISCRTSQSGSLAWYQQRPGQAPRLVIYSGSTRAAGIPDRFSGSRWGADYNLSISNLESGDFGVYYCQQYEFFGQGT
KVQVDGTKHHHHHH
;
D,O,W
3 'polypeptide(L)'
;VFLGFLGAAGSTMGAASMTLTVQARNLLSGIVQQQSNLLRAIEAQQHLLKLTVWGIKQLQARVLAVERYLRDQQLLGIWG
CSGKLICCTNVPWNSSWSNRNLSEIWDNMTWLQWDKEISNYTQIIYGLLEESQNQQEKNEQDLLALD
;
A,J,R
4 'polypeptide(L)'
;APTFVSVAPGQTARITCGEESLGSRSVIWYQQRPGQAPSLIIYNNNDRPSGIPDRFSGSPGSTFGTTATLTITSVEAGDE
ADYYCHIWDSRRPTNWVFGEGTTLIVLSQPKAAPSVTLFPPSSEELQANKATLVCLISDFYPGAVTVAWKADSSPVKAGV
ETTTPSKQSNNKYAASSYLSLTPEQWKSHKSYSCQVTHEGSTVEKTVAPT
;
B,K,S
5 'polypeptide(L)'
;QVHLQESGPGLVKPSETLSLTCNVSGTLVRDNYWSWIRQPLGKQPEWIGYVHDSGDTNYNPSLKSRVHLSLDKSKNLVSL
RLTGVTAADSAIYYCATTKHGRRIYGVVAFKEWFTYFYMDVWGKGTSVTVSSASTKGPSVFPLAPSSKSTSGGTAALGCL
VKDYFPEPVTVSWNSGALTSGVHTFPAVLQSSGLYSLSSVVTVPSSSLGTQTYICNVNHKPSNTKVDKRVEP
;
C,L,T
6 'polypeptide(L)'
;QGQLVQSGAELKKPGASVKISCKTSGYRFNFYHINWIRQTAGRGPEWMGWISPYSGDKNLAPAFQDRVIMTTDTEVPVTS
FTSTGAAYMEIRNLKFDDTGTYFCAKGLLRDGSSTWLPYLWGQGTLLTVSSASTKGPSVFPLAPSSKSTSGGTAALGCLV
KDYFPEPVTVSWNSGALTSGVHTFPAVLQSSGLYSLSSVVTVPSSSLGTQTYICNVNHKPSNTKVDKRVEPKSCDKGLEV
LF
;
H,M,U
7 'polypeptide(L)'
;SVLTQSASVSGSLGQSVTISCTGPNSVCCSHKSISWYQWPPGRAPTLIIYEDNERAPGISPRFSGYKSYWSAYLTISDLR
PEDETTYYCCSYTHNSGCVFGTGTKVSVLGQSKANPSVTLFPPSSEELQANKATLVCLISDFYPGAVTVAWKADSSPVKA
GVETTTPSKQSNNKYAASSYLSLTPEQWKSHRSYSCQVTHEGSTVEKTVAPTE
;
I,N,V
#
# COMPACT_ATOMS: atom_id res chain seq x y z
N GLU A 1 1.37 62.55 -16.12
CA GLU A 1 0.09 62.33 -16.79
C GLU A 1 0.04 60.95 -17.44
N ASN A 2 1.20 60.47 -17.89
CA ASN A 2 1.30 59.14 -18.47
C ASN A 2 1.37 58.08 -17.38
N LEU A 3 0.47 57.11 -17.42
CA LEU A 3 0.35 56.10 -16.38
C LEU A 3 1.44 55.04 -16.53
N TRP A 4 1.67 54.30 -15.44
CA TRP A 4 2.71 53.28 -15.43
C TRP A 4 2.18 52.07 -14.69
N VAL A 5 2.49 50.88 -15.23
CA VAL A 5 1.98 49.65 -14.65
C VAL A 5 2.60 49.41 -13.27
N THR A 6 1.81 48.85 -12.36
CA THR A 6 2.28 48.53 -11.01
C THR A 6 1.68 47.20 -10.60
N VAL A 7 2.54 46.30 -10.13
CA VAL A 7 2.13 44.95 -9.75
C VAL A 7 1.63 44.97 -8.32
N TYR A 8 0.42 44.45 -8.12
CA TYR A 8 -0.21 44.34 -6.80
C TYR A 8 -0.31 42.87 -6.44
N TYR A 9 0.13 42.52 -5.24
CA TYR A 9 0.15 41.14 -4.76
C TYR A 9 -0.76 41.02 -3.54
N GLY A 10 -1.85 40.27 -3.70
CA GLY A 10 -2.82 40.10 -2.63
C GLY A 10 -4.14 40.75 -2.93
N VAL A 11 -4.56 40.74 -4.20
CA VAL A 11 -5.83 41.33 -4.59
C VAL A 11 -6.95 40.30 -4.51
N PRO A 12 -8.14 40.70 -4.06
CA PRO A 12 -9.28 39.77 -4.06
C PRO A 12 -9.72 39.40 -5.46
N VAL A 13 -8.98 38.50 -6.11
CA VAL A 13 -9.30 38.04 -7.46
C VAL A 13 -9.33 36.52 -7.46
N TRP A 14 -10.48 35.95 -7.79
CA TRP A 14 -10.66 34.51 -7.86
C TRP A 14 -11.33 34.15 -9.17
N LYS A 15 -11.12 32.90 -9.58
CA LYS A 15 -11.76 32.35 -10.78
C LYS A 15 -12.26 30.95 -10.48
N ASP A 16 -13.36 30.58 -11.12
CA ASP A 16 -13.93 29.26 -10.93
C ASP A 16 -12.96 28.18 -11.41
N ALA A 17 -12.73 27.19 -10.55
CA ALA A 17 -11.82 26.10 -10.88
C ALA A 17 -12.20 24.88 -10.04
N GLU A 18 -11.45 23.80 -10.24
CA GLU A 18 -11.63 22.55 -9.53
C GLU A 18 -10.30 22.13 -8.92
N THR A 19 -10.32 21.72 -7.65
CA THR A 19 -9.12 21.31 -6.94
C THR A 19 -9.43 20.10 -6.07
N THR A 20 -8.40 19.65 -5.35
CA THR A 20 -8.49 18.47 -4.49
C THR A 20 -8.87 18.88 -3.07
N LEU A 21 -10.11 18.56 -2.68
CA LEU A 21 -10.62 18.91 -1.36
C LEU A 21 -10.26 17.85 -0.33
N PHE A 22 -9.96 18.27 0.88
CA PHE A 22 -9.70 17.37 2.00
C PHE A 22 -10.84 17.47 3.01
N CYS A 23 -10.75 16.65 4.07
CA CYS A 23 -11.84 16.46 5.00
C CYS A 23 -11.64 17.25 6.30
N ALA A 24 -12.68 17.22 7.13
CA ALA A 24 -12.68 17.77 8.48
C ALA A 24 -13.90 17.23 9.20
N SER A 25 -13.75 16.75 10.44
CA SER A 25 -14.87 16.14 11.13
C SER A 25 -14.73 16.30 12.64
N ASP A 26 -14.72 17.55 13.10
CA ASP A 26 -14.75 17.89 14.52
C ASP A 26 -13.65 17.21 15.33
N ALA A 27 -13.86 17.13 16.64
CA ALA A 27 -12.95 16.46 17.55
C ALA A 27 -13.65 15.46 18.46
N LYS A 28 -14.97 15.58 18.66
CA LYS A 28 -15.71 14.62 19.47
C LYS A 28 -16.01 13.35 18.68
N ALA A 29 -16.10 13.46 17.36
CA ALA A 29 -16.37 12.30 16.52
C ALA A 29 -15.18 11.35 16.52
N TYR A 30 -13.99 11.88 16.77
CA TYR A 30 -12.81 11.02 16.80
C TYR A 30 -12.76 10.24 18.09
N GLU A 31 -13.49 10.71 19.10
CA GLU A 31 -13.57 10.02 20.36
C GLU A 31 -14.58 8.87 20.27
N THR A 32 -15.30 8.78 19.14
CA THR A 32 -16.24 7.68 18.95
C THR A 32 -15.51 6.37 18.72
N GLU A 33 -14.24 6.44 18.29
CA GLU A 33 -13.36 5.30 17.99
C GLU A 33 -14.10 4.10 17.41
N LYS A 34 -14.14 3.00 18.16
CA LYS A 34 -14.75 1.75 17.72
C LYS A 34 -14.09 1.27 16.44
N HIS A 35 -12.75 1.23 16.45
CA HIS A 35 -11.93 0.76 15.34
C HIS A 35 -12.26 1.51 14.04
N ASN A 36 -12.15 2.83 14.10
CA ASN A 36 -12.37 3.70 12.95
C ASN A 36 -13.77 3.51 12.36
N VAL A 37 -14.74 4.26 12.86
CA VAL A 37 -16.10 4.18 12.34
C VAL A 37 -16.20 5.02 11.07
N TRP A 38 -16.79 4.43 10.02
CA TRP A 38 -16.95 5.07 8.72
C TRP A 38 -15.61 5.48 8.13
N ALA A 39 -15.25 6.76 8.27
CA ALA A 39 -14.07 7.32 7.62
C ALA A 39 -13.08 7.93 8.60
N THR A 40 -13.55 8.67 9.60
CA THR A 40 -12.70 9.45 10.48
C THR A 40 -11.59 8.62 11.11
N CYS A 41 -10.42 8.60 10.47
CA CYS A 41 -9.26 7.92 11.00
C CYS A 41 -8.07 8.87 11.05
N ALA A 42 -7.63 9.34 9.88
CA ALA A 42 -6.59 10.35 9.75
C ALA A 42 -7.16 11.68 9.23
N CYS A 43 -8.40 11.99 9.59
CA CYS A 43 -9.02 13.22 9.13
C CYS A 43 -8.63 14.38 10.03
N VAL A 44 -8.43 15.55 9.43
CA VAL A 44 -8.00 16.74 10.17
C VAL A 44 -9.14 17.22 11.08
N PRO A 45 -8.87 17.45 12.36
CA PRO A 45 -9.90 17.99 13.25
C PRO A 45 -10.40 19.36 12.79
N THR A 46 -11.72 19.54 12.88
CA THR A 46 -12.33 20.80 12.45
C THR A 46 -11.92 21.94 13.37
N ASP A 47 -11.68 23.11 12.77
CA ASP A 47 -11.33 24.30 13.51
C ASP A 47 -12.39 24.66 14.54
N PRO A 48 -12.04 24.75 15.83
CA PRO A 48 -13.02 25.07 16.87
C PRO A 48 -13.84 26.34 16.62
N ASN A 49 -13.23 27.40 16.07
CA ASN A 49 -13.92 28.65 15.79
C ASN A 49 -13.82 29.00 14.31
N PRO A 50 -14.67 28.42 13.47
CA PRO A 50 -14.63 28.71 12.04
C PRO A 50 -14.96 30.18 11.76
N GLN A 51 -14.40 30.69 10.66
CA GLN A 51 -14.62 32.08 10.26
C GLN A 51 -15.33 32.10 8.91
N GLU A 52 -16.38 32.91 8.81
CA GLU A 52 -17.18 33.09 7.60
C GLU A 52 -17.23 34.58 7.29
N ILE A 53 -16.52 35.00 6.24
CA ILE A 53 -16.40 36.42 5.93
C ILE A 53 -17.43 36.80 4.87
N HIS A 54 -18.40 37.63 5.25
CA HIS A 54 -19.45 38.06 4.33
C HIS A 54 -18.88 39.08 3.36
N LEU A 55 -18.77 38.73 2.08
CA LEU A 55 -18.21 39.62 1.07
C LEU A 55 -19.26 40.63 0.65
N GLU A 56 -19.21 41.82 1.25
CA GLU A 56 -20.15 42.88 0.96
C GLU A 56 -20.03 43.34 -0.50
N ASN A 57 -21.16 43.73 -1.07
CA ASN A 57 -21.29 44.21 -2.45
C ASN A 57 -21.03 43.13 -3.50
N VAL A 58 -20.77 41.88 -3.09
CA VAL A 58 -20.33 40.82 -3.98
C VAL A 58 -21.54 39.99 -4.41
N THR A 59 -21.69 39.79 -5.72
CA THR A 59 -22.76 38.98 -6.31
C THR A 59 -22.08 37.90 -7.15
N GLU A 60 -22.12 36.64 -6.67
CA GLU A 60 -21.45 35.57 -7.41
C GLU A 60 -22.43 34.51 -7.91
N GLU A 61 -22.19 34.02 -9.13
CA GLU A 61 -23.07 33.03 -9.73
C GLU A 61 -22.69 31.61 -9.32
N PHE A 62 -23.66 30.88 -8.78
CA PHE A 62 -23.50 29.49 -8.39
C PHE A 62 -24.16 28.58 -9.42
N ASN A 63 -23.82 27.29 -9.36
CA ASN A 63 -24.42 26.31 -10.26
C ASN A 63 -24.33 24.93 -9.60
N MET A 64 -25.39 24.53 -8.90
CA MET A 64 -25.40 23.26 -8.19
C MET A 64 -25.36 22.06 -9.13
N TRP A 65 -25.76 22.23 -10.39
CA TRP A 65 -25.82 21.13 -11.33
C TRP A 65 -24.53 20.94 -12.12
N LYS A 66 -23.62 21.90 -12.05
CA LYS A 66 -22.30 21.83 -12.70
C LYS A 66 -21.20 21.98 -11.67
N ASN A 67 -21.44 21.48 -10.47
CA ASN A 67 -20.53 21.63 -9.34
C ASN A 67 -19.69 20.36 -9.16
N ASN A 68 -18.38 20.54 -9.01
CA ASN A 68 -17.46 19.42 -8.98
C ASN A 68 -17.38 18.77 -7.60
N MET A 69 -17.77 19.50 -6.56
CA MET A 69 -17.72 18.95 -5.21
C MET A 69 -18.61 17.73 -5.09
N VAL A 70 -19.70 17.67 -5.86
CA VAL A 70 -20.60 16.54 -5.80
C VAL A 70 -19.90 15.30 -6.35
N GLU A 71 -19.25 15.43 -7.52
CA GLU A 71 -18.55 14.31 -8.12
C GLU A 71 -17.41 13.86 -7.22
N GLN A 72 -16.71 14.82 -6.59
CA GLN A 72 -15.59 14.46 -5.72
C GLN A 72 -16.09 13.72 -4.49
N MET A 73 -17.17 14.21 -3.88
CA MET A 73 -17.73 13.52 -2.71
C MET A 73 -18.20 12.13 -3.09
N HIS A 74 -18.83 11.98 -4.26
CA HIS A 74 -19.32 10.68 -4.69
C HIS A 74 -18.18 9.69 -4.84
N THR A 75 -17.13 10.08 -5.59
CA THR A 75 -15.99 9.19 -5.75
C THR A 75 -15.28 8.94 -4.43
N ASP A 76 -15.33 9.91 -3.51
CA ASP A 76 -14.70 9.75 -2.21
C ASP A 76 -15.43 8.69 -1.39
N ILE A 77 -16.76 8.75 -1.38
CA ILE A 77 -17.54 7.76 -0.64
C ILE A 77 -17.38 6.38 -1.27
N ILE A 78 -17.28 6.32 -2.61
CA ILE A 78 -17.06 5.02 -3.26
C ILE A 78 -15.72 4.43 -2.84
N SER A 79 -14.65 5.22 -2.95
CA SER A 79 -13.35 4.73 -2.51
C SER A 79 -13.35 4.40 -1.02
N LEU A 80 -14.12 5.14 -0.23
CA LEU A 80 -14.28 4.85 1.19
C LEU A 80 -14.89 3.47 1.38
N TRP A 81 -15.93 3.15 0.61
CA TRP A 81 -16.61 1.86 0.72
C TRP A 81 -15.66 0.73 0.36
N ASP A 82 -14.82 0.97 -0.65
CA ASP A 82 -13.87 -0.07 -1.05
C ASP A 82 -12.79 -0.25 0.00
N GLN A 83 -12.24 0.86 0.52
CA GLN A 83 -11.21 0.72 1.53
C GLN A 83 -11.77 0.14 2.82
N SER A 84 -13.07 0.34 3.07
CA SER A 84 -13.72 -0.19 4.25
C SER A 84 -14.07 -1.67 4.09
N LEU A 85 -14.07 -2.17 2.85
CA LEU A 85 -14.42 -3.57 2.63
C LEU A 85 -13.24 -4.41 2.17
N LYS A 86 -12.09 -3.78 1.91
CA LYS A 86 -10.90 -4.54 1.53
C LYS A 86 -10.41 -5.51 2.61
N PRO A 87 -10.24 -5.10 3.87
CA PRO A 87 -9.72 -6.04 4.87
C PRO A 87 -10.76 -6.91 5.57
N CYS A 88 -11.98 -6.98 5.08
CA CYS A 88 -13.04 -7.73 5.73
C CYS A 88 -13.07 -9.17 5.23
N VAL A 89 -13.84 -10.00 5.93
CA VAL A 89 -13.92 -11.42 5.61
C VAL A 89 -14.69 -11.60 4.31
N LYS A 90 -14.05 -12.29 3.35
CA LYS A 90 -14.64 -12.59 2.06
C LYS A 90 -15.40 -13.91 2.15
N LEU A 91 -16.65 -13.91 1.69
CA LEU A 91 -17.52 -15.07 1.80
C LEU A 91 -17.48 -15.90 0.51
N THR A 92 -16.28 -16.14 0.00
CA THR A 92 -16.13 -16.96 -1.19
C THR A 92 -16.72 -18.36 -1.06
N PRO A 93 -16.53 -19.12 0.05
CA PRO A 93 -17.14 -20.46 0.09
C PRO A 93 -18.53 -20.45 0.70
N LEU A 94 -19.34 -19.47 0.31
CA LEU A 94 -20.72 -19.37 0.80
C LEU A 94 -21.76 -19.55 -0.30
N CYS A 95 -21.38 -19.90 -1.53
CA CYS A 95 -22.39 -20.06 -2.56
C CYS A 95 -22.85 -21.51 -2.67
N VAL A 96 -22.76 -22.29 -1.57
CA VAL A 96 -23.17 -23.68 -1.57
C VAL A 96 -24.70 -23.81 -1.64
N THR A 97 -25.15 -24.97 -2.12
CA THR A 97 -26.57 -25.27 -2.20
C THR A 97 -27.21 -25.16 -0.83
N LEU A 98 -28.32 -24.42 -0.78
CA LEU A 98 -29.06 -24.16 0.46
C LEU A 98 -30.36 -24.94 0.46
N GLN A 99 -30.47 -25.89 1.39
CA GLN A 99 -31.69 -26.67 1.60
C GLN A 99 -32.54 -25.87 2.58
N CYS A 100 -33.36 -24.98 2.03
CA CYS A 100 -34.09 -24.03 2.87
C CYS A 100 -35.51 -24.53 3.11
N THR A 101 -36.15 -23.93 4.11
CA THR A 101 -37.54 -24.26 4.41
C THR A 101 -38.21 -23.04 5.04
N ASN A 102 -39.51 -23.15 5.27
CA ASN A 102 -40.23 -22.06 5.92
C ASN A 102 -39.73 -21.85 7.34
N VAL A 103 -39.90 -20.61 7.82
CA VAL A 103 -39.64 -20.30 9.22
C VAL A 103 -40.72 -20.90 10.12
N THR A 104 -40.35 -21.18 11.36
CA THR A 104 -41.27 -21.78 12.33
C THR A 104 -42.33 -20.75 12.68
N ASN A 105 -43.51 -20.88 12.09
CA ASN A 105 -44.63 -19.99 12.39
C ASN A 105 -45.93 -20.75 12.06
N ASN A 106 -47.05 -20.04 12.10
CA ASN A 106 -48.35 -20.67 11.85
C ASN A 106 -49.23 -19.84 10.90
N ILE A 107 -49.04 -20.11 9.60
CA ILE A 107 -49.87 -19.65 8.47
C ILE A 107 -50.11 -18.13 8.57
N THR A 108 -50.94 -17.50 7.72
CA THR A 108 -51.66 -18.01 6.54
C THR A 108 -50.80 -18.15 5.30
N ASP A 109 -51.46 -18.39 4.16
CA ASP A 109 -50.79 -18.55 2.88
C ASP A 109 -50.41 -17.22 2.25
N ASP A 110 -50.84 -16.11 2.83
CA ASP A 110 -50.53 -14.80 2.28
C ASP A 110 -49.29 -14.18 2.93
N MET A 111 -48.68 -14.89 3.89
CA MET A 111 -47.48 -14.43 4.57
C MET A 111 -46.24 -14.61 3.71
N ARG A 112 -46.37 -15.37 2.62
CA ARG A 112 -45.34 -15.68 1.63
C ARG A 112 -43.95 -15.87 2.22
N GLY A 113 -43.86 -16.50 3.39
CA GLY A 113 -42.56 -16.83 3.96
C GLY A 113 -41.64 -15.68 4.31
N GLU A 114 -41.10 -15.03 3.26
CA GLU A 114 -40.13 -13.95 3.40
C GLU A 114 -38.83 -14.44 4.03
N LEU A 115 -38.91 -15.08 5.21
CA LEU A 115 -37.74 -15.62 5.88
C LEU A 115 -37.58 -17.10 5.56
N LYS A 116 -36.38 -17.49 5.14
CA LYS A 116 -36.06 -18.86 4.75
C LYS A 116 -35.01 -19.42 5.70
N ASN A 117 -35.26 -20.64 6.18
CA ASN A 117 -34.40 -21.38 7.11
C ASN A 117 -33.53 -22.40 6.36
N CYS A 118 -32.37 -21.95 5.91
CA CYS A 118 -31.50 -22.72 5.03
C CYS A 118 -30.47 -23.54 5.81
N SER A 119 -30.31 -24.82 5.41
CA SER A 119 -29.31 -25.71 5.95
C SER A 119 -28.30 -26.05 4.86
N PHE A 120 -27.02 -26.12 5.22
CA PHE A 120 -26.00 -26.30 4.21
C PHE A 120 -24.69 -26.76 4.85
N ASN A 121 -23.77 -27.16 3.98
CA ASN A 121 -22.38 -27.46 4.32
C ASN A 121 -21.53 -26.22 4.46
N MET A 122 -20.43 -26.41 5.18
CA MET A 122 -19.47 -25.35 5.39
C MET A 122 -18.09 -25.95 5.66
N THR A 123 -17.07 -25.24 5.20
CA THR A 123 -15.69 -25.63 5.47
C THR A 123 -15.33 -25.17 6.88
N THR A 124 -14.83 -26.09 7.69
CA THR A 124 -14.40 -25.72 9.05
C THR A 124 -13.00 -25.14 9.02
N GLU A 125 -12.37 -25.10 10.20
CA GLU A 125 -11.00 -24.61 10.29
C GLU A 125 -10.07 -25.55 9.54
N LEU A 126 -10.30 -26.84 9.68
CA LEU A 126 -9.52 -27.87 9.03
C LEU A 126 -10.03 -28.08 7.61
N ARG A 127 -9.14 -28.59 6.75
CA ARG A 127 -9.48 -28.78 5.34
C ARG A 127 -9.97 -30.20 5.08
N ASP A 128 -10.59 -30.83 6.08
CA ASP A 128 -11.08 -32.20 5.96
C ASP A 128 -12.58 -32.19 6.16
N LYS A 129 -13.05 -32.47 7.38
CA LYS A 129 -14.48 -32.57 7.66
C LYS A 129 -15.19 -31.25 7.42
N LYS A 130 -16.41 -31.34 6.88
CA LYS A 130 -17.23 -30.18 6.56
C LYS A 130 -18.00 -29.69 7.78
N GLN A 131 -19.14 -29.01 7.57
CA GLN A 131 -19.91 -28.49 8.69
C GLN A 131 -21.36 -28.26 8.26
N LYS A 132 -22.28 -29.03 8.84
CA LYS A 132 -23.71 -28.97 8.52
C LYS A 132 -24.39 -27.92 9.42
N VAL A 133 -24.31 -26.66 9.00
CA VAL A 133 -24.88 -25.58 9.79
C VAL A 133 -26.04 -24.95 9.01
N TYR A 134 -26.92 -24.28 9.77
CA TYR A 134 -28.09 -23.62 9.23
C TYR A 134 -28.09 -22.13 9.56
N SER A 135 -28.72 -21.34 8.70
CA SER A 135 -28.88 -19.91 8.89
C SER A 135 -30.30 -19.52 8.49
N LEU A 136 -30.57 -18.21 8.55
CA LEU A 136 -31.89 -17.64 8.25
C LEU A 136 -31.70 -16.44 7.33
N PHE A 137 -32.05 -16.59 6.06
CA PHE A 137 -31.87 -15.53 5.07
C PHE A 137 -33.21 -15.00 4.59
N TYR A 138 -33.20 -13.75 4.15
CA TYR A 138 -34.39 -13.13 3.57
C TYR A 138 -34.59 -13.60 2.12
N ARG A 139 -35.85 -13.53 1.65
CA ARG A 139 -36.15 -13.98 0.29
C ARG A 139 -35.43 -13.13 -0.74
N LEU A 140 -35.19 -11.86 -0.44
CA LEU A 140 -34.48 -11.02 -1.40
C LEU A 140 -33.01 -11.40 -1.51
N ASP A 141 -32.51 -12.21 -0.57
CA ASP A 141 -31.12 -12.64 -0.56
C ASP A 141 -30.91 -14.01 -1.23
N VAL A 142 -31.97 -14.81 -1.37
CA VAL A 142 -31.86 -16.15 -1.91
C VAL A 142 -32.66 -16.27 -3.21
N VAL A 143 -32.42 -17.35 -3.92
CA VAL A 143 -33.11 -17.68 -5.17
C VAL A 143 -33.01 -19.18 -5.42
N GLN A 144 -34.14 -19.83 -5.67
CA GLN A 144 -34.15 -21.27 -5.88
C GLN A 144 -33.52 -21.61 -7.24
N ILE A 145 -33.13 -22.87 -7.37
CA ILE A 145 -32.52 -23.37 -8.60
C ILE A 145 -32.87 -24.84 -8.76
N ASN A 146 -33.35 -25.20 -9.94
CA ASN A 146 -33.73 -26.59 -10.24
C ASN A 146 -32.86 -27.17 -11.35
N LYS A 158 -36.83 -28.41 -1.38
CA LYS A 158 -36.51 -27.12 -1.98
C LYS A 158 -35.06 -26.74 -1.74
N GLU A 159 -34.30 -26.55 -2.82
CA GLU A 159 -32.91 -26.14 -2.76
C GLU A 159 -32.76 -24.72 -3.31
N TYR A 160 -32.05 -23.88 -2.58
CA TYR A 160 -31.88 -22.48 -2.96
C TYR A 160 -30.39 -22.17 -3.11
N ARG A 161 -30.09 -20.89 -3.32
CA ARG A 161 -28.72 -20.40 -3.42
C ARG A 161 -28.74 -18.89 -3.16
N LEU A 162 -27.55 -18.33 -2.94
CA LEU A 162 -27.44 -16.89 -2.75
C LEU A 162 -27.73 -16.18 -4.07
N ILE A 163 -28.45 -15.06 -3.99
CA ILE A 163 -28.94 -14.41 -5.21
C ILE A 163 -27.82 -13.82 -6.06
N ASN A 164 -26.63 -13.67 -5.50
CA ASN A 164 -25.49 -13.07 -6.16
C ASN A 164 -24.52 -14.12 -6.69
N CYS A 165 -24.98 -15.36 -6.91
CA CYS A 165 -24.11 -16.36 -7.52
C CYS A 165 -24.33 -16.42 -9.03
N ASN A 166 -23.46 -15.71 -9.75
CA ASN A 166 -23.17 -15.65 -11.19
C ASN A 166 -23.22 -14.17 -11.52
N THR A 167 -22.89 -13.38 -10.50
CA THR A 167 -22.81 -11.93 -10.60
C THR A 167 -21.40 -11.48 -10.23
N SER A 168 -21.02 -11.55 -8.96
CA SER A 168 -19.71 -11.08 -8.53
C SER A 168 -19.33 -11.81 -7.25
N ALA A 169 -18.21 -11.42 -6.65
CA ALA A 169 -17.89 -11.96 -5.33
C ALA A 169 -18.66 -11.25 -4.23
N ILE A 170 -18.45 -11.73 -3.01
CA ILE A 170 -19.13 -11.26 -1.82
C ILE A 170 -18.16 -11.22 -0.65
N THR A 171 -18.22 -10.13 0.11
CA THR A 171 -17.42 -9.95 1.32
C THR A 171 -18.34 -9.53 2.46
N GLN A 172 -18.11 -10.10 3.63
CA GLN A 172 -18.94 -9.80 4.79
C GLN A 172 -18.41 -8.53 5.43
N ALA A 173 -19.32 -7.62 5.77
CA ALA A 173 -18.90 -6.40 6.46
C ALA A 173 -18.42 -6.75 7.87
N CYS A 174 -17.29 -6.16 8.25
CA CYS A 174 -16.74 -6.41 9.57
C CYS A 174 -17.64 -5.81 10.64
N PRO A 175 -17.85 -6.51 11.75
CA PRO A 175 -18.74 -6.00 12.80
C PRO A 175 -18.14 -4.86 13.61
N LYS A 176 -16.84 -4.59 13.43
CA LYS A 176 -16.18 -3.53 14.17
C LYS A 176 -16.55 -2.15 13.64
N VAL A 177 -16.58 -1.99 12.31
CA VAL A 177 -16.88 -0.71 11.71
C VAL A 177 -18.39 -0.49 11.69
N SER A 178 -18.81 0.74 11.43
CA SER A 178 -20.21 1.10 11.37
C SER A 178 -20.49 1.94 10.13
N PHE A 179 -21.75 1.89 9.69
CA PHE A 179 -22.24 2.66 8.56
C PHE A 179 -23.01 3.89 9.03
N GLU A 180 -22.60 4.47 10.14
CA GLU A 180 -23.26 5.65 10.71
C GLU A 180 -22.77 6.94 10.05
N PRO A 181 -23.64 7.66 9.35
CA PRO A 181 -23.23 8.91 8.68
C PRO A 181 -22.80 9.97 9.69
N ILE A 182 -21.54 10.35 9.68
CA ILE A 182 -21.04 11.37 10.61
C ILE A 182 -20.72 12.65 9.85
N PRO A 183 -20.96 13.82 10.44
CA PRO A 183 -20.69 15.09 9.74
C PRO A 183 -19.26 15.20 9.26
N ILE A 184 -19.10 15.50 7.97
CA ILE A 184 -17.79 15.64 7.33
C ILE A 184 -17.70 17.01 6.68
N HIS A 185 -16.77 17.83 7.16
CA HIS A 185 -16.53 19.16 6.61
C HIS A 185 -15.50 19.05 5.49
N TYR A 186 -15.87 19.52 4.29
CA TYR A 186 -14.95 19.55 3.16
C TYR A 186 -14.24 20.89 3.13
N CYS A 187 -12.91 20.87 3.07
CA CYS A 187 -12.14 22.10 3.11
C CYS A 187 -11.23 22.19 1.90
N ALA A 188 -10.81 23.41 1.58
CA ALA A 188 -9.95 23.67 0.44
C ALA A 188 -8.53 24.03 0.88
N PRO A 189 -7.52 23.60 0.13
CA PRO A 189 -6.13 23.92 0.49
C PRO A 189 -5.81 25.40 0.30
N ALA A 190 -4.58 25.78 0.64
CA ALA A 190 -4.16 27.18 0.53
C ALA A 190 -4.24 27.62 -0.93
N GLY A 191 -4.68 28.87 -1.12
CA GLY A 191 -4.85 29.42 -2.45
C GLY A 191 -6.25 29.27 -3.01
N PHE A 192 -7.10 28.46 -2.38
CA PHE A 192 -8.47 28.26 -2.81
C PHE A 192 -9.42 28.74 -1.73
N ALA A 193 -10.70 28.83 -2.08
CA ALA A 193 -11.72 29.25 -1.12
C ALA A 193 -13.08 28.72 -1.56
N ILE A 194 -14.00 28.58 -0.60
CA ILE A 194 -15.32 28.06 -0.89
C ILE A 194 -16.33 29.19 -0.70
N LEU A 195 -17.07 29.51 -1.76
CA LEU A 195 -18.05 30.58 -1.71
C LEU A 195 -19.38 29.96 -1.28
N LYS A 196 -20.10 30.69 -0.43
CA LYS A 196 -21.36 30.27 0.17
C LYS A 196 -22.44 31.32 -0.04
N CYS A 197 -23.57 30.91 -0.60
CA CYS A 197 -24.71 31.78 -0.81
C CYS A 197 -25.54 31.83 0.46
N LYS A 198 -25.76 33.04 0.98
CA LYS A 198 -26.43 33.22 2.27
C LYS A 198 -27.77 33.95 2.13
N ASP A 199 -28.43 33.81 0.99
CA ASP A 199 -29.76 34.37 0.79
C ASP A 199 -30.82 33.35 1.19
N LYS A 200 -31.94 33.85 1.68
CA LYS A 200 -33.00 32.97 2.17
C LYS A 200 -33.78 32.31 1.04
N LYS A 201 -33.80 32.90 -0.15
CA LYS A 201 -34.43 32.32 -1.34
C LYS A 201 -33.39 32.18 -2.44
N PHE A 202 -32.51 31.20 -2.31
CA PHE A 202 -31.61 30.76 -3.37
C PHE A 202 -32.08 29.42 -3.91
N ASN A 203 -32.79 29.46 -5.04
CA ASN A 203 -33.26 28.25 -5.70
C ASN A 203 -32.19 27.57 -6.52
N GLY A 204 -30.93 28.01 -6.41
CA GLY A 204 -29.75 27.21 -6.62
C GLY A 204 -29.31 27.21 -8.06
N THR A 205 -28.96 28.39 -8.60
CA THR A 205 -28.41 28.62 -9.94
C THR A 205 -28.46 30.11 -10.26
N GLY A 206 -27.35 30.67 -10.72
CA GLY A 206 -27.33 32.06 -11.10
C GLY A 206 -26.66 32.96 -10.08
N PRO A 207 -26.78 34.27 -10.28
CA PRO A 207 -26.12 35.23 -9.39
C PRO A 207 -26.70 35.18 -7.99
N CYS A 208 -25.81 35.30 -6.99
CA CYS A 208 -26.22 35.33 -5.60
C CYS A 208 -25.88 36.69 -5.01
N PRO A 209 -26.89 37.37 -4.44
CA PRO A 209 -26.67 38.71 -3.85
C PRO A 209 -25.73 38.74 -2.65
N SER A 210 -25.99 37.90 -1.65
CA SER A 210 -25.20 37.87 -0.41
C SER A 210 -24.31 36.63 -0.41
N VAL A 211 -23.05 36.85 -0.80
CA VAL A 211 -22.04 35.80 -0.90
C VAL A 211 -21.04 35.99 0.24
N SER A 212 -20.66 34.88 0.87
CA SER A 212 -19.65 34.88 1.91
C SER A 212 -18.60 33.84 1.55
N THR A 213 -17.41 33.99 2.13
CA THR A 213 -16.32 33.06 1.87
C THR A 213 -16.04 32.26 3.14
N VAL A 214 -15.73 30.97 2.93
CA VAL A 214 -15.38 30.05 4.01
C VAL A 214 -14.25 29.13 3.58
N GLN A 215 -13.58 28.57 4.58
CA GLN A 215 -12.51 27.61 4.37
C GLN A 215 -13.07 26.19 4.44
N CYS A 216 -13.99 25.94 5.38
CA CYS A 216 -14.63 24.64 5.58
C CYS A 216 -16.15 24.77 5.66
N THR A 217 -16.85 23.91 4.93
CA THR A 217 -18.29 23.85 4.92
C THR A 217 -18.82 23.28 6.24
N HIS A 218 -20.13 23.41 6.44
CA HIS A 218 -20.79 22.88 7.63
C HIS A 218 -20.80 21.35 7.57
N GLY A 219 -21.16 20.74 8.70
CA GLY A 219 -21.21 19.30 8.84
C GLY A 219 -22.25 18.63 7.96
N ILE A 220 -21.83 18.01 6.87
CA ILE A 220 -22.73 17.32 5.94
C ILE A 220 -22.62 15.82 6.19
N LYS A 221 -23.67 15.23 6.72
CA LYS A 221 -23.69 13.80 6.98
C LYS A 221 -23.97 13.04 5.68
N PRO A 222 -23.10 12.11 5.28
CA PRO A 222 -23.33 11.34 4.04
C PRO A 222 -24.40 10.29 4.18
N VAL A 223 -25.66 10.71 4.24
CA VAL A 223 -26.79 9.79 4.35
C VAL A 223 -27.17 9.30 2.97
N VAL A 224 -26.88 8.03 2.69
CA VAL A 224 -27.20 7.42 1.41
C VAL A 224 -28.65 6.94 1.46
N SER A 225 -29.52 7.59 0.69
CA SER A 225 -30.94 7.22 0.68
C SER A 225 -31.53 7.62 -0.66
N THR A 226 -32.70 7.07 -0.96
CA THR A 226 -33.41 7.34 -2.20
C THR A 226 -34.81 7.85 -1.90
N GLN A 227 -35.42 8.47 -2.90
CA GLN A 227 -36.78 9.00 -2.80
C GLN A 227 -36.95 10.04 -1.70
N LEU A 228 -36.71 9.65 -0.45
CA LEU A 228 -36.87 10.54 0.70
C LEU A 228 -35.50 10.99 1.19
N LEU A 229 -35.26 12.29 1.17
CA LEU A 229 -34.01 12.82 1.70
C LEU A 229 -34.07 12.83 3.21
N LEU A 230 -33.16 12.10 3.83
CA LEU A 230 -33.14 11.91 5.26
C LEU A 230 -31.97 12.63 5.91
N ASN A 231 -32.24 13.22 7.07
CA ASN A 231 -31.23 13.92 7.85
C ASN A 231 -30.54 15.04 7.08
N GLY A 232 -31.30 15.87 6.36
CA GLY A 232 -30.73 16.94 5.59
C GLY A 232 -30.90 18.33 6.21
N SER A 233 -30.47 19.33 5.44
CA SER A 233 -30.60 20.72 5.85
C SER A 233 -31.99 21.26 5.53
N LEU A 234 -32.63 21.89 6.51
CA LEU A 234 -33.94 22.46 6.30
C LEU A 234 -33.86 23.73 5.46
N ALA A 235 -34.89 23.97 4.66
CA ALA A 235 -34.92 25.17 3.84
C ALA A 235 -35.35 26.37 4.69
N GLU A 236 -35.20 27.56 4.12
CA GLU A 236 -35.59 28.79 4.82
C GLU A 236 -36.94 29.27 4.30
N GLU A 237 -37.77 29.77 5.20
CA GLU A 237 -39.09 30.30 4.86
C GLU A 237 -39.91 29.24 4.12
N GLU A 238 -40.16 29.48 2.85
CA GLU A 238 -40.88 28.53 2.01
C GLU A 238 -40.00 27.38 1.58
N VAL A 239 -40.62 26.21 1.38
CA VAL A 239 -39.89 25.04 0.90
C VAL A 239 -39.35 25.30 -0.50
N MET A 240 -38.18 24.76 -0.79
CA MET A 240 -37.48 25.08 -2.03
C MET A 240 -37.63 23.95 -3.05
N ILE A 241 -37.71 24.33 -4.32
CA ILE A 241 -37.84 23.42 -5.45
C ILE A 241 -36.71 23.70 -6.42
N ARG A 242 -35.86 22.71 -6.68
CA ARG A 242 -34.71 22.91 -7.54
C ARG A 242 -34.73 21.90 -8.69
N SER A 243 -34.45 22.39 -9.90
CA SER A 243 -34.42 21.57 -11.10
C SER A 243 -33.52 22.24 -12.13
N GLU A 244 -32.73 21.42 -12.83
CA GLU A 244 -31.86 21.95 -13.89
C GLU A 244 -32.65 22.48 -15.08
N ASN A 245 -33.79 21.86 -15.39
CA ASN A 245 -34.64 22.21 -16.51
C ASN A 245 -36.08 21.80 -16.16
N ILE A 246 -36.89 22.78 -15.77
CA ILE A 246 -38.25 22.48 -15.32
C ILE A 246 -39.06 21.89 -16.47
N THR A 247 -38.91 22.43 -17.68
CA THR A 247 -39.61 21.88 -18.84
C THR A 247 -39.12 20.48 -19.20
N ASN A 248 -37.93 20.10 -18.76
CA ASN A 248 -37.40 18.75 -18.98
C ASN A 248 -37.90 17.80 -17.89
N ASN A 249 -38.67 16.79 -18.31
CA ASN A 249 -39.21 15.78 -17.39
C ASN A 249 -38.24 14.64 -17.12
N ALA A 250 -37.05 14.68 -17.73
CA ALA A 250 -36.01 13.67 -17.50
C ALA A 250 -35.04 14.05 -16.41
N LYS A 251 -35.04 15.32 -16.00
CA LYS A 251 -34.17 15.80 -14.94
C LYS A 251 -34.91 15.72 -13.61
N ASN A 252 -34.23 15.19 -12.60
CA ASN A 252 -34.88 15.02 -11.30
C ASN A 252 -35.15 16.38 -10.67
N ILE A 253 -36.14 16.40 -9.78
CA ILE A 253 -36.59 17.61 -9.09
C ILE A 253 -36.30 17.43 -7.61
N LEU A 254 -35.26 18.12 -7.12
CA LEU A 254 -34.89 18.05 -5.72
C LEU A 254 -35.76 19.02 -4.92
N VAL A 255 -36.48 18.49 -3.93
CA VAL A 255 -37.34 19.29 -3.07
C VAL A 255 -36.68 19.36 -1.71
N GLN A 256 -36.62 20.56 -1.14
CA GLN A 256 -36.04 20.76 0.18
C GLN A 256 -37.11 21.33 1.11
N PHE A 257 -37.25 20.72 2.27
CA PHE A 257 -38.29 21.07 3.24
C PHE A 257 -37.82 22.17 4.18
N ASN A 258 -38.80 22.87 4.76
CA ASN A 258 -38.56 23.85 5.80
C ASN A 258 -38.77 23.24 7.18
N THR A 259 -39.88 22.53 7.38
CA THR A 259 -40.16 21.80 8.60
C THR A 259 -39.94 20.30 8.40
N PRO A 260 -39.10 19.67 9.24
CA PRO A 260 -38.78 18.26 9.04
C PRO A 260 -39.98 17.37 9.36
N VAL A 261 -40.14 16.30 8.58
CA VAL A 261 -41.22 15.34 8.80
C VAL A 261 -40.68 14.18 9.61
N GLN A 262 -41.18 14.04 10.84
CA GLN A 262 -40.77 13.00 11.76
C GLN A 262 -41.13 11.61 11.25
N ILE A 263 -40.11 10.75 11.03
CA ILE A 263 -40.37 9.39 10.59
C ILE A 263 -39.73 8.42 11.58
N ASN A 264 -40.47 7.36 11.93
CA ASN A 264 -39.98 6.32 12.85
C ASN A 264 -39.95 4.97 12.17
N CYS A 265 -38.78 4.34 12.12
CA CYS A 265 -38.63 3.02 11.53
C CYS A 265 -38.19 2.01 12.58
N THR A 266 -38.86 0.85 12.60
CA THR A 266 -38.56 -0.20 13.55
C THR A 266 -38.45 -1.56 12.88
N ARG A 267 -37.69 -2.43 13.54
CA ARG A 267 -37.41 -3.81 13.13
C ARG A 267 -37.90 -4.73 14.25
N PRO A 268 -39.20 -5.05 14.27
CA PRO A 268 -39.74 -5.89 15.34
C PRO A 268 -39.32 -7.36 15.26
N ASN A 269 -38.02 -7.60 15.11
CA ASN A 269 -37.47 -8.95 15.00
C ASN A 269 -36.05 -8.98 15.56
N ASN A 270 -35.86 -8.32 16.71
CA ASN A 270 -34.78 -8.61 17.66
C ASN A 270 -34.15 -9.99 17.46
N ASN A 271 -32.92 -10.00 16.93
CA ASN A 271 -32.35 -11.19 16.34
C ASN A 271 -31.10 -11.59 17.15
N THR A 272 -30.61 -12.81 16.87
CA THR A 272 -29.43 -13.45 17.44
C THR A 272 -28.34 -13.64 16.39
N ARG A 273 -27.08 -13.47 16.79
CA ARG A 273 -25.93 -13.66 15.92
C ARG A 273 -25.23 -15.00 16.18
N LYS A 274 -25.36 -15.92 15.22
CA LYS A 274 -24.62 -17.19 15.25
C LYS A 274 -23.25 -16.97 14.64
N SER A 275 -22.21 -17.32 15.38
CA SER A 275 -20.83 -17.12 14.95
C SER A 275 -20.22 -18.42 14.44
N ILE A 276 -20.64 -18.81 13.24
CA ILE A 276 -20.14 -20.04 12.64
C ILE A 276 -18.73 -19.78 12.14
N ARG A 277 -17.87 -20.78 12.27
CA ARG A 277 -16.43 -20.64 12.09
C ARG A 277 -15.96 -21.26 10.78
N ILE A 278 -15.64 -20.40 9.80
CA ILE A 278 -15.07 -20.84 8.54
C ILE A 278 -13.56 -20.64 8.65
N GLY A 279 -12.91 -21.38 9.55
CA GLY A 279 -11.51 -21.20 9.80
C GLY A 279 -10.65 -21.64 8.62
N PRO A 280 -9.33 -21.46 8.77
CA PRO A 280 -8.72 -20.89 9.98
C PRO A 280 -8.75 -19.36 9.97
N GLY A 281 -9.25 -18.77 11.06
CA GLY A 281 -9.27 -17.33 11.18
C GLY A 281 -10.63 -16.71 10.90
N GLN A 282 -11.09 -16.84 9.65
CA GLN A 282 -12.35 -16.23 9.24
C GLN A 282 -13.52 -16.80 10.03
N ALA A 283 -14.57 -15.98 10.16
CA ALA A 283 -15.77 -16.37 10.90
C ALA A 283 -16.98 -15.66 10.30
N PHE A 284 -18.02 -16.41 9.98
CA PHE A 284 -19.24 -15.88 9.39
C PHE A 284 -20.30 -15.71 10.46
N TYR A 285 -21.00 -14.57 10.39
CA TYR A 285 -22.06 -14.24 11.34
C TYR A 285 -23.42 -14.49 10.68
N ALA A 286 -23.99 -15.66 10.94
CA ALA A 286 -25.31 -16.03 10.46
C ALA A 286 -26.38 -15.51 11.42
N THR A 287 -27.64 -15.65 11.01
CA THR A 287 -28.77 -15.24 11.82
C THR A 287 -29.40 -16.45 12.50
N GLY A 288 -29.41 -16.44 13.83
CA GLY A 288 -29.99 -17.52 14.61
C GLY A 288 -31.50 -17.45 14.62
N ASP A 289 -32.08 -18.08 15.64
CA ASP A 289 -33.52 -18.06 15.80
C ASP A 289 -33.99 -16.68 16.27
N ILE A 290 -35.26 -16.40 16.00
CA ILE A 290 -35.88 -15.12 16.34
C ILE A 290 -36.59 -15.26 17.67
N ILE A 291 -36.25 -14.39 18.62
CA ILE A 291 -36.86 -14.41 19.95
C ILE A 291 -38.08 -13.49 19.92
N GLY A 292 -39.26 -14.08 20.04
CA GLY A 292 -40.51 -13.34 20.06
C GLY A 292 -41.41 -13.72 18.89
N ASP A 293 -42.14 -12.73 18.39
CA ASP A 293 -43.11 -12.90 17.33
C ASP A 293 -42.48 -12.59 15.98
N ILE A 294 -42.99 -13.24 14.94
CA ILE A 294 -42.51 -13.02 13.58
C ILE A 294 -43.23 -11.79 13.04
N ARG A 295 -42.57 -10.64 13.09
CA ARG A 295 -43.12 -9.38 12.64
C ARG A 295 -42.24 -8.79 11.54
N GLN A 296 -42.80 -7.90 10.74
CA GLN A 296 -42.06 -7.26 9.66
C GLN A 296 -41.74 -5.81 9.99
N ALA A 297 -40.60 -5.35 9.47
CA ALA A 297 -40.15 -3.98 9.72
C ALA A 297 -41.12 -2.99 9.11
N HIS A 298 -41.23 -1.81 9.73
CA HIS A 298 -42.20 -0.83 9.25
C HIS A 298 -41.77 0.58 9.62
N CYS A 299 -42.34 1.57 8.90
CA CYS A 299 -42.02 2.97 9.15
C CYS A 299 -43.29 3.81 9.31
N ASN A 300 -43.32 4.68 10.31
CA ASN A 300 -44.42 5.56 10.62
C ASN A 300 -44.12 6.99 10.16
N VAL A 301 -45.11 7.61 9.53
CA VAL A 301 -45.06 9.04 9.18
C VAL A 301 -46.33 9.71 9.69
N SER A 302 -46.17 10.73 10.54
CA SER A 302 -47.28 11.46 11.12
C SER A 302 -48.22 12.04 10.05
N LYS A 303 -49.48 11.61 10.09
CA LYS A 303 -50.45 11.98 9.06
C LYS A 303 -50.61 13.49 8.93
N ALA A 304 -50.68 14.20 10.07
CA ALA A 304 -50.87 15.65 10.04
C ALA A 304 -49.65 16.34 9.44
N THR A 305 -48.46 15.95 9.88
CA THR A 305 -47.24 16.55 9.36
C THR A 305 -47.13 16.31 7.86
N TRP A 306 -47.46 15.09 7.41
CA TRP A 306 -47.34 14.80 5.99
C TRP A 306 -48.35 15.63 5.20
N ASN A 307 -49.55 15.87 5.78
CA ASN A 307 -50.55 16.69 5.10
C ASN A 307 -50.10 18.13 4.97
N GLU A 308 -49.59 18.71 6.06
CA GLU A 308 -49.15 20.10 5.96
C GLU A 308 -47.94 20.24 5.05
N THR A 309 -47.04 19.26 5.06
CA THR A 309 -45.86 19.34 4.20
C THR A 309 -46.26 19.24 2.73
N LEU A 310 -47.12 18.27 2.39
CA LEU A 310 -47.58 18.13 1.02
C LEU A 310 -48.37 19.35 0.56
N GLY A 311 -49.23 19.88 1.43
CA GLY A 311 -50.00 21.07 1.08
C GLY A 311 -49.15 22.31 0.95
N LYS A 312 -47.97 22.32 1.57
CA LYS A 312 -47.07 23.45 1.45
C LYS A 312 -46.20 23.30 0.21
N VAL A 313 -45.94 22.06 -0.20
CA VAL A 313 -45.14 21.83 -1.40
C VAL A 313 -45.97 22.07 -2.66
N VAL A 314 -47.22 21.60 -2.69
CA VAL A 314 -48.05 21.78 -3.87
C VAL A 314 -48.30 23.27 -4.14
N LYS A 315 -48.26 24.10 -3.10
CA LYS A 315 -48.42 25.53 -3.29
C LYS A 315 -47.19 26.13 -3.94
N GLN A 316 -46.03 25.50 -3.80
CA GLN A 316 -44.84 25.97 -4.47
C GLN A 316 -44.74 25.37 -5.86
N LEU A 317 -45.38 24.21 -6.06
CA LEU A 317 -45.38 23.56 -7.36
C LEU A 317 -46.30 24.30 -8.32
N ARG A 318 -47.32 24.97 -7.80
CA ARG A 318 -48.24 25.69 -8.67
C ARG A 318 -47.63 26.99 -9.20
N LYS A 319 -46.50 27.41 -8.64
CA LYS A 319 -45.80 28.60 -9.09
C LYS A 319 -44.98 28.38 -10.35
N HIS A 320 -44.88 27.13 -10.83
CA HIS A 320 -44.08 26.80 -12.01
C HIS A 320 -44.84 26.05 -13.08
N PHE A 321 -45.96 25.42 -12.77
CA PHE A 321 -46.76 24.65 -13.72
C PHE A 321 -48.16 25.23 -13.88
N GLY A 322 -48.30 26.53 -13.66
CA GLY A 322 -49.57 27.21 -13.77
C GLY A 322 -50.30 27.31 -12.44
N ASN A 323 -50.99 28.44 -12.26
CA ASN A 323 -51.63 28.74 -10.99
C ASN A 323 -52.79 27.79 -10.70
N ASN A 324 -53.66 27.57 -11.68
CA ASN A 324 -54.88 26.76 -11.53
C ASN A 324 -54.71 25.42 -12.25
N THR A 325 -53.96 24.53 -11.62
CA THR A 325 -53.71 23.20 -12.12
C THR A 325 -53.87 22.14 -11.02
N ILE A 326 -54.02 20.89 -11.47
CA ILE A 326 -54.18 19.73 -10.62
C ILE A 326 -52.85 18.99 -10.53
N ILE A 327 -52.41 18.73 -9.30
CA ILE A 327 -51.16 18.01 -9.09
C ILE A 327 -51.49 16.67 -8.43
N ARG A 328 -51.20 15.59 -9.14
CA ARG A 328 -51.51 14.25 -8.64
C ARG A 328 -50.22 13.54 -8.28
N PHE A 329 -50.23 12.83 -7.14
CA PHE A 329 -49.10 12.07 -6.68
C PHE A 329 -49.37 10.59 -6.86
N ALA A 330 -48.41 9.90 -7.48
CA ALA A 330 -48.41 8.46 -7.72
C ALA A 330 -47.03 7.94 -7.34
N ASN A 331 -46.96 6.66 -6.97
CA ASN A 331 -45.68 6.08 -6.60
C ASN A 331 -44.89 5.66 -7.85
N SER A 332 -43.75 5.02 -7.62
CA SER A 332 -42.77 4.69 -8.66
C SER A 332 -43.40 3.88 -9.79
N SER A 333 -42.82 4.01 -10.99
CA SER A 333 -43.32 3.27 -12.14
C SER A 333 -42.80 1.83 -12.18
N GLY A 334 -41.58 1.60 -11.72
CA GLY A 334 -41.03 0.26 -11.70
C GLY A 334 -39.51 0.27 -11.86
N GLY A 335 -38.94 -0.93 -11.77
CA GLY A 335 -37.52 -1.13 -11.94
C GLY A 335 -36.89 -1.96 -10.83
N ASP A 336 -35.67 -1.59 -10.43
CA ASP A 336 -34.98 -2.29 -9.35
C ASP A 336 -35.61 -1.94 -8.01
N LEU A 337 -35.25 -2.74 -6.99
CA LEU A 337 -35.81 -2.54 -5.65
C LEU A 337 -35.28 -1.26 -5.03
N GLU A 338 -34.08 -0.83 -5.43
CA GLU A 338 -33.49 0.38 -4.86
C GLU A 338 -34.17 1.64 -5.36
N VAL A 339 -34.94 1.56 -6.44
CA VAL A 339 -35.58 2.71 -7.04
C VAL A 339 -37.07 2.76 -6.71
N THR A 340 -37.73 1.60 -6.67
CA THR A 340 -39.17 1.56 -6.41
C THR A 340 -39.52 1.70 -4.94
N THR A 341 -38.55 1.50 -4.04
CA THR A 341 -38.77 1.57 -2.61
C THR A 341 -37.83 2.58 -1.99
N HIS A 342 -38.19 3.04 -0.79
CA HIS A 342 -37.32 3.92 -0.01
C HIS A 342 -36.20 3.07 0.58
N SER A 343 -35.04 3.11 -0.07
CA SER A 343 -33.87 2.36 0.36
C SER A 343 -33.09 3.21 1.36
N PHE A 344 -32.72 2.61 2.49
CA PHE A 344 -31.87 3.33 3.43
C PHE A 344 -31.24 2.33 4.40
N ASN A 345 -30.38 2.87 5.27
CA ASN A 345 -29.66 2.10 6.27
C ASN A 345 -30.08 2.57 7.66
N CYS A 346 -30.28 1.60 8.55
CA CYS A 346 -30.64 1.88 9.93
C CYS A 346 -30.17 0.77 10.87
N GLY A 347 -29.15 1.11 11.66
CA GLY A 347 -28.62 0.19 12.63
C GLY A 347 -27.75 -0.86 12.00
N GLY A 348 -27.38 -0.66 10.75
CA GLY A 348 -26.61 -1.61 10.01
C GLY A 348 -27.47 -2.36 9.01
N GLU A 349 -28.79 -2.45 9.26
CA GLU A 349 -29.64 -3.16 8.33
C GLU A 349 -30.07 -2.25 7.19
N PHE A 350 -30.34 -2.84 6.04
CA PHE A 350 -30.72 -2.10 4.85
C PHE A 350 -32.21 -2.30 4.56
N PHE A 351 -32.99 -1.27 4.87
CA PHE A 351 -34.43 -1.30 4.68
C PHE A 351 -34.81 -0.82 3.28
N TYR A 352 -35.95 -1.32 2.81
CA TYR A 352 -36.54 -0.95 1.51
C TYR A 352 -38.04 -0.84 1.77
N CYS A 353 -38.52 0.38 1.99
CA CYS A 353 -39.87 0.62 2.44
C CYS A 353 -40.83 1.00 1.31
N ASN A 354 -42.08 0.60 1.48
CA ASN A 354 -43.15 0.84 0.51
C ASN A 354 -43.65 2.27 0.63
N THR A 355 -43.40 3.10 -0.37
CA THR A 355 -43.79 4.50 -0.33
C THR A 355 -45.00 4.75 -1.22
N SER A 356 -45.98 3.84 -1.13
CA SER A 356 -47.24 3.96 -1.86
C SER A 356 -48.33 4.64 -1.04
N GLY A 357 -48.10 4.87 0.24
CA GLY A 357 -49.08 5.48 1.11
C GLY A 357 -48.79 6.96 1.29
N LEU A 358 -47.66 7.40 0.76
CA LEU A 358 -47.24 8.78 0.84
C LEU A 358 -47.48 9.53 -0.47
N PHE A 359 -47.34 8.84 -1.60
CA PHE A 359 -47.48 9.46 -2.91
C PHE A 359 -48.75 8.98 -3.60
N ASN A 360 -49.88 8.97 -2.88
CA ASN A 360 -51.16 8.49 -3.41
C ASN A 360 -52.20 9.60 -3.21
N SER A 361 -52.10 10.69 -3.95
CA SER A 361 -52.98 11.81 -3.66
C SER A 361 -53.32 12.57 -4.94
N THR A 362 -54.28 13.48 -4.83
CA THR A 362 -54.68 14.31 -5.96
C THR A 362 -55.14 15.66 -5.44
N TRP A 363 -54.33 16.69 -5.64
CA TRP A 363 -54.59 18.04 -5.13
C TRP A 363 -55.15 18.89 -6.26
N ILE A 364 -56.30 19.52 -6.00
CA ILE A 364 -56.92 20.43 -6.97
C ILE A 364 -56.36 21.82 -6.74
N SER A 365 -56.75 22.78 -7.59
CA SER A 365 -56.25 24.14 -7.47
C SER A 365 -56.58 24.74 -6.11
N ASN A 366 -57.70 24.34 -5.51
CA ASN A 366 -58.09 24.86 -4.20
C ASN A 366 -59.05 23.89 -3.50
N ASN A 378 -56.23 11.12 13.26
CA ASN A 378 -55.00 11.49 13.98
C ASN A 378 -54.23 10.25 14.41
N ASP A 379 -53.36 9.76 13.52
CA ASP A 379 -52.54 8.59 13.82
C ASP A 379 -51.26 8.65 13.00
N SER A 380 -50.77 7.49 12.55
CA SER A 380 -49.54 7.43 11.77
C SER A 380 -49.73 6.56 10.54
N ILE A 381 -49.09 6.94 9.45
CA ILE A 381 -49.12 6.18 8.21
C ILE A 381 -47.97 5.18 8.24
N THR A 382 -48.29 3.91 8.41
CA THR A 382 -47.31 2.85 8.47
C THR A 382 -46.99 2.36 7.06
N LEU A 383 -45.72 2.10 6.79
CA LEU A 383 -45.27 1.62 5.50
C LEU A 383 -44.50 0.32 5.66
N PRO A 384 -44.87 -0.70 4.88
CA PRO A 384 -44.20 -2.02 4.90
C PRO A 384 -42.77 -1.95 4.41
N CYS A 385 -41.83 -2.33 5.28
CA CYS A 385 -40.40 -2.24 4.99
C CYS A 385 -39.81 -3.64 4.93
N ARG A 386 -39.08 -3.91 3.85
CA ARG A 386 -38.35 -5.16 3.66
C ARG A 386 -36.90 -4.94 4.08
N ILE A 387 -36.18 -6.03 4.34
CA ILE A 387 -34.80 -5.94 4.79
C ILE A 387 -33.93 -6.81 3.91
N LYS A 388 -32.84 -6.24 3.39
CA LYS A 388 -31.89 -7.00 2.57
C LYS A 388 -30.50 -6.92 3.17
N GLN A 389 -29.80 -8.04 3.19
CA GLN A 389 -28.45 -8.12 3.73
C GLN A 389 -27.36 -8.08 2.66
N ILE A 390 -27.61 -8.71 1.51
CA ILE A 390 -26.69 -8.70 0.39
C ILE A 390 -27.08 -7.54 -0.52
N ILE A 391 -26.25 -6.51 -0.56
CA ILE A 391 -26.56 -5.30 -1.30
C ILE A 391 -25.49 -5.04 -2.34
N ASN A 392 -25.84 -4.22 -3.32
CA ASN A 392 -24.94 -3.80 -4.38
C ASN A 392 -25.25 -2.33 -4.69
N MET A 393 -25.04 -1.46 -3.71
CA MET A 393 -25.37 -0.05 -3.87
C MET A 393 -24.43 0.61 -4.86
N TRP A 394 -24.82 1.81 -5.29
CA TRP A 394 -24.11 2.60 -6.29
C TRP A 394 -24.00 1.85 -7.62
N GLN A 395 -24.89 0.87 -7.85
CA GLN A 395 -24.91 0.09 -9.08
C GLN A 395 -23.54 -0.49 -9.39
N ARG A 396 -22.90 -1.02 -8.36
CA ARG A 396 -21.55 -1.56 -8.46
C ARG A 396 -21.61 -3.07 -8.68
N ILE A 397 -20.86 -3.55 -9.67
CA ILE A 397 -20.74 -4.97 -9.96
C ILE A 397 -19.29 -5.37 -9.70
N GLY A 398 -19.09 -6.47 -8.97
CA GLY A 398 -17.79 -6.94 -8.55
C GLY A 398 -17.65 -7.06 -7.04
N GLN A 399 -18.37 -6.22 -6.30
CA GLN A 399 -18.31 -6.19 -4.84
C GLN A 399 -19.72 -6.30 -4.24
N ALA A 400 -20.06 -7.45 -3.68
CA ALA A 400 -21.34 -7.61 -2.98
C ALA A 400 -21.02 -7.71 -1.49
N MET A 401 -21.67 -6.88 -0.68
CA MET A 401 -21.44 -6.82 0.75
C MET A 401 -22.57 -7.47 1.53
N TYR A 402 -22.21 -8.39 2.42
CA TYR A 402 -23.16 -9.07 3.30
C TYR A 402 -23.23 -8.32 4.64
N ALA A 403 -24.36 -7.67 4.89
CA ALA A 403 -24.56 -6.96 6.15
C ALA A 403 -24.79 -7.96 7.28
N PRO A 404 -23.91 -7.98 8.29
CA PRO A 404 -24.10 -8.93 9.39
C PRO A 404 -25.36 -8.62 10.19
N PRO A 405 -26.02 -9.64 10.74
CA PRO A 405 -27.23 -9.43 11.53
C PRO A 405 -26.95 -8.55 12.75
N ILE A 406 -27.99 -7.84 13.20
CA ILE A 406 -27.88 -6.93 14.34
C ILE A 406 -28.81 -7.42 15.44
N GLN A 407 -28.25 -7.65 16.63
CA GLN A 407 -28.99 -8.11 17.79
C GLN A 407 -29.87 -6.99 18.36
N GLY A 408 -31.01 -7.37 18.91
CA GLY A 408 -31.90 -6.42 19.54
C GLY A 408 -32.85 -5.75 18.56
N VAL A 409 -33.97 -5.26 19.10
CA VAL A 409 -34.93 -4.52 18.29
C VAL A 409 -34.27 -3.22 17.85
N ILE A 410 -34.31 -2.96 16.55
CA ILE A 410 -33.72 -1.76 16.00
C ILE A 410 -34.81 -0.70 15.87
N ARG A 411 -34.59 0.45 16.51
CA ARG A 411 -35.50 1.57 16.42
C ARG A 411 -34.69 2.79 15.99
N CYS A 412 -35.24 3.55 15.05
CA CYS A 412 -34.59 4.77 14.57
C CYS A 412 -35.60 5.85 14.23
N VAL A 413 -35.25 7.07 14.62
CA VAL A 413 -36.06 8.26 14.39
C VAL A 413 -35.29 9.20 13.48
N SER A 414 -35.87 9.52 12.31
CA SER A 414 -35.15 10.37 11.37
C SER A 414 -36.05 11.52 10.93
N ASN A 415 -35.44 12.45 10.21
CA ASN A 415 -36.10 13.62 9.64
C ASN A 415 -36.22 13.45 8.13
N ILE A 416 -37.45 13.50 7.60
CA ILE A 416 -37.66 13.67 6.17
C ILE A 416 -37.54 15.16 5.86
N THR A 417 -36.44 15.54 5.21
CA THR A 417 -36.13 16.94 4.94
C THR A 417 -36.15 17.27 3.45
N GLY A 418 -36.57 16.35 2.60
CA GLY A 418 -36.59 16.62 1.18
C GLY A 418 -36.95 15.38 0.38
N LEU A 419 -37.26 15.63 -0.88
CA LEU A 419 -37.69 14.59 -1.82
C LEU A 419 -36.89 14.64 -3.12
N ILE A 420 -36.93 13.55 -3.85
CA ILE A 420 -36.38 13.46 -5.21
C ILE A 420 -37.52 13.01 -6.11
N LEU A 421 -38.15 13.94 -6.82
CA LEU A 421 -39.33 13.63 -7.62
C LEU A 421 -39.00 13.63 -9.11
N THR A 422 -39.85 12.96 -9.87
CA THR A 422 -39.76 12.92 -11.33
C THR A 422 -41.16 13.16 -11.90
N ARG A 423 -41.21 13.85 -13.04
CA ARG A 423 -42.47 14.21 -13.68
C ARG A 423 -42.70 13.38 -14.93
N ASP A 424 -43.96 13.02 -15.17
CA ASP A 424 -44.34 12.24 -16.32
C ASP A 424 -44.40 13.12 -17.58
N GLY A 425 -44.10 12.51 -18.72
CA GLY A 425 -43.87 13.23 -19.96
C GLY A 425 -44.99 13.03 -20.97
N GLY A 426 -44.74 13.53 -22.17
CA GLY A 426 -45.72 13.44 -23.25
C GLY A 426 -47.13 13.85 -22.86
N ALA A 427 -47.27 14.94 -22.11
CA ALA A 427 -48.57 15.42 -21.67
C ALA A 427 -49.40 16.03 -22.79
N ASN A 428 -48.96 17.20 -23.27
CA ASN A 428 -49.68 18.03 -24.24
C ASN A 428 -51.08 18.39 -23.76
N ASN A 429 -52.06 17.56 -24.08
CA ASN A 429 -53.40 17.59 -23.49
C ASN A 429 -53.34 17.49 -21.96
N THR A 430 -54.40 17.99 -21.32
CA THR A 430 -54.57 18.03 -19.86
C THR A 430 -53.68 19.00 -19.08
N SER A 431 -54.31 19.57 -18.05
CA SER A 431 -53.83 20.54 -17.07
C SER A 431 -53.32 19.92 -15.78
N THR A 432 -53.56 18.63 -15.52
CA THR A 432 -52.89 18.01 -14.38
C THR A 432 -51.45 17.53 -14.66
N GLU A 433 -50.66 17.48 -13.57
CA GLU A 433 -49.28 16.98 -13.58
C GLU A 433 -49.07 15.96 -12.48
N THR A 434 -48.45 14.84 -12.84
CA THR A 434 -48.25 13.70 -11.97
C THR A 434 -46.77 13.55 -11.62
N PHE A 435 -46.48 13.39 -10.33
CA PHE A 435 -45.11 13.28 -9.85
C PHE A 435 -44.92 11.95 -9.13
N ARG A 436 -43.78 11.32 -9.37
CA ARG A 436 -43.49 10.02 -8.81
C ARG A 436 -42.11 10.02 -8.16
N PRO A 437 -41.90 9.21 -7.12
CA PRO A 437 -40.59 9.15 -6.47
C PRO A 437 -39.54 8.56 -7.39
N GLY A 438 -38.34 9.15 -7.33
CA GLY A 438 -37.23 8.67 -8.14
C GLY A 438 -35.95 8.54 -7.35
N GLY A 439 -34.82 8.50 -8.04
CA GLY A 439 -33.54 8.38 -7.37
C GLY A 439 -32.49 7.77 -8.26
N GLY A 440 -31.93 6.64 -7.83
CA GLY A 440 -30.90 5.97 -8.60
C GLY A 440 -29.53 6.60 -8.47
N ASP A 441 -29.34 7.72 -9.15
CA ASP A 441 -28.07 8.46 -9.08
C ASP A 441 -27.89 9.04 -7.69
N MET A 442 -26.88 8.56 -6.96
CA MET A 442 -26.65 9.00 -5.59
C MET A 442 -26.01 10.39 -5.55
N ARG A 443 -25.64 10.94 -6.71
CA ARG A 443 -25.08 12.28 -6.75
C ARG A 443 -26.12 13.33 -6.39
N ASP A 444 -27.40 13.03 -6.68
CA ASP A 444 -28.48 13.94 -6.32
C ASP A 444 -28.57 14.10 -4.81
N ASN A 445 -28.22 13.05 -4.06
CA ASN A 445 -28.23 13.14 -2.61
C ASN A 445 -27.17 14.11 -2.10
N TRP A 446 -26.07 14.27 -2.85
CA TRP A 446 -25.05 15.22 -2.46
C TRP A 446 -25.36 16.62 -2.98
N ARG A 447 -26.07 16.72 -4.10
CA ARG A 447 -26.44 18.02 -4.65
C ARG A 447 -27.41 18.76 -3.74
N SER A 448 -28.09 18.05 -2.83
CA SER A 448 -29.07 18.66 -1.94
C SER A 448 -28.41 19.41 -0.80
N GLU A 449 -27.08 19.29 -0.66
CA GLU A 449 -26.33 19.96 0.38
C GLU A 449 -25.19 20.82 -0.16
N LEU A 450 -24.75 20.59 -1.39
CA LEU A 450 -23.65 21.33 -1.98
C LEU A 450 -24.14 22.41 -2.96
N TYR A 451 -25.42 22.77 -2.89
CA TYR A 451 -25.96 23.78 -3.80
C TYR A 451 -25.51 25.18 -3.44
N LYS A 452 -25.13 25.41 -2.18
CA LYS A 452 -24.75 26.72 -1.69
C LYS A 452 -23.26 26.89 -1.54
N TYR A 453 -22.46 26.01 -2.16
CA TYR A 453 -21.01 26.08 -2.06
C TYR A 453 -20.39 25.92 -3.45
N LYS A 454 -19.27 26.61 -3.65
CA LYS A 454 -18.52 26.41 -4.89
C LYS A 454 -17.06 26.78 -4.66
N VAL A 455 -16.17 26.14 -5.43
CA VAL A 455 -14.74 26.25 -5.25
C VAL A 455 -14.18 27.31 -6.20
N VAL A 456 -13.35 28.21 -5.67
CA VAL A 456 -12.69 29.23 -6.47
C VAL A 456 -11.20 29.26 -6.13
N LYS A 457 -10.39 29.61 -7.13
CA LYS A 457 -8.94 29.71 -6.99
C LYS A 457 -8.55 31.19 -6.97
N ILE A 458 -7.59 31.52 -6.11
CA ILE A 458 -7.15 32.89 -5.91
C ILE A 458 -5.96 33.23 -6.81
N GLU A 459 -6.07 34.32 -7.57
CA GLU A 459 -4.98 34.83 -8.39
C GLU A 459 -4.60 36.22 -7.88
N PRO A 460 -3.72 36.30 -6.88
CA PRO A 460 -3.43 37.58 -6.20
C PRO A 460 -2.59 38.56 -7.03
N LEU A 461 -2.07 38.16 -8.18
CA LEU A 461 -1.24 39.03 -9.01
C LEU A 461 -2.10 39.86 -9.96
N GLY A 462 -2.18 41.17 -9.69
CA GLY A 462 -2.94 42.07 -10.53
C GLY A 462 -2.19 43.36 -10.84
N VAL A 463 -2.05 43.68 -12.11
CA VAL A 463 -1.32 44.86 -12.54
C VAL A 463 -2.31 46.01 -12.75
N ALA A 464 -1.86 47.23 -12.46
CA ALA A 464 -2.76 48.37 -12.63
C ALA A 464 -1.97 49.66 -12.79
N PRO A 465 -2.44 50.58 -13.64
CA PRO A 465 -1.68 51.80 -13.93
C PRO A 465 -1.85 52.91 -12.89
N THR A 466 -0.74 53.62 -12.64
CA THR A 466 -0.73 54.77 -11.74
C THR A 466 0.52 55.58 -12.03
N ARG A 467 0.51 56.84 -11.58
CA ARG A 467 1.59 57.78 -11.85
C ARG A 467 2.84 57.54 -10.99
N CYS A 468 3.36 56.32 -11.05
CA CYS A 468 4.54 55.94 -10.29
C CYS A 468 5.61 55.29 -11.16
N LYS A 469 6.85 55.70 -10.92
CA LYS A 469 8.03 55.15 -11.57
C LYS A 469 9.22 55.42 -10.64
N ARG A 470 10.43 55.20 -11.15
CA ARG A 470 11.68 55.65 -10.55
C ARG A 470 12.26 56.79 -11.41
N ARG A 471 13.56 57.02 -11.27
CA ARG A 471 14.25 58.05 -12.05
C ARG A 471 14.14 57.75 -13.54
N VAL B 2 -20.62 3.82 -30.91
CA VAL B 2 -21.94 3.61 -30.31
C VAL B 2 -22.89 3.02 -31.34
N ARG B 3 -23.45 1.86 -31.03
CA ARG B 3 -24.35 1.16 -31.95
C ARG B 3 -25.53 0.59 -31.18
N LEU B 4 -26.74 0.91 -31.65
CA LEU B 4 -27.99 0.39 -31.09
C LEU B 4 -28.56 -0.64 -32.07
N SER B 5 -28.60 -1.90 -31.65
CA SER B 5 -29.05 -3.00 -32.49
C SER B 5 -30.46 -3.41 -32.07
N GLN B 6 -31.44 -3.15 -32.94
CA GLN B 6 -32.85 -3.42 -32.65
C GLN B 6 -33.30 -4.74 -33.27
N SER B 7 -34.29 -5.36 -32.64
CA SER B 7 -34.97 -6.52 -33.22
C SER B 7 -35.92 -6.08 -34.33
N GLY B 8 -36.19 -7.00 -35.26
CA GLY B 8 -37.01 -6.70 -36.42
C GLY B 8 -38.45 -6.30 -36.13
N GLY B 9 -39.18 -5.93 -37.19
CA GLY B 9 -40.57 -5.55 -37.05
C GLY B 9 -41.50 -6.75 -37.01
N GLN B 10 -42.78 -6.49 -36.74
CA GLN B 10 -43.74 -7.57 -36.63
C GLN B 10 -45.17 -7.08 -36.87
N MET B 11 -46.03 -8.05 -37.17
CA MET B 11 -47.45 -7.82 -37.38
C MET B 11 -48.22 -8.46 -36.23
N LYS B 12 -48.95 -7.64 -35.49
CA LYS B 12 -49.74 -8.08 -34.35
C LYS B 12 -51.23 -7.87 -34.64
N LYS B 13 -52.05 -8.52 -33.86
CA LYS B 13 -53.49 -8.35 -33.92
C LYS B 13 -53.96 -7.43 -32.81
N PRO B 14 -55.11 -6.77 -32.97
CA PRO B 14 -55.61 -5.91 -31.89
C PRO B 14 -55.90 -6.72 -30.64
N GLY B 15 -55.51 -6.15 -29.49
CA GLY B 15 -55.67 -6.78 -28.21
C GLY B 15 -54.42 -7.47 -27.70
N GLU B 16 -53.53 -7.86 -28.60
CA GLU B 16 -52.31 -8.56 -28.24
C GLU B 16 -51.30 -7.60 -27.59
N SER B 17 -50.14 -8.14 -27.26
CA SER B 17 -49.02 -7.37 -26.72
C SER B 17 -47.79 -7.61 -27.57
N MET B 18 -46.87 -6.64 -27.54
CA MET B 18 -45.63 -6.71 -28.31
C MET B 18 -44.45 -6.45 -27.39
N ARG B 19 -43.30 -7.01 -27.75
CA ARG B 19 -42.07 -6.84 -27.00
C ARG B 19 -40.92 -6.57 -27.96
N LEU B 20 -40.12 -5.55 -27.66
CA LEU B 20 -38.98 -5.17 -28.47
C LEU B 20 -37.72 -5.09 -27.62
N SER B 21 -36.58 -5.38 -28.24
CA SER B 21 -35.28 -5.31 -27.59
C SER B 21 -34.36 -4.36 -28.36
N CYS B 22 -33.36 -3.85 -27.65
CA CYS B 22 -32.39 -2.92 -28.23
C CYS B 22 -31.08 -3.05 -27.47
N ARG B 23 -30.09 -3.70 -28.09
CA ARG B 23 -28.79 -3.93 -27.48
C ARG B 23 -27.84 -2.79 -27.82
N ALA B 24 -27.36 -2.09 -26.80
CA ALA B 24 -26.43 -0.99 -26.97
C ALA B 24 -25.00 -1.51 -26.90
N SER B 25 -24.11 -0.86 -27.65
CA SER B 25 -22.71 -1.26 -27.62
C SER B 25 -21.83 -0.04 -27.92
N GLY B 26 -20.58 -0.12 -27.48
CA GLY B 26 -19.61 0.93 -27.74
C GLY B 26 -19.47 1.96 -26.64
N TYR B 27 -20.22 1.84 -25.55
CA TYR B 27 -20.15 2.79 -24.45
C TYR B 27 -20.63 2.11 -23.18
N GLU B 28 -20.44 2.81 -22.06
CA GLU B 28 -20.89 2.31 -20.76
C GLU B 28 -22.40 2.45 -20.63
N PHE B 29 -23.10 1.30 -20.65
CA PHE B 29 -24.56 1.28 -20.65
C PHE B 29 -25.17 2.07 -19.50
N LEU B 30 -24.51 2.09 -18.34
CA LEU B 30 -25.05 2.72 -17.15
C LEU B 30 -24.96 4.24 -17.16
N ASN B 31 -24.22 4.81 -18.10
CA ASN B 31 -23.93 6.24 -18.06
C ASN B 31 -25.18 7.10 -18.29
N CYS B 32 -26.05 6.71 -19.21
CA CYS B 32 -27.14 7.59 -19.61
C CYS B 32 -28.36 6.80 -20.05
N PRO B 33 -29.54 7.41 -19.99
CA PRO B 33 -30.79 6.70 -20.31
C PRO B 33 -30.96 6.40 -21.78
N ILE B 34 -31.69 5.32 -22.05
CA ILE B 34 -32.14 4.95 -23.38
C ILE B 34 -33.59 5.40 -23.52
N ASN B 35 -33.95 5.90 -24.70
CA ASN B 35 -35.31 6.38 -24.94
C ASN B 35 -35.99 5.52 -25.99
N TRP B 36 -37.32 5.50 -25.95
CA TRP B 36 -38.13 4.80 -26.95
C TRP B 36 -39.10 5.77 -27.59
N ILE B 37 -39.00 5.93 -28.91
CA ILE B 37 -39.84 6.87 -29.65
C ILE B 37 -40.48 6.15 -30.82
N ARG B 38 -41.78 6.38 -31.03
CA ARG B 38 -42.53 5.79 -32.12
C ARG B 38 -42.79 6.84 -33.19
N LEU B 39 -42.61 6.46 -34.46
CA LEU B 39 -42.87 7.34 -35.59
C LEU B 39 -43.91 6.68 -36.50
N ALA B 40 -45.09 7.31 -36.60
CA ALA B 40 -46.13 6.89 -37.51
C ALA B 40 -46.13 7.77 -38.75
N PRO B 41 -46.32 7.18 -39.93
CA PRO B 41 -46.32 7.95 -41.18
C PRO B 41 -47.30 9.11 -41.14
N GLY B 42 -46.81 10.31 -41.48
CA GLY B 42 -47.65 11.49 -41.45
C GLY B 42 -48.23 11.82 -40.10
N ARG B 43 -47.49 11.55 -39.03
CA ARG B 43 -47.95 11.81 -37.68
C ARG B 43 -46.79 12.32 -36.84
N ARG B 44 -47.11 13.22 -35.90
CA ARG B 44 -46.11 13.76 -34.98
C ARG B 44 -45.42 12.66 -34.19
N PRO B 45 -44.10 12.57 -34.24
CA PRO B 45 -43.39 11.55 -33.46
C PRO B 45 -43.73 11.64 -31.98
N GLU B 46 -43.92 10.48 -31.36
CA GLU B 46 -44.34 10.38 -29.97
C GLU B 46 -43.24 9.74 -29.14
N TRP B 47 -42.74 10.48 -28.15
CA TRP B 47 -41.81 9.97 -27.16
C TRP B 47 -42.54 9.14 -26.12
N MET B 48 -42.18 7.87 -26.00
CA MET B 48 -42.87 6.95 -25.11
C MET B 48 -42.29 6.96 -23.70
N GLY B 49 -40.97 6.94 -23.56
CA GLY B 49 -40.36 7.03 -22.24
C GLY B 49 -38.87 6.83 -22.31
N TRP B 50 -38.24 7.05 -21.15
CA TRP B 50 -36.81 6.76 -21.01
C TRP B 50 -36.57 5.85 -19.81
N LEU B 51 -35.43 5.16 -19.88
CA LEU B 51 -34.98 4.27 -18.81
C LEU B 51 -33.51 4.52 -18.50
N LYS B 52 -33.19 4.70 -17.21
CA LYS B 52 -31.81 4.77 -16.76
C LYS B 52 -31.35 3.38 -16.34
N PRO B 53 -30.45 2.73 -17.10
CA PRO B 53 -29.95 1.39 -16.74
C PRO B 53 -29.37 1.31 -15.34
N ARG B 54 -28.93 2.46 -14.83
CA ARG B 54 -28.47 2.60 -13.45
C ARG B 54 -29.69 2.63 -12.54
N GLY B 55 -29.94 1.50 -11.88
CA GLY B 55 -31.10 1.38 -11.03
C GLY B 55 -32.36 0.97 -11.77
N GLY B 56 -32.34 1.01 -13.11
CA GLY B 56 -33.50 0.62 -13.87
C GLY B 56 -34.60 1.65 -13.79
N ALA B 57 -34.26 2.90 -13.48
CA ALA B 57 -35.25 3.95 -13.33
C ALA B 57 -35.99 4.16 -14.64
N VAL B 58 -37.27 4.53 -14.56
CA VAL B 58 -38.06 4.70 -15.77
C VAL B 58 -38.93 5.95 -15.66
N ASN B 59 -39.34 6.44 -16.83
CA ASN B 59 -40.26 7.55 -16.95
C ASN B 59 -41.09 7.33 -18.20
N TYR B 60 -42.40 7.19 -18.01
CA TYR B 60 -43.33 6.86 -19.08
C TYR B 60 -44.16 8.08 -19.46
N ALA B 61 -44.44 8.22 -20.75
CA ALA B 61 -45.42 9.22 -21.18
C ALA B 61 -46.79 8.90 -20.62
N ARG B 62 -47.56 9.97 -20.34
CA ARG B 62 -48.92 9.83 -19.81
C ARG B 62 -49.74 8.84 -20.62
N LYS B 63 -49.69 8.97 -21.95
CA LYS B 63 -50.52 8.18 -22.85
C LYS B 63 -50.35 6.68 -22.63
N PHE B 64 -49.16 6.26 -22.19
CA PHE B 64 -48.79 4.85 -22.15
C PHE B 64 -48.79 4.25 -20.75
N GLN B 65 -48.96 5.05 -19.69
CA GLN B 65 -48.93 4.54 -18.33
C GLN B 65 -49.97 3.46 -18.14
N GLY B 66 -49.52 2.28 -17.72
CA GLY B 66 -50.38 1.13 -17.52
C GLY B 66 -50.32 0.13 -18.64
N ARG B 67 -49.75 0.51 -19.79
CA ARG B 67 -49.64 -0.33 -20.97
C ARG B 67 -48.20 -0.73 -21.29
N VAL B 68 -47.24 0.14 -20.99
CA VAL B 68 -45.85 -0.05 -21.38
C VAL B 68 -45.04 -0.47 -20.16
N THR B 69 -44.06 -1.34 -20.39
CA THR B 69 -43.14 -1.79 -19.35
C THR B 69 -41.74 -1.80 -19.94
N MET B 70 -40.84 -1.00 -19.37
CA MET B 70 -39.46 -0.92 -19.81
C MET B 70 -38.53 -1.49 -18.75
N THR B 71 -37.68 -2.44 -19.16
CA THR B 71 -36.70 -3.07 -18.29
C THR B 71 -35.35 -3.10 -19.01
N ARG B 72 -34.33 -3.65 -18.35
CA ARG B 72 -33.04 -3.77 -18.99
C ARG B 72 -32.25 -4.92 -18.37
N ASP B 73 -31.30 -5.43 -19.15
CA ASP B 73 -30.34 -6.44 -18.73
C ASP B 73 -28.95 -5.81 -18.81
N VAL B 74 -28.44 -5.39 -17.64
CA VAL B 74 -27.16 -4.71 -17.54
C VAL B 74 -26.02 -5.60 -18.02
N TYR B 75 -26.17 -6.92 -17.86
CA TYR B 75 -25.09 -7.83 -18.22
C TYR B 75 -24.95 -7.94 -19.73
N SER B 76 -26.07 -7.94 -20.45
CA SER B 76 -26.06 -8.00 -21.90
C SER B 76 -26.29 -6.64 -22.52
N ASP B 77 -26.39 -5.59 -21.69
CA ASP B 77 -26.56 -4.22 -22.13
C ASP B 77 -27.81 -4.05 -23.01
N THR B 78 -28.83 -4.86 -22.76
CA THR B 78 -30.00 -4.89 -23.64
C THR B 78 -31.21 -4.26 -22.96
N ALA B 79 -31.87 -3.33 -23.65
CA ALA B 79 -33.06 -2.69 -23.12
C ALA B 79 -34.29 -3.38 -23.71
N PHE B 80 -35.28 -3.64 -22.87
CA PHE B 80 -36.50 -4.30 -23.30
C PHE B 80 -37.69 -3.38 -23.07
N LEU B 81 -38.68 -3.50 -23.96
CA LEU B 81 -39.93 -2.77 -23.86
C LEU B 81 -41.08 -3.72 -24.19
N GLU B 82 -42.20 -3.54 -23.50
CA GLU B 82 -43.42 -4.28 -23.77
C GLU B 82 -44.58 -3.30 -23.83
N LEU B 83 -45.48 -3.52 -24.79
CA LEU B 83 -46.67 -2.68 -24.96
C LEU B 83 -47.89 -3.59 -25.08
N ARG B 84 -48.85 -3.39 -24.19
CA ARG B 84 -50.03 -4.24 -24.09
C ARG B 84 -51.24 -3.54 -24.72
N SER B 85 -52.30 -4.31 -24.94
CA SER B 85 -53.57 -3.83 -25.49
C SER B 85 -53.37 -3.02 -26.77
N LEU B 86 -52.74 -3.67 -27.75
CA LEU B 86 -52.42 -2.99 -29.00
C LEU B 86 -53.69 -2.68 -29.78
N THR B 87 -53.78 -1.45 -30.28
CA THR B 87 -54.85 -1.03 -31.18
C THR B 87 -54.23 -0.43 -32.43
N SER B 88 -55.04 -0.35 -33.49
CA SER B 88 -54.63 0.22 -34.78
C SER B 88 -53.82 1.51 -34.65
N ASP B 89 -54.07 2.28 -33.60
CA ASP B 89 -53.30 3.50 -33.37
C ASP B 89 -51.83 3.22 -33.09
N ASP B 90 -51.48 1.99 -32.72
CA ASP B 90 -50.11 1.65 -32.37
C ASP B 90 -49.23 1.29 -33.56
N THR B 91 -49.80 1.15 -34.75
CA THR B 91 -49.01 0.89 -35.95
C THR B 91 -48.04 2.04 -36.20
N ALA B 92 -46.73 1.72 -36.23
CA ALA B 92 -45.68 2.71 -36.33
C ALA B 92 -44.34 2.00 -36.34
N VAL B 93 -43.27 2.76 -36.60
CA VAL B 93 -41.91 2.26 -36.52
C VAL B 93 -41.32 2.71 -35.18
N TYR B 94 -40.89 1.75 -34.38
CA TYR B 94 -40.42 2.02 -33.02
C TYR B 94 -38.90 2.04 -32.97
N PHE B 95 -38.34 3.10 -32.40
CA PHE B 95 -36.90 3.30 -32.32
C PHE B 95 -36.46 3.38 -30.87
N CYS B 96 -35.22 2.93 -30.62
CA CYS B 96 -34.50 3.19 -29.39
C CYS B 96 -33.42 4.22 -29.69
N THR B 97 -33.29 5.22 -28.83
CA THR B 97 -32.39 6.33 -29.08
C THR B 97 -31.51 6.63 -27.87
N ARG B 98 -30.34 7.21 -28.15
CA ARG B 98 -29.41 7.66 -27.13
C ARG B 98 -28.91 9.06 -27.49
N GLY B 99 -28.88 9.93 -26.48
CA GLY B 99 -28.40 11.29 -26.65
C GLY B 99 -26.94 11.37 -27.04
N LYS B 100 -26.56 12.58 -27.48
CA LYS B 100 -25.19 12.82 -27.90
C LYS B 100 -24.24 12.98 -26.72
N TYR B 101 -24.58 13.84 -25.76
CA TYR B 101 -23.72 14.08 -24.61
C TYR B 101 -23.98 13.02 -23.55
N CYS B 102 -22.99 12.15 -23.33
CA CYS B 102 -23.13 11.02 -22.40
C CYS B 102 -21.77 10.60 -21.86
N THR B 103 -21.33 11.30 -20.82
CA THR B 103 -20.09 11.01 -20.10
C THR B 103 -20.43 10.47 -18.71
N ALA B 104 -19.39 10.25 -17.91
CA ALA B 104 -19.57 9.80 -16.54
C ALA B 104 -20.12 10.91 -15.64
N ARG B 105 -19.62 12.13 -15.83
CA ARG B 105 -20.06 13.28 -15.03
C ARG B 105 -21.56 13.54 -15.17
N ASP B 106 -22.03 13.80 -16.38
CA ASP B 106 -23.43 14.06 -16.62
C ASP B 106 -23.77 13.75 -18.07
N TYR B 107 -24.95 14.16 -18.50
CA TYR B 107 -25.44 13.86 -19.84
C TYR B 107 -26.44 14.91 -20.28
N TYR B 108 -26.96 14.73 -21.50
CA TYR B 108 -28.12 15.47 -21.98
C TYR B 108 -28.92 14.52 -22.85
N ASN B 109 -30.06 14.07 -22.33
CA ASN B 109 -30.81 12.97 -22.94
C ASN B 109 -31.32 13.32 -24.34
N TRP B 110 -31.81 14.54 -24.55
CA TRP B 110 -32.69 14.83 -25.66
C TRP B 110 -31.99 15.22 -26.96
N ASP B 111 -30.65 15.19 -27.02
CA ASP B 111 -29.96 15.37 -28.29
C ASP B 111 -29.67 13.98 -28.86
N PHE B 112 -30.69 13.41 -29.51
CA PHE B 112 -30.64 12.02 -29.95
C PHE B 112 -29.66 11.85 -31.10
N GLU B 113 -28.40 11.58 -30.80
CA GLU B 113 -27.42 11.35 -31.85
C GLU B 113 -27.36 9.90 -32.32
N HIS B 114 -27.82 8.94 -31.52
CA HIS B 114 -27.73 7.53 -31.88
C HIS B 114 -29.10 6.90 -31.94
N TRP B 115 -29.39 6.24 -33.07
CA TRP B 115 -30.70 5.64 -33.33
C TRP B 115 -30.52 4.20 -33.77
N GLY B 116 -31.42 3.34 -33.33
CA GLY B 116 -31.49 1.99 -33.86
C GLY B 116 -32.05 1.97 -35.26
N ARG B 117 -31.99 0.79 -35.88
CA ARG B 117 -32.50 0.65 -37.23
C ARG B 117 -34.01 0.76 -37.29
N GLY B 118 -34.69 0.58 -36.17
CA GLY B 118 -36.14 0.72 -36.12
C GLY B 118 -36.85 -0.61 -36.32
N ALA B 119 -38.03 -0.71 -35.73
CA ALA B 119 -38.85 -1.92 -35.86
C ALA B 119 -40.24 -1.56 -36.33
N PRO B 120 -40.62 -1.90 -37.56
CA PRO B 120 -41.95 -1.59 -38.08
C PRO B 120 -42.97 -2.55 -37.48
N VAL B 121 -43.92 -2.02 -36.71
CA VAL B 121 -44.94 -2.83 -36.06
C VAL B 121 -46.28 -2.39 -36.60
N THR B 122 -46.98 -3.32 -37.25
CA THR B 122 -48.33 -3.09 -37.77
C THR B 122 -49.33 -3.91 -36.98
N VAL B 123 -50.37 -3.25 -36.48
CA VAL B 123 -51.44 -3.90 -35.72
C VAL B 123 -52.75 -3.70 -36.47
N SER B 124 -53.33 -4.78 -36.96
CA SER B 124 -54.59 -4.73 -37.68
C SER B 124 -55.34 -6.06 -37.60
N VAL B 143 -46.53 24.64 -28.21
CA VAL B 143 -46.06 23.44 -28.89
C VAL B 143 -44.98 23.82 -29.90
N LEU B 144 -44.73 22.93 -30.87
CA LEU B 144 -43.78 23.17 -31.94
C LEU B 144 -44.54 23.20 -33.25
N THR B 145 -44.61 24.38 -33.88
CA THR B 145 -45.31 24.53 -35.15
C THR B 145 -44.28 24.63 -36.28
N GLN B 146 -44.21 23.60 -37.11
CA GLN B 146 -43.20 23.48 -38.16
C GLN B 146 -43.83 23.77 -39.52
N SER B 147 -43.15 24.60 -40.31
CA SER B 147 -43.65 24.99 -41.62
C SER B 147 -42.48 25.20 -42.57
N PRO B 148 -42.68 25.00 -43.88
CA PRO B 148 -43.91 24.54 -44.54
C PRO B 148 -44.08 23.02 -44.46
N ALA B 149 -45.28 22.54 -44.80
CA ALA B 149 -45.52 21.10 -44.81
C ALA B 149 -44.63 20.40 -45.84
N THR B 150 -44.58 20.92 -47.06
CA THR B 150 -43.79 20.35 -48.13
C THR B 150 -42.90 21.42 -48.75
N LEU B 151 -41.89 20.96 -49.49
CA LEU B 151 -40.91 21.87 -50.09
C LEU B 151 -40.31 21.19 -51.32
N SER B 152 -40.73 21.62 -52.50
CA SER B 152 -40.23 21.07 -53.76
C SER B 152 -39.15 22.02 -54.30
N LEU B 153 -37.90 21.57 -54.28
CA LEU B 153 -36.77 22.38 -54.69
C LEU B 153 -35.83 21.57 -55.57
N SER B 154 -35.05 22.30 -56.39
CA SER B 154 -34.06 21.76 -57.32
C SER B 154 -32.69 21.64 -56.66
N PRO B 155 -31.86 20.71 -57.13
CA PRO B 155 -30.47 20.63 -56.64
C PRO B 155 -29.73 21.94 -56.89
N GLY B 156 -29.09 22.46 -55.83
CA GLY B 156 -28.39 23.72 -55.87
C GLY B 156 -29.06 24.82 -55.09
N GLU B 157 -30.39 24.79 -55.00
CA GLU B 157 -31.11 25.81 -54.25
C GLU B 157 -30.87 25.64 -52.75
N THR B 158 -31.50 26.52 -51.97
CA THR B 158 -31.39 26.50 -50.51
C THR B 158 -32.78 26.29 -49.90
N ALA B 159 -32.89 25.35 -48.98
CA ALA B 159 -34.14 25.06 -48.30
C ALA B 159 -34.12 25.73 -46.92
N ILE B 160 -35.18 26.48 -46.61
CA ILE B 160 -35.31 27.15 -45.32
C ILE B 160 -36.55 26.59 -44.64
N ILE B 161 -36.33 25.72 -43.65
CA ILE B 161 -37.40 25.13 -42.85
C ILE B 161 -37.52 25.92 -41.55
N SER B 162 -38.74 26.17 -41.10
CA SER B 162 -38.98 26.98 -39.91
C SER B 162 -39.74 26.17 -38.86
N CYS B 163 -39.47 26.49 -37.60
CA CYS B 163 -40.12 25.84 -36.47
C CYS B 163 -40.29 26.88 -35.36
N ARG B 164 -41.53 27.11 -34.96
CA ARG B 164 -41.87 28.07 -33.93
C ARG B 164 -42.11 27.35 -32.61
N THR B 165 -41.44 27.81 -31.56
CA THR B 165 -41.51 27.25 -30.21
C THR B 165 -42.33 28.18 -29.31
N SER B 166 -42.47 27.78 -28.05
CA SER B 166 -43.17 28.58 -27.06
C SER B 166 -42.52 28.42 -25.69
N GLN B 167 -41.54 27.51 -25.61
CA GLN B 167 -40.89 27.16 -24.36
C GLN B 167 -39.40 27.45 -24.35
N SER B 168 -38.72 27.33 -25.49
CA SER B 168 -37.29 27.58 -25.65
C SER B 168 -36.46 26.53 -24.93
N GLY B 169 -35.21 26.35 -25.37
CA GLY B 169 -34.37 25.27 -24.89
C GLY B 169 -33.78 24.53 -26.07
N SER B 170 -32.55 24.04 -25.88
CA SER B 170 -31.75 23.35 -26.90
C SER B 170 -32.59 22.63 -27.95
N LEU B 171 -32.71 23.21 -29.13
CA LEU B 171 -33.53 22.67 -30.20
C LEU B 171 -32.68 21.89 -31.19
N ALA B 172 -33.24 20.83 -31.75
CA ALA B 172 -32.50 19.95 -32.65
C ALA B 172 -33.24 19.80 -33.97
N TRP B 173 -32.47 19.47 -35.00
CA TRP B 173 -33.00 19.18 -36.33
C TRP B 173 -32.51 17.80 -36.75
N TYR B 174 -33.43 16.97 -37.23
CA TYR B 174 -33.15 15.62 -37.69
C TYR B 174 -33.54 15.44 -39.15
N GLN B 175 -32.82 14.57 -39.85
CA GLN B 175 -33.10 14.21 -41.23
C GLN B 175 -33.41 12.72 -41.33
N GLN B 176 -34.51 12.38 -42.01
CA GLN B 176 -34.90 10.99 -42.25
C GLN B 176 -34.91 10.76 -43.76
N ARG B 177 -34.07 9.83 -44.22
CA ARG B 177 -34.06 9.47 -45.63
C ARG B 177 -35.06 8.35 -45.91
N PRO B 178 -35.68 8.34 -47.10
CA PRO B 178 -36.68 7.32 -47.43
C PRO B 178 -36.19 5.90 -47.13
N GLY B 179 -36.72 5.31 -46.06
CA GLY B 179 -36.40 3.95 -45.71
C GLY B 179 -35.21 3.79 -44.78
N GLN B 180 -34.73 4.87 -44.18
CA GLN B 180 -33.59 4.84 -43.28
C GLN B 180 -33.96 5.45 -41.94
N ALA B 181 -33.15 5.15 -40.93
CA ALA B 181 -33.36 5.72 -39.61
C ALA B 181 -32.99 7.20 -39.60
N PRO B 182 -33.75 8.05 -38.91
CA PRO B 182 -33.38 9.47 -38.80
C PRO B 182 -31.98 9.65 -38.26
N ARG B 183 -31.30 10.69 -38.76
CA ARG B 183 -29.96 11.05 -38.33
C ARG B 183 -29.95 12.46 -37.76
N LEU B 184 -29.32 12.62 -36.59
CA LEU B 184 -29.16 13.93 -35.99
C LEU B 184 -28.36 14.84 -36.92
N VAL B 185 -28.93 16.01 -37.22
CA VAL B 185 -28.31 16.97 -38.12
C VAL B 185 -27.79 18.19 -37.36
N ILE B 186 -28.59 18.74 -36.46
CA ILE B 186 -28.21 19.93 -35.71
C ILE B 186 -28.74 19.81 -34.28
N TYR B 187 -27.99 20.37 -33.33
CA TYR B 187 -28.48 20.48 -31.97
C TYR B 187 -28.12 21.85 -31.42
N SER B 188 -28.79 22.23 -30.32
CA SER B 188 -28.65 23.54 -29.69
C SER B 188 -29.06 24.67 -30.63
N GLY B 189 -29.79 24.36 -31.69
CA GLY B 189 -30.29 25.34 -32.63
C GLY B 189 -29.27 25.86 -33.62
N SER B 190 -27.98 25.77 -33.31
CA SER B 190 -26.96 26.36 -34.17
C SER B 190 -25.69 25.53 -34.30
N THR B 191 -25.61 24.35 -33.67
CA THR B 191 -24.39 23.56 -33.66
C THR B 191 -24.56 22.32 -34.53
N ARG B 192 -23.65 22.15 -35.48
CA ARG B 192 -23.68 21.00 -36.38
C ARG B 192 -23.15 19.76 -35.67
N ALA B 193 -23.65 18.60 -36.09
CA ALA B 193 -23.20 17.33 -35.56
C ALA B 193 -22.01 16.82 -36.37
N ALA B 194 -21.52 15.64 -35.98
CA ALA B 194 -20.37 15.04 -36.65
C ALA B 194 -20.73 14.63 -38.07
N GLY B 195 -19.89 15.01 -39.03
CA GLY B 195 -20.10 14.64 -40.40
C GLY B 195 -21.03 15.58 -41.16
N ILE B 196 -21.60 16.57 -40.50
CA ILE B 196 -22.48 17.54 -41.14
C ILE B 196 -21.67 18.65 -41.78
N PRO B 197 -21.78 18.84 -43.09
CA PRO B 197 -20.97 19.87 -43.77
C PRO B 197 -21.53 21.26 -43.52
N ASP B 198 -20.74 22.26 -43.93
CA ASP B 198 -21.11 23.66 -43.72
C ASP B 198 -22.43 24.02 -44.40
N ARG B 199 -22.83 23.27 -45.42
CA ARG B 199 -24.07 23.57 -46.16
C ARG B 199 -25.28 23.63 -45.24
N PHE B 200 -25.29 22.84 -44.17
CA PHE B 200 -26.35 22.90 -43.16
C PHE B 200 -26.01 23.97 -42.12
N SER B 201 -26.98 24.83 -41.84
CA SER B 201 -26.77 25.90 -40.86
C SER B 201 -28.08 26.20 -40.15
N GLY B 202 -27.96 26.59 -38.87
CA GLY B 202 -29.12 26.92 -38.07
C GLY B 202 -29.11 28.37 -37.63
N SER B 203 -30.30 28.93 -37.45
CA SER B 203 -30.45 30.31 -37.01
C SER B 203 -31.68 30.41 -36.12
N ARG B 204 -31.76 31.52 -35.39
CA ARG B 204 -32.81 31.72 -34.39
C ARG B 204 -33.16 33.20 -34.28
N TRP B 205 -34.46 33.47 -34.17
CA TRP B 205 -34.94 34.84 -33.94
C TRP B 205 -36.19 34.77 -33.08
N GLY B 206 -36.07 35.17 -31.81
CA GLY B 206 -37.17 35.03 -30.87
C GLY B 206 -37.51 33.58 -30.69
N ALA B 207 -38.78 33.25 -30.90
CA ALA B 207 -39.25 31.88 -30.82
C ALA B 207 -39.02 31.11 -32.12
N ASP B 208 -38.66 31.80 -33.19
CA ASP B 208 -38.52 31.19 -34.51
C ASP B 208 -37.15 30.54 -34.68
N TYR B 209 -37.13 29.38 -35.32
CA TYR B 209 -35.90 28.65 -35.59
C TYR B 209 -35.91 28.33 -37.07
N ASN B 210 -34.77 28.57 -37.74
CA ASN B 210 -34.65 28.29 -39.16
C ASN B 210 -33.47 27.36 -39.42
N LEU B 211 -33.72 26.31 -40.19
CA LEU B 211 -32.70 25.42 -40.72
C LEU B 211 -32.52 25.70 -42.21
N SER B 212 -31.30 26.02 -42.62
CA SER B 212 -31.00 26.39 -43.98
C SER B 212 -30.02 25.38 -44.56
N ILE B 213 -30.40 24.77 -45.68
CA ILE B 213 -29.58 23.79 -46.38
C ILE B 213 -29.24 24.37 -47.75
N SER B 214 -27.97 24.72 -47.95
CA SER B 214 -27.53 25.32 -49.20
C SER B 214 -26.97 24.25 -50.12
N ASN B 215 -27.10 24.49 -51.43
CA ASN B 215 -26.59 23.61 -52.48
C ASN B 215 -27.15 22.19 -52.33
N LEU B 216 -28.47 22.09 -52.41
CA LEU B 216 -29.15 20.81 -52.29
C LEU B 216 -28.54 19.75 -53.19
N GLU B 217 -28.49 18.51 -52.69
CA GLU B 217 -28.04 17.37 -53.47
C GLU B 217 -28.86 16.15 -53.08
N SER B 218 -28.78 15.12 -53.93
CA SER B 218 -29.59 13.91 -53.80
C SER B 218 -29.72 13.39 -52.38
N GLY B 219 -28.60 13.32 -51.65
CA GLY B 219 -28.63 12.79 -50.29
C GLY B 219 -29.44 13.62 -49.32
N ASP B 220 -29.56 14.92 -49.57
CA ASP B 220 -30.22 15.82 -48.63
C ASP B 220 -31.74 15.61 -48.59
N PHE B 221 -32.32 15.12 -49.69
CA PHE B 221 -33.77 15.00 -49.78
C PHE B 221 -34.29 13.91 -48.85
N GLY B 222 -35.46 14.17 -48.27
CA GLY B 222 -36.06 13.28 -47.28
C GLY B 222 -37.13 14.01 -46.50
N VAL B 223 -37.20 13.79 -45.19
CA VAL B 223 -38.12 14.52 -44.33
C VAL B 223 -37.37 15.00 -43.09
N TYR B 224 -37.61 16.25 -42.70
CA TYR B 224 -36.85 16.88 -41.62
C TYR B 224 -37.79 17.18 -40.46
N TYR B 225 -37.25 17.03 -39.24
CA TYR B 225 -38.01 17.25 -38.02
C TYR B 225 -37.29 18.21 -37.08
N CYS B 226 -38.05 19.13 -36.50
CA CYS B 226 -37.55 19.95 -35.40
C CYS B 226 -37.96 19.30 -34.08
N GLN B 227 -37.12 19.47 -33.06
CA GLN B 227 -37.35 18.80 -31.78
C GLN B 227 -36.97 19.73 -30.64
N GLN B 228 -37.82 19.74 -29.61
CA GLN B 228 -37.58 20.45 -28.36
C GLN B 228 -37.91 19.51 -27.19
N TYR B 229 -36.88 18.95 -26.57
CA TYR B 229 -36.98 17.90 -25.54
C TYR B 229 -37.69 16.71 -26.15
N GLU B 230 -38.84 16.26 -25.63
CA GLU B 230 -39.53 15.09 -26.13
C GLU B 230 -40.53 15.40 -27.23
N PHE B 231 -40.77 16.68 -27.53
CA PHE B 231 -41.74 17.07 -28.53
C PHE B 231 -41.06 17.22 -29.89
N PHE B 232 -41.76 16.79 -30.93
CA PHE B 232 -41.28 16.91 -32.30
C PHE B 232 -42.28 17.70 -33.13
N GLY B 233 -41.79 18.22 -34.27
CA GLY B 233 -42.63 18.89 -35.22
C GLY B 233 -43.39 17.92 -36.11
N GLN B 234 -44.30 18.49 -36.91
CA GLN B 234 -45.09 17.66 -37.81
C GLN B 234 -44.28 17.15 -38.99
N GLY B 235 -43.10 17.70 -39.23
CA GLY B 235 -42.22 17.27 -40.29
C GLY B 235 -42.36 18.09 -41.54
N THR B 236 -41.27 18.18 -42.30
CA THR B 236 -41.26 18.88 -43.58
C THR B 236 -40.59 17.97 -44.61
N LYS B 237 -41.35 17.56 -45.62
CA LYS B 237 -40.86 16.68 -46.67
C LYS B 237 -40.17 17.51 -47.75
N VAL B 238 -38.86 17.35 -47.88
CA VAL B 238 -38.08 18.03 -48.90
C VAL B 238 -37.80 17.03 -50.01
N GLN B 239 -38.34 17.28 -51.20
CA GLN B 239 -38.24 16.37 -52.33
C GLN B 239 -37.58 17.07 -53.52
N VAL B 240 -37.10 16.26 -54.45
CA VAL B 240 -36.30 16.74 -55.57
C VAL B 240 -37.22 17.24 -56.68
N ASP B 241 -36.86 18.37 -57.28
CA ASP B 241 -37.65 18.98 -58.34
C ASP B 241 -36.76 19.31 -59.54
N GLU C 1 15.91 56.85 23.67
CA GLU C 1 15.54 56.27 24.95
C GLU C 1 14.36 55.31 24.79
N ASN C 2 13.50 55.62 23.82
CA ASN C 2 12.36 54.77 23.51
C ASN C 2 12.80 53.60 22.62
N LEU C 3 12.49 52.39 23.06
CA LEU C 3 12.95 51.18 22.39
C LEU C 3 12.10 50.90 21.14
N TRP C 4 12.65 50.07 20.25
CA TRP C 4 11.97 49.75 18.99
C TRP C 4 12.15 48.27 18.69
N VAL C 5 11.09 47.64 18.19
CA VAL C 5 11.11 46.20 17.93
C VAL C 5 12.07 45.89 16.79
N THR C 6 12.76 44.75 16.91
CA THR C 6 13.68 44.28 15.88
C THR C 6 13.55 42.77 15.77
N VAL C 7 13.37 42.29 14.54
CA VAL C 7 13.17 40.87 14.25
C VAL C 7 14.51 40.17 14.13
N TYR C 8 14.69 39.10 14.90
CA TYR C 8 15.89 38.29 14.88
C TYR C 8 15.53 36.92 14.32
N TYR C 9 16.31 36.46 13.34
CA TYR C 9 16.07 35.20 12.66
C TYR C 9 17.27 34.28 12.88
N GLY C 10 17.05 33.19 13.63
CA GLY C 10 18.13 32.27 13.93
C GLY C 10 18.49 32.27 15.40
N VAL C 11 17.49 32.44 16.26
CA VAL C 11 17.72 32.46 17.70
C VAL C 11 17.62 31.07 18.29
N PRO C 12 18.47 30.73 19.27
CA PRO C 12 18.35 29.44 19.96
C PRO C 12 17.05 29.33 20.75
N VAL C 13 15.94 29.09 20.06
CA VAL C 13 14.63 28.95 20.70
C VAL C 13 13.98 27.67 20.20
N TRP C 14 13.71 26.75 21.12
CA TRP C 14 13.06 25.49 20.80
C TRP C 14 11.93 25.25 21.79
N LYS C 15 10.95 24.46 21.34
CA LYS C 15 9.85 24.05 22.20
C LYS C 15 9.59 22.57 22.02
N ASP C 16 9.13 21.93 23.10
CA ASP C 16 8.83 20.51 23.05
C ASP C 16 7.70 20.24 22.07
N ALA C 17 7.91 19.27 21.18
CA ALA C 17 6.91 18.92 20.18
C ALA C 17 7.16 17.49 19.73
N GLU C 18 6.31 17.02 18.82
CA GLU C 18 6.40 15.69 18.25
C GLU C 18 6.41 15.81 16.74
N THR C 19 7.31 15.07 16.08
CA THR C 19 7.42 15.13 14.63
C THR C 19 7.68 13.73 14.09
N THR C 20 7.84 13.66 12.76
CA THR C 20 8.06 12.39 12.07
C THR C 20 9.55 12.11 11.93
N LEU C 21 10.05 11.13 12.69
CA LEU C 21 11.46 10.77 12.68
C LEU C 21 11.75 9.76 11.58
N PHE C 22 12.92 9.90 10.96
CA PHE C 22 13.40 8.95 9.95
C PHE C 22 14.58 8.17 10.53
N CYS C 23 15.08 7.23 9.73
CA CYS C 23 16.07 6.26 10.19
C CYS C 23 17.48 6.61 9.75
N ALA C 24 18.43 5.83 10.26
CA ALA C 24 19.83 5.87 9.87
C ALA C 24 20.51 4.62 10.41
N SER C 25 21.30 3.93 9.60
CA SER C 25 21.90 2.67 10.05
C SER C 25 23.23 2.42 9.34
N ASP C 26 24.19 3.32 9.54
CA ASP C 26 25.56 3.16 9.06
C ASP C 26 25.65 2.86 7.57
N ALA C 27 26.78 2.30 7.15
CA ALA C 27 27.02 1.90 5.77
C ALA C 27 27.50 0.47 5.64
N LYS C 28 28.06 -0.13 6.69
CA LYS C 28 28.48 -1.52 6.65
C LYS C 28 27.30 -2.47 6.81
N ALA C 29 26.24 -2.02 7.50
CA ALA C 29 25.07 -2.85 7.68
C ALA C 29 24.32 -3.05 6.37
N TYR C 30 24.48 -2.11 5.43
CA TYR C 30 23.82 -2.25 4.15
C TYR C 30 24.55 -3.26 3.30
N GLU C 31 25.81 -3.54 3.64
CA GLU C 31 26.58 -4.53 2.92
C GLU C 31 26.23 -5.92 3.42
N THR C 32 25.40 -6.01 4.47
CA THR C 32 24.96 -7.30 4.98
C THR C 32 23.99 -7.97 4.02
N GLU C 33 23.34 -7.18 3.17
CA GLU C 33 22.35 -7.60 2.18
C GLU C 33 21.49 -8.77 2.62
N LYS C 34 21.66 -9.92 1.97
CA LYS C 34 20.85 -11.11 2.24
C LYS C 34 19.37 -10.81 2.05
N HIS C 35 19.06 -10.18 0.92
CA HIS C 35 17.69 -9.84 0.53
C HIS C 35 17.00 -9.00 1.62
N ASN C 36 17.64 -7.88 1.96
CA ASN C 36 17.11 -6.93 2.93
C ASN C 36 16.86 -7.58 4.28
N VAL C 37 17.87 -7.61 5.14
CA VAL C 37 17.71 -8.17 6.48
C VAL C 37 17.04 -7.15 7.38
N TRP C 38 16.01 -7.59 8.11
CA TRP C 38 15.24 -6.76 9.01
C TRP C 38 14.59 -5.58 8.28
N ALA C 39 15.21 -4.41 8.38
CA ALA C 39 14.64 -3.17 7.87
C ALA C 39 15.50 -2.47 6.83
N THR C 40 16.81 -2.41 7.04
CA THR C 40 17.72 -1.61 6.22
C THR C 40 17.60 -1.95 4.74
N CYS C 41 16.76 -1.20 4.03
CA CYS C 41 16.60 -1.36 2.59
C CYS C 41 16.76 0.00 1.92
N ALA C 42 15.86 0.93 2.21
CA ALA C 42 15.95 2.31 1.74
C ALA C 42 16.24 3.27 2.88
N CYS C 43 17.01 2.82 3.86
CA CYS C 43 17.36 3.65 5.01
C CYS C 43 18.56 4.54 4.69
N VAL C 44 18.53 5.77 5.19
CA VAL C 44 19.59 6.74 4.91
C VAL C 44 20.88 6.31 5.62
N PRO C 45 22.01 6.26 4.93
CA PRO C 45 23.28 5.95 5.58
C PRO C 45 23.64 6.97 6.65
N THR C 46 24.15 6.47 7.78
CA THR C 46 24.52 7.34 8.89
C THR C 46 25.71 8.19 8.52
N ASP C 47 25.68 9.45 8.96
CA ASP C 47 26.77 10.39 8.75
C ASP C 47 28.08 9.85 9.32
N PRO C 48 29.13 9.71 8.50
CA PRO C 48 30.42 9.19 9.00
C PRO C 48 30.98 9.91 10.20
N ASN C 49 30.84 11.23 10.29
CA ASN C 49 31.36 12.01 11.43
C ASN C 49 30.23 12.79 12.10
N PRO C 50 29.47 12.14 12.98
CA PRO C 50 28.37 12.83 13.67
C PRO C 50 28.90 13.94 14.56
N GLN C 51 28.06 14.96 14.75
CA GLN C 51 28.40 16.11 15.57
C GLN C 51 27.44 16.19 16.76
N GLU C 52 28.00 16.38 17.96
CA GLU C 52 27.25 16.50 19.20
C GLU C 52 27.67 17.79 19.88
N ILE C 53 26.78 18.79 19.90
CA ILE C 53 27.11 20.12 20.39
C ILE C 53 26.66 20.26 21.84
N HIS C 54 27.60 20.39 22.76
CA HIS C 54 27.31 20.54 24.18
C HIS C 54 26.80 21.95 24.45
N LEU C 55 25.52 22.08 24.80
CA LEU C 55 24.91 23.39 25.06
C LEU C 55 25.29 23.88 26.45
N GLU C 56 26.31 24.71 26.52
CA GLU C 56 26.80 25.24 27.79
C GLU C 56 25.74 26.10 28.46
N ASN C 57 25.73 26.05 29.80
CA ASN C 57 24.83 26.77 30.69
C ASN C 57 23.37 26.31 30.57
N VAL C 58 23.07 25.32 29.74
CA VAL C 58 21.70 24.93 29.39
C VAL C 58 21.27 23.78 30.30
N THR C 59 20.11 23.93 30.93
CA THR C 59 19.52 22.91 31.80
C THR C 59 18.14 22.60 31.23
N GLU C 60 17.97 21.42 30.62
CA GLU C 60 16.68 21.09 30.00
C GLU C 60 16.02 19.90 30.67
N GLU C 61 14.70 19.97 30.83
CA GLU C 61 13.95 18.90 31.49
C GLU C 61 13.54 17.79 30.51
N PHE C 62 13.90 16.57 30.86
CA PHE C 62 13.55 15.37 30.10
C PHE C 62 12.42 14.61 30.81
N ASN C 63 11.79 13.70 30.06
CA ASN C 63 10.74 12.86 30.63
C ASN C 63 10.65 11.58 29.80
N MET C 64 11.31 10.52 30.27
CA MET C 64 11.35 9.26 29.55
C MET C 64 9.99 8.57 29.52
N TRP C 65 9.09 8.91 30.43
CA TRP C 65 7.78 8.26 30.52
C TRP C 65 6.70 8.97 29.71
N LYS C 66 6.98 10.17 29.21
CA LYS C 66 6.06 10.93 28.38
C LYS C 66 6.73 11.28 27.05
N ASN C 67 7.58 10.37 26.57
CA ASN C 67 8.37 10.58 25.37
C ASN C 67 7.72 9.88 24.18
N ASN C 68 7.58 10.61 23.06
CA ASN C 68 6.85 10.10 21.91
C ASN C 68 7.72 9.21 21.03
N MET C 69 9.04 9.31 21.15
CA MET C 69 9.92 8.49 20.33
C MET C 69 9.70 7.01 20.62
N VAL C 70 9.29 6.68 21.84
CA VAL C 70 9.05 5.29 22.20
C VAL C 70 7.84 4.77 21.43
N GLU C 71 6.75 5.54 21.41
CA GLU C 71 5.55 5.12 20.70
C GLU C 71 5.83 5.04 19.21
N GLN C 72 6.62 5.98 18.69
CA GLN C 72 6.92 5.98 17.26
C GLN C 72 7.76 4.76 16.90
N MET C 73 8.78 4.45 17.70
CA MET C 73 9.59 3.27 17.44
C MET C 73 8.76 2.00 17.53
N HIS C 74 7.85 1.93 18.52
CA HIS C 74 7.01 0.76 18.68
C HIS C 74 6.14 0.54 17.44
N THR C 75 5.42 1.58 17.01
CA THR C 75 4.58 1.44 15.83
C THR C 75 5.42 1.20 14.58
N ASP C 76 6.66 1.69 14.56
CA ASP C 76 7.54 1.47 13.42
C ASP C 76 7.95 0.01 13.33
N ILE C 77 8.32 -0.59 14.46
CA ILE C 77 8.68 -2.01 14.46
C ILE C 77 7.46 -2.87 14.13
N ILE C 78 6.28 -2.47 14.59
CA ILE C 78 5.07 -3.23 14.27
C ILE C 78 4.83 -3.21 12.75
N SER C 79 4.83 -2.01 12.16
CA SER C 79 4.66 -1.91 10.72
C SER C 79 5.78 -2.64 9.98
N LEU C 80 6.99 -2.64 10.55
CA LEU C 80 8.10 -3.39 9.98
C LEU C 80 7.77 -4.88 9.94
N TRP C 81 7.23 -5.40 11.03
CA TRP C 81 6.90 -6.82 11.12
C TRP C 81 5.83 -7.18 10.10
N ASP C 82 4.87 -6.28 9.91
CA ASP C 82 3.81 -6.56 8.93
C ASP C 82 4.36 -6.51 7.51
N GLN C 83 5.16 -5.48 7.20
CA GLN C 83 5.71 -5.39 5.85
C GLN C 83 6.68 -6.52 5.58
N SER C 84 7.32 -7.06 6.63
CA SER C 84 8.24 -8.16 6.46
C SER C 84 7.52 -9.50 6.34
N LEU C 85 6.24 -9.54 6.70
CA LEU C 85 5.50 -10.80 6.64
C LEU C 85 4.43 -10.78 5.56
N LYS C 86 4.21 -9.64 4.90
CA LYS C 86 3.24 -9.57 3.81
C LYS C 86 3.61 -10.46 2.62
N PRO C 87 4.83 -10.43 2.08
CA PRO C 87 5.12 -11.23 0.88
C PRO C 87 5.58 -12.67 1.16
N CYS C 88 5.43 -13.17 2.37
CA CYS C 88 5.90 -14.50 2.73
C CYS C 88 4.82 -15.54 2.47
N VAL C 89 5.22 -16.81 2.53
CA VAL C 89 4.31 -17.91 2.25
C VAL C 89 3.30 -18.05 3.38
N LYS C 90 2.01 -18.01 3.03
CA LYS C 90 0.92 -18.17 3.97
C LYS C 90 0.58 -19.64 4.11
N LEU C 91 0.50 -20.10 5.37
CA LEU C 91 0.25 -21.51 5.68
C LEU C 91 -1.22 -21.77 5.94
N THR C 92 -2.11 -21.22 5.10
CA THR C 92 -3.53 -21.47 5.25
C THR C 92 -3.94 -22.94 5.24
N PRO C 93 -3.44 -23.80 4.32
CA PRO C 93 -3.87 -25.21 4.36
C PRO C 93 -2.98 -26.08 5.23
N LEU C 94 -2.61 -25.56 6.40
CA LEU C 94 -1.78 -26.29 7.34
C LEU C 94 -2.48 -26.63 8.65
N CYS C 95 -3.78 -26.36 8.77
CA CYS C 95 -4.46 -26.67 10.01
C CYS C 95 -5.09 -28.06 9.96
N VAL C 96 -4.52 -28.96 9.15
CA VAL C 96 -5.01 -30.33 8.97
C VAL C 96 -4.78 -31.18 10.22
N THR C 97 -5.58 -32.25 10.34
CA THR C 97 -5.45 -33.19 11.45
C THR C 97 -4.05 -33.75 11.50
N LEU C 98 -3.44 -33.69 12.69
CA LEU C 98 -2.09 -34.17 12.92
C LEU C 98 -2.15 -35.44 13.74
N GLN C 99 -1.74 -36.56 13.13
CA GLN C 99 -1.62 -37.85 13.81
C GLN C 99 -0.22 -37.88 14.40
N CYS C 100 -0.09 -37.36 15.62
CA CYS C 100 1.24 -37.18 16.19
C CYS C 100 1.58 -38.35 17.11
N THR C 101 2.86 -38.48 17.42
CA THR C 101 3.32 -39.51 18.33
C THR C 101 4.57 -39.02 19.03
N ASN C 102 5.05 -39.81 19.98
CA ASN C 102 6.29 -39.46 20.66
C ASN C 102 7.47 -39.49 19.71
N VAL C 103 8.49 -38.68 20.04
CA VAL C 103 9.75 -38.73 19.31
C VAL C 103 10.52 -40.00 19.67
N THR C 104 11.36 -40.45 18.74
CA THR C 104 12.14 -41.67 18.95
C THR C 104 13.18 -41.39 20.02
N ASN C 105 12.93 -41.88 21.22
CA ASN C 105 13.87 -41.74 22.34
C ASN C 105 13.58 -42.86 23.32
N ASN C 106 14.23 -42.83 24.48
CA ASN C 106 14.07 -43.89 25.47
C ASN C 106 13.84 -43.38 26.89
N ILE C 107 12.56 -43.15 27.21
CA ILE C 107 12.00 -42.85 28.53
C ILE C 107 12.82 -41.72 29.21
N THR C 108 12.57 -41.37 30.49
CA THR C 108 11.54 -41.81 31.43
C THR C 108 10.18 -41.16 31.18
N ASP C 109 9.27 -41.34 32.13
CA ASP C 109 7.93 -40.78 32.03
C ASP C 109 7.90 -39.30 32.42
N ASP C 110 9.00 -38.75 32.91
CA ASP C 110 9.05 -37.35 33.31
C ASP C 110 9.57 -36.46 32.19
N MET C 111 9.94 -37.04 31.04
CA MET C 111 10.41 -36.28 29.89
C MET C 111 9.29 -35.59 29.15
N ARG C 112 8.04 -35.95 29.46
CA ARG C 112 6.80 -35.41 28.90
C ARG C 112 6.88 -35.07 27.41
N GLY C 113 7.58 -35.89 26.63
CA GLY C 113 7.62 -35.70 25.19
C GLY C 113 8.20 -34.41 24.65
N GLU C 114 7.47 -33.30 24.87
CA GLU C 114 7.82 -31.99 24.36
C GLU C 114 7.82 -31.95 22.84
N LEU C 115 8.54 -32.86 22.19
CA LEU C 115 8.59 -32.95 20.74
C LEU C 115 7.58 -33.99 20.24
N LYS C 116 6.76 -33.61 19.27
CA LYS C 116 5.72 -34.47 18.71
C LYS C 116 6.00 -34.72 17.23
N ASN C 117 5.90 -35.99 16.84
CA ASN C 117 6.13 -36.49 15.48
C ASN C 117 4.82 -36.67 14.74
N CYS C 118 4.36 -35.60 14.10
CA CYS C 118 3.03 -35.53 13.49
C CYS C 118 3.05 -35.95 12.02
N SER C 119 2.08 -36.78 11.64
CA SER C 119 1.87 -37.21 10.26
C SER C 119 0.54 -36.66 9.77
N PHE C 120 0.47 -36.22 8.52
CA PHE C 120 -0.73 -35.56 8.04
C PHE C 120 -0.75 -35.52 6.51
N ASN C 121 -1.91 -35.13 5.98
CA ASN C 121 -2.10 -34.87 4.56
C ASN C 121 -1.59 -33.50 4.18
N MET C 122 -1.31 -33.32 2.88
CA MET C 122 -0.88 -32.03 2.38
C MET C 122 -1.24 -31.91 0.90
N THR C 123 -1.54 -30.70 0.47
CA THR C 123 -1.82 -30.42 -0.93
C THR C 123 -0.51 -30.28 -1.69
N THR C 124 -0.37 -31.03 -2.78
CA THR C 124 0.84 -30.94 -3.59
C THR C 124 0.75 -29.79 -4.58
N GLU C 125 1.61 -29.81 -5.61
CA GLU C 125 1.55 -28.78 -6.64
C GLU C 125 0.26 -28.88 -7.43
N LEU C 126 -0.15 -30.10 -7.75
CA LEU C 126 -1.39 -30.32 -8.46
C LEU C 126 -2.56 -30.32 -7.48
N ARG C 127 -3.75 -30.02 -8.01
CA ARG C 127 -4.94 -29.89 -7.18
C ARG C 127 -5.72 -31.21 -7.11
N ASP C 128 -5.04 -32.34 -7.24
CA ASP C 128 -5.67 -33.65 -7.22
C ASP C 128 -5.12 -34.45 -6.06
N LYS C 129 -4.11 -35.29 -6.28
CA LYS C 129 -3.57 -36.15 -5.24
C LYS C 129 -2.96 -35.34 -4.10
N LYS C 130 -3.15 -35.84 -2.88
CA LYS C 130 -2.68 -35.19 -1.66
C LYS C 130 -1.22 -35.55 -1.36
N GLN C 131 -0.82 -35.47 -0.09
CA GLN C 131 0.58 -35.76 0.26
C GLN C 131 0.67 -36.14 1.74
N LYS C 132 1.04 -37.39 2.02
CA LYS C 132 1.15 -37.91 3.38
C LYS C 132 2.56 -37.67 3.92
N VAL C 133 2.78 -36.47 4.45
CA VAL C 133 4.09 -36.11 4.97
C VAL C 133 4.02 -35.92 6.48
N TYR C 134 5.20 -36.02 7.11
CA TYR C 134 5.34 -35.89 8.55
C TYR C 134 6.30 -34.76 8.90
N SER C 135 6.07 -34.15 10.07
CA SER C 135 6.94 -33.10 10.60
C SER C 135 7.13 -33.34 12.09
N LEU C 136 7.85 -32.41 12.73
CA LEU C 136 8.19 -32.48 14.15
C LEU C 136 7.91 -31.13 14.80
N PHE C 137 6.84 -31.05 15.58
CA PHE C 137 6.44 -29.81 16.21
C PHE C 137 6.61 -29.86 17.72
N TYR C 138 6.81 -28.70 18.33
CA TYR C 138 6.90 -28.58 19.77
C TYR C 138 5.51 -28.63 20.40
N ARG C 139 5.45 -29.04 21.68
CA ARG C 139 4.17 -29.15 22.36
C ARG C 139 3.49 -27.80 22.49
N LEU C 140 4.26 -26.72 22.56
CA LEU C 140 3.66 -25.40 22.65
C LEU C 140 3.01 -24.99 21.32
N ASP C 141 3.32 -25.69 20.24
CA ASP C 141 2.79 -25.41 18.92
C ASP C 141 1.54 -26.21 18.58
N VAL C 142 1.32 -27.35 19.25
CA VAL C 142 0.20 -28.23 18.94
C VAL C 142 -0.74 -28.32 20.14
N VAL C 143 -1.92 -28.89 19.89
CA VAL C 143 -2.94 -29.12 20.90
C VAL C 143 -3.87 -30.23 20.43
N GLN C 144 -4.10 -31.23 21.28
CA GLN C 144 -4.95 -32.36 20.91
C GLN C 144 -6.40 -31.94 20.83
N ILE C 145 -7.20 -32.77 20.15
CA ILE C 145 -8.63 -32.51 19.99
C ILE C 145 -9.36 -33.83 19.90
N ASN C 146 -10.42 -33.97 20.69
CA ASN C 146 -11.21 -35.20 20.71
C ASN C 146 -12.64 -34.91 20.26
N LYS C 158 -3.79 -40.80 18.83
CA LYS C 158 -3.78 -39.41 19.25
C LYS C 158 -3.75 -38.47 18.04
N GLU C 159 -4.77 -37.62 17.95
CA GLU C 159 -4.86 -36.62 16.88
C GLU C 159 -4.70 -35.23 17.48
N TYR C 160 -3.88 -34.41 16.84
CA TYR C 160 -3.59 -33.06 17.33
C TYR C 160 -3.97 -32.05 16.25
N ARG C 161 -3.63 -30.79 16.51
CA ARG C 161 -3.84 -29.68 15.57
C ARG C 161 -2.90 -28.55 15.98
N LEU C 162 -2.75 -27.58 15.09
CA LEU C 162 -1.95 -26.41 15.40
C LEU C 162 -2.66 -25.58 16.47
N ILE C 163 -1.89 -25.04 17.42
CA ILE C 163 -2.51 -24.40 18.57
C ILE C 163 -3.24 -23.11 18.21
N ASN C 164 -2.99 -22.58 17.02
CA ASN C 164 -3.55 -21.33 16.55
C ASN C 164 -4.74 -21.55 15.63
N CYS C 165 -5.39 -22.70 15.68
CA CYS C 165 -6.61 -22.89 14.88
C CYS C 165 -7.82 -22.54 15.73
N ASN C 166 -8.25 -21.28 15.60
CA ASN C 166 -9.48 -20.61 16.04
C ASN C 166 -9.02 -19.32 16.68
N THR C 167 -7.88 -18.84 16.18
CA THR C 167 -7.27 -17.59 16.61
C THR C 167 -7.12 -16.68 15.41
N SER C 168 -6.21 -16.97 14.49
CA SER C 168 -5.99 -16.11 13.35
C SER C 168 -5.39 -16.95 12.23
N ALA C 169 -5.01 -16.30 11.13
CA ALA C 169 -4.27 -17.01 10.10
C ALA C 169 -2.80 -17.12 10.49
N ILE C 170 -2.05 -17.80 9.62
CA ILE C 170 -0.63 -18.08 9.86
C ILE C 170 0.13 -17.93 8.56
N THR C 171 1.28 -17.28 8.64
CA THR C 171 2.20 -17.12 7.53
C THR C 171 3.59 -17.53 7.97
N GLN C 172 4.29 -18.24 7.09
CA GLN C 172 5.62 -18.72 7.41
C GLN C 172 6.61 -17.62 7.11
N ALA C 173 7.54 -17.39 8.03
CA ALA C 173 8.58 -16.40 7.78
C ALA C 173 9.50 -16.87 6.66
N CYS C 174 9.82 -15.96 5.76
CA CYS C 174 10.69 -16.31 4.64
C CYS C 174 12.11 -16.58 5.16
N PRO C 175 12.79 -17.60 4.62
CA PRO C 175 14.14 -17.93 5.09
C PRO C 175 15.19 -16.95 4.62
N LYS C 176 14.83 -16.04 3.71
CA LYS C 176 15.76 -15.07 3.18
C LYS C 176 16.04 -13.95 4.19
N VAL C 177 15.00 -13.45 4.85
CA VAL C 177 15.16 -12.34 5.79
C VAL C 177 15.64 -12.88 7.14
N SER C 178 16.10 -11.99 8.00
CA SER C 178 16.58 -12.35 9.32
C SER C 178 16.00 -11.41 10.37
N PHE C 179 15.91 -11.92 11.60
CA PHE C 179 15.43 -11.18 12.75
C PHE C 179 16.59 -10.71 13.64
N GLU C 180 17.72 -10.38 13.02
CA GLU C 180 18.90 -9.93 13.75
C GLU C 180 18.82 -8.44 14.04
N PRO C 181 18.74 -8.04 15.32
CA PRO C 181 18.63 -6.62 15.67
C PRO C 181 19.88 -5.85 15.25
N ILE C 182 19.71 -4.93 14.31
CA ILE C 182 20.83 -4.12 13.85
C ILE C 182 20.68 -2.67 14.31
N PRO C 183 21.77 -1.99 14.64
CA PRO C 183 21.70 -0.61 15.15
C PRO C 183 20.96 0.32 14.19
N ILE C 184 19.97 1.04 14.73
CA ILE C 184 19.17 1.96 13.94
C ILE C 184 19.22 3.33 14.61
N HIS C 185 19.77 4.32 13.90
CA HIS C 185 19.86 5.69 14.38
C HIS C 185 18.59 6.44 13.97
N TYR C 186 17.88 7.01 14.93
CA TYR C 186 16.70 7.82 14.66
C TYR C 186 17.12 9.28 14.54
N CYS C 187 16.72 9.92 13.44
CA CYS C 187 17.13 11.29 13.18
C CYS C 187 15.92 12.18 12.99
N ALA C 188 16.13 13.49 13.18
CA ALA C 188 15.05 14.46 13.05
C ALA C 188 15.22 15.30 11.80
N PRO C 189 14.12 15.65 11.13
CA PRO C 189 14.21 16.48 9.91
C PRO C 189 14.67 17.91 10.19
N ALA C 190 14.81 18.70 9.14
CA ALA C 190 15.24 20.08 9.29
C ALA C 190 14.23 20.86 10.12
N GLY C 191 14.74 21.74 10.99
CA GLY C 191 13.91 22.51 11.89
C GLY C 191 13.71 21.88 13.25
N PHE C 192 14.08 20.62 13.42
CA PHE C 192 13.96 19.91 14.69
C PHE C 192 15.35 19.51 15.17
N ALA C 193 15.41 19.07 16.44
CA ALA C 193 16.68 18.64 17.02
C ALA C 193 16.39 17.66 18.15
N ILE C 194 17.38 16.83 18.47
CA ILE C 194 17.23 15.84 19.53
C ILE C 194 18.17 16.23 20.68
N LEU C 195 17.59 16.45 21.85
CA LEU C 195 18.37 16.83 23.02
C LEU C 195 18.78 15.56 23.74
N LYS C 196 20.02 15.56 24.23
CA LYS C 196 20.65 14.44 24.90
C LYS C 196 21.23 14.84 26.25
N CYS C 197 20.83 14.12 27.29
CA CYS C 197 21.33 14.35 28.64
C CYS C 197 22.65 13.60 28.81
N LYS C 198 23.72 14.33 29.18
CA LYS C 198 25.05 13.74 29.25
C LYS C 198 25.61 13.72 30.67
N ASP C 199 24.73 13.65 31.66
CA ASP C 199 25.14 13.51 33.06
C ASP C 199 25.27 12.04 33.42
N LYS C 200 26.20 11.74 34.32
CA LYS C 200 26.46 10.37 34.71
C LYS C 200 25.39 9.80 35.63
N LYS C 201 24.67 10.64 36.35
CA LYS C 201 23.55 10.21 37.19
C LYS C 201 22.29 10.95 36.76
N PHE C 202 21.75 10.54 35.61
CA PHE C 202 20.41 10.94 35.17
C PHE C 202 19.46 9.76 35.32
N ASN C 203 18.73 9.72 36.43
CA ASN C 203 17.75 8.70 36.69
C ASN C 203 16.44 8.93 35.94
N GLY C 204 16.42 9.88 35.01
CA GLY C 204 15.54 9.89 33.87
C GLY C 204 14.21 10.55 34.13
N THR C 205 14.23 11.85 34.45
CA THR C 205 13.07 12.72 34.66
C THR C 205 13.49 14.02 35.31
N GLY C 206 13.07 15.16 34.76
CA GLY C 206 13.39 16.44 35.35
C GLY C 206 14.50 17.19 34.64
N PRO C 207 14.96 18.29 35.25
CA PRO C 207 15.98 19.12 34.62
C PRO C 207 17.30 18.39 34.50
N CYS C 208 17.98 18.61 33.39
CA CYS C 208 19.29 18.01 33.16
C CYS C 208 20.32 19.12 33.08
N PRO C 209 21.38 19.04 33.92
CA PRO C 209 22.43 20.08 33.91
C PRO C 209 23.23 20.18 32.62
N SER C 210 23.77 19.08 32.13
CA SER C 210 24.61 19.06 30.92
C SER C 210 23.80 18.46 29.77
N VAL C 211 23.25 19.35 28.96
CA VAL C 211 22.43 19.00 27.81
C VAL C 211 23.22 19.28 26.53
N SER C 212 23.15 18.36 25.58
CA SER C 212 23.78 18.54 24.28
C SER C 212 22.75 18.30 23.20
N THR C 213 23.01 18.82 22.01
CA THR C 213 22.09 18.65 20.89
C THR C 213 22.75 17.76 19.85
N VAL C 214 21.91 16.91 19.23
CA VAL C 214 22.33 16.01 18.17
C VAL C 214 21.26 15.92 17.09
N GLN C 215 21.70 15.48 15.91
CA GLN C 215 20.81 15.27 14.78
C GLN C 215 20.34 13.82 14.75
N CYS C 216 21.25 12.88 15.05
CA CYS C 216 20.98 11.45 15.08
C CYS C 216 21.49 10.80 16.36
N THR C 217 20.64 9.98 16.98
CA THR C 217 20.99 9.24 18.18
C THR C 217 21.97 8.11 17.86
N HIS C 218 22.54 7.53 18.91
CA HIS C 218 23.46 6.42 18.76
C HIS C 218 22.71 5.17 18.28
N GLY C 219 23.49 4.16 17.88
CA GLY C 219 22.94 2.91 17.36
C GLY C 219 22.16 2.11 18.40
N ILE C 220 20.83 2.14 18.30
CA ILE C 220 19.96 1.42 19.23
C ILE C 220 19.45 0.17 18.52
N LYS C 221 19.91 -0.99 18.99
CA LYS C 221 19.46 -2.26 18.42
C LYS C 221 18.08 -2.63 18.96
N PRO C 222 17.10 -2.87 18.10
CA PRO C 222 15.75 -3.24 18.57
C PRO C 222 15.67 -4.67 19.06
N VAL C 223 16.23 -4.95 20.23
CA VAL C 223 16.20 -6.30 20.79
C VAL C 223 14.88 -6.47 21.55
N VAL C 224 13.99 -7.29 21.00
CA VAL C 224 12.69 -7.57 21.61
C VAL C 224 12.88 -8.70 22.62
N SER C 225 12.74 -8.36 23.90
CA SER C 225 12.90 -9.34 24.97
C SER C 225 12.09 -8.90 26.17
N THR C 226 11.88 -9.84 27.09
CA THR C 226 11.13 -9.58 28.30
C THR C 226 11.98 -9.93 29.52
N GLN C 227 11.57 -9.40 30.67
CA GLN C 227 12.24 -9.64 31.95
C GLN C 227 13.71 -9.21 31.95
N LEU C 228 14.52 -9.80 31.08
CA LEU C 228 15.95 -9.51 31.00
C LEU C 228 16.24 -8.65 29.79
N LEU C 229 16.76 -7.44 30.03
CA LEU C 229 17.15 -6.55 28.93
C LEU C 229 18.49 -7.01 28.36
N LEU C 230 18.49 -7.35 27.08
CA LEU C 230 19.66 -7.90 26.39
C LEU C 230 20.23 -6.92 25.39
N ASN C 231 21.57 -6.87 25.34
CA ASN C 231 22.29 -6.00 24.42
C ASN C 231 21.92 -4.51 24.54
N GLY C 232 21.84 -4.01 25.77
CA GLY C 232 21.47 -2.63 25.99
C GLY C 232 22.67 -1.75 26.33
N SER C 233 22.37 -0.49 26.65
CA SER C 233 23.39 0.46 27.05
C SER C 233 23.72 0.32 28.53
N LEU C 234 25.01 0.21 28.85
CA LEU C 234 25.43 0.10 30.23
C LEU C 234 25.28 1.43 30.94
N ALA C 235 24.98 1.38 32.23
CA ALA C 235 24.84 2.61 33.01
C ALA C 235 26.22 3.12 33.42
N GLU C 236 26.26 4.34 33.94
CA GLU C 236 27.51 4.94 34.37
C GLU C 236 27.62 4.84 35.88
N GLU C 237 28.84 4.57 36.36
CA GLU C 237 29.11 4.44 37.79
C GLU C 237 28.20 3.41 38.44
N GLU C 238 27.28 3.87 39.27
CA GLU C 238 26.31 3.01 39.92
C GLU C 238 25.21 2.59 38.95
N VAL C 239 24.66 1.39 39.18
CA VAL C 239 23.54 0.92 38.39
C VAL C 239 22.32 1.80 38.64
N MET C 240 21.53 2.01 37.60
CA MET C 240 20.43 2.98 37.66
C MET C 240 19.09 2.29 37.86
N ILE C 241 18.21 2.94 38.62
CA ILE C 241 16.86 2.46 38.90
C ILE C 241 15.88 3.55 38.48
N ARG C 242 14.99 3.23 37.53
CA ARG C 242 14.07 4.24 37.02
C ARG C 242 12.63 3.76 37.16
N SER C 243 11.76 4.67 37.61
CA SER C 243 10.34 4.37 37.78
C SER C 243 9.53 5.66 37.69
N GLU C 244 8.38 5.58 37.03
CA GLU C 244 7.49 6.73 36.92
C GLU C 244 6.89 7.12 38.27
N ASN C 245 6.63 6.12 39.13
CA ASN C 245 6.05 6.31 40.46
C ASN C 245 6.52 5.16 41.33
N ILE C 246 7.53 5.44 42.17
CA ILE C 246 8.13 4.40 43.00
C ILE C 246 7.13 3.87 44.01
N THR C 247 6.34 4.77 44.61
CA THR C 247 5.33 4.36 45.56
C THR C 247 4.21 3.57 44.89
N ASN C 248 4.04 3.71 43.58
CA ASN C 248 3.07 2.92 42.81
C ASN C 248 3.70 1.58 42.41
N ASN C 249 3.12 0.49 42.90
CA ASN C 249 3.58 -0.86 42.59
C ASN C 249 3.02 -1.40 41.29
N ALA C 250 2.19 -0.63 40.58
CA ALA C 250 1.64 -1.03 39.30
C ALA C 250 2.49 -0.56 38.13
N LYS C 251 3.42 0.36 38.37
CA LYS C 251 4.31 0.86 37.35
C LYS C 251 5.60 0.06 37.38
N ASN C 252 6.07 -0.36 36.21
CA ASN C 252 7.27 -1.17 36.13
C ASN C 252 8.50 -0.37 36.53
N ILE C 253 9.52 -1.08 37.00
CA ILE C 253 10.78 -0.51 37.46
C ILE C 253 11.88 -0.97 36.52
N LEU C 254 12.34 -0.06 35.66
CA LEU C 254 13.41 -0.38 34.71
C LEU C 254 14.76 -0.24 35.40
N VAL C 255 15.53 -1.32 35.42
CA VAL C 255 16.85 -1.35 36.03
C VAL C 255 17.87 -1.38 34.90
N GLN C 256 18.91 -0.54 35.00
CA GLN C 256 19.97 -0.51 34.02
C GLN C 256 21.29 -0.84 34.71
N PHE C 257 22.04 -1.76 34.12
CA PHE C 257 23.27 -2.27 34.69
C PHE C 257 24.47 -1.42 34.28
N ASN C 258 25.52 -1.50 35.07
CA ASN C 258 26.81 -0.89 34.78
C ASN C 258 27.77 -1.89 34.14
N THR C 259 27.89 -3.09 34.73
CA THR C 259 28.69 -4.18 34.19
C THR C 259 27.78 -5.24 33.57
N PRO C 260 28.02 -5.61 32.31
CA PRO C 260 27.14 -6.57 31.63
C PRO C 260 27.29 -7.97 32.21
N VAL C 261 26.17 -8.68 32.30
CA VAL C 261 26.15 -10.05 32.79
C VAL C 261 26.19 -11.02 31.61
N GLN C 262 27.28 -11.77 31.51
CA GLN C 262 27.49 -12.72 30.42
C GLN C 262 26.47 -13.85 30.48
N ILE C 263 25.66 -14.01 29.43
CA ILE C 263 24.69 -15.10 29.37
C ILE C 263 24.96 -15.91 28.11
N ASN C 264 24.92 -17.24 28.23
CA ASN C 264 25.13 -18.14 27.10
C ASN C 264 23.91 -19.02 26.88
N CYS C 265 23.29 -18.92 25.72
CA CYS C 265 22.15 -19.77 25.40
C CYS C 265 22.47 -20.67 24.23
N THR C 266 22.12 -21.95 24.36
CA THR C 266 22.37 -22.93 23.34
C THR C 266 21.14 -23.79 23.06
N ARG C 267 21.11 -24.32 21.83
CA ARG C 267 20.06 -25.19 21.32
C ARG C 267 20.72 -26.51 20.93
N PRO C 268 20.91 -27.42 21.88
CA PRO C 268 21.57 -28.70 21.57
C PRO C 268 20.70 -29.64 20.75
N ASN C 269 20.14 -29.15 19.64
CA ASN C 269 19.30 -29.97 18.77
C ASN C 269 19.40 -29.49 17.33
N ASN C 270 20.62 -29.19 16.88
CA ASN C 270 21.03 -29.23 15.48
C ASN C 270 20.05 -30.02 14.61
N ASN C 271 19.29 -29.31 13.79
CA ASN C 271 18.06 -29.83 13.21
C ASN C 271 18.18 -29.90 11.69
N THR C 272 17.19 -30.56 11.09
CA THR C 272 17.09 -30.74 9.64
C THR C 272 15.87 -29.97 9.13
N ARG C 273 16.04 -29.34 7.97
CA ARG C 273 14.96 -28.61 7.31
C ARG C 273 14.45 -29.43 6.13
N LYS C 274 13.24 -29.97 6.27
CA LYS C 274 12.55 -30.64 5.17
C LYS C 274 11.79 -29.62 4.36
N SER C 275 12.03 -29.60 3.05
CA SER C 275 11.41 -28.61 2.16
C SER C 275 10.24 -29.26 1.42
N ILE C 276 9.14 -29.46 2.14
CA ILE C 276 7.96 -30.06 1.53
C ILE C 276 7.29 -29.01 0.67
N ARG C 277 6.75 -29.44 -0.46
CA ARG C 277 6.32 -28.53 -1.52
C ARG C 277 4.80 -28.45 -1.58
N ILE C 278 4.25 -27.32 -1.13
CA ILE C 278 2.83 -27.04 -1.25
C ILE C 278 2.62 -26.17 -2.47
N GLY C 279 2.91 -26.71 -3.65
CA GLY C 279 2.84 -25.96 -4.87
C GLY C 279 1.41 -25.58 -5.23
N PRO C 280 1.27 -24.82 -6.35
CA PRO C 280 2.42 -24.40 -7.15
C PRO C 280 3.08 -23.14 -6.60
N GLY C 281 4.40 -23.19 -6.43
CA GLY C 281 5.14 -22.04 -5.95
C GLY C 281 5.53 -22.12 -4.49
N GLN C 282 4.53 -22.12 -3.61
CA GLN C 282 4.77 -22.13 -2.18
C GLN C 282 5.50 -23.40 -1.75
N ALA C 283 6.24 -23.29 -0.64
CA ALA C 283 7.01 -24.41 -0.10
C ALA C 283 7.13 -24.24 1.42
N PHE C 284 6.77 -25.27 2.17
CA PHE C 284 6.82 -25.24 3.62
C PHE C 284 8.07 -25.94 4.12
N TYR C 285 8.72 -25.33 5.11
CA TYR C 285 9.93 -25.85 5.71
C TYR C 285 9.60 -26.51 7.06
N ALA C 286 9.42 -27.82 7.03
CA ALA C 286 9.15 -28.63 8.21
C ALA C 286 10.46 -29.00 8.89
N THR C 287 10.35 -29.61 10.07
CA THR C 287 11.51 -30.06 10.84
C THR C 287 11.70 -31.56 10.65
N GLY C 288 12.84 -31.93 10.10
CA GLY C 288 13.17 -33.33 9.87
C GLY C 288 13.60 -34.03 11.14
N ASP C 289 14.33 -35.12 10.96
CA ASP C 289 14.85 -35.87 12.11
C ASP C 289 15.99 -35.12 12.77
N ILE C 290 16.20 -35.43 14.05
CA ILE C 290 17.24 -34.79 14.85
C ILE C 290 18.47 -35.69 14.84
N ILE C 291 19.60 -35.12 14.44
CA ILE C 291 20.87 -35.85 14.38
C ILE C 291 21.59 -35.67 15.71
N GLY C 292 21.72 -36.75 16.47
CA GLY C 292 22.39 -36.74 17.76
C GLY C 292 21.45 -37.10 18.89
N ASP C 293 21.66 -36.46 20.04
CA ASP C 293 20.94 -36.75 21.26
C ASP C 293 19.76 -35.80 21.43
N ILE C 294 18.71 -36.28 22.10
CA ILE C 294 17.52 -35.48 22.35
C ILE C 294 17.80 -34.63 23.59
N ARG C 295 18.19 -33.37 23.36
CA ARG C 295 18.53 -32.44 24.42
C ARG C 295 17.63 -31.21 24.32
N GLN C 296 17.50 -30.49 25.44
CA GLN C 296 16.69 -29.27 25.47
C GLN C 296 17.57 -28.03 25.59
N ALA C 297 17.08 -26.93 25.02
CA ALA C 297 17.81 -25.67 25.01
C ALA C 297 17.98 -25.14 26.43
N HIS C 298 19.08 -24.42 26.67
CA HIS C 298 19.35 -23.95 28.04
C HIS C 298 20.20 -22.69 28.01
N CYS C 299 20.18 -21.96 29.14
CA CYS C 299 20.95 -20.71 29.24
C CYS C 299 21.77 -20.69 30.52
N ASN C 300 23.04 -20.30 30.40
CA ASN C 300 23.99 -20.19 31.50
C ASN C 300 24.17 -18.74 31.92
N VAL C 301 24.19 -18.51 33.23
CA VAL C 301 24.53 -17.21 33.81
C VAL C 301 25.60 -17.43 34.89
N SER C 302 26.76 -16.78 34.71
CA SER C 302 27.87 -16.90 35.65
C SER C 302 27.46 -16.54 37.08
N LYS C 303 27.59 -17.52 37.98
CA LYS C 303 27.11 -17.35 39.37
C LYS C 303 27.73 -16.13 40.05
N ALA C 304 29.05 -15.94 39.87
CA ALA C 304 29.74 -14.82 40.51
C ALA C 304 29.24 -13.49 39.97
N THR C 305 29.12 -13.37 38.65
CA THR C 305 28.66 -12.13 38.06
C THR C 305 27.25 -11.82 38.53
N TRP C 306 26.38 -12.84 38.58
CA TRP C 306 25.01 -12.59 39.00
C TRP C 306 24.98 -12.16 40.46
N ASN C 307 25.89 -12.71 41.30
CA ASN C 307 25.94 -12.32 42.71
C ASN C 307 26.38 -10.87 42.86
N GLU C 308 27.44 -10.46 42.16
CA GLU C 308 27.90 -9.09 42.30
C GLU C 308 26.87 -8.12 41.72
N THR C 309 26.21 -8.48 40.63
CA THR C 309 25.21 -7.59 40.05
C THR C 309 24.02 -7.43 40.98
N LEU C 310 23.50 -8.54 41.52
CA LEU C 310 22.38 -8.48 42.45
C LEU C 310 22.76 -7.71 43.72
N GLY C 311 23.97 -7.94 44.25
CA GLY C 311 24.39 -7.23 45.44
C GLY C 311 24.63 -5.76 45.19
N LYS C 312 24.87 -5.38 43.93
CA LYS C 312 25.05 -3.97 43.60
C LYS C 312 23.70 -3.31 43.37
N VAL C 313 22.70 -4.08 42.92
CA VAL C 313 21.37 -3.54 42.70
C VAL C 313 20.63 -3.36 44.02
N VAL C 314 20.70 -4.34 44.91
CA VAL C 314 19.98 -4.24 46.19
C VAL C 314 20.49 -3.05 47.00
N LYS C 315 21.74 -2.66 46.80
CA LYS C 315 22.27 -1.49 47.49
C LYS C 315 21.68 -0.21 46.94
N GLN C 316 21.22 -0.23 45.70
CA GLN C 316 20.56 0.94 45.14
C GLN C 316 19.08 0.90 45.45
N LEU C 317 18.54 -0.31 45.69
CA LEU C 317 17.13 -0.45 46.04
C LEU C 317 16.88 0.01 47.46
N ARG C 318 17.90 -0.09 48.32
CA ARG C 318 17.73 0.35 49.71
C ARG C 318 17.72 1.86 49.85
N LYS C 319 18.10 2.59 48.80
CA LYS C 319 18.09 4.05 48.81
C LYS C 319 16.71 4.63 48.59
N HIS C 320 15.71 3.80 48.29
CA HIS C 320 14.36 4.27 48.02
C HIS C 320 13.29 3.61 48.88
N PHE C 321 13.56 2.44 49.47
CA PHE C 321 12.60 1.71 50.27
C PHE C 321 13.08 1.56 51.71
N GLY C 322 13.90 2.50 52.18
CA GLY C 322 14.42 2.45 53.53
C GLY C 322 15.77 1.78 53.62
N ASN C 323 16.62 2.30 54.49
CA ASN C 323 18.00 1.84 54.60
C ASN C 323 18.09 0.41 55.11
N ASN C 324 17.37 0.11 56.20
CA ASN C 324 17.42 -1.18 56.87
C ASN C 324 16.14 -1.96 56.57
N THR C 325 16.06 -2.50 55.36
CA THR C 325 14.92 -3.30 54.94
C THR C 325 15.40 -4.57 54.26
N ILE C 326 14.49 -5.54 54.15
CA ILE C 326 14.76 -6.84 53.53
C ILE C 326 14.19 -6.83 52.12
N ILE C 327 15.01 -7.19 51.14
CA ILE C 327 14.56 -7.23 49.76
C ILE C 327 14.58 -8.69 49.29
N ARG C 328 13.41 -9.22 48.98
CA ARG C 328 13.28 -10.62 48.57
C ARG C 328 12.94 -10.69 47.09
N PHE C 329 13.59 -11.61 46.38
CA PHE C 329 13.37 -11.84 44.96
C PHE C 329 12.61 -13.15 44.77
N ALA C 330 11.53 -13.09 43.97
CA ALA C 330 10.68 -14.22 43.59
C ALA C 330 10.42 -14.12 42.09
N ASN C 331 10.17 -15.25 41.43
CA ASN C 331 9.93 -15.15 39.99
C ASN C 331 8.47 -14.76 39.74
N SER C 332 8.09 -14.72 38.47
CA SER C 332 6.78 -14.24 38.06
C SER C 332 5.68 -15.05 38.75
N SER C 333 4.54 -14.40 38.95
CA SER C 333 3.40 -15.03 39.62
C SER C 333 2.56 -15.88 38.67
N GLY C 334 2.50 -15.55 37.40
CA GLY C 334 1.75 -16.36 36.46
C GLY C 334 1.25 -15.56 35.28
N GLY C 335 0.62 -16.28 34.35
CA GLY C 335 0.03 -15.70 33.15
C GLY C 335 0.45 -16.41 31.87
N ASP C 336 0.68 -15.65 30.81
CA ASP C 336 1.14 -16.20 29.54
C ASP C 336 2.61 -16.58 29.60
N LEU C 337 3.03 -17.35 28.59
CA LEU C 337 4.41 -17.81 28.51
C LEU C 337 5.37 -16.67 28.22
N GLU C 338 4.90 -15.60 27.56
CA GLU C 338 5.77 -14.50 27.22
C GLU C 338 6.13 -13.63 28.42
N VAL C 339 5.39 -13.73 29.51
CA VAL C 339 5.64 -12.92 30.70
C VAL C 339 6.27 -13.76 31.80
N THR C 340 5.88 -15.03 31.92
CA THR C 340 6.42 -15.87 32.96
C THR C 340 7.82 -16.38 32.62
N THR C 341 8.22 -16.29 31.37
CA THR C 341 9.52 -16.79 30.97
C THR C 341 10.28 -15.67 30.28
N HIS C 342 11.60 -15.82 30.23
CA HIS C 342 12.44 -14.90 29.48
C HIS C 342 12.28 -15.22 28.00
N SER C 343 11.44 -14.43 27.33
CA SER C 343 11.16 -14.59 25.91
C SER C 343 12.21 -13.83 25.11
N PHE C 344 12.79 -14.47 24.11
CA PHE C 344 13.70 -13.77 23.23
C PHE C 344 13.93 -14.57 21.95
N ASN C 345 14.69 -13.97 21.04
CA ASN C 345 15.01 -14.54 19.74
C ASN C 345 16.51 -14.81 19.66
N CYS C 346 16.87 -15.97 19.14
CA CYS C 346 18.28 -16.34 18.93
C CYS C 346 18.43 -17.32 17.79
N GLY C 347 19.02 -16.82 16.70
CA GLY C 347 19.29 -17.64 15.54
C GLY C 347 18.05 -17.90 14.73
N GLY C 348 16.99 -17.18 15.00
CA GLY C 348 15.74 -17.37 14.33
C GLY C 348 14.74 -18.08 15.23
N GLU C 349 15.24 -18.84 16.21
CA GLU C 349 14.34 -19.55 17.11
C GLU C 349 13.89 -18.63 18.25
N PHE C 350 12.71 -18.90 18.78
CA PHE C 350 12.13 -18.11 19.86
C PHE C 350 12.16 -18.90 21.16
N PHE C 351 13.09 -18.53 22.03
CA PHE C 351 13.28 -19.19 23.31
C PHE C 351 12.41 -18.54 24.38
N TYR C 352 12.05 -19.36 25.37
CA TYR C 352 11.28 -18.96 26.55
C TYR C 352 11.94 -19.67 27.73
N CYS C 353 12.81 -18.97 28.44
CA CYS C 353 13.64 -19.58 29.47
C CYS C 353 13.08 -19.40 30.87
N ASN C 354 13.37 -20.39 31.72
CA ASN C 354 12.91 -20.41 33.10
C ASN C 354 13.78 -19.52 33.96
N THR C 355 13.22 -18.42 34.45
CA THR C 355 13.99 -17.45 35.23
C THR C 355 13.64 -17.58 36.71
N SER C 356 13.54 -18.82 37.19
CA SER C 356 13.29 -19.13 38.59
C SER C 356 14.56 -19.36 39.39
N GLY C 357 15.71 -19.42 38.73
CA GLY C 357 16.98 -19.64 39.38
C GLY C 357 17.75 -18.36 39.58
N LEU C 358 17.23 -17.28 39.01
CA LEU C 358 17.84 -15.96 39.11
C LEU C 358 17.13 -15.07 40.12
N PHE C 359 15.81 -15.21 40.25
CA PHE C 359 15.02 -14.36 41.12
C PHE C 359 14.52 -15.15 42.33
N ASN C 360 15.40 -15.91 42.97
CA ASN C 360 15.05 -16.77 44.10
C ASN C 360 16.00 -16.43 45.26
N SER C 361 15.82 -15.25 45.86
CA SER C 361 16.79 -14.84 46.87
C SER C 361 16.13 -14.00 47.95
N THR C 362 16.87 -13.74 49.02
CA THR C 362 16.38 -12.89 50.10
C THR C 362 17.57 -12.17 50.73
N TRP C 363 17.68 -10.86 50.48
CA TRP C 363 18.80 -10.06 50.93
C TRP C 363 18.39 -9.27 52.16
N ILE C 364 19.17 -9.40 53.24
CA ILE C 364 18.92 -8.66 54.46
C ILE C 364 19.65 -7.31 54.37
N SER C 365 19.45 -6.45 55.38
CA SER C 365 20.08 -5.13 55.37
C SER C 365 21.60 -5.22 55.28
N ASN C 366 22.19 -6.26 55.84
CA ASN C 366 23.64 -6.45 55.79
C ASN C 366 24.02 -7.90 55.99
N ASN C 378 31.75 -22.10 42.05
CA ASN C 378 32.23 -21.41 40.86
C ASN C 378 31.84 -22.18 39.59
N ASP C 379 30.64 -21.90 39.09
CA ASP C 379 30.15 -22.55 37.88
C ASP C 379 29.14 -21.64 37.17
N SER C 380 28.11 -22.23 36.58
CA SER C 380 27.10 -21.46 35.86
C SER C 380 25.71 -21.91 36.28
N ILE C 381 24.79 -20.95 36.33
CA ILE C 381 23.39 -21.20 36.65
C ILE C 381 22.67 -21.49 35.34
N THR C 382 22.32 -22.76 35.13
CA THR C 382 21.62 -23.18 33.92
C THR C 382 20.11 -23.00 34.10
N LEU C 383 19.46 -22.52 33.04
CA LEU C 383 18.03 -22.31 33.05
C LEU C 383 17.37 -23.07 31.91
N PRO C 384 16.33 -23.85 32.20
CA PRO C 384 15.58 -24.60 31.18
C PRO C 384 14.84 -23.69 30.21
N CYS C 385 15.17 -23.80 28.93
CA CYS C 385 14.61 -22.95 27.90
C CYS C 385 13.76 -23.78 26.95
N ARG C 386 12.53 -23.33 26.70
CA ARG C 386 11.62 -23.93 25.76
C ARG C 386 11.72 -23.17 24.44
N ILE C 387 11.26 -23.80 23.37
CA ILE C 387 11.34 -23.19 22.04
C ILE C 387 9.97 -23.24 21.38
N LYS C 388 9.51 -22.09 20.88
CA LYS C 388 8.23 -22.02 20.19
C LYS C 388 8.43 -21.46 18.79
N GLN C 389 7.74 -22.05 17.82
CA GLN C 389 7.83 -21.64 16.42
C GLN C 389 6.67 -20.76 15.98
N ILE C 390 5.46 -21.05 16.47
CA ILE C 390 4.28 -20.25 16.18
C ILE C 390 4.12 -19.21 17.28
N ILE C 391 4.36 -17.94 16.96
CA ILE C 391 4.35 -16.87 17.93
C ILE C 391 3.30 -15.83 17.55
N ASN C 392 2.93 -15.03 18.55
CA ASN C 392 2.02 -13.92 18.38
C ASN C 392 2.49 -12.76 19.28
N MET C 393 3.68 -12.25 18.97
CA MET C 393 4.26 -11.21 19.81
C MET C 393 3.49 -9.91 19.66
N TRP C 394 3.78 -8.98 20.58
CA TRP C 394 3.11 -7.68 20.69
C TRP C 394 1.61 -7.84 20.92
N GLN C 395 1.19 -8.99 21.44
CA GLN C 395 -0.23 -9.26 21.73
C GLN C 395 -1.08 -8.99 20.50
N ARG C 396 -0.59 -9.43 19.34
CA ARG C 396 -1.25 -9.21 18.06
C ARG C 396 -2.09 -10.43 17.69
N ILE C 397 -3.34 -10.16 17.31
CA ILE C 397 -4.27 -11.19 16.85
C ILE C 397 -4.61 -10.88 15.40
N GLY C 398 -4.55 -11.90 14.55
CA GLY C 398 -4.73 -11.78 13.11
C GLY C 398 -3.54 -12.27 12.31
N GLN C 399 -2.34 -12.16 12.87
CA GLN C 399 -1.11 -12.55 12.20
C GLN C 399 -0.30 -13.52 13.07
N ALA C 400 -0.26 -14.80 12.72
CA ALA C 400 0.58 -15.75 13.43
C ALA C 400 1.73 -16.13 12.50
N MET C 401 2.95 -16.00 13.00
CA MET C 401 4.16 -16.26 12.20
C MET C 401 4.80 -17.58 12.60
N TYR C 402 5.06 -18.42 11.61
CA TYR C 402 5.73 -19.70 11.82
C TYR C 402 7.23 -19.53 11.58
N ALA C 403 8.01 -19.62 12.64
CA ALA C 403 9.47 -19.51 12.54
C ALA C 403 10.04 -20.77 11.88
N PRO C 404 10.68 -20.66 10.72
CA PRO C 404 11.24 -21.86 10.08
C PRO C 404 12.37 -22.47 10.89
N PRO C 405 12.52 -23.78 10.87
CA PRO C 405 13.60 -24.45 11.62
C PRO C 405 14.97 -23.97 11.16
N ILE C 406 15.94 -24.01 12.07
CA ILE C 406 17.29 -23.56 11.78
C ILE C 406 18.25 -24.74 11.94
N GLN C 407 19.00 -25.01 10.87
CA GLN C 407 19.97 -26.10 10.85
C GLN C 407 21.19 -25.77 11.70
N GLY C 408 21.77 -26.81 12.31
CA GLY C 408 22.95 -26.65 13.12
C GLY C 408 22.66 -26.25 14.55
N VAL C 409 23.61 -26.56 15.43
CA VAL C 409 23.50 -26.16 16.82
C VAL C 409 23.58 -24.63 16.91
N ILE C 410 22.59 -24.03 17.56
CA ILE C 410 22.56 -22.58 17.70
C ILE C 410 23.20 -22.21 19.03
N ARG C 411 24.22 -21.37 18.97
CA ARG C 411 24.89 -20.86 20.16
C ARG C 411 24.90 -19.35 20.10
N CYS C 412 24.57 -18.70 21.21
CA CYS C 412 24.58 -17.25 21.30
C CYS C 412 24.99 -16.78 22.68
N VAL C 413 25.85 -15.76 22.70
CA VAL C 413 26.36 -15.14 23.90
C VAL C 413 25.88 -13.71 23.94
N SER C 414 25.13 -13.34 24.98
CA SER C 414 24.58 -12.00 25.04
C SER C 414 24.93 -11.34 26.36
N ASN C 415 24.60 -10.05 26.44
CA ASN C 415 24.80 -9.24 27.64
C ASN C 415 23.47 -8.97 28.31
N ILE C 416 23.34 -9.37 29.57
CA ILE C 416 22.25 -8.91 30.42
C ILE C 416 22.64 -7.54 30.97
N THR C 417 21.99 -6.50 30.46
CA THR C 417 22.31 -5.12 30.79
C THR C 417 21.20 -4.41 31.55
N GLY C 418 20.16 -5.12 31.96
CA GLY C 418 19.07 -4.48 32.68
C GLY C 418 17.91 -5.43 32.89
N LEU C 419 17.02 -5.00 33.80
CA LEU C 419 15.85 -5.78 34.18
C LEU C 419 14.59 -4.94 34.11
N ILE C 420 13.44 -5.63 34.09
CA ILE C 420 12.12 -5.00 34.17
C ILE C 420 11.43 -5.65 35.37
N LEU C 421 11.42 -4.97 36.51
CA LEU C 421 10.90 -5.54 37.75
C LEU C 421 9.55 -4.94 38.12
N THR C 422 8.81 -5.68 38.95
CA THR C 422 7.54 -5.24 39.50
C THR C 422 7.52 -5.54 40.99
N ARG C 423 6.91 -4.65 41.77
CA ARG C 423 6.88 -4.77 43.22
C ARG C 423 5.50 -5.21 43.71
N ASP C 424 5.48 -6.05 44.73
CA ASP C 424 4.22 -6.54 45.28
C ASP C 424 3.58 -5.48 46.18
N GLY C 425 2.24 -5.47 46.18
CA GLY C 425 1.47 -4.40 46.78
C GLY C 425 0.74 -4.84 48.04
N GLY C 426 -0.10 -3.94 48.53
CA GLY C 426 -0.82 -4.19 49.77
C GLY C 426 0.06 -4.65 50.91
N ALA C 427 1.22 -4.03 51.07
CA ALA C 427 2.15 -4.39 52.14
C ALA C 427 1.65 -3.93 53.50
N ASN C 428 1.65 -2.61 53.71
CA ASN C 428 1.37 -1.98 54.99
C ASN C 428 2.28 -2.48 56.10
N ASN C 429 1.87 -3.55 56.76
CA ASN C 429 2.72 -4.30 57.67
C ASN C 429 4.00 -4.77 56.96
N THR C 430 5.06 -5.02 57.75
CA THR C 430 6.37 -5.45 57.26
C THR C 430 7.23 -4.44 56.49
N SER C 431 8.52 -4.55 56.75
CA SER C 431 9.62 -3.78 56.18
C SER C 431 10.27 -4.49 54.98
N THR C 432 9.97 -5.76 54.71
CA THR C 432 10.46 -6.30 53.45
C THR C 432 9.63 -5.95 52.19
N GLU C 433 10.31 -5.97 51.04
CA GLU C 433 9.73 -5.74 49.72
C GLU C 433 10.15 -6.83 48.74
N THR C 434 9.18 -7.37 48.01
CA THR C 434 9.39 -8.49 47.10
C THR C 434 9.27 -8.01 45.66
N PHE C 435 10.22 -8.40 44.82
CA PHE C 435 10.26 -7.99 43.42
C PHE C 435 10.20 -9.21 42.51
N ARG C 436 9.42 -9.11 41.45
CA ARG C 436 9.22 -10.20 40.50
C ARG C 436 9.46 -9.72 39.07
N PRO C 437 9.92 -10.61 38.19
CA PRO C 437 10.12 -10.22 36.79
C PRO C 437 8.81 -9.93 36.07
N GLY C 438 8.82 -8.89 35.25
CA GLY C 438 7.64 -8.52 34.50
C GLY C 438 7.94 -8.24 33.04
N GLY C 439 7.04 -7.53 32.37
CA GLY C 439 7.23 -7.19 30.98
C GLY C 439 5.92 -6.94 30.26
N GLY C 440 5.63 -7.72 29.22
CA GLY C 440 4.42 -7.54 28.46
C GLY C 440 4.49 -6.40 27.47
N ASP C 441 4.40 -5.17 27.98
CA ASP C 441 4.47 -3.97 27.15
C ASP C 441 5.88 -3.83 26.60
N MET C 442 6.02 -3.96 25.28
CA MET C 442 7.33 -3.89 24.66
C MET C 442 7.84 -2.45 24.57
N ARG C 443 7.01 -1.47 24.94
CA ARG C 443 7.44 -0.08 24.92
C ARG C 443 8.49 0.16 25.99
N ASP C 444 8.43 -0.60 27.08
CA ASP C 444 9.42 -0.48 28.14
C ASP C 444 10.80 -0.87 27.63
N ASN C 445 10.86 -1.80 26.67
CA ASN C 445 12.14 -2.19 26.08
C ASN C 445 12.77 -1.03 25.33
N TRP C 446 11.95 -0.13 24.78
CA TRP C 446 12.46 1.04 24.08
C TRP C 446 12.74 2.19 25.03
N ARG C 447 11.99 2.26 26.15
CA ARG C 447 12.21 3.32 27.12
C ARG C 447 13.57 3.20 27.81
N SER C 448 14.21 2.03 27.76
CA SER C 448 15.51 1.84 28.39
C SER C 448 16.65 2.42 27.59
N GLU C 449 16.37 2.90 26.38
CA GLU C 449 17.38 3.49 25.50
C GLU C 449 17.04 4.89 25.06
N LEU C 450 15.78 5.30 25.14
CA LEU C 450 15.34 6.63 24.71
C LEU C 450 15.11 7.56 25.88
N TYR C 451 15.65 7.22 27.06
CA TYR C 451 15.45 8.05 28.25
C TYR C 451 16.29 9.32 28.19
N LYS C 452 17.38 9.31 27.41
CA LYS C 452 18.31 10.42 27.33
C LYS C 452 18.13 11.24 26.07
N TYR C 453 16.99 11.10 25.38
CA TYR C 453 16.73 11.83 24.15
C TYR C 453 15.33 12.42 24.18
N LYS C 454 15.18 13.58 23.55
CA LYS C 454 13.86 14.16 23.38
C LYS C 454 13.86 15.10 22.18
N VAL C 455 12.70 15.23 21.54
CA VAL C 455 12.54 15.97 20.29
C VAL C 455 12.07 17.39 20.59
N VAL C 456 12.73 18.38 19.99
CA VAL C 456 12.33 19.77 20.10
C VAL C 456 12.26 20.40 18.72
N LYS C 457 11.37 21.39 18.58
CA LYS C 457 11.18 22.13 17.34
C LYS C 457 11.78 23.51 17.49
N ILE C 458 12.43 23.99 16.43
CA ILE C 458 13.12 25.28 16.43
C ILE C 458 12.21 26.39 15.94
N GLU C 459 12.10 27.46 16.72
CA GLU C 459 11.36 28.66 16.34
C GLU C 459 12.34 29.83 16.27
N PRO C 460 13.00 30.02 15.13
CA PRO C 460 14.07 31.02 15.01
C PRO C 460 13.61 32.47 14.99
N LEU C 461 12.31 32.73 14.94
CA LEU C 461 11.78 34.09 14.88
C LEU C 461 11.58 34.66 16.28
N GLY C 462 12.43 35.61 16.67
CA GLY C 462 12.33 36.28 17.96
C GLY C 462 12.47 37.78 17.87
N VAL C 463 11.49 38.51 18.39
CA VAL C 463 11.49 39.97 18.35
C VAL C 463 12.07 40.51 19.65
N ALA C 464 12.76 41.65 19.55
CA ALA C 464 13.35 42.22 20.75
C ALA C 464 13.62 43.71 20.60
N PRO C 465 13.42 44.50 21.66
CA PRO C 465 13.56 45.96 21.56
C PRO C 465 14.99 46.46 21.67
N THR C 466 15.29 47.48 20.86
CA THR C 466 16.59 48.14 20.87
C THR C 466 16.42 49.50 20.21
N ARG C 467 17.38 50.39 20.46
CA ARG C 467 17.28 51.76 19.94
C ARG C 467 17.61 51.88 18.46
N CYS C 468 16.94 51.10 17.62
CA CYS C 468 17.18 51.09 16.17
C CYS C 468 15.88 51.28 15.40
N LYS C 469 15.93 52.17 14.42
CA LYS C 469 14.83 52.46 13.50
C LYS C 469 15.43 53.03 12.22
N ARG C 470 14.58 53.60 11.36
CA ARG C 470 14.95 54.44 10.24
C ARG C 470 14.57 55.88 10.55
N ARG C 471 14.44 56.70 9.50
CA ARG C 471 14.05 58.09 9.65
C ARG C 471 12.68 58.22 10.30
N VAL D 2 -17.32 1.48 29.41
CA VAL D 2 -16.59 0.49 30.19
C VAL D 2 -17.54 -0.17 31.19
N ARG D 3 -17.66 -1.49 31.11
CA ARG D 3 -18.56 -2.25 31.97
C ARG D 3 -17.87 -3.52 32.43
N LEU D 4 -17.86 -3.74 33.75
CA LEU D 4 -17.31 -4.94 34.36
C LEU D 4 -18.47 -5.80 34.84
N SER D 5 -18.63 -6.98 34.22
CA SER D 5 -19.74 -7.87 34.54
C SER D 5 -19.20 -9.04 35.37
N GLN D 6 -19.60 -9.10 36.64
CA GLN D 6 -19.13 -10.11 37.57
C GLN D 6 -20.14 -11.24 37.73
N SER D 7 -19.62 -12.43 38.04
CA SER D 7 -20.48 -13.55 38.41
C SER D 7 -21.01 -13.35 39.83
N GLY D 8 -22.15 -13.98 40.11
CA GLY D 8 -22.80 -13.82 41.40
C GLY D 8 -22.03 -14.29 42.61
N GLY D 9 -22.58 -14.05 43.80
CA GLY D 9 -21.94 -14.47 45.04
C GLY D 9 -22.20 -15.93 45.36
N GLN D 10 -21.52 -16.41 46.41
CA GLN D 10 -21.66 -17.82 46.77
C GLN D 10 -21.30 -18.05 48.23
N MET D 11 -21.77 -19.20 48.72
CA MET D 11 -21.51 -19.66 50.08
C MET D 11 -20.59 -20.87 49.99
N LYS D 12 -19.43 -20.77 50.61
CA LYS D 12 -18.43 -21.83 50.62
C LYS D 12 -18.24 -22.35 52.04
N LYS D 13 -17.64 -23.51 52.14
CA LYS D 13 -17.27 -24.08 53.43
C LYS D 13 -15.80 -23.87 53.70
N PRO D 14 -15.38 -23.88 54.97
CA PRO D 14 -13.95 -23.74 55.27
C PRO D 14 -13.14 -24.88 54.67
N GLY D 15 -11.99 -24.53 54.10
CA GLY D 15 -11.11 -25.49 53.47
C GLY D 15 -11.26 -25.55 51.97
N GLU D 16 -12.43 -25.18 51.45
CA GLU D 16 -12.71 -25.23 50.02
C GLU D 16 -11.98 -24.10 49.31
N SER D 17 -12.20 -24.02 47.99
CA SER D 17 -11.66 -22.96 47.16
C SER D 17 -12.81 -22.30 46.40
N MET D 18 -12.59 -21.05 46.00
CA MET D 18 -13.58 -20.27 45.27
C MET D 18 -12.97 -19.70 44.01
N ARG D 19 -13.81 -19.48 43.00
CA ARG D 19 -13.38 -18.91 41.73
C ARG D 19 -14.40 -17.87 41.28
N LEU D 20 -13.90 -16.71 40.87
CA LEU D 20 -14.73 -15.62 40.39
C LEU D 20 -14.25 -15.15 39.02
N SER D 21 -15.20 -14.64 38.23
CA SER D 21 -14.92 -14.11 36.90
C SER D 21 -15.41 -12.67 36.80
N CYS D 22 -14.82 -11.94 35.86
CA CYS D 22 -15.16 -10.54 35.64
C CYS D 22 -14.88 -10.20 34.18
N ARG D 23 -15.92 -10.06 33.38
CA ARG D 23 -15.80 -9.78 31.96
C ARG D 23 -15.84 -8.27 31.72
N ALA D 24 -14.75 -7.75 31.15
CA ALA D 24 -14.65 -6.33 30.85
C ALA D 24 -15.15 -6.05 29.44
N SER D 25 -15.73 -4.87 29.24
CA SER D 25 -16.22 -4.49 27.92
C SER D 25 -16.16 -2.98 27.78
N GLY D 26 -16.11 -2.53 26.53
CA GLY D 26 -16.11 -1.12 26.22
C GLY D 26 -14.75 -0.49 26.04
N TYR D 27 -13.67 -1.25 26.18
CA TYR D 27 -12.32 -0.71 26.02
C TYR D 27 -11.38 -1.85 25.65
N GLU D 28 -10.15 -1.47 25.29
CA GLU D 28 -9.13 -2.45 24.96
C GLU D 28 -8.60 -3.11 26.22
N PHE D 29 -8.92 -4.40 26.38
CA PHE D 29 -8.57 -5.14 27.59
C PHE D 29 -7.09 -5.10 27.91
N LEU D 30 -6.23 -5.06 26.90
CA LEU D 30 -4.79 -5.13 27.10
C LEU D 30 -4.19 -3.82 27.59
N ASN D 31 -4.94 -2.72 27.58
CA ASN D 31 -4.36 -1.41 27.86
C ASN D 31 -3.90 -1.27 29.30
N CYS D 32 -4.66 -1.79 30.27
CA CYS D 32 -4.36 -1.50 31.66
C CYS D 32 -4.80 -2.65 32.56
N PRO D 33 -4.20 -2.76 33.74
CA PRO D 33 -4.48 -3.89 34.64
C PRO D 33 -5.87 -3.83 35.27
N ILE D 34 -6.38 -5.01 35.58
CA ILE D 34 -7.60 -5.20 36.35
C ILE D 34 -7.18 -5.53 37.78
N ASN D 35 -7.90 -4.99 38.76
CA ASN D 35 -7.58 -5.23 40.16
C ASN D 35 -8.70 -6.01 40.83
N TRP D 36 -8.35 -6.71 41.92
CA TRP D 36 -9.31 -7.43 42.73
C TRP D 36 -9.20 -6.94 44.17
N ILE D 37 -10.30 -6.41 44.70
CA ILE D 37 -10.33 -5.86 46.06
C ILE D 37 -11.50 -6.45 46.82
N ARG D 38 -11.25 -6.87 48.06
CA ARG D 38 -12.27 -7.44 48.92
C ARG D 38 -12.68 -6.41 49.97
N LEU D 39 -13.98 -6.30 50.21
CA LEU D 39 -14.54 -5.41 51.23
C LEU D 39 -15.35 -6.22 52.21
N ALA D 40 -14.88 -6.28 53.46
CA ALA D 40 -15.61 -6.92 54.55
C ALA D 40 -16.34 -5.87 55.39
N PRO D 41 -17.57 -6.14 55.80
CA PRO D 41 -18.32 -5.17 56.60
C PRO D 41 -17.56 -4.74 57.84
N GLY D 42 -17.45 -3.42 58.03
CA GLY D 42 -16.72 -2.88 59.16
C GLY D 42 -15.26 -3.27 59.20
N ARG D 43 -14.63 -3.41 58.04
CA ARG D 43 -13.23 -3.80 57.93
C ARG D 43 -12.57 -3.02 56.82
N ARG D 44 -11.31 -2.70 57.02
CA ARG D 44 -10.52 -1.99 56.01
C ARG D 44 -10.47 -2.76 54.69
N PRO D 45 -10.88 -2.15 53.58
CA PRO D 45 -10.81 -2.84 52.28
C PRO D 45 -9.42 -3.35 51.99
N GLU D 46 -9.33 -4.57 51.47
CA GLU D 46 -8.06 -5.22 51.21
C GLU D 46 -7.89 -5.41 49.71
N TRP D 47 -6.84 -4.81 49.15
CA TRP D 47 -6.44 -5.02 47.76
C TRP D 47 -5.69 -6.33 47.64
N MET D 48 -6.21 -7.25 46.82
CA MET D 48 -5.65 -8.58 46.67
C MET D 48 -4.57 -8.66 45.60
N GLY D 49 -4.79 -8.05 44.44
CA GLY D 49 -3.76 -8.04 43.42
C GLY D 49 -4.26 -7.40 42.14
N TRP D 50 -3.32 -7.23 41.20
CA TRP D 50 -3.65 -6.76 39.87
C TRP D 50 -3.09 -7.69 38.81
N LEU D 51 -3.70 -7.62 37.62
CA LEU D 51 -3.29 -8.39 36.45
C LEU D 51 -3.24 -7.49 35.23
N LYS D 52 -2.13 -7.56 34.49
CA LYS D 52 -2.03 -6.90 33.21
C LYS D 52 -2.43 -7.92 32.14
N PRO D 53 -3.60 -7.75 31.49
CA PRO D 53 -4.04 -8.68 30.45
C PRO D 53 -3.05 -8.90 29.31
N ARG D 54 -2.18 -7.93 29.09
CA ARG D 54 -1.11 -8.09 28.11
C ARG D 54 -0.05 -9.01 28.68
N GLY D 55 -0.07 -10.27 28.23
CA GLY D 55 0.83 -11.26 28.76
C GLY D 55 0.34 -11.94 30.02
N GLY D 56 -0.71 -11.43 30.65
CA GLY D 56 -1.23 -12.03 31.84
C GLY D 56 -0.41 -11.79 33.08
N ALA D 57 0.40 -10.73 33.09
CA ALA D 57 1.25 -10.45 34.24
C ALA D 57 0.40 -10.25 35.49
N VAL D 58 0.92 -10.65 36.65
CA VAL D 58 0.13 -10.56 37.87
C VAL D 58 1.00 -10.10 39.04
N ASN D 59 0.32 -9.59 40.05
CA ASN D 59 0.95 -9.10 41.27
C ASN D 59 -0.01 -9.33 42.43
N TYR D 60 0.41 -10.14 43.40
CA TYR D 60 -0.43 -10.55 44.52
C TYR D 60 0.01 -9.84 45.79
N ALA D 61 -0.96 -9.48 46.63
CA ALA D 61 -0.66 -9.01 47.98
C ALA D 61 0.00 -10.10 48.80
N ARG D 62 0.89 -9.68 49.72
CA ARG D 62 1.59 -10.60 50.61
C ARG D 62 0.64 -11.60 51.26
N LYS D 63 -0.46 -11.09 51.81
CA LYS D 63 -1.38 -11.91 52.59
C LYS D 63 -1.88 -13.11 51.79
N PHE D 64 -1.95 -12.98 50.46
CA PHE D 64 -2.60 -13.96 49.61
C PHE D 64 -1.62 -14.80 48.80
N GLN D 65 -0.32 -14.46 48.81
CA GLN D 65 0.66 -15.19 48.02
C GLN D 65 0.65 -16.67 48.39
N GLY D 66 0.42 -17.53 47.41
CA GLY D 66 0.34 -18.96 47.61
C GLY D 66 -1.07 -19.50 47.67
N ARG D 67 -2.06 -18.61 47.83
CA ARG D 67 -3.46 -18.98 47.94
C ARG D 67 -4.28 -18.53 46.73
N VAL D 68 -3.91 -17.40 46.12
CA VAL D 68 -4.68 -16.78 45.06
C VAL D 68 -3.98 -17.03 43.72
N THR D 69 -4.79 -17.21 42.68
CA THR D 69 -4.29 -17.41 41.32
C THR D 69 -5.17 -16.59 40.39
N MET D 70 -4.56 -15.63 39.70
CA MET D 70 -5.27 -14.76 38.76
C MET D 70 -4.83 -15.05 37.33
N THR D 71 -5.79 -15.31 36.45
CA THR D 71 -5.55 -15.55 35.04
C THR D 71 -6.56 -14.74 34.23
N ARG D 72 -6.48 -14.83 32.90
CA ARG D 72 -7.49 -14.16 32.09
C ARG D 72 -7.56 -14.83 30.72
N ASP D 73 -8.69 -14.60 30.05
CA ASP D 73 -8.94 -15.05 28.70
C ASP D 73 -9.09 -13.83 27.81
N VAL D 74 -8.01 -13.51 27.08
CA VAL D 74 -7.95 -12.33 26.23
C VAL D 74 -9.02 -12.39 25.13
N TYR D 75 -9.39 -13.59 24.70
CA TYR D 75 -10.35 -13.70 23.61
C TYR D 75 -11.74 -13.30 24.08
N SER D 76 -12.11 -13.67 25.30
CA SER D 76 -13.39 -13.32 25.86
C SER D 76 -13.29 -12.16 26.83
N ASP D 77 -12.09 -11.59 26.96
CA ASP D 77 -11.83 -10.43 27.81
C ASP D 77 -12.22 -10.68 29.26
N THR D 78 -12.13 -11.92 29.71
CA THR D 78 -12.65 -12.29 31.03
C THR D 78 -11.50 -12.55 31.99
N ALA D 79 -11.53 -11.92 33.17
CA ALA D 79 -10.51 -12.14 34.18
C ALA D 79 -11.02 -13.15 35.19
N PHE D 80 -10.16 -14.10 35.57
CA PHE D 80 -10.50 -15.14 36.52
C PHE D 80 -9.59 -15.03 37.75
N LEU D 81 -10.17 -15.38 38.89
CA LEU D 81 -9.44 -15.42 40.16
C LEU D 81 -9.86 -16.67 40.91
N GLU D 82 -8.90 -17.27 41.61
CA GLU D 82 -9.15 -18.41 42.49
C GLU D 82 -8.49 -18.15 43.83
N LEU D 83 -9.20 -18.52 44.90
CA LEU D 83 -8.71 -18.39 46.27
C LEU D 83 -8.90 -19.70 47.00
N ARG D 84 -7.79 -20.26 47.50
CA ARG D 84 -7.77 -21.57 48.15
C ARG D 84 -7.70 -21.42 49.66
N SER D 85 -7.97 -22.52 50.35
CA SER D 85 -7.92 -22.61 51.81
C SER D 85 -8.75 -21.50 52.47
N LEU D 86 -10.03 -21.47 52.11
CA LEU D 86 -10.93 -20.44 52.61
C LEU D 86 -11.17 -20.59 54.10
N THR D 87 -11.06 -19.49 54.83
CA THR D 87 -11.41 -19.43 56.24
C THR D 87 -12.39 -18.29 56.46
N SER D 88 -13.09 -18.35 57.59
CA SER D 88 -14.08 -17.33 58.00
C SER D 88 -13.61 -15.91 57.75
N ASP D 89 -12.30 -15.66 57.82
CA ASP D 89 -11.77 -14.33 57.54
C ASP D 89 -12.00 -13.90 56.10
N ASP D 90 -12.27 -14.83 55.20
CA ASP D 90 -12.44 -14.53 53.78
C ASP D 90 -13.85 -14.08 53.42
N THR D 91 -14.81 -14.18 54.34
CA THR D 91 -16.16 -13.67 54.07
C THR D 91 -16.12 -12.18 53.78
N ALA D 92 -16.60 -11.80 52.60
CA ALA D 92 -16.51 -10.41 52.13
C ALA D 92 -17.15 -10.32 50.75
N VAL D 93 -17.30 -9.10 50.26
CA VAL D 93 -17.77 -8.84 48.90
C VAL D 93 -16.57 -8.53 48.04
N TYR D 94 -16.38 -9.31 46.98
CA TYR D 94 -15.19 -9.23 46.14
C TYR D 94 -15.52 -8.45 44.86
N PHE D 95 -14.71 -7.45 44.56
CA PHE D 95 -14.90 -6.58 43.40
C PHE D 95 -13.72 -6.69 42.45
N CYS D 96 -14.00 -6.51 41.16
CA CYS D 96 -12.99 -6.27 40.13
C CYS D 96 -13.09 -4.79 39.75
N THR D 97 -11.94 -4.13 39.64
CA THR D 97 -11.89 -2.70 39.42
C THR D 97 -10.93 -2.35 38.29
N ARG D 98 -11.21 -1.22 37.65
CA ARG D 98 -10.35 -0.66 36.61
C ARG D 98 -10.18 0.84 36.86
N GLY D 99 -8.95 1.30 36.72
CA GLY D 99 -8.63 2.71 36.89
C GLY D 99 -9.32 3.61 35.87
N LYS D 100 -9.28 4.91 36.16
CA LYS D 100 -9.91 5.90 35.28
C LYS D 100 -9.05 6.17 34.06
N TYR D 101 -7.76 6.46 34.26
CA TYR D 101 -6.87 6.78 33.16
C TYR D 101 -6.34 5.49 32.56
N CYS D 102 -6.75 5.21 31.33
CA CYS D 102 -6.39 3.96 30.66
C CYS D 102 -6.42 4.15 29.14
N THR D 103 -5.31 4.66 28.61
CA THR D 103 -5.10 4.86 27.19
C THR D 103 -4.03 3.88 26.68
N ALA D 104 -3.69 4.02 25.41
CA ALA D 104 -2.63 3.20 24.82
C ALA D 104 -1.25 3.61 25.31
N ARG D 105 -1.02 4.92 25.43
CA ARG D 105 0.28 5.42 25.90
C ARG D 105 0.61 4.93 27.29
N ASP D 106 -0.25 5.22 28.27
CA ASP D 106 0.00 4.81 29.64
C ASP D 106 -1.33 4.73 30.38
N TYR D 107 -1.26 4.60 31.70
CA TYR D 107 -2.44 4.43 32.53
C TYR D 107 -2.13 4.91 33.94
N TYR D 108 -3.12 4.81 34.81
CA TYR D 108 -2.92 4.95 36.26
C TYR D 108 -3.88 3.98 36.93
N ASN D 109 -3.33 2.89 37.47
CA ASN D 109 -4.14 1.77 37.93
C ASN D 109 -5.08 2.16 39.07
N TRP D 110 -4.61 2.97 40.02
CA TRP D 110 -5.25 3.06 41.33
C TRP D 110 -6.37 4.07 41.44
N ASP D 111 -6.75 4.75 40.36
CA ASP D 111 -7.94 5.60 40.39
C ASP D 111 -9.12 4.78 39.87
N PHE D 112 -9.69 3.96 40.76
CA PHE D 112 -10.68 2.97 40.37
C PHE D 112 -12.00 3.63 39.97
N GLU D 113 -12.14 3.98 38.69
CA GLU D 113 -13.37 4.58 38.23
C GLU D 113 -14.43 3.55 37.83
N HIS D 114 -14.03 2.31 37.54
CA HIS D 114 -14.97 1.30 37.07
C HIS D 114 -14.96 0.12 38.01
N TRP D 115 -16.15 -0.27 38.48
CA TRP D 115 -16.30 -1.34 39.45
C TRP D 115 -17.36 -2.32 38.96
N GLY D 116 -17.12 -3.60 39.22
CA GLY D 116 -18.13 -4.60 39.02
C GLY D 116 -19.23 -4.51 40.05
N ARG D 117 -20.29 -5.28 39.83
CA ARG D 117 -21.41 -5.28 40.77
C ARG D 117 -21.04 -5.91 42.10
N GLY D 118 -19.97 -6.70 42.12
CA GLY D 118 -19.51 -7.32 43.36
C GLY D 118 -20.08 -8.71 43.55
N ALA D 119 -19.32 -9.54 44.24
CA ALA D 119 -19.74 -10.91 44.53
C ALA D 119 -19.65 -11.20 46.02
N PRO D 120 -20.79 -11.34 46.70
CA PRO D 120 -20.80 -11.63 48.14
C PRO D 120 -20.43 -13.09 48.37
N VAL D 121 -19.30 -13.33 49.04
CA VAL D 121 -18.84 -14.67 49.32
C VAL D 121 -18.81 -14.84 50.83
N THR D 122 -19.60 -15.78 51.32
CA THR D 122 -19.62 -16.13 52.75
C THR D 122 -19.05 -17.53 52.95
N VAL D 123 -18.08 -17.63 53.85
CA VAL D 123 -17.44 -18.90 54.19
C VAL D 123 -17.70 -19.19 55.67
N SER D 124 -18.45 -20.24 55.94
CA SER D 124 -18.76 -20.62 57.32
C SER D 124 -19.08 -22.11 57.42
N VAL D 143 0.26 4.84 57.59
CA VAL D 143 -0.96 4.27 57.00
C VAL D 143 -1.90 5.41 56.61
N LEU D 144 -3.18 5.08 56.44
CA LEU D 144 -4.22 6.05 56.13
C LEU D 144 -5.22 6.08 57.28
N THR D 145 -5.24 7.18 58.03
CA THR D 145 -6.15 7.33 59.15
C THR D 145 -7.30 8.27 58.76
N GLN D 146 -8.50 7.71 58.63
CA GLN D 146 -9.67 8.44 58.15
C GLN D 146 -10.60 8.76 59.31
N SER D 147 -11.07 10.00 59.39
CA SER D 147 -11.94 10.42 60.47
C SER D 147 -12.93 11.46 59.95
N PRO D 148 -14.13 11.56 60.57
CA PRO D 148 -14.64 10.75 61.68
C PRO D 148 -15.21 9.40 61.25
N ALA D 149 -15.47 8.52 62.22
CA ALA D 149 -16.08 7.23 61.92
C ALA D 149 -17.47 7.40 61.33
N THR D 150 -18.31 8.21 61.97
CA THR D 150 -19.68 8.45 61.53
C THR D 150 -19.94 9.95 61.42
N LEU D 151 -21.00 10.29 60.70
CA LEU D 151 -21.33 11.70 60.46
C LEU D 151 -22.84 11.82 60.20
N SER D 152 -23.57 12.31 61.19
CA SER D 152 -25.01 12.49 61.08
C SER D 152 -25.29 13.96 60.76
N LEU D 153 -25.73 14.23 59.53
CA LEU D 153 -25.96 15.59 59.08
C LEU D 153 -27.29 15.67 58.35
N SER D 154 -27.86 16.91 58.30
CA SER D 154 -29.11 17.23 57.64
C SER D 154 -28.87 17.66 56.19
N PRO D 155 -29.85 17.46 55.31
CA PRO D 155 -29.74 17.97 53.94
C PRO D 155 -29.52 19.47 53.92
N GLY D 156 -28.51 19.91 53.16
CA GLY D 156 -28.13 21.30 53.06
C GLY D 156 -26.81 21.63 53.72
N GLU D 157 -26.45 20.90 54.79
CA GLU D 157 -25.20 21.14 55.49
C GLU D 157 -24.02 20.70 54.63
N THR D 158 -22.82 20.87 55.17
CA THR D 158 -21.58 20.50 54.49
C THR D 158 -20.85 19.45 55.31
N ALA D 159 -20.44 18.36 54.67
CA ALA D 159 -19.69 17.30 55.32
C ALA D 159 -18.20 17.45 55.00
N ILE D 160 -17.37 17.43 56.03
CA ILE D 160 -15.92 17.52 55.88
C ILE D 160 -15.30 16.24 56.41
N ILE D 161 -14.86 15.36 55.51
CA ILE D 161 -14.20 14.11 55.85
C ILE D 161 -12.70 14.31 55.73
N SER D 162 -11.93 13.76 56.67
CA SER D 162 -10.49 13.95 56.69
C SER D 162 -9.78 12.61 56.61
N CYS D 163 -8.59 12.65 56.01
CA CYS D 163 -7.75 11.45 55.86
C CYS D 163 -6.29 11.89 55.96
N ARG D 164 -5.58 11.30 56.93
CA ARG D 164 -4.18 11.60 57.18
C ARG D 164 -3.32 10.49 56.58
N THR D 165 -2.33 10.89 55.78
CA THR D 165 -1.40 10.00 55.10
C THR D 165 -0.03 10.07 55.80
N SER D 166 0.92 9.30 55.25
CA SER D 166 2.29 9.30 55.77
C SER D 166 3.28 9.11 54.63
N GLN D 167 2.76 8.85 53.43
CA GLN D 167 3.57 8.53 52.26
C GLN D 167 3.39 9.52 51.12
N SER D 168 2.20 10.09 50.94
CA SER D 168 1.86 11.04 49.89
C SER D 168 1.87 10.39 48.51
N GLY D 169 1.14 11.00 47.58
CA GLY D 169 0.90 10.41 46.27
C GLY D 169 -0.59 10.45 45.98
N SER D 170 -0.93 10.64 44.70
CA SER D 170 -2.28 10.77 44.18
C SER D 170 -3.34 10.08 45.03
N LEU D 171 -4.10 10.85 45.80
CA LEU D 171 -5.11 10.33 46.71
C LEU D 171 -6.48 10.43 46.08
N ALA D 172 -7.33 9.45 46.38
CA ALA D 172 -8.66 9.39 45.78
C ALA D 172 -9.72 9.29 46.87
N TRP D 173 -10.93 9.71 46.52
CA TRP D 173 -12.11 9.61 47.36
C TRP D 173 -13.21 8.87 46.61
N TYR D 174 -13.79 7.87 47.27
CA TYR D 174 -14.87 7.05 46.71
C TYR D 174 -16.12 7.16 47.57
N GLN D 175 -17.27 7.01 46.91
CA GLN D 175 -18.58 6.97 47.57
C GLN D 175 -19.26 5.64 47.30
N GLN D 176 -19.76 5.00 48.35
CA GLN D 176 -20.50 3.75 48.26
C GLN D 176 -21.92 4.00 48.78
N ARG D 177 -22.91 3.81 47.91
CA ARG D 177 -24.30 3.93 48.33
C ARG D 177 -24.82 2.59 48.85
N PRO D 178 -25.73 2.62 49.83
CA PRO D 178 -26.24 1.36 50.41
C PRO D 178 -26.72 0.37 49.35
N GLY D 179 -25.94 -0.68 49.13
CA GLY D 179 -26.31 -1.73 48.20
C GLY D 179 -25.84 -1.53 46.79
N GLN D 180 -24.94 -0.58 46.54
CA GLN D 180 -24.42 -0.31 45.21
C GLN D 180 -22.90 -0.39 45.22
N ALA D 181 -22.34 -0.53 44.04
CA ALA D 181 -20.88 -0.55 43.89
C ALA D 181 -20.30 0.84 44.11
N PRO D 182 -19.16 0.95 44.80
CA PRO D 182 -18.51 2.25 44.98
C PRO D 182 -18.26 2.96 43.65
N ARG D 183 -18.37 4.28 43.68
CA ARG D 183 -18.13 5.11 42.51
C ARG D 183 -17.00 6.10 42.80
N LEU D 184 -16.04 6.19 41.87
CA LEU D 184 -14.97 7.17 42.01
C LEU D 184 -15.54 8.58 42.05
N VAL D 185 -15.18 9.33 43.09
CA VAL D 185 -15.68 10.68 43.30
C VAL D 185 -14.59 11.73 43.02
N ILE D 186 -13.38 11.51 43.55
CA ILE D 186 -12.30 12.47 43.39
C ILE D 186 -10.99 11.70 43.22
N TYR D 187 -10.07 12.26 42.43
CA TYR D 187 -8.73 11.73 42.34
C TYR D 187 -7.73 12.88 42.35
N SER D 188 -6.47 12.55 42.62
CA SER D 188 -5.37 13.51 42.76
C SER D 188 -5.62 14.49 43.91
N GLY D 189 -6.54 14.14 44.82
CA GLY D 189 -6.83 14.94 45.98
C GLY D 189 -7.69 16.16 45.73
N SER D 190 -7.74 16.67 44.50
CA SER D 190 -8.44 17.91 44.21
C SER D 190 -9.17 17.91 42.88
N THR D 191 -9.12 16.83 42.10
CA THR D 191 -9.71 16.79 40.76
C THR D 191 -10.96 15.94 40.77
N ARG D 192 -12.07 16.52 40.32
CA ARG D 192 -13.34 15.83 40.25
C ARG D 192 -13.37 14.87 39.06
N ALA D 193 -14.14 13.79 39.21
CA ALA D 193 -14.32 12.83 38.14
C ALA D 193 -15.50 13.22 37.27
N ALA D 194 -15.80 12.40 36.27
CA ALA D 194 -16.90 12.69 35.36
C ALA D 194 -18.23 12.57 36.09
N GLY D 195 -19.08 13.57 35.92
CA GLY D 195 -20.39 13.57 36.54
C GLY D 195 -20.42 14.08 37.96
N ILE D 196 -19.27 14.41 38.53
CA ILE D 196 -19.18 14.94 39.89
C ILE D 196 -19.42 16.45 39.87
N PRO D 197 -20.45 16.94 40.56
CA PRO D 197 -20.75 18.37 40.54
C PRO D 197 -19.79 19.16 41.42
N ASP D 198 -19.85 20.48 41.28
CA ASP D 198 -18.98 21.39 42.02
C ASP D 198 -19.13 21.23 43.53
N ARG D 199 -20.27 20.72 44.00
CA ARG D 199 -20.52 20.57 45.43
C ARG D 199 -19.44 19.75 46.12
N PHE D 200 -18.85 18.78 45.41
CA PHE D 200 -17.74 18.00 45.91
C PHE D 200 -16.42 18.73 45.62
N SER D 201 -15.59 18.87 46.65
CA SER D 201 -14.32 19.56 46.49
C SER D 201 -13.28 18.94 47.41
N GLY D 202 -12.03 18.94 46.96
CA GLY D 202 -10.94 18.38 47.73
C GLY D 202 -9.90 19.44 48.08
N SER D 203 -9.23 19.24 49.21
CA SER D 203 -8.19 20.14 49.68
C SER D 203 -7.11 19.33 50.38
N ARG D 204 -5.96 19.97 50.57
CA ARG D 204 -4.79 19.30 51.11
C ARG D 204 -3.95 20.28 51.91
N TRP D 205 -3.41 19.81 53.04
CA TRP D 205 -2.48 20.60 53.84
C TRP D 205 -1.48 19.64 54.47
N GLY D 206 -0.25 19.64 53.95
CA GLY D 206 0.74 18.69 54.43
C GLY D 206 0.28 17.28 54.15
N ALA D 207 0.23 16.47 55.21
CA ALA D 207 -0.23 15.09 55.09
C ALA D 207 -1.75 14.98 55.15
N ASP D 208 -2.45 16.05 55.52
CA ASP D 208 -3.88 16.02 55.72
C ASP D 208 -4.63 16.23 54.41
N TYR D 209 -5.72 15.50 54.23
CA TYR D 209 -6.57 15.60 53.05
C TYR D 209 -7.99 15.79 53.52
N ASN D 210 -8.70 16.74 52.91
CA ASN D 210 -10.09 17.01 53.27
C ASN D 210 -10.99 16.91 52.04
N LEU D 211 -12.08 16.17 52.19
CA LEU D 211 -13.16 16.11 51.20
C LEU D 211 -14.36 16.87 51.75
N SER D 212 -14.85 17.85 51.00
CA SER D 212 -15.94 18.71 51.44
C SER D 212 -17.10 18.53 50.47
N ILE D 213 -18.26 18.18 51.01
CA ILE D 213 -19.49 18.00 50.25
C ILE D 213 -20.50 19.03 50.73
N SER D 214 -20.79 20.01 49.88
CA SER D 214 -21.71 21.09 50.24
C SER D 214 -23.11 20.77 49.73
N ASN D 215 -24.11 21.28 50.46
CA ASN D 215 -25.52 21.13 50.11
C ASN D 215 -25.90 19.65 49.98
N LEU D 216 -25.73 18.92 51.08
CA LEU D 216 -26.05 17.49 51.13
C LEU D 216 -27.45 17.21 50.58
N GLU D 217 -27.58 16.09 49.87
CA GLU D 217 -28.86 15.62 49.37
C GLU D 217 -28.91 14.10 49.46
N SER D 218 -30.14 13.58 49.34
CA SER D 218 -30.41 12.15 49.52
C SER D 218 -29.38 11.23 48.87
N GLY D 219 -29.00 11.53 47.63
CA GLY D 219 -28.06 10.68 46.91
C GLY D 219 -26.68 10.66 47.53
N ASP D 220 -26.29 11.73 48.23
CA ASP D 220 -24.95 11.84 48.76
C ASP D 220 -24.70 10.90 49.93
N PHE D 221 -25.74 10.51 50.66
CA PHE D 221 -25.57 9.71 51.86
C PHE D 221 -25.10 8.30 51.51
N GLY D 222 -24.23 7.75 52.35
CA GLY D 222 -23.63 6.46 52.12
C GLY D 222 -22.39 6.26 52.98
N VAL D 223 -21.33 5.69 52.43
CA VAL D 223 -20.06 5.57 53.12
C VAL D 223 -18.94 5.98 52.18
N TYR D 224 -17.99 6.77 52.69
CA TYR D 224 -16.94 7.33 51.86
C TYR D 224 -15.59 6.76 52.28
N TYR D 225 -14.72 6.56 51.29
CA TYR D 225 -13.39 5.99 51.52
C TYR D 225 -12.29 6.86 50.91
N CYS D 226 -11.21 7.05 51.66
CA CYS D 226 -10.01 7.65 51.11
C CYS D 226 -9.07 6.52 50.69
N GLN D 227 -8.30 6.76 49.63
CA GLN D 227 -7.44 5.72 49.07
C GLN D 227 -6.12 6.29 48.59
N GLN D 228 -5.03 5.58 48.89
CA GLN D 228 -3.70 5.90 48.38
C GLN D 228 -3.07 4.62 47.85
N TYR D 229 -3.06 4.48 46.51
CA TYR D 229 -2.63 3.27 45.82
C TYR D 229 -3.52 2.11 46.27
N GLU D 230 -2.97 1.06 46.87
CA GLU D 230 -3.74 -0.10 47.27
C GLU D 230 -4.29 0.01 48.69
N PHE D 231 -3.92 1.05 49.43
CA PHE D 231 -4.36 1.22 50.81
C PHE D 231 -5.65 2.04 50.82
N PHE D 232 -6.58 1.66 51.69
CA PHE D 232 -7.83 2.38 51.86
C PHE D 232 -7.99 2.83 53.30
N GLY D 233 -8.87 3.82 53.50
CA GLY D 233 -9.22 4.27 54.83
C GLY D 233 -10.24 3.36 55.49
N GLN D 234 -10.47 3.63 56.78
CA GLN D 234 -11.44 2.81 57.53
C GLN D 234 -12.87 3.12 57.12
N GLY D 235 -13.11 4.22 56.43
CA GLY D 235 -14.43 4.60 55.94
C GLY D 235 -15.14 5.56 56.88
N THR D 236 -16.00 6.38 56.30
CA THR D 236 -16.83 7.32 57.05
C THR D 236 -18.27 7.20 56.58
N LYS D 237 -19.15 6.77 57.47
CA LYS D 237 -20.56 6.60 57.14
C LYS D 237 -21.28 7.94 57.33
N VAL D 238 -21.76 8.51 56.24
CA VAL D 238 -22.53 9.75 56.25
C VAL D 238 -23.99 9.40 56.09
N GLN D 239 -24.78 9.64 57.13
CA GLN D 239 -26.20 9.28 57.15
C GLN D 239 -27.05 10.52 57.41
N VAL D 240 -28.33 10.42 57.05
CA VAL D 240 -29.26 11.53 57.10
C VAL D 240 -29.89 11.60 58.48
N ASP D 241 -29.96 12.80 59.04
CA ASP D 241 -30.59 13.01 60.34
C ASP D 241 -31.56 14.18 60.30
N GLU E 1 45.16 45.87 -7.51
CA GLU E 1 46.05 44.82 -8.00
C GLU E 1 45.73 43.50 -7.29
N ASN E 2 45.31 43.62 -6.03
CA ASN E 2 44.91 42.46 -5.23
C ASN E 2 43.48 42.06 -5.57
N LEU E 3 43.29 40.79 -5.92
CA LEU E 3 42.00 40.30 -6.39
C LEU E 3 41.05 40.09 -5.21
N TRP E 4 39.75 40.00 -5.53
CA TRP E 4 38.72 39.83 -4.50
C TRP E 4 37.66 38.86 -5.01
N VAL E 5 37.17 38.01 -4.11
CA VAL E 5 36.21 36.98 -4.50
C VAL E 5 34.88 37.60 -4.91
N THR E 6 34.24 36.99 -5.92
CA THR E 6 32.93 37.41 -6.38
C THR E 6 32.12 36.17 -6.74
N VAL E 7 30.90 36.09 -6.20
CA VAL E 7 30.03 34.94 -6.39
C VAL E 7 29.22 35.11 -7.68
N TYR E 8 29.28 34.10 -8.55
CA TYR E 8 28.54 34.08 -9.80
C TYR E 8 27.49 32.97 -9.72
N TYR E 9 26.25 33.32 -10.06
CA TYR E 9 25.12 32.40 -10.01
C TYR E 9 24.55 32.20 -11.41
N GLY E 10 24.69 31.00 -11.94
CA GLY E 10 24.21 30.70 -13.28
C GLY E 10 25.33 30.43 -14.26
N VAL E 11 26.40 29.80 -13.77
CA VAL E 11 27.56 29.49 -14.60
C VAL E 11 27.41 28.12 -15.25
N PRO E 12 27.83 27.96 -16.51
CA PRO E 12 27.79 26.63 -17.14
C PRO E 12 28.73 25.64 -16.48
N VAL E 13 28.33 25.12 -15.31
CA VAL E 13 29.11 24.13 -14.58
C VAL E 13 28.21 22.95 -14.23
N TRP E 14 28.56 21.77 -14.74
CA TRP E 14 27.81 20.56 -14.47
C TRP E 14 28.78 19.45 -14.08
N LYS E 15 28.25 18.48 -13.35
CA LYS E 15 29.01 17.30 -12.96
C LYS E 15 28.16 16.05 -13.16
N ASP E 16 28.84 14.94 -13.49
CA ASP E 16 28.16 13.67 -13.71
C ASP E 16 27.49 13.20 -12.42
N ALA E 17 26.21 12.84 -12.51
CA ALA E 17 25.47 12.37 -11.35
C ALA E 17 24.31 11.51 -11.83
N GLU E 18 23.53 11.01 -10.87
CA GLU E 18 22.37 10.17 -11.12
C GLU E 18 21.17 10.77 -10.41
N THR E 19 20.04 10.85 -11.11
CA THR E 19 18.82 11.43 -10.54
C THR E 19 17.62 10.62 -11.00
N THR E 20 16.44 11.07 -10.57
CA THR E 20 15.18 10.40 -10.88
C THR E 20 14.59 10.99 -12.16
N LEU E 21 14.62 10.20 -13.23
CA LEU E 21 14.11 10.64 -14.53
C LEU E 21 12.62 10.35 -14.63
N PHE E 22 11.89 11.26 -15.26
CA PHE E 22 10.46 11.07 -15.53
C PHE E 22 10.24 10.87 -17.03
N CYS E 23 8.98 10.66 -17.40
CA CYS E 23 8.61 10.24 -18.74
C CYS E 23 8.07 11.39 -19.57
N ALA E 24 7.85 11.09 -20.85
CA ALA E 24 7.20 11.97 -21.81
C ALA E 24 6.85 11.13 -23.03
N SER E 25 5.63 11.25 -23.54
CA SER E 25 5.23 10.40 -24.66
C SER E 25 4.18 11.08 -25.52
N ASP E 26 4.56 12.22 -26.11
CA ASP E 26 3.74 12.93 -27.09
C ASP E 26 2.33 13.24 -26.58
N ALA E 27 1.43 13.51 -27.51
CA ALA E 27 0.03 13.77 -27.21
C ALA E 27 -0.92 12.92 -28.04
N LYS E 28 -0.47 12.37 -29.18
CA LYS E 28 -1.32 11.51 -30.00
C LYS E 28 -1.36 10.10 -29.42
N ALA E 29 -0.31 9.69 -28.71
CA ALA E 29 -0.27 8.37 -28.10
C ALA E 29 -1.27 8.26 -26.96
N TYR E 30 -1.63 9.40 -26.36
CA TYR E 30 -2.59 9.38 -25.27
C TYR E 30 -3.99 9.23 -25.83
N GLU E 31 -4.16 9.53 -27.11
CA GLU E 31 -5.44 9.37 -27.77
C GLU E 31 -5.64 7.91 -28.16
N THR E 32 -4.60 7.08 -27.98
CA THR E 32 -4.73 5.66 -28.28
C THR E 32 -5.62 4.95 -27.26
N GLU E 33 -5.76 5.55 -26.07
CA GLU E 33 -6.55 5.04 -24.94
C GLU E 33 -6.55 3.51 -24.83
N LYS E 34 -7.72 2.90 -25.06
CA LYS E 34 -7.89 1.46 -24.92
C LYS E 34 -7.53 1.00 -23.50
N HIS E 35 -8.09 1.71 -22.52
CA HIS E 35 -7.89 1.41 -21.10
C HIS E 35 -6.41 1.38 -20.74
N ASN E 36 -5.73 2.49 -21.03
CA ASN E 36 -4.31 2.65 -20.71
C ASN E 36 -3.46 1.55 -21.32
N VAL E 37 -3.01 1.76 -22.56
CA VAL E 37 -2.16 0.78 -23.23
C VAL E 37 -0.72 0.96 -22.75
N TRP E 38 -0.08 -0.15 -22.39
CA TRP E 38 1.28 -0.18 -21.89
C TRP E 38 1.42 0.66 -20.63
N ALA E 39 1.92 1.89 -20.78
CA ALA E 39 2.25 2.75 -19.65
C ALA E 39 1.54 4.09 -19.66
N THR E 40 1.44 4.73 -20.82
CA THR E 40 0.94 6.10 -20.92
C THR E 40 -0.42 6.28 -20.27
N CYS E 41 -0.43 6.70 -19.01
CA CYS E 41 -1.65 6.99 -18.28
C CYS E 41 -1.58 8.38 -17.66
N ALA E 42 -0.64 8.57 -16.73
CA ALA E 42 -0.36 9.85 -16.12
C ALA E 42 1.00 10.40 -16.55
N CYS E 43 1.40 10.12 -17.78
CA CYS E 43 2.69 10.58 -18.29
C CYS E 43 2.56 12.00 -18.81
N VAL E 44 3.61 12.79 -18.59
CA VAL E 44 3.61 14.19 -19.03
C VAL E 44 3.68 14.25 -20.55
N PRO E 45 2.79 15.00 -21.21
CA PRO E 45 2.87 15.17 -22.66
C PRO E 45 4.19 15.80 -23.10
N THR E 46 4.75 15.27 -24.18
CA THR E 46 6.02 15.77 -24.71
C THR E 46 5.85 17.17 -25.26
N ASP E 47 6.85 18.01 -25.01
CA ASP E 47 6.88 19.38 -25.50
C ASP E 47 6.76 19.43 -27.03
N PRO E 48 5.76 20.12 -27.57
CA PRO E 48 5.59 20.19 -29.03
C PRO E 48 6.81 20.65 -29.80
N ASN E 49 7.59 21.60 -29.27
CA ASN E 49 8.78 22.10 -29.94
C ASN E 49 10.00 21.93 -29.04
N PRO E 50 10.59 20.73 -29.01
CA PRO E 50 11.78 20.50 -28.17
C PRO E 50 12.95 21.36 -28.63
N GLN E 51 13.82 21.69 -27.67
CA GLN E 51 15.00 22.51 -27.94
C GLN E 51 16.26 21.71 -27.65
N GLU E 52 17.20 21.74 -28.59
CA GLU E 52 18.48 21.06 -28.49
C GLU E 52 19.59 22.08 -28.72
N ILE E 53 20.32 22.44 -27.66
CA ILE E 53 21.32 23.50 -27.74
C ILE E 53 22.70 22.89 -27.95
N HIS E 54 23.29 23.14 -29.12
CA HIS E 54 24.62 22.62 -29.44
C HIS E 54 25.68 23.39 -28.67
N LEU E 55 26.34 22.74 -27.72
CA LEU E 55 27.37 23.37 -26.88
C LEU E 55 28.68 23.45 -27.65
N GLU E 56 28.94 24.61 -28.27
CA GLU E 56 30.14 24.82 -29.06
C GLU E 56 31.40 24.72 -28.18
N ASN E 57 32.47 24.22 -28.77
CA ASN E 57 33.79 24.01 -28.17
C ASN E 57 33.78 22.95 -27.07
N VAL E 58 32.65 22.29 -26.81
CA VAL E 58 32.51 21.41 -25.66
C VAL E 58 32.81 19.97 -26.08
N THR E 59 33.70 19.30 -25.35
CA THR E 59 34.07 17.92 -25.60
C THR E 59 33.78 17.16 -24.32
N GLU E 60 32.72 16.35 -24.30
CA GLU E 60 32.34 15.65 -23.07
C GLU E 60 32.44 14.14 -23.22
N GLU E 61 32.92 13.48 -22.18
CA GLU E 61 33.11 12.04 -22.21
C GLU E 61 31.84 11.29 -21.81
N PHE E 62 31.42 10.37 -22.67
CA PHE E 62 30.27 9.51 -22.45
C PHE E 62 30.74 8.10 -22.11
N ASN E 63 29.82 7.31 -21.55
CA ASN E 63 30.13 5.91 -21.22
C ASN E 63 28.81 5.13 -21.21
N MET E 64 28.52 4.48 -22.34
CA MET E 64 27.28 3.72 -22.47
C MET E 64 27.24 2.50 -21.55
N TRP E 65 28.39 2.02 -21.10
CA TRP E 65 28.46 0.82 -20.28
C TRP E 65 28.41 1.13 -18.78
N LYS E 66 28.55 2.40 -18.40
CA LYS E 66 28.47 2.83 -17.01
C LYS E 66 27.37 3.89 -16.85
N ASN E 67 26.31 3.76 -17.64
CA ASN E 67 25.22 4.73 -17.67
C ASN E 67 24.05 4.23 -16.84
N ASN E 68 23.52 5.12 -15.98
CA ASN E 68 22.50 4.73 -15.03
C ASN E 68 21.10 4.74 -15.64
N MET E 69 20.92 5.46 -16.76
CA MET E 69 19.61 5.51 -17.39
C MET E 69 19.17 4.14 -17.84
N VAL E 70 20.12 3.25 -18.16
CA VAL E 70 19.78 1.90 -18.58
C VAL E 70 19.16 1.13 -17.42
N GLU E 71 19.82 1.19 -16.26
CA GLU E 71 19.28 0.49 -15.08
C GLU E 71 17.95 1.08 -14.67
N GLN E 72 17.80 2.40 -14.78
CA GLN E 72 16.54 3.04 -14.39
C GLN E 72 15.42 2.61 -15.32
N MET E 73 15.68 2.59 -16.63
CA MET E 73 14.67 2.15 -17.58
C MET E 73 14.32 0.68 -17.35
N HIS E 74 15.33 -0.15 -17.06
CA HIS E 74 15.07 -1.57 -16.84
C HIS E 74 14.15 -1.77 -15.64
N THR E 75 14.50 -1.17 -14.49
CA THR E 75 13.65 -1.30 -13.31
C THR E 75 12.29 -0.67 -13.54
N ASP E 76 12.22 0.37 -14.39
CA ASP E 76 10.95 1.01 -14.68
C ASP E 76 10.04 0.08 -15.46
N ILE E 77 10.59 -0.59 -16.47
CA ILE E 77 9.80 -1.53 -17.26
C ILE E 77 9.38 -2.72 -16.40
N ILE E 78 10.25 -3.17 -15.49
CA ILE E 78 9.87 -4.28 -14.60
C ILE E 78 8.70 -3.87 -13.70
N SER E 79 8.82 -2.71 -13.04
CA SER E 79 7.73 -2.24 -12.22
C SER E 79 6.48 -2.00 -13.05
N LEU E 80 6.63 -1.57 -14.30
CA LEU E 80 5.50 -1.42 -15.20
C LEU E 80 4.81 -2.76 -15.42
N TRP E 81 5.60 -3.82 -15.64
CA TRP E 81 5.03 -5.14 -15.89
C TRP E 81 4.26 -5.63 -14.67
N ASP E 82 4.79 -5.34 -13.48
CA ASP E 82 4.10 -5.77 -12.27
C ASP E 82 2.83 -4.97 -12.06
N GLN E 83 2.89 -3.64 -12.23
CA GLN E 83 1.69 -2.84 -12.04
C GLN E 83 0.65 -3.15 -13.11
N SER E 84 1.09 -3.61 -14.29
CA SER E 84 0.17 -3.97 -15.36
C SER E 84 -0.43 -5.35 -15.16
N LEU E 85 0.16 -6.17 -14.28
CA LEU E 85 -0.34 -7.51 -14.06
C LEU E 85 -0.96 -7.68 -12.68
N LYS E 86 -0.87 -6.66 -11.82
CA LYS E 86 -1.50 -6.73 -10.51
C LYS E 86 -3.02 -6.85 -10.57
N PRO E 87 -3.75 -6.04 -11.33
CA PRO E 87 -5.22 -6.14 -11.31
C PRO E 87 -5.82 -7.13 -12.30
N CYS E 88 -5.02 -8.01 -12.88
CA CYS E 88 -5.50 -8.96 -13.88
C CYS E 88 -5.98 -10.26 -13.22
N VAL E 89 -6.68 -11.07 -14.00
CA VAL E 89 -7.23 -12.32 -13.49
C VAL E 89 -6.12 -13.32 -13.22
N LYS E 90 -6.07 -13.82 -11.99
CA LYS E 90 -5.09 -14.82 -11.56
C LYS E 90 -5.64 -16.21 -11.84
N LEU E 91 -4.83 -17.05 -12.49
CA LEU E 91 -5.24 -18.39 -12.90
C LEU E 91 -4.81 -19.44 -11.88
N THR E 92 -5.01 -19.14 -10.60
CA THR E 92 -4.67 -20.09 -9.54
C THR E 92 -5.32 -21.46 -9.69
N PRO E 93 -6.65 -21.59 -9.99
CA PRO E 93 -7.21 -22.94 -10.11
C PRO E 93 -7.16 -23.46 -11.54
N LEU E 94 -6.02 -23.26 -12.20
CA LEU E 94 -5.81 -23.72 -13.56
C LEU E 94 -4.72 -24.79 -13.67
N CYS E 95 -4.17 -25.27 -12.55
CA CYS E 95 -3.12 -26.27 -12.66
C CYS E 95 -3.69 -27.69 -12.56
N VAL E 96 -4.96 -27.88 -12.94
CA VAL E 96 -5.59 -29.20 -12.91
C VAL E 96 -5.02 -30.12 -13.99
N THR E 97 -5.17 -31.42 -13.75
CA THR E 97 -4.73 -32.43 -14.70
C THR E 97 -5.40 -32.23 -16.05
N LEU E 98 -4.58 -32.23 -17.09
CA LEU E 98 -5.02 -32.02 -18.48
C LEU E 98 -4.96 -33.33 -19.24
N GLN E 99 -6.13 -33.83 -19.65
CA GLN E 99 -6.25 -35.02 -20.50
C GLN E 99 -6.16 -34.54 -21.93
N CYS E 100 -4.93 -34.45 -22.44
CA CYS E 100 -4.69 -33.84 -23.73
C CYS E 100 -4.60 -34.91 -24.81
N THR E 101 -4.73 -34.48 -26.06
CA THR E 101 -4.59 -35.39 -27.19
C THR E 101 -4.08 -34.60 -28.38
N ASN E 102 -3.79 -35.30 -29.47
CA ASN E 102 -3.34 -34.61 -30.67
C ASN E 102 -4.44 -33.72 -31.23
N VAL E 103 -4.01 -32.68 -31.96
CA VAL E 103 -4.95 -31.84 -32.70
C VAL E 103 -5.47 -32.60 -33.91
N THR E 104 -6.68 -32.24 -34.35
CA THR E 104 -7.31 -32.90 -35.48
C THR E 104 -6.55 -32.52 -36.74
N ASN E 105 -5.73 -33.45 -37.24
CA ASN E 105 -4.98 -33.24 -38.47
C ASN E 105 -4.66 -34.62 -39.03
N ASN E 106 -3.85 -34.66 -40.10
CA ASN E 106 -3.54 -35.92 -40.76
C ASN E 106 -2.05 -36.09 -41.04
N ILE E 107 -1.33 -36.64 -40.03
CA ILE E 107 0.06 -37.10 -40.08
C ILE E 107 0.96 -36.02 -40.70
N THR E 108 2.27 -36.26 -40.94
CA THR E 108 3.09 -37.42 -40.63
C THR E 108 3.54 -37.51 -39.18
N ASP E 109 4.47 -38.42 -38.92
CA ASP E 109 5.00 -38.63 -37.58
C ASP E 109 6.08 -37.60 -37.23
N ASP E 110 6.49 -36.77 -38.18
CA ASP E 110 7.51 -35.76 -37.93
C ASP E 110 6.89 -34.41 -37.56
N MET E 111 5.57 -34.32 -37.53
CA MET E 111 4.88 -33.08 -37.17
C MET E 111 4.89 -32.85 -35.67
N ARG E 112 5.27 -33.87 -34.90
CA ARG E 112 5.38 -33.88 -33.44
C ARG E 112 4.29 -33.08 -32.73
N GLY E 113 3.06 -33.13 -33.23
CA GLY E 113 1.96 -32.49 -32.55
C GLY E 113 2.01 -30.98 -32.37
N GLU E 114 2.92 -30.53 -31.49
CA GLU E 114 3.08 -29.13 -31.12
C GLU E 114 1.84 -28.59 -30.42
N LEU E 115 0.67 -28.73 -31.05
CA LEU E 115 -0.59 -28.29 -30.45
C LEU E 115 -1.27 -29.46 -29.76
N LYS E 116 -1.68 -29.25 -28.50
CA LYS E 116 -2.32 -30.27 -27.68
C LYS E 116 -3.74 -29.85 -27.33
N ASN E 117 -4.67 -30.78 -27.50
CA ASN E 117 -6.11 -30.61 -27.25
C ASN E 117 -6.49 -31.17 -25.89
N CYS E 118 -6.39 -30.32 -24.87
CA CYS E 118 -6.54 -30.71 -23.47
C CYS E 118 -7.98 -30.55 -22.98
N SER E 119 -8.47 -31.57 -22.27
CA SER E 119 -9.76 -31.56 -21.61
C SER E 119 -9.54 -31.62 -20.10
N PHE E 120 -10.33 -30.88 -19.34
CA PHE E 120 -10.11 -30.80 -17.90
C PHE E 120 -11.34 -30.27 -17.19
N ASN E 121 -11.31 -30.38 -15.85
CA ASN E 121 -12.31 -29.81 -14.97
C ASN E 121 -12.08 -28.31 -14.77
N MET E 122 -13.14 -27.62 -14.36
CA MET E 122 -13.04 -26.21 -14.04
C MET E 122 -14.13 -25.83 -13.05
N THR E 123 -13.82 -24.87 -12.17
CA THR E 123 -14.79 -24.35 -11.22
C THR E 123 -15.67 -23.31 -11.93
N THR E 124 -16.99 -23.47 -11.83
CA THR E 124 -17.91 -22.52 -12.43
C THR E 124 -18.12 -21.32 -11.53
N GLU E 125 -19.18 -20.55 -11.80
CA GLU E 125 -19.49 -19.41 -10.94
C GLU E 125 -19.88 -19.88 -9.55
N LEU E 126 -20.66 -20.94 -9.47
CA LEU E 126 -21.04 -21.52 -8.19
C LEU E 126 -19.94 -22.44 -7.69
N ARG E 127 -19.90 -22.64 -6.38
CA ARG E 127 -18.86 -23.45 -5.74
C ARG E 127 -19.30 -24.90 -5.57
N ASP E 128 -20.16 -25.40 -6.46
CA ASP E 128 -20.67 -26.75 -6.36
C ASP E 128 -20.24 -27.51 -7.62
N LYS E 129 -21.10 -27.59 -8.63
CA LYS E 129 -20.79 -28.35 -9.83
C LYS E 129 -19.58 -27.77 -10.57
N LYS E 130 -18.75 -28.67 -11.11
CA LYS E 130 -17.53 -28.30 -11.82
C LYS E 130 -17.82 -27.95 -13.28
N GLN E 131 -16.82 -28.11 -14.16
CA GLN E 131 -17.00 -27.75 -15.57
C GLN E 131 -15.99 -28.49 -16.44
N LYS E 132 -16.49 -29.39 -17.29
CA LYS E 132 -15.66 -30.20 -18.17
C LYS E 132 -15.42 -29.47 -19.49
N VAL E 133 -14.42 -28.59 -19.49
CA VAL E 133 -14.12 -27.80 -20.67
C VAL E 133 -12.76 -28.19 -21.23
N TYR E 134 -12.58 -27.88 -22.52
CA TYR E 134 -11.35 -28.18 -23.24
C TYR E 134 -10.73 -26.92 -23.83
N SER E 135 -9.41 -26.93 -23.96
CA SER E 135 -8.65 -25.85 -24.58
C SER E 135 -7.59 -26.45 -25.50
N LEU E 136 -6.77 -25.57 -26.08
CA LEU E 136 -5.71 -25.94 -27.02
C LEU E 136 -4.44 -25.22 -26.63
N PHE E 137 -3.48 -25.95 -26.05
CA PHE E 137 -2.23 -25.35 -25.59
C PHE E 137 -1.04 -25.83 -26.42
N TYR E 138 -0.01 -24.99 -26.46
CA TYR E 138 1.23 -25.35 -27.14
C TYR E 138 2.07 -26.29 -26.29
N ARG E 139 2.93 -27.07 -26.96
CA ARG E 139 3.76 -28.03 -26.23
C ARG E 139 4.72 -27.34 -25.27
N LEU E 140 5.14 -26.13 -25.58
CA LEU E 140 6.03 -25.41 -24.68
C LEU E 140 5.30 -24.96 -23.42
N ASP E 141 3.97 -25.00 -23.42
CA ASP E 141 3.15 -24.59 -22.28
C ASP E 141 2.77 -25.75 -21.37
N VAL E 142 2.81 -26.99 -21.87
CA VAL E 142 2.38 -28.15 -21.11
C VAL E 142 3.56 -29.10 -20.90
N VAL E 143 3.35 -30.06 -19.99
CA VAL E 143 4.32 -31.10 -19.67
C VAL E 143 3.59 -32.28 -19.05
N GLN E 144 3.84 -33.49 -19.57
CA GLN E 144 3.15 -34.68 -19.09
C GLN E 144 3.66 -35.05 -17.69
N ILE E 145 2.88 -35.87 -17.00
CA ILE E 145 3.23 -36.32 -15.66
C ILE E 145 2.63 -37.71 -15.45
N ASN E 146 3.45 -38.64 -14.99
CA ASN E 146 3.03 -40.02 -14.74
C ASN E 146 3.15 -40.38 -13.27
N LYS E 158 -3.08 -40.14 -22.02
CA LYS E 158 -2.05 -39.16 -21.73
C LYS E 158 -2.59 -38.01 -20.91
N GLU E 159 -2.01 -37.80 -19.73
CA GLU E 159 -2.37 -36.72 -18.83
C GLU E 159 -1.22 -35.73 -18.76
N TYR E 160 -1.54 -34.44 -18.89
CA TYR E 160 -0.53 -33.39 -18.89
C TYR E 160 -0.81 -32.40 -17.77
N ARG E 161 -0.03 -31.32 -17.73
CA ARG E 161 -0.21 -30.24 -16.77
C ARG E 161 0.49 -29.00 -17.31
N LEU E 162 0.20 -27.85 -16.71
CA LEU E 162 0.86 -26.61 -17.09
C LEU E 162 2.33 -26.65 -16.67
N ILE E 163 3.22 -26.16 -17.54
CA ILE E 163 4.64 -26.33 -17.30
C ILE E 163 5.15 -25.55 -16.10
N ASN E 164 4.37 -24.59 -15.61
CA ASN E 164 4.75 -23.71 -14.51
C ASN E 164 4.13 -24.15 -13.20
N CYS E 165 3.74 -25.43 -13.08
CA CYS E 165 3.25 -25.92 -11.80
C CYS E 165 4.38 -26.59 -11.03
N ASN E 166 4.99 -25.80 -10.14
CA ASN E 166 5.96 -26.10 -9.08
C ASN E 166 7.07 -25.09 -9.28
N THR E 167 6.68 -23.96 -9.85
CA THR E 167 7.56 -22.82 -10.10
C THR E 167 6.99 -21.60 -9.39
N SER E 168 5.89 -21.04 -9.86
CA SER E 168 5.32 -19.84 -9.27
C SER E 168 3.83 -19.81 -9.58
N ALA E 169 3.17 -18.71 -9.20
CA ALA E 169 1.79 -18.54 -9.63
C ALA E 169 1.71 -18.03 -11.06
N ILE E 170 0.48 -17.89 -11.53
CA ILE E 170 0.19 -17.50 -12.91
C ILE E 170 -1.01 -16.55 -12.90
N THR E 171 -0.89 -15.48 -13.68
CA THR E 171 -1.95 -14.51 -13.88
C THR E 171 -2.12 -14.28 -15.37
N GLN E 172 -3.39 -14.19 -15.80
CA GLN E 172 -3.69 -14.02 -17.21
C GLN E 172 -3.62 -12.54 -17.53
N ALA E 173 -2.96 -12.19 -18.63
CA ALA E 173 -2.92 -10.80 -19.04
C ALA E 173 -4.31 -10.34 -19.47
N CYS E 174 -4.69 -9.15 -19.01
CA CYS E 174 -6.00 -8.62 -19.35
C CYS E 174 -6.06 -8.28 -20.84
N PRO E 175 -7.18 -8.57 -21.50
CA PRO E 175 -7.29 -8.30 -22.95
C PRO E 175 -7.44 -6.83 -23.27
N LYS E 176 -7.66 -5.98 -22.26
CA LYS E 176 -7.85 -4.55 -22.48
C LYS E 176 -6.53 -3.86 -22.78
N VAL E 177 -5.47 -4.19 -22.04
CA VAL E 177 -4.18 -3.54 -22.23
C VAL E 177 -3.46 -4.19 -23.41
N SER E 178 -2.39 -3.54 -23.88
CA SER E 178 -1.60 -4.04 -24.99
C SER E 178 -0.12 -3.96 -24.67
N PHE E 179 0.66 -4.83 -25.31
CA PHE E 179 2.10 -4.87 -25.19
C PHE E 179 2.78 -4.21 -26.38
N GLU E 180 2.15 -3.17 -26.93
CA GLU E 180 2.70 -2.46 -28.08
C GLU E 180 3.73 -1.41 -27.64
N PRO E 181 4.99 -1.54 -28.02
CA PRO E 181 6.03 -0.58 -27.61
C PRO E 181 5.75 0.80 -28.18
N ILE E 182 5.49 1.76 -27.30
CA ILE E 182 5.21 3.13 -27.72
C ILE E 182 6.37 4.05 -27.33
N PRO E 183 6.71 5.03 -28.16
CA PRO E 183 7.85 5.92 -27.84
C PRO E 183 7.69 6.62 -26.50
N ILE E 184 8.73 6.51 -25.67
CA ILE E 184 8.74 7.12 -24.34
C ILE E 184 9.98 8.00 -24.22
N HIS E 185 9.75 9.30 -24.03
CA HIS E 185 10.83 10.27 -23.85
C HIS E 185 11.17 10.38 -22.37
N TYR E 186 12.43 10.14 -22.02
CA TYR E 186 12.90 10.28 -20.66
C TYR E 186 13.43 11.70 -20.45
N CYS E 187 12.93 12.37 -19.41
CA CYS E 187 13.32 13.76 -19.18
C CYS E 187 13.90 13.91 -17.78
N ALA E 188 14.67 14.98 -17.60
CA ALA E 188 15.31 15.27 -16.32
C ALA E 188 14.67 16.48 -15.65
N PRO E 189 14.55 16.45 -14.32
CA PRO E 189 13.93 17.58 -13.60
C PRO E 189 14.79 18.84 -13.65
N ALA E 190 14.29 19.92 -13.05
CA ALA E 190 15.00 21.19 -13.04
C ALA E 190 16.32 21.03 -12.30
N GLY E 191 17.36 21.69 -12.82
CA GLY E 191 18.69 21.59 -12.26
C GLY E 191 19.56 20.54 -12.89
N PHE E 192 18.98 19.65 -13.71
CA PHE E 192 19.71 18.60 -14.41
C PHE E 192 19.57 18.82 -15.91
N ALA E 193 20.38 18.08 -16.67
CA ALA E 193 20.34 18.17 -18.13
C ALA E 193 20.86 16.87 -18.71
N ILE E 194 20.46 16.59 -19.95
CA ILE E 194 20.89 15.37 -20.63
C ILE E 194 21.80 15.76 -21.79
N LEU E 195 23.02 15.24 -21.76
CA LEU E 195 23.99 15.54 -22.79
C LEU E 195 23.84 14.49 -23.89
N LYS E 196 23.94 14.95 -25.14
CA LYS E 196 23.76 14.16 -26.34
C LYS E 196 24.95 14.32 -27.28
N CYS E 197 25.54 13.19 -27.66
CA CYS E 197 26.66 13.18 -28.60
C CYS E 197 26.11 13.20 -30.03
N LYS E 198 26.53 14.19 -30.81
CA LYS E 198 25.98 14.39 -32.16
C LYS E 198 27.02 14.19 -33.26
N ASP E 199 28.02 13.36 -33.00
CA ASP E 199 29.01 13.00 -34.00
C ASP E 199 28.54 11.76 -34.77
N LYS E 200 28.93 11.71 -36.05
CA LYS E 200 28.48 10.62 -36.91
C LYS E 200 29.20 9.31 -36.64
N LYS E 201 30.40 9.35 -36.07
CA LYS E 201 31.14 8.16 -35.67
C LYS E 201 31.44 8.23 -34.18
N PHE E 202 30.42 8.01 -33.36
CA PHE E 202 30.58 7.81 -31.92
C PHE E 202 30.35 6.33 -31.60
N ASN E 203 31.43 5.58 -31.49
CA ASN E 203 31.38 4.17 -31.15
C ASN E 203 31.19 3.94 -29.65
N GLY E 204 30.89 4.99 -28.90
CA GLY E 204 30.16 4.92 -27.65
C GLY E 204 31.05 4.70 -26.44
N THR E 205 31.96 5.63 -26.16
CA THR E 205 32.84 5.67 -25.00
C THR E 205 33.93 6.71 -25.20
N GLY E 206 34.14 7.58 -24.22
CA GLY E 206 35.19 8.57 -24.33
C GLY E 206 34.73 9.96 -24.68
N PRO E 207 35.67 10.86 -24.96
CA PRO E 207 35.31 12.25 -25.24
C PRO E 207 34.52 12.37 -26.53
N CYS E 208 33.53 13.26 -26.53
CA CYS E 208 32.74 13.53 -27.69
C CYS E 208 32.97 14.96 -28.16
N PRO E 209 33.35 15.14 -29.43
CA PRO E 209 33.62 16.49 -29.96
C PRO E 209 32.42 17.41 -30.01
N SER E 210 31.32 16.97 -30.61
CA SER E 210 30.11 17.79 -30.76
C SER E 210 29.05 17.31 -29.78
N VAL E 211 28.96 18.00 -28.66
CA VAL E 211 28.02 17.71 -27.58
C VAL E 211 26.93 18.76 -27.57
N SER E 212 25.69 18.31 -27.39
CA SER E 212 24.55 19.21 -27.29
C SER E 212 23.79 18.86 -26.01
N THR E 213 22.99 19.81 -25.52
CA THR E 213 22.20 19.59 -24.33
C THR E 213 20.73 19.55 -24.69
N VAL E 214 20.00 18.67 -24.01
CA VAL E 214 18.56 18.50 -24.17
C VAL E 214 17.90 18.25 -22.83
N GLN E 215 16.59 18.51 -22.80
CA GLN E 215 15.77 18.26 -21.63
C GLN E 215 15.13 16.89 -21.72
N CYS E 216 14.67 16.50 -22.92
CA CYS E 216 14.04 15.21 -23.18
C CYS E 216 14.64 14.52 -24.40
N THR E 217 14.95 13.24 -24.24
CA THR E 217 15.49 12.41 -25.32
C THR E 217 14.41 12.12 -26.36
N HIS E 218 14.86 11.58 -27.50
CA HIS E 218 13.94 11.20 -28.56
C HIS E 218 13.10 10.00 -28.14
N GLY E 219 12.07 9.71 -28.94
CA GLY E 219 11.17 8.61 -28.68
C GLY E 219 11.82 7.24 -28.78
N ILE E 220 12.09 6.61 -27.65
CA ILE E 220 12.72 5.29 -27.59
C ILE E 220 11.63 4.27 -27.28
N LYS E 221 11.31 3.42 -28.26
CA LYS E 221 10.31 2.39 -28.05
C LYS E 221 10.89 1.21 -27.27
N PRO E 222 10.29 0.83 -26.14
CA PRO E 222 10.80 -0.30 -25.35
C PRO E 222 10.50 -1.66 -25.99
N VAL E 223 11.20 -1.99 -27.07
CA VAL E 223 11.00 -3.26 -27.75
C VAL E 223 11.86 -4.32 -27.06
N VAL E 224 11.21 -5.23 -26.36
CA VAL E 224 11.89 -6.32 -25.65
C VAL E 224 12.11 -7.46 -26.64
N SER E 225 13.37 -7.69 -27.01
CA SER E 225 13.71 -8.74 -27.94
C SER E 225 15.14 -9.21 -27.68
N THR E 226 15.48 -10.36 -28.24
CA THR E 226 16.79 -10.95 -28.07
C THR E 226 17.42 -11.19 -29.43
N GLN E 227 18.75 -11.36 -29.43
CA GLN E 227 19.54 -11.63 -30.62
C GLN E 227 19.41 -10.56 -31.70
N LEU E 228 18.19 -10.33 -32.20
CA LEU E 228 17.94 -9.34 -33.24
C LEU E 228 17.30 -8.10 -32.64
N LEU E 229 17.97 -6.95 -32.78
CA LEU E 229 17.41 -5.70 -32.32
C LEU E 229 16.37 -5.19 -33.32
N LEU E 230 15.13 -5.04 -32.86
CA LEU E 230 14.01 -4.67 -33.71
C LEU E 230 13.54 -3.26 -33.42
N ASN E 231 13.19 -2.52 -34.48
CA ASN E 231 12.70 -1.15 -34.34
C ASN E 231 13.65 -0.21 -33.59
N GLY E 232 14.94 -0.25 -33.92
CA GLY E 232 15.91 0.58 -33.24
C GLY E 232 16.33 1.78 -34.09
N SER E 233 17.31 2.51 -33.56
CA SER E 233 17.86 3.65 -34.27
C SER E 233 18.94 3.22 -35.27
N LEU E 234 18.81 3.68 -36.51
CA LEU E 234 19.81 3.34 -37.52
C LEU E 234 21.10 4.10 -37.27
N ALA E 235 22.22 3.46 -37.61
CA ALA E 235 23.51 4.11 -37.43
C ALA E 235 23.77 5.08 -38.59
N GLU E 236 24.79 5.91 -38.44
CA GLU E 236 25.16 6.87 -39.47
C GLU E 236 26.33 6.34 -40.28
N GLU E 237 26.30 6.59 -41.59
CA GLU E 237 27.36 6.15 -42.50
C GLU E 237 27.60 4.65 -42.38
N GLU E 238 28.76 4.28 -41.84
CA GLU E 238 29.10 2.87 -41.64
C GLU E 238 28.37 2.30 -40.41
N VAL E 239 28.10 1.00 -40.48
CA VAL E 239 27.48 0.30 -39.35
C VAL E 239 28.43 0.33 -38.15
N MET E 240 27.87 0.43 -36.96
CA MET E 240 28.66 0.63 -35.76
C MET E 240 28.80 -0.67 -34.96
N ILE E 241 29.97 -0.84 -34.35
CA ILE E 241 30.30 -1.99 -33.52
C ILE E 241 30.72 -1.48 -32.15
N ARG E 242 30.00 -1.86 -31.10
CA ARG E 242 30.30 -1.36 -29.76
C ARG E 242 30.52 -2.52 -28.80
N SER E 243 31.57 -2.37 -27.98
CA SER E 243 31.91 -3.38 -26.98
C SER E 243 32.68 -2.72 -25.84
N GLU E 244 32.39 -3.16 -24.62
CA GLU E 244 33.09 -2.65 -23.44
C GLU E 244 34.56 -3.07 -23.43
N ASN E 245 34.85 -4.27 -23.94
CA ASN E 245 36.19 -4.84 -24.00
C ASN E 245 36.21 -5.81 -25.18
N ILE E 246 36.78 -5.35 -26.30
CA ILE E 246 36.76 -6.16 -27.53
C ILE E 246 37.58 -7.43 -27.34
N THR E 247 38.73 -7.33 -26.69
CA THR E 247 39.55 -8.51 -26.41
C THR E 247 38.86 -9.45 -25.44
N ASN E 248 37.90 -8.97 -24.67
CA ASN E 248 37.09 -9.80 -23.79
C ASN E 248 35.91 -10.37 -24.58
N ASN E 249 35.89 -11.70 -24.72
CA ASN E 249 34.82 -12.40 -25.42
C ASN E 249 33.63 -12.73 -24.52
N ALA E 250 33.67 -12.34 -23.25
CA ALA E 250 32.56 -12.56 -22.33
C ALA E 250 31.62 -11.37 -22.30
N LYS E 251 32.03 -10.24 -22.85
CA LYS E 251 31.22 -9.04 -22.92
C LYS E 251 30.52 -9.04 -24.28
N ASN E 252 29.22 -8.76 -24.27
CA ASN E 252 28.46 -8.78 -25.51
C ASN E 252 28.91 -7.66 -26.44
N ILE E 253 28.69 -7.88 -27.73
CA ILE E 253 29.07 -6.95 -28.80
C ILE E 253 27.79 -6.46 -29.45
N LEU E 254 27.42 -5.21 -29.16
CA LEU E 254 26.23 -4.61 -29.74
C LEU E 254 26.55 -4.05 -31.12
N VAL E 255 25.83 -4.53 -32.13
CA VAL E 255 26.01 -4.07 -33.50
C VAL E 255 24.81 -3.21 -33.86
N GLN E 256 25.06 -2.06 -34.48
CA GLN E 256 24.00 -1.17 -34.91
C GLN E 256 24.08 -0.99 -36.42
N PHE E 257 22.95 -1.15 -37.08
CA PHE E 257 22.85 -1.12 -38.53
C PHE E 257 22.64 0.30 -39.05
N ASN E 258 23.00 0.50 -40.30
CA ASN E 258 22.74 1.74 -41.02
C ASN E 258 21.48 1.63 -41.87
N THR E 259 21.34 0.54 -42.64
CA THR E 259 20.15 0.25 -43.43
C THR E 259 19.35 -0.85 -42.76
N PRO E 260 18.06 -0.62 -42.50
CA PRO E 260 17.24 -1.61 -41.79
C PRO E 260 16.97 -2.83 -42.65
N VAL E 261 16.95 -4.00 -42.02
CA VAL E 261 16.68 -5.25 -42.71
C VAL E 261 15.21 -5.60 -42.51
N GLN E 262 14.46 -5.59 -43.61
CA GLN E 262 13.03 -5.86 -43.61
C GLN E 262 12.74 -7.29 -43.19
N ILE E 263 12.01 -7.49 -42.09
CA ILE E 263 11.64 -8.82 -41.63
C ILE E 263 10.12 -8.91 -41.55
N ASN E 264 9.57 -10.03 -42.02
CA ASN E 264 8.12 -10.27 -41.97
C ASN E 264 7.80 -11.52 -41.16
N CYS E 265 7.03 -11.37 -40.10
CA CYS E 265 6.62 -12.51 -39.30
C CYS E 265 5.12 -12.67 -39.35
N THR E 266 4.67 -13.92 -39.56
CA THR E 266 3.26 -14.23 -39.63
C THR E 266 2.90 -15.45 -38.80
N ARG E 267 1.62 -15.48 -38.40
CA ARG E 267 1.02 -16.54 -37.61
C ARG E 267 -0.14 -17.14 -38.41
N PRO E 268 0.15 -18.07 -39.30
CA PRO E 268 -0.91 -18.66 -40.13
C PRO E 268 -1.86 -19.57 -39.37
N ASN E 269 -2.39 -19.11 -38.24
CA ASN E 269 -3.31 -19.91 -37.41
C ASN E 269 -4.29 -18.98 -36.68
N ASN E 270 -4.80 -17.98 -37.39
CA ASN E 270 -6.08 -17.32 -37.12
C ASN E 270 -6.97 -18.15 -36.20
N ASN E 271 -7.11 -17.73 -34.95
CA ASN E 271 -7.58 -18.57 -33.86
C ASN E 271 -8.89 -18.05 -33.28
N THR E 272 -9.48 -18.88 -32.42
CA THR E 272 -10.74 -18.59 -31.74
C THR E 272 -10.48 -18.41 -30.25
N ARG E 273 -11.15 -17.42 -29.65
CA ARG E 273 -11.07 -17.17 -28.22
C ARG E 273 -12.35 -17.67 -27.54
N LYS E 274 -12.21 -18.76 -26.78
CA LYS E 274 -13.30 -19.28 -25.95
C LYS E 274 -13.27 -18.58 -24.60
N SER E 275 -14.39 -17.98 -24.22
CA SER E 275 -14.47 -17.24 -22.95
C SER E 275 -15.14 -18.06 -21.87
N ILE E 276 -14.39 -19.05 -21.36
CA ILE E 276 -14.93 -19.90 -20.32
C ILE E 276 -14.93 -19.13 -19.01
N ARG E 277 -15.96 -19.34 -18.20
CA ARG E 277 -16.26 -18.48 -17.05
C ARG E 277 -15.88 -19.17 -15.75
N ILE E 278 -14.80 -18.71 -15.12
CA ILE E 278 -14.38 -19.20 -13.81
C ILE E 278 -14.92 -18.21 -12.79
N GLY E 279 -16.24 -18.10 -12.70
CA GLY E 279 -16.87 -17.14 -11.84
C GLY E 279 -16.66 -17.45 -10.37
N PRO E 280 -17.17 -16.57 -9.50
CA PRO E 280 -17.91 -15.38 -9.95
C PRO E 280 -16.97 -14.22 -10.32
N GLY E 281 -17.18 -13.65 -11.50
CA GLY E 281 -16.39 -12.51 -11.93
C GLY E 281 -15.30 -12.87 -12.93
N GLN E 282 -14.32 -13.64 -12.49
CA GLN E 282 -13.19 -13.99 -13.34
C GLN E 282 -13.64 -14.79 -14.55
N ALA E 283 -12.86 -14.70 -15.63
CA ALA E 283 -13.15 -15.40 -16.88
C ALA E 283 -11.85 -15.69 -17.60
N PHE E 284 -11.66 -16.95 -17.99
CA PHE E 284 -10.45 -17.40 -18.68
C PHE E 284 -10.69 -17.48 -20.18
N TYR E 285 -9.72 -17.00 -20.95
CA TYR E 285 -9.78 -17.00 -22.41
C TYR E 285 -8.93 -18.14 -22.95
N ALA E 286 -9.57 -19.27 -23.23
CA ALA E 286 -8.93 -20.43 -23.81
C ALA E 286 -8.87 -20.29 -25.33
N THR E 287 -8.17 -21.23 -25.97
CA THR E 287 -8.03 -21.24 -27.42
C THR E 287 -8.99 -22.29 -28.00
N GLY E 288 -9.91 -21.83 -28.84
CA GLY E 288 -10.87 -22.69 -29.49
C GLY E 288 -10.27 -23.45 -30.65
N ASP E 289 -11.14 -23.91 -31.54
CA ASP E 289 -10.70 -24.62 -32.72
C ASP E 289 -10.05 -23.66 -33.72
N ILE E 290 -9.21 -24.21 -34.57
CA ILE E 290 -8.47 -23.45 -35.58
C ILE E 290 -9.24 -23.51 -36.89
N ILE E 291 -9.56 -22.34 -37.44
CA ILE E 291 -10.28 -22.24 -38.71
C ILE E 291 -9.24 -22.17 -39.82
N GLY E 292 -9.19 -23.21 -40.64
CA GLY E 292 -8.27 -23.27 -41.76
C GLY E 292 -7.29 -24.43 -41.62
N ASP E 293 -6.07 -24.19 -42.10
CA ASP E 293 -5.03 -25.20 -42.14
C ASP E 293 -4.13 -25.12 -40.92
N ILE E 294 -3.56 -26.25 -40.53
CA ILE E 294 -2.63 -26.30 -39.40
C ILE E 294 -1.25 -25.91 -39.93
N ARG E 295 -0.88 -24.65 -39.73
CA ARG E 295 0.39 -24.11 -40.18
C ARG E 295 1.16 -23.54 -38.98
N GLN E 296 2.47 -23.42 -39.14
CA GLN E 296 3.32 -22.88 -38.08
C GLN E 296 3.78 -21.47 -38.42
N ALA E 297 3.99 -20.66 -37.38
CA ALA E 297 4.41 -19.28 -37.56
C ALA E 297 5.80 -19.24 -38.18
N HIS E 298 6.09 -18.18 -38.94
CA HIS E 298 7.38 -18.12 -39.61
C HIS E 298 7.80 -16.67 -39.84
N CYS E 299 9.11 -16.48 -40.09
CA CYS E 299 9.64 -15.14 -40.33
C CYS E 299 10.50 -15.13 -41.59
N ASN E 300 10.30 -14.14 -42.44
CA ASN E 300 11.03 -13.94 -43.68
C ASN E 300 12.07 -12.84 -43.53
N VAL E 301 13.27 -13.09 -44.06
CA VAL E 301 14.32 -12.09 -44.16
C VAL E 301 14.84 -12.07 -45.60
N SER E 302 14.74 -10.91 -46.26
CA SER E 302 15.19 -10.74 -47.63
C SER E 302 16.65 -11.15 -47.82
N LYS E 303 16.86 -12.16 -48.68
CA LYS E 303 18.20 -12.74 -48.86
C LYS E 303 19.23 -11.68 -49.29
N ALA E 304 18.85 -10.81 -50.22
CA ALA E 304 19.78 -9.78 -50.71
C ALA E 304 20.12 -8.80 -49.60
N THR E 305 19.11 -8.33 -48.88
CA THR E 305 19.35 -7.38 -47.81
C THR E 305 20.24 -8.00 -46.75
N TRP E 306 19.98 -9.27 -46.39
CA TRP E 306 20.78 -9.90 -45.36
C TRP E 306 22.22 -10.06 -45.83
N ASN E 307 22.41 -10.32 -47.13
CA ASN E 307 23.76 -10.44 -47.67
C ASN E 307 24.52 -9.12 -47.62
N GLU E 308 23.89 -8.05 -48.07
CA GLU E 308 24.59 -6.76 -48.04
C GLU E 308 24.84 -6.30 -46.62
N THR E 309 23.91 -6.56 -45.70
CA THR E 309 24.12 -6.15 -44.32
C THR E 309 25.26 -6.94 -43.70
N LEU E 310 25.27 -8.26 -43.88
CA LEU E 310 26.36 -9.08 -43.34
C LEU E 310 27.70 -8.72 -43.96
N GLY E 311 27.73 -8.47 -45.28
CA GLY E 311 28.96 -8.07 -45.93
C GLY E 311 29.43 -6.70 -45.52
N LYS E 312 28.53 -5.86 -45.03
CA LYS E 312 28.92 -4.54 -44.56
C LYS E 312 29.39 -4.60 -43.12
N VAL E 313 28.88 -5.56 -42.34
CA VAL E 313 29.30 -5.70 -40.96
C VAL E 313 30.66 -6.39 -40.89
N VAL E 314 30.87 -7.44 -41.69
CA VAL E 314 32.14 -8.17 -41.65
C VAL E 314 33.28 -7.26 -42.05
N LYS E 315 33.02 -6.23 -42.86
CA LYS E 315 34.07 -5.29 -43.22
C LYS E 315 34.42 -4.39 -42.04
N GLN E 316 33.50 -4.21 -41.09
CA GLN E 316 33.78 -3.43 -39.90
C GLN E 316 34.39 -4.31 -38.81
N LEU E 317 34.14 -5.62 -38.88
CA LEU E 317 34.70 -6.55 -37.91
C LEU E 317 36.19 -6.75 -38.15
N ARG E 318 36.63 -6.62 -39.41
CA ARG E 318 38.03 -6.81 -39.74
C ARG E 318 38.90 -5.65 -39.30
N LYS E 319 38.29 -4.53 -38.91
CA LYS E 319 39.01 -3.37 -38.42
C LYS E 319 39.45 -3.54 -36.96
N HIS E 320 39.03 -4.61 -36.29
CA HIS E 320 39.37 -4.83 -34.89
C HIS E 320 39.99 -6.18 -34.62
N PHE E 321 39.84 -7.17 -35.50
CA PHE E 321 40.37 -8.51 -35.31
C PHE E 321 41.38 -8.86 -36.41
N GLY E 322 42.03 -7.86 -36.98
CA GLY E 322 42.99 -8.07 -38.03
C GLY E 322 42.40 -7.95 -39.41
N ASN E 323 43.18 -7.40 -40.34
CA ASN E 323 42.69 -7.11 -41.69
C ASN E 323 42.38 -8.38 -42.47
N ASN E 324 43.30 -9.34 -42.46
CA ASN E 324 43.21 -10.57 -43.25
C ASN E 324 42.88 -11.75 -42.32
N THR E 325 41.62 -11.82 -41.92
CA THR E 325 41.12 -12.89 -41.07
C THR E 325 39.78 -13.42 -41.60
N ILE E 326 39.43 -14.61 -41.12
CA ILE E 326 38.21 -15.32 -41.48
C ILE E 326 37.19 -15.13 -40.37
N ILE E 327 35.99 -14.68 -40.72
CA ILE E 327 34.92 -14.48 -39.75
C ILE E 327 33.81 -15.48 -40.05
N ARG E 328 33.57 -16.40 -39.13
CA ARG E 328 32.56 -17.44 -39.32
C ARG E 328 31.37 -17.17 -38.40
N PHE E 329 30.17 -17.35 -38.93
CA PHE E 329 28.93 -17.18 -38.17
C PHE E 329 28.31 -18.55 -37.90
N ALA E 330 27.95 -18.77 -36.63
CA ALA E 330 27.28 -19.97 -36.13
C ALA E 330 26.14 -19.53 -35.21
N ASN E 331 25.08 -20.35 -35.08
CA ASN E 331 23.98 -19.95 -34.22
C ASN E 331 24.32 -20.27 -32.78
N SER E 332 23.34 -20.05 -31.91
CA SER E 332 23.51 -20.17 -30.47
C SER E 332 24.03 -21.55 -30.09
N SER E 333 24.76 -21.60 -28.99
CA SER E 333 25.33 -22.86 -28.53
C SER E 333 24.34 -23.68 -27.71
N GLY E 334 23.44 -23.03 -26.99
CA GLY E 334 22.44 -23.76 -26.22
C GLY E 334 21.98 -22.96 -25.01
N GLY E 335 21.03 -23.56 -24.29
CA GLY E 335 20.48 -23.00 -23.08
C GLY E 335 18.97 -22.91 -23.07
N ASP E 336 18.42 -21.84 -22.51
CA ASP E 336 16.97 -21.65 -22.48
C ASP E 336 16.46 -21.24 -23.85
N LEU E 337 15.15 -21.30 -24.01
CA LEU E 337 14.52 -20.96 -25.29
C LEU E 337 14.63 -19.48 -25.58
N GLU E 338 14.71 -18.64 -24.53
CA GLU E 338 14.76 -17.20 -24.74
C GLU E 338 16.09 -16.72 -25.27
N VAL E 339 17.14 -17.53 -25.18
CA VAL E 339 18.48 -17.17 -25.61
C VAL E 339 18.84 -17.85 -26.92
N THR E 340 18.39 -19.09 -27.09
CA THR E 340 18.70 -19.85 -28.27
C THR E 340 17.87 -19.47 -29.48
N THR E 341 16.76 -18.78 -29.28
CA THR E 341 15.86 -18.38 -30.34
C THR E 341 15.66 -16.87 -30.29
N HIS E 342 15.21 -16.31 -31.41
CA HIS E 342 14.83 -14.90 -31.46
C HIS E 342 13.48 -14.77 -30.75
N SER E 343 13.53 -14.33 -29.50
CA SER E 343 12.34 -14.13 -28.68
C SER E 343 11.81 -12.72 -28.92
N PHE E 344 10.51 -12.60 -29.17
CA PHE E 344 9.90 -11.28 -29.29
C PHE E 344 8.39 -11.38 -29.17
N ASN E 345 7.75 -10.22 -29.17
CA ASN E 345 6.30 -10.09 -29.06
C ASN E 345 5.74 -9.49 -30.33
N CYS E 346 4.64 -10.05 -30.81
CA CYS E 346 3.95 -9.55 -32.00
C CYS E 346 2.47 -9.86 -31.96
N GLY E 347 1.68 -8.81 -31.77
CA GLY E 347 0.24 -8.94 -31.77
C GLY E 347 -0.28 -9.51 -30.48
N GLY E 348 0.57 -9.57 -29.47
CA GLY E 348 0.22 -10.13 -28.20
C GLY E 348 0.85 -11.49 -28.03
N GLU E 349 1.16 -12.19 -29.13
CA GLU E 349 1.76 -13.50 -29.01
C GLU E 349 3.28 -13.38 -28.87
N PHE E 350 3.88 -14.38 -28.22
CA PHE E 350 5.31 -14.39 -27.96
C PHE E 350 5.98 -15.43 -28.84
N PHE E 351 6.67 -14.96 -29.88
CA PHE E 351 7.35 -15.81 -30.83
C PHE E 351 8.78 -16.11 -30.37
N TYR E 352 9.27 -17.27 -30.79
CA TYR E 352 10.63 -17.74 -30.53
C TYR E 352 11.09 -18.37 -31.84
N CYS E 353 11.82 -17.61 -32.66
CA CYS E 353 12.16 -18.03 -34.01
C CYS E 353 13.55 -18.64 -34.12
N ASN E 354 13.68 -19.56 -35.08
CA ASN E 354 14.92 -20.27 -35.35
C ASN E 354 15.88 -19.40 -36.15
N THR E 355 16.97 -18.97 -35.54
CA THR E 355 17.91 -18.07 -36.20
C THR E 355 19.17 -18.84 -36.60
N SER E 356 18.96 -20.03 -37.17
CA SER E 356 20.05 -20.87 -37.68
C SER E 356 20.31 -20.66 -39.17
N GLY E 357 19.43 -19.93 -39.86
CA GLY E 357 19.57 -19.69 -41.27
C GLY E 357 20.18 -18.34 -41.57
N LEU E 358 20.37 -17.55 -40.51
CA LEU E 358 20.95 -16.22 -40.61
C LEU E 358 22.41 -16.20 -40.18
N PHE E 359 22.78 -17.02 -39.20
CA PHE E 359 24.13 -17.05 -38.65
C PHE E 359 24.83 -18.34 -39.05
N ASN E 360 24.75 -18.72 -40.34
CA ASN E 360 25.33 -19.97 -40.84
C ASN E 360 26.24 -19.60 -42.03
N SER E 361 27.37 -18.95 -41.75
CA SER E 361 28.17 -18.47 -42.87
C SER E 361 29.65 -18.50 -42.53
N THR E 362 30.49 -18.26 -43.54
CA THR E 362 31.94 -18.19 -43.34
C THR E 362 32.52 -17.23 -44.35
N TRP E 363 32.93 -16.05 -43.89
CA TRP E 363 33.43 -14.98 -44.74
C TRP E 363 34.96 -14.98 -44.69
N ILE E 364 35.58 -15.04 -45.86
CA ILE E 364 37.04 -14.99 -45.95
C ILE E 364 37.46 -13.53 -46.04
N SER E 365 38.78 -13.28 -46.04
CA SER E 365 39.29 -11.91 -46.10
C SER E 365 38.81 -11.18 -47.34
N ASN E 366 38.60 -11.90 -48.44
CA ASN E 366 38.14 -11.29 -49.67
C ASN E 366 37.46 -12.31 -50.57
N ASN E 378 16.92 -15.15 -55.55
CA ASN E 378 16.16 -13.96 -55.16
C ASN E 378 14.83 -14.34 -54.53
N ASP E 379 14.84 -14.56 -53.22
CA ASP E 379 13.64 -14.91 -52.48
C ASP E 379 13.76 -14.46 -51.03
N SER E 380 13.22 -15.23 -50.10
CA SER E 380 13.27 -14.88 -48.69
C SER E 380 13.72 -16.07 -47.87
N ILE E 381 14.48 -15.78 -46.80
CA ILE E 381 14.96 -16.80 -45.88
C ILE E 381 13.91 -16.96 -44.79
N THR E 382 13.18 -18.06 -44.83
CA THR E 382 12.13 -18.34 -43.86
C THR E 382 12.73 -19.01 -42.62
N LEU E 383 12.25 -18.61 -41.45
CA LEU E 383 12.70 -19.16 -40.20
C LEU E 383 11.53 -19.72 -39.40
N PRO E 384 11.63 -20.96 -38.94
CA PRO E 384 10.59 -21.62 -38.12
C PRO E 384 10.41 -20.95 -36.77
N CYS E 385 9.22 -20.45 -36.49
CA CYS E 385 8.93 -19.70 -35.27
C CYS E 385 7.93 -20.49 -34.43
N ARG E 386 8.26 -20.66 -33.15
CA ARG E 386 7.40 -21.28 -32.16
C ARG E 386 6.67 -20.18 -31.39
N ILE E 387 5.58 -20.54 -30.74
CA ILE E 387 4.77 -19.57 -30.00
C ILE E 387 4.53 -20.08 -28.59
N LYS E 388 4.80 -19.23 -27.60
CA LYS E 388 4.57 -19.58 -26.21
C LYS E 388 3.63 -18.57 -25.55
N GLN E 389 2.69 -19.07 -24.75
CA GLN E 389 1.71 -18.23 -24.06
C GLN E 389 2.09 -17.97 -22.61
N ILE E 390 2.64 -18.97 -21.92
CA ILE E 390 3.08 -18.84 -20.54
C ILE E 390 4.56 -18.47 -20.57
N ILE E 391 4.87 -17.24 -20.18
CA ILE E 391 6.23 -16.72 -20.25
C ILE E 391 6.69 -16.30 -18.87
N ASN E 392 8.01 -16.18 -18.74
CA ASN E 392 8.67 -15.70 -17.53
C ASN E 392 9.86 -14.85 -17.94
N MET E 393 9.58 -13.73 -18.61
CA MET E 393 10.64 -12.88 -19.10
C MET E 393 11.38 -12.19 -17.95
N TRP E 394 12.52 -11.60 -18.29
CA TRP E 394 13.42 -10.94 -17.35
C TRP E 394 13.91 -11.89 -16.26
N GLN E 395 13.88 -13.20 -16.53
CA GLN E 395 14.32 -14.21 -15.59
C GLN E 395 13.65 -14.04 -14.23
N ARG E 396 12.35 -13.78 -14.27
CA ARG E 396 11.55 -13.51 -13.07
C ARG E 396 10.86 -14.78 -12.60
N ILE E 397 10.99 -15.08 -11.32
CA ILE E 397 10.33 -16.20 -10.68
C ILE E 397 9.36 -15.65 -9.65
N GLY E 398 8.12 -16.14 -9.68
CA GLY E 398 7.04 -15.64 -8.83
C GLY E 398 5.84 -15.15 -9.62
N GLN E 399 6.07 -14.64 -10.83
CA GLN E 399 5.02 -14.10 -11.68
C GLN E 399 5.06 -14.75 -13.07
N ALA E 400 4.12 -15.64 -13.38
CA ALA E 400 4.02 -16.22 -14.71
C ALA E 400 2.78 -15.63 -15.38
N MET E 401 2.94 -15.07 -16.57
CA MET E 401 1.86 -14.43 -17.30
C MET E 401 1.38 -15.29 -18.45
N TYR E 402 0.08 -15.51 -18.50
CA TYR E 402 -0.57 -16.24 -19.59
C TYR E 402 -1.06 -15.27 -20.67
N ALA E 403 -0.41 -15.29 -21.83
CA ALA E 403 -0.82 -14.42 -22.93
C ALA E 403 -2.12 -14.92 -23.54
N PRO E 404 -3.19 -14.13 -23.50
CA PRO E 404 -4.46 -14.58 -24.08
C PRO E 404 -4.37 -14.76 -25.58
N PRO E 405 -5.09 -15.73 -26.14
CA PRO E 405 -5.06 -15.96 -27.60
C PRO E 405 -5.54 -14.73 -28.36
N ILE E 406 -5.05 -14.58 -29.59
CA ILE E 406 -5.39 -13.44 -30.43
C ILE E 406 -6.09 -13.95 -31.69
N GLN E 407 -7.30 -13.45 -31.94
CA GLN E 407 -8.08 -13.82 -33.10
C GLN E 407 -7.52 -13.22 -34.38
N GLY E 408 -7.69 -13.94 -35.48
CA GLY E 408 -7.23 -13.47 -36.78
C GLY E 408 -5.77 -13.77 -37.05
N VAL E 409 -5.44 -13.82 -38.35
CA VAL E 409 -4.06 -14.02 -38.76
C VAL E 409 -3.25 -12.81 -38.35
N ILE E 410 -2.16 -13.05 -37.64
CA ILE E 410 -1.29 -11.97 -37.17
C ILE E 410 -0.16 -11.80 -38.18
N ARG E 411 -0.03 -10.59 -38.71
CA ARG E 411 1.05 -10.26 -39.62
C ARG E 411 1.76 -9.02 -39.09
N CYS E 412 3.09 -9.06 -39.09
CA CYS E 412 3.88 -7.92 -38.65
C CYS E 412 5.17 -7.79 -39.44
N VAL E 413 5.48 -6.56 -39.81
CA VAL E 413 6.67 -6.20 -40.56
C VAL E 413 7.55 -5.31 -39.68
N SER E 414 8.77 -5.76 -39.40
CA SER E 414 9.62 -4.99 -38.51
C SER E 414 10.97 -4.74 -39.19
N ASN E 415 11.77 -3.91 -38.52
CA ASN E 415 13.11 -3.56 -38.94
C ASN E 415 14.14 -4.24 -38.06
N ILE E 416 15.02 -5.05 -38.67
CA ILE E 416 16.22 -5.51 -38.00
C ILE E 416 17.26 -4.40 -38.10
N THR E 417 17.51 -3.73 -36.98
CA THR E 417 18.40 -2.57 -36.93
C THR E 417 19.66 -2.82 -36.13
N GLY E 418 19.89 -4.05 -35.67
CA GLY E 418 21.08 -4.33 -34.88
C GLY E 418 21.07 -5.73 -34.34
N LEU E 419 22.24 -6.14 -33.86
CA LEU E 419 22.46 -7.48 -33.33
C LEU E 419 23.13 -7.44 -31.97
N ILE E 420 23.04 -8.55 -31.24
CA ILE E 420 23.74 -8.75 -29.99
C ILE E 420 24.57 -10.02 -30.16
N LEU E 421 25.86 -9.88 -30.43
CA LEU E 421 26.72 -11.01 -30.74
C LEU E 421 27.66 -11.33 -29.58
N THR E 422 28.17 -12.55 -29.58
CA THR E 422 29.15 -13.02 -28.63
C THR E 422 30.24 -13.76 -29.39
N ARG E 423 31.49 -13.63 -28.93
CA ARG E 423 32.64 -14.22 -29.60
C ARG E 423 33.15 -15.43 -28.84
N ASP E 424 33.59 -16.44 -29.59
CA ASP E 424 34.12 -17.66 -28.99
C ASP E 424 35.55 -17.44 -28.53
N GLY E 425 35.91 -18.08 -27.41
CA GLY E 425 37.14 -17.82 -26.72
C GLY E 425 38.12 -18.97 -26.79
N GLY E 426 39.19 -18.85 -26.00
CA GLY E 426 40.25 -19.84 -26.00
C GLY E 426 40.76 -20.20 -27.38
N ALA E 427 40.93 -19.18 -28.24
CA ALA E 427 41.39 -19.37 -29.60
C ALA E 427 42.87 -19.71 -29.66
N ASN E 428 43.72 -18.74 -29.34
CA ASN E 428 45.17 -18.81 -29.45
C ASN E 428 45.60 -19.13 -30.88
N ASN E 429 45.73 -20.42 -31.17
CA ASN E 429 45.86 -20.91 -32.54
C ASN E 429 44.70 -20.44 -33.41
N THR E 430 44.94 -20.39 -34.73
CA THR E 430 43.98 -19.95 -35.75
C THR E 430 43.65 -18.46 -35.79
N SER E 431 43.49 -17.99 -37.03
CA SER E 431 43.18 -16.64 -37.47
C SER E 431 41.68 -16.38 -37.70
N THR E 432 40.83 -17.41 -37.71
CA THR E 432 39.38 -17.14 -37.73
C THR E 432 38.76 -16.91 -36.35
N GLU E 433 37.68 -16.11 -36.36
CA GLU E 433 36.85 -15.79 -35.19
C GLU E 433 35.38 -16.03 -35.50
N THR E 434 34.71 -16.74 -34.59
CA THR E 434 33.32 -17.16 -34.75
C THR E 434 32.41 -16.38 -33.81
N PHE E 435 31.29 -15.88 -34.34
CA PHE E 435 30.35 -15.08 -33.57
C PHE E 435 29.00 -15.78 -33.56
N ARG E 436 28.35 -15.76 -32.40
CA ARG E 436 27.07 -16.41 -32.19
C ARG E 436 26.08 -15.45 -31.56
N PRO E 437 24.79 -15.62 -31.84
CA PRO E 437 23.78 -14.74 -31.23
C PRO E 437 23.68 -14.96 -29.73
N GLY E 438 23.52 -13.86 -29.01
CA GLY E 438 23.39 -13.93 -27.56
C GLY E 438 22.26 -13.06 -27.05
N GLY E 439 22.29 -12.74 -25.76
CA GLY E 439 21.25 -11.92 -25.17
C GLY E 439 21.11 -12.14 -23.68
N GLY E 440 19.93 -12.57 -23.25
CA GLY E 440 19.69 -12.80 -21.83
C GLY E 440 19.42 -11.52 -21.07
N ASP E 441 20.48 -10.76 -20.80
CA ASP E 441 20.36 -9.49 -20.08
C ASP E 441 19.63 -8.48 -20.96
N MET E 442 18.43 -8.08 -20.54
CA MET E 442 17.63 -7.15 -21.32
C MET E 442 18.14 -5.72 -21.24
N ARG E 443 19.14 -5.47 -20.38
CA ARG E 443 19.72 -4.14 -20.28
C ARG E 443 20.47 -3.77 -21.55
N ASP E 444 21.02 -4.77 -22.24
CA ASP E 444 21.72 -4.53 -23.49
C ASP E 444 20.77 -3.96 -24.53
N ASN E 445 19.49 -4.34 -24.47
CA ASN E 445 18.51 -3.80 -25.41
C ASN E 445 18.30 -2.31 -25.18
N TRP E 446 18.48 -1.84 -23.94
CA TRP E 446 18.37 -0.42 -23.65
C TRP E 446 19.67 0.32 -23.92
N ARG E 447 20.81 -0.37 -23.80
CA ARG E 447 22.09 0.26 -24.06
C ARG E 447 22.27 0.62 -25.53
N SER E 448 21.48 0.02 -26.42
CA SER E 448 21.58 0.28 -27.85
C SER E 448 20.91 1.60 -28.24
N GLU E 449 20.22 2.25 -27.31
CA GLU E 449 19.55 3.52 -27.57
C GLU E 449 19.99 4.64 -26.63
N LEU E 450 20.58 4.31 -25.48
CA LEU E 450 21.00 5.30 -24.50
C LEU E 450 22.50 5.54 -24.53
N TYR E 451 23.18 5.15 -25.62
CA TYR E 451 24.62 5.33 -25.71
C TYR E 451 25.00 6.79 -25.94
N LYS E 452 24.08 7.58 -26.49
CA LYS E 452 24.34 8.97 -26.84
C LYS E 452 23.75 9.95 -25.85
N TYR E 453 23.37 9.48 -24.66
CA TYR E 453 22.79 10.34 -23.64
C TYR E 453 23.44 10.09 -22.29
N LYS E 454 23.56 11.16 -21.50
CA LYS E 454 24.03 11.00 -20.13
C LYS E 454 23.50 12.15 -19.28
N VAL E 455 23.32 11.87 -17.98
CA VAL E 455 22.69 12.81 -17.05
C VAL E 455 23.76 13.60 -16.32
N VAL E 456 23.59 14.92 -16.26
CA VAL E 456 24.49 15.80 -15.52
C VAL E 456 23.69 16.73 -14.63
N LYS E 457 24.28 17.12 -13.50
CA LYS E 457 23.67 18.04 -12.56
C LYS E 457 24.36 19.39 -12.67
N ILE E 458 23.57 20.46 -12.60
CA ILE E 458 24.05 21.83 -12.74
C ILE E 458 24.39 22.42 -11.38
N GLU E 459 25.61 22.95 -11.25
CA GLU E 459 26.04 23.66 -10.04
C GLU E 459 26.33 25.11 -10.40
N PRO E 460 25.30 25.97 -10.37
CA PRO E 460 25.45 27.35 -10.86
C PRO E 460 26.29 28.27 -9.97
N LEU E 461 26.69 27.82 -8.78
CA LEU E 461 27.48 28.63 -7.85
C LEU E 461 28.97 28.50 -8.15
N GLY E 462 29.56 29.57 -8.68
CA GLY E 462 30.98 29.62 -8.98
C GLY E 462 31.64 30.90 -8.52
N VAL E 463 32.70 30.79 -7.72
CA VAL E 463 33.40 31.95 -7.19
C VAL E 463 34.58 32.29 -8.08
N ALA E 464 34.89 33.59 -8.20
CA ALA E 464 35.98 34.00 -9.07
C ALA E 464 36.55 35.34 -8.66
N PRO E 465 37.87 35.52 -8.73
CA PRO E 465 38.49 36.76 -8.27
C PRO E 465 38.45 37.87 -9.33
N THR E 466 38.23 39.08 -8.85
CA THR E 466 38.22 40.28 -9.69
C THR E 466 38.42 41.48 -8.77
N ARG E 467 38.81 42.60 -9.38
CA ARG E 467 39.13 43.84 -8.65
C ARG E 467 37.88 44.59 -8.17
N CYS E 468 37.04 43.88 -7.41
CA CYS E 468 35.78 44.41 -6.91
C CYS E 468 35.64 44.24 -5.41
N LYS E 469 35.24 45.31 -4.74
CA LYS E 469 34.96 45.30 -3.32
C LYS E 469 33.99 46.46 -3.07
N ARG E 470 33.79 46.80 -1.79
CA ARG E 470 33.14 48.02 -1.37
C ARG E 470 34.19 48.95 -0.75
N ARG E 471 33.74 49.91 0.05
CA ARG E 471 34.65 50.83 0.73
C ARG E 471 35.61 50.08 1.66
N VAL F 2 31.31 -17.16 -1.25
CA VAL F 2 31.22 -17.81 -2.57
C VAL F 2 31.93 -19.15 -2.54
N ARG F 3 31.19 -20.21 -2.85
CA ARG F 3 31.74 -21.56 -2.84
C ARG F 3 31.24 -22.34 -4.05
N LEU F 4 32.19 -22.91 -4.80
CA LEU F 4 31.89 -23.76 -5.95
C LEU F 4 32.16 -25.21 -5.58
N SER F 5 31.11 -26.03 -5.51
CA SER F 5 31.22 -27.42 -5.11
C SER F 5 31.13 -28.31 -6.35
N GLN F 6 32.23 -28.97 -6.69
CA GLN F 6 32.32 -29.80 -7.88
C GLN F 6 32.14 -31.28 -7.54
N SER F 7 31.62 -32.05 -8.50
CA SER F 7 31.59 -33.49 -8.40
C SER F 7 32.98 -34.07 -8.64
N GLY F 8 33.22 -35.26 -8.09
CA GLY F 8 34.53 -35.89 -8.18
C GLY F 8 35.01 -36.23 -9.58
N GLY F 9 36.26 -36.72 -9.66
CA GLY F 9 36.83 -37.11 -10.93
C GLY F 9 36.41 -38.50 -11.38
N GLN F 10 36.80 -38.86 -12.60
CA GLN F 10 36.38 -40.16 -13.12
C GLN F 10 37.32 -40.64 -14.22
N MET F 11 37.25 -41.94 -14.47
CA MET F 11 38.01 -42.62 -15.52
C MET F 11 37.04 -43.05 -16.61
N LYS F 12 37.25 -42.56 -17.82
CA LYS F 12 36.42 -42.88 -18.97
C LYS F 12 37.24 -43.63 -20.01
N LYS F 13 36.54 -44.27 -20.93
CA LYS F 13 37.16 -44.93 -22.06
C LYS F 13 37.04 -44.07 -23.30
N PRO F 14 37.92 -44.27 -24.30
CA PRO F 14 37.81 -43.48 -25.53
C PRO F 14 36.49 -43.75 -26.24
N GLY F 15 35.87 -42.67 -26.72
CA GLY F 15 34.60 -42.74 -27.40
C GLY F 15 33.40 -42.41 -26.54
N GLU F 16 33.54 -42.59 -25.22
CA GLU F 16 32.45 -42.32 -24.28
C GLU F 16 32.24 -40.81 -24.12
N SER F 17 31.30 -40.46 -23.25
CA SER F 17 31.02 -39.08 -22.89
C SER F 17 31.09 -38.92 -21.38
N MET F 18 31.35 -37.70 -20.94
CA MET F 18 31.46 -37.38 -19.52
C MET F 18 30.56 -36.20 -19.18
N ARG F 19 30.13 -36.16 -17.92
CA ARG F 19 29.28 -35.09 -17.42
C ARG F 19 29.77 -34.65 -16.05
N LEU F 20 29.89 -33.34 -15.86
CA LEU F 20 30.34 -32.75 -14.61
C LEU F 20 29.36 -31.69 -14.13
N SER F 21 29.28 -31.54 -12.80
CA SER F 21 28.42 -30.55 -12.19
C SER F 21 29.23 -29.64 -11.27
N CYS F 22 28.70 -28.44 -11.03
CA CYS F 22 29.36 -27.45 -10.18
C CYS F 22 28.28 -26.57 -9.56
N ARG F 23 28.02 -26.76 -8.27
CA ARG F 23 26.99 -26.01 -7.55
C ARG F 23 27.59 -24.77 -6.90
N ALA F 24 27.10 -23.61 -7.30
CA ALA F 24 27.56 -22.34 -6.74
C ALA F 24 26.72 -21.96 -5.54
N SER F 25 27.34 -21.28 -4.57
CA SER F 25 26.62 -20.83 -3.39
C SER F 25 27.28 -19.56 -2.85
N GLY F 26 26.49 -18.79 -2.10
CA GLY F 26 26.99 -17.58 -1.47
C GLY F 26 26.79 -16.31 -2.25
N TYR F 27 26.18 -16.36 -3.44
CA TYR F 27 25.95 -15.18 -4.25
C TYR F 27 24.78 -15.43 -5.18
N GLU F 28 24.35 -14.37 -5.86
CA GLU F 28 23.25 -14.47 -6.82
C GLU F 28 23.74 -15.13 -8.10
N PHE F 29 23.28 -16.37 -8.33
CA PHE F 29 23.74 -17.18 -9.46
C PHE F 29 23.58 -16.48 -10.79
N LEU F 30 22.53 -15.66 -10.95
CA LEU F 30 22.23 -15.03 -12.23
C LEU F 30 23.14 -13.84 -12.55
N ASN F 31 23.92 -13.36 -11.58
CA ASN F 31 24.65 -12.12 -11.76
C ASN F 31 25.75 -12.22 -12.82
N CYS F 32 26.47 -13.33 -12.88
CA CYS F 32 27.63 -13.40 -13.74
C CYS F 32 27.87 -14.82 -14.23
N PRO F 33 28.57 -14.98 -15.35
CA PRO F 33 28.78 -16.31 -15.94
C PRO F 33 29.72 -17.18 -15.14
N ILE F 34 29.51 -18.48 -15.26
CA ILE F 34 30.40 -19.51 -14.73
C ILE F 34 31.23 -20.02 -15.90
N ASN F 35 32.51 -20.28 -15.66
CA ASN F 35 33.39 -20.75 -16.72
C ASN F 35 33.86 -22.16 -16.43
N TRP F 36 34.23 -22.85 -17.50
CA TRP F 36 34.79 -24.19 -17.44
C TRP F 36 36.13 -24.15 -18.16
N ILE F 37 37.19 -24.48 -17.41
CA ILE F 37 38.58 -24.46 -17.89
C ILE F 37 39.24 -25.79 -17.56
N ARG F 38 39.95 -26.38 -18.52
CA ARG F 38 40.66 -27.64 -18.33
C ARG F 38 42.15 -27.37 -18.20
N LEU F 39 42.78 -28.05 -17.24
CA LEU F 39 44.23 -27.95 -17.01
C LEU F 39 44.86 -29.34 -17.14
N ALA F 40 45.70 -29.51 -18.16
CA ALA F 40 46.47 -30.73 -18.33
C ALA F 40 47.90 -30.55 -17.84
N PRO F 41 48.45 -31.54 -17.14
CA PRO F 41 49.82 -31.42 -16.62
C PRO F 41 50.83 -31.06 -17.70
N GLY F 42 51.62 -30.02 -17.42
CA GLY F 42 52.62 -29.56 -18.39
C GLY F 42 52.03 -29.11 -19.71
N ARG F 43 50.85 -28.51 -19.69
CA ARG F 43 50.17 -28.04 -20.90
C ARG F 43 49.49 -26.72 -20.60
N ARG F 44 49.46 -25.85 -21.61
CA ARG F 44 48.80 -24.57 -21.47
C ARG F 44 47.33 -24.75 -21.09
N PRO F 45 46.87 -24.13 -20.00
CA PRO F 45 45.46 -24.24 -19.61
C PRO F 45 44.54 -23.82 -20.75
N GLU F 46 43.47 -24.59 -20.93
CA GLU F 46 42.51 -24.39 -22.01
C GLU F 46 41.18 -23.99 -21.41
N TRP F 47 40.72 -22.80 -21.77
CA TRP F 47 39.39 -22.33 -21.41
C TRP F 47 38.35 -22.97 -22.34
N MET F 48 37.42 -23.71 -21.75
CA MET F 48 36.43 -24.45 -22.52
C MET F 48 35.20 -23.61 -22.84
N GLY F 49 34.67 -22.88 -21.86
CA GLY F 49 33.53 -22.02 -22.19
C GLY F 49 32.94 -21.33 -20.98
N TRP F 50 32.00 -20.42 -21.27
CA TRP F 50 31.25 -19.80 -20.19
C TRP F 50 29.74 -19.92 -20.41
N LEU F 51 29.01 -19.81 -19.30
CA LEU F 51 27.55 -19.84 -19.29
C LEU F 51 27.01 -18.72 -18.42
N LYS F 52 26.06 -17.95 -18.95
CA LYS F 52 25.33 -16.97 -18.16
C LYS F 52 24.06 -17.63 -17.65
N PRO F 53 23.96 -17.90 -16.34
CA PRO F 53 22.76 -18.52 -15.76
C PRO F 53 21.46 -17.79 -16.07
N ARG F 54 21.57 -16.49 -16.35
CA ARG F 54 20.43 -15.68 -16.78
C ARG F 54 20.16 -16.02 -18.24
N GLY F 55 19.12 -16.82 -18.48
CA GLY F 55 18.80 -17.28 -19.81
C GLY F 55 19.56 -18.52 -20.23
N GLY F 56 20.59 -18.91 -19.49
CA GLY F 56 21.36 -20.08 -19.84
C GLY F 56 22.24 -19.89 -21.04
N ALA F 57 22.62 -18.65 -21.33
CA ALA F 57 23.45 -18.36 -22.49
C ALA F 57 24.79 -19.07 -22.36
N VAL F 58 25.37 -19.47 -23.48
CA VAL F 58 26.64 -20.19 -23.43
C VAL F 58 27.54 -19.73 -24.56
N ASN F 59 28.83 -19.97 -24.38
CA ASN F 59 29.86 -19.64 -25.37
C ASN F 59 30.97 -20.68 -25.24
N TYR F 60 31.19 -21.43 -26.32
CA TYR F 60 32.12 -22.54 -26.34
C TYR F 60 33.38 -22.18 -27.13
N ALA F 61 34.53 -22.66 -26.68
CA ALA F 61 35.74 -22.56 -27.47
C ALA F 61 35.61 -23.32 -28.78
N ARG F 62 36.27 -22.80 -29.83
CA ARG F 62 36.26 -23.45 -31.14
C ARG F 62 36.57 -24.94 -31.06
N LYS F 63 37.59 -25.31 -30.30
CA LYS F 63 38.04 -26.70 -30.24
C LYS F 63 36.92 -27.65 -29.83
N PHE F 64 35.96 -27.16 -29.05
CA PHE F 64 34.95 -28.01 -28.43
C PHE F 64 33.57 -27.89 -29.08
N GLN F 65 33.37 -26.95 -29.99
CA GLN F 65 32.06 -26.74 -30.61
C GLN F 65 31.58 -28.02 -31.29
N GLY F 66 30.42 -28.50 -30.87
CA GLY F 66 29.85 -29.73 -31.37
C GLY F 66 30.04 -30.91 -30.44
N ARG F 67 30.92 -30.78 -29.46
CA ARG F 67 31.23 -31.82 -28.49
C ARG F 67 30.76 -31.51 -27.08
N VAL F 68 30.76 -30.23 -26.70
CA VAL F 68 30.47 -29.80 -25.33
C VAL F 68 29.07 -29.21 -25.28
N THR F 69 28.39 -29.44 -24.16
CA THR F 69 27.06 -28.90 -23.90
C THR F 69 27.01 -28.41 -22.46
N MET F 70 26.78 -27.12 -22.28
CA MET F 70 26.69 -26.50 -20.96
C MET F 70 25.27 -26.03 -20.68
N THR F 71 24.72 -26.46 -19.55
CA THR F 71 23.39 -26.09 -19.10
C THR F 71 23.45 -25.69 -17.63
N ARG F 72 22.31 -25.32 -17.05
CA ARG F 72 22.29 -25.01 -15.63
C ARG F 72 20.89 -25.20 -15.08
N ASP F 73 20.83 -25.39 -13.76
CA ASP F 73 19.60 -25.46 -12.98
C ASP F 73 19.59 -24.28 -12.02
N VAL F 74 18.84 -23.24 -12.41
CA VAL F 74 18.77 -22.00 -11.64
C VAL F 74 18.21 -22.24 -10.24
N TYR F 75 17.34 -23.24 -10.10
CA TYR F 75 16.71 -23.48 -8.80
C TYR F 75 17.70 -24.06 -7.82
N SER F 76 18.59 -24.93 -8.28
CA SER F 76 19.61 -25.52 -7.43
C SER F 76 20.96 -24.85 -7.64
N ASP F 77 21.01 -23.81 -8.47
CA ASP F 77 22.21 -23.03 -8.75
C ASP F 77 23.35 -23.90 -9.26
N THR F 78 23.03 -24.99 -9.97
CA THR F 78 24.03 -25.96 -10.37
C THR F 78 24.31 -25.88 -11.87
N ALA F 79 25.58 -25.78 -12.24
CA ALA F 79 25.97 -25.74 -13.65
C ALA F 79 26.39 -27.14 -14.08
N PHE F 80 25.92 -27.54 -15.28
CA PHE F 80 26.23 -28.85 -15.82
C PHE F 80 27.01 -28.71 -17.12
N LEU F 81 27.91 -29.65 -17.36
CA LEU F 81 28.68 -29.71 -18.59
C LEU F 81 28.75 -31.17 -19.06
N GLU F 82 28.71 -31.36 -20.37
CA GLU F 82 28.87 -32.66 -20.99
C GLU F 82 29.88 -32.55 -22.12
N LEU F 83 30.75 -33.56 -22.23
CA LEU F 83 31.77 -33.62 -23.28
C LEU F 83 31.72 -34.99 -23.95
N ARG F 84 31.49 -34.99 -25.25
CA ARG F 84 31.33 -36.22 -26.03
C ARG F 84 32.60 -36.54 -26.82
N SER F 85 32.65 -37.77 -27.33
CA SER F 85 33.75 -38.26 -28.15
C SER F 85 35.10 -38.06 -27.47
N LEU F 86 35.22 -38.60 -26.26
CA LEU F 86 36.44 -38.42 -25.48
C LEU F 86 37.61 -39.16 -26.12
N THR F 87 38.75 -38.47 -26.21
CA THR F 87 40.01 -39.06 -26.66
C THR F 87 41.08 -38.76 -25.62
N SER F 88 42.16 -39.53 -25.67
CA SER F 88 43.30 -39.38 -24.76
C SER F 88 43.71 -37.93 -24.53
N ASP F 89 43.49 -37.07 -25.52
CA ASP F 89 43.80 -35.64 -25.35
C ASP F 89 42.95 -34.98 -24.28
N ASP F 90 41.82 -35.59 -23.90
CA ASP F 90 40.91 -34.99 -22.93
C ASP F 90 41.30 -35.23 -21.48
N THR F 91 42.28 -36.09 -21.22
CA THR F 91 42.75 -36.31 -19.85
C THR F 91 43.27 -35.01 -19.26
N ALA F 92 42.68 -34.59 -18.14
CA ALA F 92 42.99 -33.29 -17.52
C ALA F 92 42.14 -33.12 -16.28
N VAL F 93 42.44 -32.08 -15.51
CA VAL F 93 41.65 -31.69 -14.35
C VAL F 93 40.74 -30.53 -14.77
N TYR F 94 39.43 -30.71 -14.62
CA TYR F 94 38.45 -29.76 -15.10
C TYR F 94 37.95 -28.91 -13.94
N PHE F 95 37.98 -27.59 -14.11
CA PHE F 95 37.56 -26.64 -13.09
C PHE F 95 36.40 -25.79 -13.57
N CYS F 96 35.55 -25.40 -12.61
CA CYS F 96 34.55 -24.35 -12.81
C CYS F 96 35.04 -23.12 -12.05
N THR F 97 34.96 -21.96 -12.69
CA THR F 97 35.51 -20.74 -12.16
C THR F 97 34.50 -19.60 -12.21
N ARG F 98 34.67 -18.65 -11.30
CA ARG F 98 33.89 -17.42 -11.28
C ARG F 98 34.81 -16.23 -11.07
N GLY F 99 34.58 -15.18 -11.84
CA GLY F 99 35.37 -13.96 -11.74
C GLY F 99 35.24 -13.28 -10.38
N LYS F 100 36.15 -12.32 -10.17
CA LYS F 100 36.18 -11.58 -8.92
C LYS F 100 35.08 -10.53 -8.87
N TYR F 101 34.97 -9.71 -9.90
CA TYR F 101 33.97 -8.64 -9.94
C TYR F 101 32.65 -9.21 -10.44
N CYS F 102 31.66 -9.28 -9.56
CA CYS F 102 30.36 -9.86 -9.90
C CYS F 102 29.25 -9.27 -9.02
N THR F 103 28.73 -8.13 -9.46
CA THR F 103 27.62 -7.46 -8.81
C THR F 103 26.38 -7.54 -9.72
N ALA F 104 25.31 -6.87 -9.29
CA ALA F 104 24.09 -6.82 -10.09
C ALA F 104 24.26 -5.94 -11.32
N ARG F 105 24.94 -4.81 -11.16
CA ARG F 105 25.17 -3.88 -12.26
C ARG F 105 25.93 -4.52 -13.42
N ASP F 106 27.14 -5.02 -13.15
CA ASP F 106 27.94 -5.64 -14.20
C ASP F 106 28.94 -6.60 -13.55
N TYR F 107 29.91 -7.05 -14.33
CA TYR F 107 30.88 -8.03 -13.86
C TYR F 107 32.17 -7.89 -14.67
N TYR F 108 33.14 -8.75 -14.34
CA TYR F 108 34.33 -8.95 -15.17
C TYR F 108 34.70 -10.42 -15.05
N ASN F 109 34.44 -11.17 -16.13
CA ASN F 109 34.51 -12.63 -16.09
C ASN F 109 35.91 -13.15 -15.80
N TRP F 110 36.94 -12.56 -16.40
CA TRP F 110 38.23 -13.23 -16.53
C TRP F 110 39.18 -13.04 -15.35
N ASP F 111 38.77 -12.37 -14.28
CA ASP F 111 39.59 -12.35 -13.07
C ASP F 111 39.09 -13.48 -12.17
N PHE F 112 39.57 -14.69 -12.46
CA PHE F 112 39.04 -15.88 -11.81
C PHE F 112 39.47 -15.94 -10.35
N GLU F 113 38.67 -15.34 -9.47
CA GLU F 113 38.96 -15.38 -8.05
C GLU F 113 38.39 -16.61 -7.35
N HIS F 114 37.37 -17.27 -7.93
CA HIS F 114 36.74 -18.40 -7.28
C HIS F 114 36.88 -19.65 -8.15
N TRP F 115 37.39 -20.73 -7.55
CA TRP F 115 37.65 -21.97 -8.26
C TRP F 115 37.05 -23.13 -7.48
N GLY F 116 36.52 -24.10 -8.21
CA GLY F 116 36.12 -25.36 -7.63
C GLY F 116 37.33 -26.20 -7.25
N ARG F 117 37.05 -27.30 -6.54
CA ARG F 117 38.13 -28.18 -6.13
C ARG F 117 38.74 -28.92 -7.30
N GLY F 118 38.04 -29.00 -8.43
CA GLY F 118 38.57 -29.64 -9.62
C GLY F 118 38.14 -31.09 -9.72
N ALA F 119 38.04 -31.57 -10.95
CA ALA F 119 37.66 -32.95 -11.21
C ALA F 119 38.67 -33.62 -12.14
N PRO F 120 39.47 -34.57 -11.62
CA PRO F 120 40.47 -35.26 -12.44
C PRO F 120 39.78 -36.28 -13.34
N VAL F 121 39.86 -36.08 -14.66
CA VAL F 121 39.22 -36.98 -15.62
C VAL F 121 40.33 -37.58 -16.47
N THR F 122 40.46 -38.90 -16.40
CA THR F 122 41.42 -39.63 -17.22
C THR F 122 40.68 -40.49 -18.23
N VAL F 123 41.05 -40.36 -19.51
CA VAL F 123 40.46 -41.13 -20.60
C VAL F 123 41.56 -41.96 -21.24
N SER F 124 41.43 -43.28 -21.13
CA SER F 124 42.41 -44.20 -21.72
C SER F 124 41.79 -45.56 -21.99
N VAL F 143 50.38 -13.86 -28.73
CA VAL F 143 49.96 -14.78 -27.69
C VAL F 143 50.58 -14.35 -26.36
N LEU F 144 50.66 -15.27 -25.40
CA LEU F 144 51.29 -15.04 -24.11
C LEU F 144 52.48 -15.98 -24.00
N THR F 145 53.69 -15.42 -24.05
CA THR F 145 54.91 -16.21 -23.94
C THR F 145 55.50 -16.01 -22.54
N GLN F 146 55.46 -17.05 -21.73
CA GLN F 146 55.87 -16.99 -20.34
C GLN F 146 57.22 -17.67 -20.17
N SER F 147 58.13 -17.01 -19.44
CA SER F 147 59.47 -17.53 -19.23
C SER F 147 59.95 -17.11 -17.85
N PRO F 148 60.84 -17.90 -17.22
CA PRO F 148 61.40 -19.18 -17.70
C PRO F 148 60.46 -20.36 -17.47
N ALA F 149 60.78 -21.50 -18.09
CA ALA F 149 59.98 -22.70 -17.88
C ALA F 149 60.04 -23.14 -16.41
N THR F 150 61.24 -23.21 -15.85
CA THR F 150 61.44 -23.63 -14.47
C THR F 150 62.28 -22.59 -13.75
N LEU F 151 62.26 -22.65 -12.42
CA LEU F 151 62.96 -21.67 -11.59
C LEU F 151 63.29 -22.33 -10.26
N SER F 152 64.55 -22.70 -10.07
CA SER F 152 65.02 -23.34 -8.84
C SER F 152 65.68 -22.28 -7.97
N LEU F 153 65.03 -21.92 -6.87
CA LEU F 153 65.53 -20.87 -5.99
C LEU F 153 65.40 -21.33 -4.54
N SER F 154 66.22 -20.71 -3.69
CA SER F 154 66.26 -20.96 -2.26
C SER F 154 65.32 -20.01 -1.52
N PRO F 155 64.83 -20.42 -0.35
CA PRO F 155 64.02 -19.51 0.47
C PRO F 155 64.79 -18.23 0.80
N GLY F 156 64.14 -17.09 0.57
CA GLY F 156 64.74 -15.79 0.78
C GLY F 156 65.04 -15.04 -0.50
N GLU F 157 65.34 -15.74 -1.58
CA GLU F 157 65.63 -15.10 -2.85
C GLU F 157 64.37 -14.49 -3.44
N THR F 158 64.50 -13.87 -4.62
CA THR F 158 63.39 -13.25 -5.32
C THR F 158 63.21 -13.91 -6.69
N ALA F 159 61.98 -14.29 -6.99
CA ALA F 159 61.64 -14.91 -8.28
C ALA F 159 61.03 -13.87 -9.19
N ILE F 160 61.54 -13.77 -10.42
CA ILE F 160 61.02 -12.83 -11.41
C ILE F 160 60.52 -13.65 -12.60
N ILE F 161 59.20 -13.79 -12.73
CA ILE F 161 58.58 -14.49 -13.84
C ILE F 161 58.12 -13.45 -14.86
N SER F 162 58.30 -13.75 -16.15
CA SER F 162 57.97 -12.81 -17.20
C SER F 162 56.94 -13.41 -18.15
N CYS F 163 56.14 -12.51 -18.73
CA CYS F 163 55.10 -12.90 -19.68
C CYS F 163 54.98 -11.79 -20.72
N ARG F 164 55.19 -12.15 -21.99
CA ARG F 164 55.11 -11.22 -23.11
C ARG F 164 53.78 -11.37 -23.81
N THR F 165 53.09 -10.25 -24.00
CA THR F 165 51.79 -10.17 -24.64
C THR F 165 51.95 -9.58 -26.05
N SER F 166 50.82 -9.45 -26.74
CA SER F 166 50.81 -8.85 -28.07
C SER F 166 49.52 -8.07 -28.27
N GLN F 167 48.62 -8.17 -27.30
CA GLN F 167 47.29 -7.58 -27.36
C GLN F 167 47.03 -6.56 -26.27
N SER F 168 47.60 -6.75 -25.08
CA SER F 168 47.44 -5.86 -23.93
C SER F 168 46.02 -5.87 -23.39
N GLY F 169 45.87 -5.54 -22.12
CA GLY F 169 44.60 -5.67 -21.42
C GLY F 169 44.78 -6.42 -20.12
N SER F 170 44.00 -6.02 -19.11
CA SER F 170 44.04 -6.54 -17.74
C SER F 170 44.65 -7.92 -17.62
N LEU F 171 45.90 -7.99 -17.20
CA LEU F 171 46.64 -9.24 -17.08
C LEU F 171 46.64 -9.71 -15.64
N ALA F 172 46.60 -11.03 -15.46
CA ALA F 172 46.51 -11.61 -14.13
C ALA F 172 47.62 -12.64 -13.94
N TRP F 173 47.97 -12.86 -12.67
CA TRP F 173 48.94 -13.87 -12.28
C TRP F 173 48.28 -14.80 -11.26
N TYR F 174 48.41 -16.10 -11.48
CA TYR F 174 47.84 -17.13 -10.61
C TYR F 174 48.95 -18.03 -10.08
N GLN F 175 48.74 -18.55 -8.88
CA GLN F 175 49.64 -19.51 -8.24
C GLN F 175 48.91 -20.82 -7.99
N GLN F 176 49.52 -21.93 -8.40
CA GLN F 176 49.00 -23.27 -8.17
C GLN F 176 49.98 -24.03 -7.30
N ARG F 177 49.52 -24.43 -6.12
CA ARG F 177 50.34 -25.24 -5.23
C ARG F 177 50.15 -26.72 -5.53
N PRO F 178 51.22 -27.53 -5.33
CA PRO F 178 51.12 -28.97 -5.63
C PRO F 178 49.90 -29.64 -5.02
N GLY F 179 48.92 -29.95 -5.86
CA GLY F 179 47.74 -30.64 -5.43
C GLY F 179 46.60 -29.76 -4.96
N GLN F 180 46.66 -28.46 -5.21
CA GLN F 180 45.62 -27.53 -4.82
C GLN F 180 45.14 -26.74 -6.03
N ALA F 181 43.96 -26.14 -5.88
CA ALA F 181 43.40 -25.31 -6.94
C ALA F 181 44.17 -24.00 -7.05
N PRO F 182 44.41 -23.51 -8.27
CA PRO F 182 45.07 -22.21 -8.44
C PRO F 182 44.36 -21.11 -7.67
N ARG F 183 45.14 -20.16 -7.17
CA ARG F 183 44.62 -19.01 -6.44
C ARG F 183 45.00 -17.73 -7.15
N LEU F 184 44.02 -16.84 -7.33
CA LEU F 184 44.30 -15.53 -7.91
C LEU F 184 45.30 -14.77 -7.04
N VAL F 185 46.39 -14.34 -7.65
CA VAL F 185 47.46 -13.63 -6.95
C VAL F 185 47.49 -12.15 -7.32
N ILE F 186 47.40 -11.85 -8.62
CA ILE F 186 47.47 -10.47 -9.09
C ILE F 186 46.51 -10.31 -10.26
N TYR F 187 45.92 -9.12 -10.38
CA TYR F 187 45.14 -8.77 -11.55
C TYR F 187 45.47 -7.35 -11.97
N SER F 188 45.10 -7.01 -13.21
CA SER F 188 45.40 -5.72 -13.83
C SER F 188 46.91 -5.48 -13.95
N GLY F 189 47.70 -6.56 -13.84
CA GLY F 189 49.14 -6.49 -14.00
C GLY F 189 49.89 -5.94 -12.81
N SER F 190 49.24 -5.17 -11.94
CA SER F 190 49.94 -4.52 -10.84
C SER F 190 49.13 -4.47 -9.55
N THR F 191 47.92 -5.03 -9.51
CA THR F 191 47.04 -4.94 -8.35
C THR F 191 46.98 -6.29 -7.65
N ARG F 192 47.29 -6.29 -6.36
CA ARG F 192 47.25 -7.50 -5.56
C ARG F 192 45.82 -7.87 -5.21
N ALA F 193 45.58 -9.17 -5.03
CA ALA F 193 44.28 -9.66 -4.62
C ALA F 193 44.19 -9.71 -3.10
N ALA F 194 43.04 -10.17 -2.60
CA ALA F 194 42.82 -10.24 -1.16
C ALA F 194 43.72 -11.31 -0.54
N GLY F 195 44.41 -10.95 0.54
CA GLY F 195 45.28 -11.88 1.23
C GLY F 195 46.68 -11.99 0.66
N ILE F 196 46.96 -11.31 -0.44
CA ILE F 196 48.28 -11.32 -1.07
C ILE F 196 49.19 -10.29 -0.40
N PRO F 197 50.30 -10.71 0.20
CA PRO F 197 51.17 -9.77 0.91
C PRO F 197 52.00 -8.95 -0.07
N ASP F 198 52.67 -7.93 0.49
CA ASP F 198 53.48 -7.01 -0.32
C ASP F 198 54.60 -7.71 -1.06
N ARG F 199 55.02 -8.89 -0.59
CA ARG F 199 56.12 -9.61 -1.23
C ARG F 199 55.85 -9.88 -2.70
N PHE F 200 54.59 -10.07 -3.08
CA PHE F 200 54.20 -10.21 -4.47
C PHE F 200 53.96 -8.83 -5.07
N SER F 201 54.57 -8.58 -6.24
CA SER F 201 54.42 -7.29 -6.90
C SER F 201 54.45 -7.49 -8.41
N GLY F 202 53.72 -6.65 -9.12
CA GLY F 202 53.65 -6.71 -10.56
C GLY F 202 54.19 -5.44 -11.21
N SER F 203 54.75 -5.60 -12.40
CA SER F 203 55.30 -4.49 -13.17
C SER F 203 55.04 -4.74 -14.64
N ARG F 204 55.19 -3.68 -15.43
CA ARG F 204 54.87 -3.74 -16.86
C ARG F 204 55.76 -2.77 -17.62
N TRP F 205 56.22 -3.21 -18.79
CA TRP F 205 56.99 -2.36 -19.70
C TRP F 205 56.67 -2.77 -21.12
N GLY F 206 55.90 -1.93 -21.82
CA GLY F 206 55.46 -2.30 -23.15
C GLY F 206 54.62 -3.55 -23.07
N ALA F 207 54.98 -4.54 -23.89
CA ALA F 207 54.26 -5.80 -23.91
C ALA F 207 54.69 -6.72 -22.79
N ASP F 208 55.78 -6.40 -22.11
CA ASP F 208 56.36 -7.27 -21.09
C ASP F 208 55.68 -7.08 -19.73
N TYR F 209 55.45 -8.17 -19.03
CA TYR F 209 54.84 -8.17 -17.71
C TYR F 209 55.75 -8.96 -16.81
N ASN F 210 56.04 -8.44 -15.61
CA ASN F 210 56.88 -9.13 -14.66
C ASN F 210 56.17 -9.30 -13.33
N LEU F 211 56.21 -10.52 -12.80
CA LEU F 211 55.75 -10.84 -11.45
C LEU F 211 56.99 -11.10 -10.60
N SER F 212 57.11 -10.37 -9.50
CA SER F 212 58.27 -10.45 -8.62
C SER F 212 57.81 -10.90 -7.25
N ILE F 213 58.39 -11.99 -6.76
CA ILE F 213 58.09 -12.55 -5.45
C ILE F 213 59.34 -12.46 -4.61
N SER F 214 59.33 -11.59 -3.61
CA SER F 214 60.49 -11.37 -2.75
C SER F 214 60.37 -12.21 -1.49
N ASN F 215 61.53 -12.59 -0.95
CA ASN F 215 61.62 -13.38 0.29
C ASN F 215 60.81 -14.67 0.19
N LEU F 216 61.20 -15.52 -0.77
CA LEU F 216 60.55 -16.80 -1.00
C LEU F 216 60.39 -17.58 0.29
N GLU F 217 59.26 -18.27 0.42
CA GLU F 217 59.01 -19.17 1.55
C GLU F 217 58.24 -20.38 1.04
N SER F 218 58.20 -21.42 1.88
CA SER F 218 57.62 -22.71 1.51
C SER F 218 56.29 -22.60 0.76
N GLY F 219 55.39 -21.74 1.23
CA GLY F 219 54.10 -21.59 0.59
C GLY F 219 54.16 -21.04 -0.82
N ASP F 220 55.19 -20.24 -1.12
CA ASP F 220 55.26 -19.58 -2.42
C ASP F 220 55.57 -20.55 -3.55
N PHE F 221 56.25 -21.66 -3.25
CA PHE F 221 56.67 -22.57 -4.30
C PHE F 221 55.48 -23.30 -4.91
N GLY F 222 55.55 -23.53 -6.21
CA GLY F 222 54.47 -24.13 -6.97
C GLY F 222 54.64 -23.89 -8.45
N VAL F 223 53.56 -23.58 -9.16
CA VAL F 223 53.64 -23.22 -10.57
C VAL F 223 52.78 -21.97 -10.80
N TYR F 224 53.31 -21.02 -11.54
CA TYR F 224 52.65 -19.73 -11.74
C TYR F 224 52.24 -19.57 -13.19
N TYR F 225 51.09 -18.94 -13.39
CA TYR F 225 50.53 -18.72 -14.72
C TYR F 225 50.19 -17.25 -14.94
N CYS F 226 50.53 -16.74 -16.12
CA CYS F 226 50.05 -15.44 -16.56
C CYS F 226 48.80 -15.66 -17.40
N GLN F 227 47.88 -14.69 -17.34
CA GLN F 227 46.59 -14.83 -18.02
C GLN F 227 46.15 -13.50 -18.60
N GLN F 228 45.63 -13.56 -19.82
CA GLN F 228 45.02 -12.41 -20.47
C GLN F 228 43.69 -12.87 -21.06
N TYR F 229 42.59 -12.56 -20.37
CA TYR F 229 41.26 -13.05 -20.70
C TYR F 229 41.27 -14.58 -20.64
N GLU F 230 41.01 -15.28 -21.74
CA GLU F 230 40.97 -16.73 -21.75
C GLU F 230 42.31 -17.36 -22.05
N PHE F 231 43.32 -16.57 -22.38
CA PHE F 231 44.63 -17.11 -22.73
C PHE F 231 45.49 -17.20 -21.48
N PHE F 232 46.24 -18.29 -21.39
CA PHE F 232 47.16 -18.51 -20.28
C PHE F 232 48.57 -18.73 -20.80
N GLY F 233 49.54 -18.53 -19.91
CA GLY F 233 50.92 -18.81 -20.23
C GLY F 233 51.24 -20.29 -20.11
N GLN F 234 52.46 -20.65 -20.53
CA GLN F 234 52.88 -22.03 -20.45
C GLN F 234 53.17 -22.47 -19.01
N GLY F 235 53.32 -21.52 -18.11
CA GLY F 235 53.56 -21.79 -16.71
C GLY F 235 55.03 -21.74 -16.36
N THR F 236 55.32 -21.38 -15.11
CA THR F 236 56.68 -21.36 -14.58
C THR F 236 56.68 -22.09 -13.25
N LYS F 237 57.40 -23.22 -13.18
CA LYS F 237 57.49 -24.00 -11.97
C LYS F 237 58.60 -23.45 -11.08
N VAL F 238 58.22 -22.89 -9.93
CA VAL F 238 59.18 -22.37 -8.96
C VAL F 238 59.29 -23.40 -7.84
N GLN F 239 60.47 -24.01 -7.71
CA GLN F 239 60.70 -25.06 -6.72
C GLN F 239 61.83 -24.67 -5.79
N VAL F 240 61.86 -25.32 -4.63
CA VAL F 240 62.80 -25.00 -3.56
C VAL F 240 64.09 -25.78 -3.77
N ASP F 241 65.22 -25.10 -3.61
CA ASP F 241 66.53 -25.74 -3.72
C ASP F 241 67.41 -25.36 -2.55
N VAL G 1 -10.03 49.04 9.98
CA VAL G 1 -10.97 48.03 9.54
C VAL G 1 -10.24 46.87 8.87
N PHE G 2 -10.69 45.65 9.13
CA PHE G 2 -10.08 44.45 8.56
C PHE G 2 -11.19 43.54 8.06
N LEU G 3 -11.50 43.63 6.76
CA LEU G 3 -12.57 42.82 6.21
C LEU G 3 -12.21 41.34 6.16
N GLY G 4 -10.92 41.03 6.18
CA GLY G 4 -10.45 39.66 6.16
C GLY G 4 -9.98 39.23 4.79
N PHE G 5 -9.73 37.93 4.68
CA PHE G 5 -9.28 37.35 3.43
C PHE G 5 -10.33 37.57 2.36
N LEU G 6 -9.90 38.11 1.21
CA LEU G 6 -10.79 38.45 0.10
C LEU G 6 -11.86 39.45 0.51
N GLY G 7 -11.56 40.26 1.53
CA GLY G 7 -12.51 41.22 2.08
C GLY G 7 -13.04 42.22 1.07
N ALA G 8 -12.14 42.98 0.46
CA ALA G 8 -12.48 44.05 -0.49
C ALA G 8 -12.65 43.51 -1.90
N ALA G 9 -13.43 42.43 -2.05
CA ALA G 9 -13.65 41.85 -3.37
C ALA G 9 -14.62 42.67 -4.19
N GLY G 10 -15.63 43.27 -3.56
CA GLY G 10 -16.58 44.08 -4.27
C GLY G 10 -16.26 45.56 -4.28
N SER G 11 -15.17 45.95 -3.62
CA SER G 11 -14.75 47.34 -3.57
C SER G 11 -13.90 47.68 -4.79
N THR G 12 -13.72 48.98 -5.00
CA THR G 12 -12.91 49.50 -6.08
C THR G 12 -11.46 49.08 -5.92
N MET G 13 -10.71 49.14 -7.03
CA MET G 13 -9.31 48.76 -7.01
C MET G 13 -8.49 49.65 -6.08
N GLY G 14 -8.84 50.94 -6.02
CA GLY G 14 -8.16 51.83 -5.10
C GLY G 14 -8.40 51.46 -3.65
N ALA G 15 -9.62 51.02 -3.34
CA ALA G 15 -9.95 50.61 -1.98
C ALA G 15 -9.35 49.24 -1.69
N ALA G 16 -9.36 48.35 -2.69
CA ALA G 16 -8.83 47.00 -2.51
C ALA G 16 -7.31 46.99 -2.45
N SER G 17 -6.65 48.08 -2.82
CA SER G 17 -5.19 48.15 -2.77
C SER G 17 -4.69 48.28 -1.34
N MET G 18 -5.58 48.53 -0.38
CA MET G 18 -5.24 48.63 1.03
C MET G 18 -5.23 47.27 1.72
N THR G 19 -5.81 46.25 1.09
CA THR G 19 -5.97 44.92 1.65
C THR G 19 -4.99 43.94 1.02
N LEU G 20 -3.88 44.44 0.47
CA LEU G 20 -2.92 43.58 -0.20
C LEU G 20 -2.22 42.64 0.78
N THR G 21 -1.94 43.12 1.98
CA THR G 21 -1.22 42.30 2.95
C THR G 21 -2.10 41.28 3.64
N VAL G 22 -3.37 41.17 3.26
CA VAL G 22 -4.29 40.22 3.86
C VAL G 22 -4.44 38.98 2.99
N GLN G 23 -4.64 39.16 1.68
CA GLN G 23 -4.74 38.02 0.78
C GLN G 23 -3.38 37.37 0.53
N ALA G 24 -2.30 38.10 0.80
CA ALA G 24 -0.95 37.58 0.64
C ALA G 24 -0.55 36.70 1.81
N ARG G 25 -1.11 36.99 2.99
CA ARG G 25 -0.79 36.24 4.21
C ARG G 25 -1.38 34.84 4.17
N ASN G 26 -2.66 34.74 3.83
CA ASN G 26 -3.36 33.46 3.80
C ASN G 26 -3.24 32.74 2.47
N LEU G 27 -2.18 33.02 1.71
CA LEU G 27 -1.98 32.41 0.40
C LEU G 27 -1.13 31.15 0.49
N LEU G 28 -0.25 31.08 1.48
CA LEU G 28 0.61 29.94 1.71
C LEU G 28 0.20 29.11 2.91
N SER G 29 -0.24 29.78 3.99
CA SER G 29 -0.73 29.11 5.20
C SER G 29 0.27 28.10 5.76
N GLY G 30 1.29 28.58 6.45
CA GLY G 30 2.29 27.70 7.03
C GLY G 30 3.22 27.10 5.99
N THR G 52 -0.29 4.55 2.84
CA THR G 52 -1.75 4.64 2.94
C THR G 52 -2.29 5.82 2.14
N VAL G 53 -3.34 5.56 1.37
CA VAL G 53 -3.94 6.58 0.51
C VAL G 53 -4.72 7.57 1.37
N TRP G 54 -5.43 8.51 0.71
CA TRP G 54 -6.23 9.53 1.37
C TRP G 54 -5.36 10.53 2.14
N GLY G 55 -4.13 10.16 2.47
CA GLY G 55 -3.21 11.10 3.08
C GLY G 55 -2.33 11.76 2.04
N ILE G 56 -2.22 11.12 0.87
CA ILE G 56 -1.50 11.72 -0.25
C ILE G 56 -2.39 12.70 -0.99
N LYS G 57 -3.69 12.68 -0.67
CA LYS G 57 -4.65 13.59 -1.28
C LYS G 57 -4.32 15.03 -0.95
N GLN G 58 -3.88 15.27 0.29
CA GLN G 58 -3.52 16.61 0.73
C GLN G 58 -2.07 16.90 0.40
N LEU G 59 -1.24 15.85 0.29
CA LEU G 59 0.16 16.03 -0.03
C LEU G 59 0.32 16.61 -1.44
N GLN G 60 -0.29 15.95 -2.44
CA GLN G 60 -0.19 16.45 -3.81
C GLN G 60 -0.83 17.82 -3.97
N ALA G 61 -1.75 18.17 -3.07
CA ALA G 61 -2.42 19.47 -3.15
C ALA G 61 -1.53 20.55 -2.58
N ARG G 62 -0.86 20.28 -1.45
CA ARG G 62 -0.03 21.33 -0.90
C ARG G 62 1.28 21.43 -1.67
N VAL G 63 1.59 20.40 -2.47
CA VAL G 63 2.73 20.50 -3.36
C VAL G 63 2.36 21.38 -4.54
N LEU G 64 1.15 21.23 -5.08
CA LEU G 64 0.78 22.15 -6.15
C LEU G 64 0.60 23.56 -5.59
N ALA G 65 0.30 23.66 -4.30
CA ALA G 65 0.13 24.97 -3.65
C ALA G 65 1.45 25.71 -3.59
N VAL G 66 2.52 24.99 -3.25
CA VAL G 66 3.81 25.67 -3.14
C VAL G 66 4.41 25.85 -4.53
N GLU G 67 4.03 25.01 -5.49
CA GLU G 67 4.51 25.24 -6.85
C GLU G 67 3.83 26.46 -7.46
N ARG G 68 2.57 26.70 -7.11
CA ARG G 68 1.86 27.90 -7.58
C ARG G 68 2.44 29.13 -6.91
N TYR G 69 2.90 28.97 -5.67
CA TYR G 69 3.46 30.10 -4.95
C TYR G 69 4.82 30.45 -5.55
N LEU G 70 5.69 29.47 -5.74
CA LEU G 70 7.00 29.79 -6.31
C LEU G 70 6.87 30.23 -7.75
N ARG G 71 5.82 29.80 -8.47
CA ARG G 71 5.60 30.27 -9.82
C ARG G 71 5.33 31.77 -9.83
N ASP G 72 4.42 32.21 -8.95
CA ASP G 72 4.13 33.63 -8.87
C ASP G 72 5.33 34.41 -8.32
N GLN G 73 6.10 33.82 -7.40
CA GLN G 73 7.27 34.51 -6.87
C GLN G 73 8.35 34.64 -7.93
N GLN G 74 8.45 33.65 -8.83
CA GLN G 74 9.43 33.73 -9.91
C GLN G 74 9.05 34.83 -10.89
N LEU G 75 7.77 34.90 -11.25
CA LEU G 75 7.34 36.00 -12.11
C LEU G 75 7.56 37.35 -11.42
N LEU G 76 7.27 37.42 -10.12
CA LEU G 76 7.47 38.65 -9.35
C LEU G 76 8.94 39.02 -9.18
N GLY G 77 9.84 38.05 -9.37
CA GLY G 77 11.26 38.29 -9.21
C GLY G 77 11.94 38.67 -10.50
N ILE G 78 11.59 38.00 -11.61
CA ILE G 78 12.24 38.32 -12.87
C ILE G 78 11.81 39.69 -13.38
N TRP G 79 10.68 40.21 -12.92
CA TRP G 79 10.25 41.56 -13.26
C TRP G 79 10.99 42.60 -12.41
N GLY G 80 10.68 43.87 -12.63
CA GLY G 80 11.24 44.96 -11.86
C GLY G 80 10.56 45.22 -10.54
N CYS G 81 10.44 44.19 -9.71
CA CYS G 81 9.74 44.27 -8.44
C CYS G 81 10.59 43.66 -7.34
N SER G 82 10.63 42.32 -7.30
CA SER G 82 11.27 41.55 -6.24
C SER G 82 10.62 41.88 -4.91
N GLY G 83 10.74 43.12 -4.44
CA GLY G 83 9.97 43.55 -3.30
C GLY G 83 8.50 43.41 -3.60
N LYS G 84 7.78 42.61 -2.80
CA LYS G 84 6.41 42.24 -3.10
C LYS G 84 5.45 43.41 -2.91
N LEU G 85 4.16 43.08 -2.71
CA LEU G 85 3.13 44.09 -2.54
C LEU G 85 3.02 45.02 -3.75
N ILE G 86 3.84 46.06 -3.80
CA ILE G 86 3.79 47.02 -4.91
C ILE G 86 5.18 47.28 -5.46
N CYS G 87 5.22 47.63 -6.75
CA CYS G 87 6.44 48.01 -7.43
C CYS G 87 6.05 48.74 -8.72
N CYS G 88 6.88 49.70 -9.11
CA CYS G 88 6.64 50.47 -10.32
C CYS G 88 7.47 49.93 -11.47
N THR G 89 7.07 50.31 -12.68
CA THR G 89 7.78 49.86 -13.88
C THR G 89 7.81 50.97 -14.92
N ASN G 90 8.78 50.86 -15.82
CA ASN G 90 9.00 51.81 -16.90
C ASN G 90 8.31 51.35 -18.19
N VAL G 91 7.02 51.07 -18.15
CA VAL G 91 6.29 50.63 -19.33
C VAL G 91 5.11 51.57 -19.63
N PRO G 92 5.08 52.22 -20.78
CA PRO G 92 3.97 53.11 -21.14
C PRO G 92 2.69 52.31 -21.33
N TRP G 93 1.60 52.77 -20.72
CA TRP G 93 0.31 52.09 -20.84
C TRP G 93 -0.30 52.33 -22.22
N ASN G 94 -0.38 51.26 -23.02
CA ASN G 94 -0.97 51.32 -24.34
C ASN G 94 -2.48 51.55 -24.25
N SER G 95 -2.97 52.55 -24.98
CA SER G 95 -4.39 52.91 -24.91
C SER G 95 -5.30 51.79 -25.39
N SER G 96 -4.78 50.89 -26.22
CA SER G 96 -5.60 49.78 -26.74
C SER G 96 -5.98 48.81 -25.64
N TRP G 97 -5.28 48.84 -24.51
CA TRP G 97 -5.55 47.96 -23.38
C TRP G 97 -6.65 48.56 -22.52
N SER G 98 -7.82 48.71 -23.15
CA SER G 98 -8.99 49.31 -22.52
C SER G 98 -8.66 50.72 -22.04
N ASN G 99 -8.77 51.70 -22.93
CA ASN G 99 -8.41 53.07 -22.62
C ASN G 99 -9.36 53.66 -21.59
N ARG G 100 -8.98 53.57 -20.32
CA ARG G 100 -9.73 54.15 -19.21
C ARG G 100 -8.88 55.22 -18.53
N ASN G 101 -9.51 56.00 -17.67
CA ASN G 101 -8.85 57.09 -16.97
C ASN G 101 -8.38 56.62 -15.59
N LEU G 102 -7.51 57.43 -14.99
CA LEU G 102 -6.98 57.14 -13.66
C LEU G 102 -8.10 57.09 -12.62
N SER G 103 -9.05 58.02 -12.70
CA SER G 103 -10.13 58.09 -11.74
C SER G 103 -11.26 57.14 -12.07
N GLU G 104 -11.23 56.51 -13.24
CA GLU G 104 -12.25 55.59 -13.67
C GLU G 104 -11.85 54.14 -13.39
N ILE G 105 -10.64 53.92 -12.93
CA ILE G 105 -10.12 52.59 -12.62
C ILE G 105 -10.08 52.36 -11.12
N TRP G 106 -9.43 53.27 -10.38
CA TRP G 106 -9.26 53.10 -8.94
C TRP G 106 -10.49 53.51 -8.15
N ASP G 107 -11.45 54.19 -8.78
CA ASP G 107 -12.64 54.69 -8.07
C ASP G 107 -13.91 54.35 -8.84
N ASN G 108 -13.85 53.33 -9.71
CA ASN G 108 -15.07 52.96 -10.45
C ASN G 108 -14.98 51.55 -11.03
N MET G 109 -14.10 50.68 -10.52
CA MET G 109 -13.96 49.35 -11.08
C MET G 109 -13.35 48.42 -10.03
N THR G 110 -13.85 47.18 -9.99
CA THR G 110 -13.31 46.17 -9.09
C THR G 110 -12.21 45.39 -9.80
N TRP G 111 -11.38 44.70 -9.01
CA TRP G 111 -10.29 43.93 -9.59
C TRP G 111 -10.77 42.79 -10.47
N LEU G 112 -11.89 42.15 -10.11
CA LEU G 112 -12.45 41.10 -10.95
C LEU G 112 -12.94 41.66 -12.27
N GLN G 113 -13.57 42.83 -12.23
CA GLN G 113 -14.08 43.45 -13.45
C GLN G 113 -12.94 43.92 -14.31
N TRP G 114 -11.84 44.34 -13.69
CA TRP G 114 -10.71 44.82 -14.47
C TRP G 114 -10.01 43.63 -15.13
N ASP G 115 -9.79 42.56 -14.37
CA ASP G 115 -9.12 41.39 -14.93
C ASP G 115 -9.96 40.74 -16.02
N LYS G 116 -11.28 40.99 -16.02
CA LYS G 116 -12.14 40.38 -17.03
C LYS G 116 -11.90 41.03 -18.38
N GLU G 117 -11.54 42.31 -18.38
CA GLU G 117 -11.28 43.07 -19.58
C GLU G 117 -9.84 42.87 -20.04
N ILE G 118 -8.88 42.89 -19.10
CA ILE G 118 -7.47 42.79 -19.45
C ILE G 118 -7.00 41.35 -19.67
N SER G 119 -7.89 40.36 -19.51
CA SER G 119 -7.47 38.98 -19.70
C SER G 119 -6.80 38.72 -21.05
N ASN G 120 -7.16 39.49 -22.09
CA ASN G 120 -6.51 39.31 -23.39
C ASN G 120 -5.06 39.77 -23.40
N TYR G 121 -4.69 40.79 -22.62
CA TYR G 121 -3.38 41.41 -22.75
C TYR G 121 -2.47 41.13 -21.57
N THR G 122 -2.87 40.26 -20.64
CA THR G 122 -2.03 39.93 -19.50
C THR G 122 -0.71 39.31 -19.96
N GLN G 123 -0.78 38.35 -20.89
CA GLN G 123 0.44 37.68 -21.36
C GLN G 123 1.33 38.63 -22.14
N ILE G 124 0.73 39.61 -22.84
CA ILE G 124 1.53 40.56 -23.60
C ILE G 124 2.29 41.46 -22.64
N ILE G 125 1.60 41.97 -21.62
CA ILE G 125 2.27 42.83 -20.66
C ILE G 125 3.35 42.04 -19.94
N TYR G 126 3.05 40.77 -19.61
CA TYR G 126 4.05 39.96 -18.93
C TYR G 126 5.31 39.85 -19.78
N GLY G 127 5.11 39.76 -21.11
CA GLY G 127 6.27 39.68 -21.99
C GLY G 127 7.01 40.99 -22.05
N LEU G 128 6.29 42.10 -21.92
CA LEU G 128 6.93 43.41 -21.95
C LEU G 128 7.60 43.74 -20.63
N LEU G 129 7.33 42.95 -19.58
CA LEU G 129 7.86 43.16 -18.24
C LEU G 129 9.08 42.30 -17.95
N GLU G 130 9.06 41.02 -18.35
CA GLU G 130 10.18 40.16 -18.03
C GLU G 130 11.35 40.35 -18.98
N GLU G 131 11.06 40.61 -20.26
CA GLU G 131 12.10 40.71 -21.29
C GLU G 131 12.62 42.13 -21.47
N SER G 132 11.72 43.08 -21.76
CA SER G 132 12.14 44.44 -22.10
C SER G 132 12.77 45.20 -20.95
N GLN G 133 12.47 44.84 -19.70
CA GLN G 133 12.94 45.62 -18.55
C GLN G 133 14.23 45.08 -17.94
N ASN G 134 14.10 44.21 -16.95
CA ASN G 134 15.24 43.75 -16.15
C ASN G 134 16.33 43.04 -16.96
N GLN G 135 16.10 42.80 -18.25
CA GLN G 135 17.16 42.25 -19.09
C GLN G 135 18.00 43.36 -19.72
N GLN G 136 17.38 44.51 -19.95
CA GLN G 136 18.05 45.68 -20.52
C GLN G 136 18.43 46.69 -19.45
N GLU G 137 17.71 46.70 -18.32
CA GLU G 137 17.97 47.64 -17.23
C GLU G 137 19.16 47.19 -16.39
N LYS G 138 19.21 45.90 -16.03
CA LYS G 138 20.32 45.42 -15.21
C LYS G 138 21.62 45.43 -16.00
N ASN G 139 21.57 45.11 -17.30
CA ASN G 139 22.78 45.21 -18.10
C ASN G 139 23.22 46.66 -18.20
N GLU G 140 22.26 47.59 -18.22
CA GLU G 140 22.62 48.99 -18.23
C GLU G 140 23.28 49.36 -16.92
N GLN G 141 22.83 48.75 -15.81
CA GLN G 141 23.43 49.08 -14.53
C GLN G 141 24.83 48.49 -14.46
N ASP G 142 25.03 47.34 -15.11
CA ASP G 142 26.36 46.74 -15.15
C ASP G 142 27.31 47.63 -15.93
N LEU G 143 26.76 48.40 -16.88
CA LEU G 143 27.59 49.35 -17.62
C LEU G 143 27.79 50.64 -16.83
N LEU G 144 26.86 50.96 -15.93
CA LEU G 144 26.92 52.17 -15.14
C LEU G 144 27.68 51.98 -13.83
N ALA G 145 27.88 50.74 -13.39
CA ALA G 145 28.52 50.45 -12.12
C ALA G 145 30.01 50.17 -12.24
N LEU G 146 30.51 49.97 -13.46
CA LEU G 146 31.93 49.69 -13.65
C LEU G 146 32.77 50.96 -13.64
N ASP G 147 32.18 52.12 -13.93
CA ASP G 147 32.91 53.38 -13.93
C ASP G 147 32.80 54.06 -12.56
N ALA H 1 -47.69 -40.50 31.98
CA ALA H 1 -48.52 -39.45 31.42
C ALA H 1 -49.28 -38.62 32.47
N PRO H 2 -49.96 -39.25 33.43
CA PRO H 2 -50.69 -38.46 34.43
C PRO H 2 -49.76 -37.91 35.50
N THR H 3 -50.12 -36.72 35.99
CA THR H 3 -49.35 -36.08 37.05
C THR H 3 -50.29 -35.68 38.18
N PHE H 4 -49.71 -35.55 39.37
CA PHE H 4 -50.49 -35.24 40.55
C PHE H 4 -49.72 -34.24 41.41
N VAL H 5 -50.45 -33.34 42.09
CA VAL H 5 -49.87 -32.38 43.00
C VAL H 5 -50.76 -32.36 44.25
N SER H 6 -50.23 -32.78 45.40
CA SER H 6 -50.99 -32.68 46.68
C SER H 6 -50.52 -31.50 47.44
N VAL H 7 -51.48 -30.71 47.91
CA VAL H 7 -51.18 -29.51 48.71
C VAL H 7 -52.03 -29.54 49.97
N ALA H 8 -51.39 -29.28 51.12
CA ALA H 8 -52.10 -29.24 52.39
C ALA H 8 -53.16 -28.14 52.37
N PRO H 9 -54.28 -28.34 53.06
CA PRO H 9 -55.35 -27.33 53.07
C PRO H 9 -54.85 -25.99 53.59
N GLY H 10 -55.22 -24.93 52.87
CA GLY H 10 -54.85 -23.58 53.24
C GLY H 10 -53.56 -23.07 52.63
N GLN H 11 -52.78 -23.95 51.98
CA GLN H 11 -51.51 -23.53 51.38
C GLN H 11 -51.71 -23.03 49.96
N THR H 12 -50.68 -23.15 49.13
CA THR H 12 -50.72 -22.68 47.75
C THR H 12 -50.36 -23.82 46.81
N ALA H 13 -51.21 -24.03 45.80
CA ALA H 13 -51.01 -25.07 44.80
C ALA H 13 -50.54 -24.47 43.49
N ARG H 14 -49.65 -25.19 42.80
CA ARG H 14 -49.10 -24.76 41.52
C ARG H 14 -49.23 -25.91 40.54
N ILE H 15 -49.73 -25.62 39.34
CA ILE H 15 -50.02 -26.63 38.33
C ILE H 15 -49.30 -26.29 37.04
N THR H 16 -48.58 -27.26 36.49
CA THR H 16 -47.84 -27.11 35.25
C THR H 16 -48.53 -27.94 34.17
N CYS H 17 -48.79 -27.32 33.02
CA CYS H 17 -49.43 -27.99 31.90
C CYS H 17 -48.88 -27.45 30.60
N GLY H 18 -48.88 -28.29 29.57
CA GLY H 18 -48.42 -27.88 28.27
C GLY H 18 -46.91 -27.74 28.10
N GLU H 19 -46.46 -27.57 26.86
CA GLU H 19 -45.05 -27.41 26.57
C GLU H 19 -44.59 -26.02 27.00
N GLU H 20 -43.31 -25.72 26.74
CA GLU H 20 -42.78 -24.40 27.07
C GLU H 20 -43.25 -23.36 26.06
N SER H 21 -43.46 -22.14 26.57
CA SER H 21 -43.93 -21.05 25.73
C SER H 21 -42.90 -20.65 24.68
N LEU H 22 -43.35 -20.46 23.45
CA LEU H 22 -42.49 -20.03 22.35
C LEU H 22 -42.77 -18.61 21.92
N GLY H 23 -44.01 -18.14 22.10
CA GLY H 23 -44.40 -16.79 21.78
C GLY H 23 -45.46 -16.31 22.76
N SER H 24 -46.18 -15.24 22.42
CA SER H 24 -47.24 -14.75 23.28
C SER H 24 -48.38 -15.76 23.30
N ARG H 25 -48.77 -16.21 24.48
CA ARG H 25 -49.78 -17.25 24.65
C ARG H 25 -51.08 -16.69 25.19
N SER H 26 -52.13 -17.52 25.08
CA SER H 26 -53.44 -17.24 25.65
C SER H 26 -53.98 -18.55 26.25
N VAL H 27 -53.38 -18.97 27.37
CA VAL H 27 -53.69 -20.26 27.96
C VAL H 27 -55.09 -20.23 28.55
N ILE H 28 -55.91 -21.22 28.17
CA ILE H 28 -57.26 -21.34 28.72
C ILE H 28 -57.27 -22.54 29.67
N TRP H 29 -57.66 -22.32 30.92
CA TRP H 29 -57.67 -23.40 31.90
C TRP H 29 -59.08 -23.93 32.08
N TYR H 30 -59.16 -25.22 32.41
CA TYR H 30 -60.44 -25.87 32.63
C TYR H 30 -60.32 -26.81 33.82
N GLN H 31 -61.43 -26.96 34.55
CA GLN H 31 -61.52 -27.86 35.69
C GLN H 31 -62.59 -28.90 35.43
N GLN H 32 -62.23 -30.16 35.68
CA GLN H 32 -63.12 -31.31 35.47
C GLN H 32 -63.27 -32.05 36.80
N ARG H 33 -64.41 -31.82 37.46
CA ARG H 33 -64.71 -32.55 38.67
C ARG H 33 -64.92 -34.01 38.30
N PRO H 34 -64.41 -34.96 39.11
CA PRO H 34 -64.57 -36.37 38.76
C PRO H 34 -66.03 -36.75 38.61
N GLY H 35 -66.39 -37.23 37.43
CA GLY H 35 -67.75 -37.62 37.12
C GLY H 35 -68.65 -36.50 36.63
N GLN H 36 -68.09 -35.33 36.35
CA GLN H 36 -68.86 -34.17 35.89
C GLN H 36 -68.29 -33.62 34.59
N ALA H 37 -68.80 -32.45 34.15
CA ALA H 37 -68.29 -31.90 32.92
C ALA H 37 -67.27 -30.79 33.18
N PRO H 38 -66.28 -30.66 32.30
CA PRO H 38 -65.27 -29.61 32.45
C PRO H 38 -65.89 -28.22 32.50
N SER H 39 -65.44 -27.42 33.46
CA SER H 39 -65.93 -26.06 33.65
C SER H 39 -64.80 -25.05 33.43
N LEU H 40 -65.16 -23.89 32.89
CA LEU H 40 -64.19 -22.83 32.62
C LEU H 40 -63.76 -22.16 33.91
N ILE H 41 -62.45 -22.03 34.10
CA ILE H 41 -61.89 -21.38 35.29
C ILE H 41 -61.20 -20.06 34.96
N ILE H 42 -60.21 -20.08 34.08
CA ILE H 42 -59.46 -18.86 33.72
C ILE H 42 -59.22 -18.82 32.23
N TYR H 43 -59.73 -17.78 31.56
CA TYR H 43 -59.47 -17.57 30.15
C TYR H 43 -58.55 -16.36 29.98
N ASN H 44 -57.87 -16.32 28.85
CA ASN H 44 -56.90 -15.26 28.54
C ASN H 44 -55.85 -15.12 29.63
N ASN H 45 -55.10 -16.23 29.82
CA ASN H 45 -53.99 -16.28 30.76
C ASN H 45 -54.37 -16.05 32.22
N ASN H 46 -54.96 -14.90 32.55
CA ASN H 46 -55.26 -14.60 33.94
C ASN H 46 -56.54 -13.77 34.06
N ASP H 47 -57.53 -14.05 33.23
CA ASP H 47 -58.82 -13.38 33.31
C ASP H 47 -59.88 -14.39 33.72
N ARG H 48 -60.47 -14.17 34.90
CA ARG H 48 -61.49 -15.08 35.42
C ARG H 48 -62.88 -14.56 35.13
N PRO H 49 -63.79 -15.41 34.68
CA PRO H 49 -65.18 -14.98 34.44
C PRO H 49 -65.96 -14.80 35.73
N SER H 50 -67.26 -14.52 35.62
CA SER H 50 -68.09 -14.32 36.79
C SER H 50 -68.36 -15.65 37.47
N GLY H 51 -68.15 -15.70 38.79
CA GLY H 51 -68.38 -16.90 39.56
C GLY H 51 -67.11 -17.58 40.05
N ILE H 52 -65.96 -17.21 39.53
CA ILE H 52 -64.67 -17.81 39.90
C ILE H 52 -63.97 -16.88 40.88
N PRO H 53 -63.60 -17.37 42.06
CA PRO H 53 -62.92 -16.53 43.05
C PRO H 53 -61.54 -16.10 42.55
N ASP H 54 -60.98 -15.09 43.23
CA ASP H 54 -59.68 -14.57 42.84
C ASP H 54 -58.52 -15.40 43.37
N ARG H 55 -58.80 -16.52 44.03
CA ARG H 55 -57.75 -17.40 44.52
C ARG H 55 -57.04 -18.11 43.36
N PHE H 56 -57.72 -18.27 42.23
CA PHE H 56 -57.19 -18.93 41.05
C PHE H 56 -56.55 -17.89 40.14
N SER H 57 -55.24 -18.00 39.93
CA SER H 57 -54.50 -17.09 39.08
C SER H 57 -53.62 -17.89 38.13
N GLY H 58 -53.39 -17.33 36.95
CA GLY H 58 -52.57 -17.99 35.94
C GLY H 58 -51.38 -17.14 35.53
N SER H 59 -50.34 -17.80 35.05
CA SER H 59 -49.14 -17.10 34.61
C SER H 59 -49.44 -16.25 33.38
N PRO H 60 -48.91 -15.03 33.31
CA PRO H 60 -49.16 -14.17 32.16
C PRO H 60 -48.60 -14.78 30.89
N GLY H 61 -49.32 -14.61 29.79
CA GLY H 61 -48.86 -15.15 28.52
C GLY H 61 -47.94 -14.21 27.77
N SER H 62 -47.06 -13.54 28.53
CA SER H 62 -46.08 -12.62 27.97
C SER H 62 -44.65 -13.04 28.24
N THR H 63 -44.43 -14.08 29.04
CA THR H 63 -43.10 -14.57 29.35
C THR H 63 -42.72 -15.64 28.33
N PHE H 64 -41.61 -15.44 27.64
CA PHE H 64 -41.18 -16.33 26.57
C PHE H 64 -40.16 -17.32 27.12
N GLY H 65 -40.49 -18.60 27.07
CA GLY H 65 -39.63 -19.65 27.52
C GLY H 65 -40.03 -20.31 28.84
N THR H 66 -41.27 -20.14 29.28
CA THR H 66 -41.77 -20.73 30.52
C THR H 66 -43.06 -21.49 30.24
N THR H 67 -43.39 -22.40 31.14
CA THR H 67 -44.60 -23.19 31.00
C THR H 67 -45.77 -22.49 31.69
N ALA H 68 -46.98 -22.85 31.27
CA ALA H 68 -48.18 -22.30 31.87
C ALA H 68 -48.32 -22.82 33.30
N THR H 69 -48.49 -21.90 34.26
CA THR H 69 -48.57 -22.24 35.66
C THR H 69 -49.87 -21.71 36.25
N LEU H 70 -50.60 -22.60 36.92
CA LEU H 70 -51.86 -22.25 37.58
C LEU H 70 -51.67 -22.27 39.09
N THR H 71 -51.78 -21.10 39.71
CA THR H 71 -51.59 -20.93 41.13
C THR H 71 -52.96 -20.91 41.81
N ILE H 72 -53.13 -21.73 42.84
CA ILE H 72 -54.37 -21.84 43.58
C ILE H 72 -54.08 -21.54 45.04
N THR H 73 -54.39 -20.31 45.47
CA THR H 73 -54.18 -19.93 46.87
C THR H 73 -55.35 -20.42 47.72
N SER H 74 -55.07 -20.64 49.00
CA SER H 74 -56.06 -21.14 49.97
C SER H 74 -56.71 -22.44 49.47
N VAL H 75 -55.88 -23.46 49.35
CA VAL H 75 -56.33 -24.75 48.84
C VAL H 75 -57.31 -25.38 49.82
N GLU H 76 -58.48 -25.77 49.32
CA GLU H 76 -59.52 -26.41 50.10
C GLU H 76 -59.85 -27.78 49.51
N ALA H 77 -60.58 -28.57 50.29
CA ALA H 77 -60.93 -29.93 49.88
C ALA H 77 -61.79 -29.94 48.62
N GLY H 78 -62.52 -28.86 48.35
CA GLY H 78 -63.37 -28.78 47.18
C GLY H 78 -62.63 -28.63 45.87
N ASP H 79 -61.36 -28.23 45.91
CA ASP H 79 -60.55 -28.04 44.72
C ASP H 79 -59.96 -29.33 44.17
N GLU H 80 -60.19 -30.46 44.83
CA GLU H 80 -59.66 -31.75 44.40
C GLU H 80 -60.38 -32.21 43.13
N ALA H 81 -59.76 -31.96 41.98
CA ALA H 81 -60.33 -32.33 40.68
C ALA H 81 -59.20 -32.32 39.66
N ASP H 82 -59.56 -32.52 38.39
CA ASP H 82 -58.58 -32.50 37.31
C ASP H 82 -58.54 -31.13 36.65
N TYR H 83 -57.36 -30.72 36.19
CA TYR H 83 -57.20 -29.41 35.57
C TYR H 83 -56.45 -29.57 34.25
N TYR H 84 -57.08 -29.13 33.16
CA TYR H 84 -56.50 -29.17 31.82
C TYR H 84 -56.22 -27.76 31.31
N CYS H 85 -55.34 -27.66 30.31
CA CYS H 85 -55.02 -26.37 29.72
C CYS H 85 -55.07 -26.45 28.20
N HIS H 86 -55.50 -25.34 27.60
CA HIS H 86 -55.61 -25.17 26.15
C HIS H 86 -54.62 -24.08 25.73
N ILE H 87 -53.46 -24.52 25.23
CA ILE H 87 -52.37 -23.62 24.86
C ILE H 87 -52.71 -22.92 23.55
N TRP H 88 -52.71 -21.59 23.55
CA TRP H 88 -52.92 -20.80 22.35
C TRP H 88 -51.64 -20.00 22.09
N ASP H 89 -50.71 -20.59 21.36
CA ASP H 89 -49.41 -19.99 21.08
C ASP H 89 -49.41 -19.36 19.69
N SER H 90 -48.73 -18.23 19.56
CA SER H 90 -48.65 -17.53 18.27
C SER H 90 -47.63 -18.16 17.34
N ARG H 91 -46.86 -19.12 17.82
CA ARG H 91 -45.85 -19.82 17.02
C ARG H 91 -46.24 -21.26 16.70
N ARG H 92 -47.24 -21.81 17.37
CA ARG H 92 -47.72 -23.17 17.23
C ARG H 92 -49.11 -23.19 16.61
N PRO H 93 -49.42 -24.22 15.82
CA PRO H 93 -50.76 -24.35 15.25
C PRO H 93 -51.83 -24.48 16.34
N THR H 94 -53.08 -24.31 15.93
CA THR H 94 -54.19 -24.40 16.86
C THR H 94 -54.25 -25.80 17.46
N ASN H 95 -54.09 -25.87 18.78
CA ASN H 95 -54.12 -27.14 19.49
C ASN H 95 -55.55 -27.59 19.70
N TRP H 96 -55.93 -28.68 19.05
CA TRP H 96 -57.27 -29.25 19.14
C TRP H 96 -57.35 -30.31 20.23
N VAL H 97 -56.30 -30.46 21.03
CA VAL H 97 -56.27 -31.40 22.14
C VAL H 97 -55.69 -30.68 23.35
N PHE H 98 -56.43 -30.68 24.45
CA PHE H 98 -55.97 -30.04 25.68
C PHE H 98 -54.72 -30.71 26.20
N GLY H 99 -53.92 -29.96 26.95
CA GLY H 99 -52.71 -30.51 27.53
C GLY H 99 -53.03 -31.56 28.57
N GLU H 100 -52.03 -32.39 28.88
CA GLU H 100 -52.22 -33.45 29.87
C GLU H 100 -52.58 -32.86 31.23
N GLY H 101 -53.71 -33.31 31.76
CA GLY H 101 -54.21 -32.76 33.01
C GLY H 101 -53.33 -33.11 34.20
N THR H 102 -53.55 -32.37 35.28
CA THR H 102 -52.84 -32.57 36.54
C THR H 102 -53.87 -32.66 37.65
N THR H 103 -53.84 -33.75 38.41
CA THR H 103 -54.81 -33.99 39.47
C THR H 103 -54.37 -33.31 40.77
N LEU H 104 -55.27 -32.53 41.36
CA LEU H 104 -54.98 -31.84 42.62
C LEU H 104 -55.48 -32.68 43.79
N ILE H 105 -54.53 -33.07 44.65
CA ILE H 105 -54.73 -33.91 45.83
C ILE H 105 -54.70 -33.08 47.12
N VAL H 106 -55.81 -33.08 47.84
CA VAL H 106 -56.00 -32.41 49.13
C VAL H 106 -55.47 -33.34 50.22
N LEU H 107 -54.43 -32.92 50.90
CA LEU H 107 -53.84 -33.83 51.87
C LEU H 107 -54.78 -34.25 53.00
N SER H 108 -54.22 -35.14 53.85
CA SER H 108 -54.87 -35.51 55.10
C SER H 108 -56.28 -36.13 54.97
N GLN H 109 -56.36 -37.18 54.15
CA GLN H 109 -57.64 -37.89 54.06
C GLN H 109 -58.08 -38.43 55.39
N PRO H 110 -57.24 -39.14 56.13
CA PRO H 110 -55.96 -39.77 55.82
C PRO H 110 -55.99 -41.25 55.51
N LYS H 111 -56.88 -41.90 56.27
CA LYS H 111 -57.25 -43.30 56.30
C LYS H 111 -58.77 -43.40 56.15
N ALA H 112 -59.22 -44.59 55.79
CA ALA H 112 -60.64 -44.77 55.56
C ALA H 112 -61.07 -46.17 55.96
N ALA H 113 -62.01 -46.16 56.91
CA ALA H 113 -62.59 -47.35 57.48
C ALA H 113 -63.56 -47.98 56.49
N PRO H 114 -63.40 -49.27 56.21
CA PRO H 114 -64.28 -49.95 55.26
C PRO H 114 -65.71 -50.06 55.79
N SER H 115 -66.65 -49.75 54.90
CA SER H 115 -68.08 -49.83 55.18
C SER H 115 -68.64 -51.11 54.57
N VAL H 116 -68.68 -52.17 55.40
CA VAL H 116 -69.14 -53.50 55.03
C VAL H 116 -70.64 -53.61 55.25
N THR H 117 -71.30 -54.42 54.42
CA THR H 117 -72.75 -54.66 54.51
C THR H 117 -72.99 -56.10 54.08
N LEU H 118 -73.61 -56.91 54.93
CA LEU H 118 -73.82 -58.32 54.64
C LEU H 118 -75.29 -58.61 54.40
N PHE H 119 -75.61 -59.10 53.19
CA PHE H 119 -76.98 -59.45 52.84
C PHE H 119 -77.15 -60.96 52.73
N PRO H 120 -78.22 -61.49 53.34
CA PRO H 120 -78.55 -62.91 53.22
C PRO H 120 -79.19 -63.22 51.88
N PRO H 121 -79.22 -64.50 51.47
CA PRO H 121 -79.86 -64.84 50.19
C PRO H 121 -81.36 -64.55 50.24
N SER H 122 -81.89 -64.08 49.11
CA SER H 122 -83.30 -63.72 49.00
C SER H 122 -84.20 -64.95 49.01
N SER H 123 -85.46 -64.72 49.38
CA SER H 123 -86.44 -65.81 49.42
C SER H 123 -86.80 -66.27 48.02
N GLU H 124 -86.67 -65.39 47.02
CA GLU H 124 -87.02 -65.78 45.66
C GLU H 124 -85.93 -66.66 45.08
N GLU H 125 -84.69 -66.45 45.51
CA GLU H 125 -83.59 -67.27 45.01
C GLU H 125 -83.61 -68.62 45.71
N LEU H 126 -84.00 -68.64 46.99
CA LEU H 126 -84.11 -69.90 47.71
C LEU H 126 -85.21 -70.74 47.10
N GLN H 127 -86.25 -70.09 46.56
CA GLN H 127 -87.28 -70.77 45.79
C GLN H 127 -86.76 -71.25 44.45
N ALA H 128 -85.69 -70.64 43.92
CA ALA H 128 -84.97 -71.22 42.80
C ALA H 128 -83.87 -72.20 43.23
N ASN H 129 -83.87 -72.64 44.49
CA ASN H 129 -82.83 -73.49 45.07
C ASN H 129 -81.42 -72.93 44.86
N LYS H 130 -81.24 -71.64 45.10
CA LYS H 130 -79.92 -71.06 45.05
C LYS H 130 -79.75 -70.18 46.28
N ALA H 131 -78.52 -70.04 46.74
CA ALA H 131 -78.25 -69.22 47.90
C ALA H 131 -76.95 -68.48 47.69
N THR H 132 -76.90 -67.23 48.13
CA THR H 132 -75.70 -66.43 47.93
C THR H 132 -75.62 -65.37 49.00
N LEU H 133 -74.53 -65.39 49.75
CA LEU H 133 -74.27 -64.38 50.77
C LEU H 133 -73.51 -63.27 50.07
N VAL H 134 -73.89 -62.01 50.33
CA VAL H 134 -73.27 -60.87 49.68
C VAL H 134 -72.60 -60.00 50.73
N CYS H 135 -71.33 -59.66 50.50
CA CYS H 135 -70.55 -58.83 51.42
C CYS H 135 -70.08 -57.61 50.63
N LEU H 136 -70.75 -56.47 50.81
CA LEU H 136 -70.43 -55.23 50.10
C LEU H 136 -69.44 -54.42 50.92
N ILE H 137 -68.33 -54.03 50.31
CA ILE H 137 -67.28 -53.26 50.97
C ILE H 137 -67.07 -51.98 50.19
N SER H 138 -67.25 -50.83 50.84
CA SER H 138 -67.08 -49.55 50.15
C SER H 138 -66.45 -48.53 51.07
N ASP H 139 -66.09 -47.38 50.50
CA ASP H 139 -65.51 -46.25 51.25
C ASP H 139 -64.25 -46.65 52.02
N PHE H 140 -63.35 -47.39 51.36
CA PHE H 140 -62.11 -47.80 52.01
C PHE H 140 -60.92 -47.42 51.14
N TYR H 141 -59.87 -46.92 51.78
CA TYR H 141 -58.62 -46.51 51.14
C TYR H 141 -57.44 -46.97 51.98
N PRO H 142 -56.41 -47.55 51.36
CA PRO H 142 -56.35 -47.86 49.93
C PRO H 142 -57.09 -49.14 49.56
N GLY H 143 -57.20 -49.41 48.26
CA GLY H 143 -57.92 -50.56 47.75
C GLY H 143 -57.14 -51.86 47.87
N ALA H 144 -57.18 -52.50 49.04
CA ALA H 144 -56.49 -53.77 49.23
C ALA H 144 -57.15 -54.49 50.41
N VAL H 145 -58.17 -55.30 50.11
CA VAL H 145 -58.92 -56.02 51.12
C VAL H 145 -58.89 -57.51 50.83
N THR H 146 -59.03 -58.32 51.88
CA THR H 146 -59.12 -59.77 51.79
C THR H 146 -60.33 -60.23 52.59
N VAL H 147 -61.21 -61.00 51.98
CA VAL H 147 -62.45 -61.43 52.62
C VAL H 147 -62.33 -62.90 53.01
N ALA H 148 -62.70 -63.21 54.24
CA ALA H 148 -62.70 -64.57 54.75
C ALA H 148 -64.07 -64.87 55.35
N TRP H 149 -64.76 -65.85 54.78
CA TRP H 149 -66.09 -66.20 55.25
C TRP H 149 -65.98 -67.17 56.43
N LYS H 150 -67.03 -67.22 57.24
CA LYS H 150 -67.02 -68.07 58.42
C LYS H 150 -68.36 -68.78 58.55
N ALA H 151 -68.32 -70.11 58.73
CA ALA H 151 -69.51 -70.88 59.06
C ALA H 151 -69.44 -71.14 60.56
N ASP H 152 -70.28 -70.43 61.31
CA ASP H 152 -70.22 -70.40 62.77
C ASP H 152 -68.83 -69.92 63.17
N SER H 153 -67.96 -70.85 63.55
CA SER H 153 -66.56 -70.55 63.86
C SER H 153 -65.59 -71.18 62.86
N SER H 154 -66.10 -71.94 61.87
CA SER H 154 -65.27 -72.67 60.92
C SER H 154 -65.12 -71.90 59.62
N PRO H 155 -63.89 -71.76 59.11
CA PRO H 155 -63.70 -71.03 57.85
C PRO H 155 -64.25 -71.81 56.66
N VAL H 156 -64.65 -71.06 55.63
CA VAL H 156 -65.18 -71.62 54.41
C VAL H 156 -64.08 -71.62 53.36
N LYS H 157 -63.80 -72.79 52.78
CA LYS H 157 -62.71 -72.96 51.83
C LYS H 157 -63.12 -72.61 50.40
N ALA H 158 -64.16 -73.23 49.88
CA ALA H 158 -64.58 -73.03 48.50
C ALA H 158 -65.88 -72.26 48.44
N GLY H 159 -66.20 -71.77 47.24
CA GLY H 159 -67.40 -71.01 47.01
C GLY H 159 -67.26 -69.52 47.18
N VAL H 160 -66.06 -69.03 47.47
CA VAL H 160 -65.82 -67.61 47.70
C VAL H 160 -65.41 -66.94 46.39
N GLU H 161 -66.15 -65.90 46.00
CA GLU H 161 -65.85 -65.13 44.79
C GLU H 161 -65.70 -63.68 45.20
N THR H 162 -64.52 -63.11 45.02
CA THR H 162 -64.24 -61.75 45.46
C THR H 162 -63.71 -60.89 44.33
N THR H 163 -64.24 -59.68 44.21
CA THR H 163 -63.84 -58.72 43.20
C THR H 163 -62.56 -58.01 43.60
N THR H 164 -61.92 -57.37 42.62
CA THR H 164 -60.72 -56.59 42.91
C THR H 164 -61.09 -55.14 43.21
N PRO H 165 -60.40 -54.54 44.19
CA PRO H 165 -60.69 -53.14 44.55
C PRO H 165 -60.68 -52.22 43.34
N SER H 166 -61.55 -51.21 43.36
CA SER H 166 -61.66 -50.27 42.24
C SER H 166 -62.28 -48.97 42.75
N LYS H 167 -61.48 -47.91 42.81
CA LYS H 167 -61.96 -46.62 43.30
C LYS H 167 -62.93 -46.00 42.32
N GLN H 168 -63.85 -45.19 42.83
CA GLN H 168 -64.89 -44.55 42.02
C GLN H 168 -65.00 -43.05 42.34
N SER H 169 -64.17 -42.25 41.66
CA SER H 169 -64.21 -40.78 41.77
C SER H 169 -64.03 -40.27 43.19
N ASN H 170 -63.34 -41.03 44.04
CA ASN H 170 -63.15 -40.65 45.44
C ASN H 170 -62.10 -41.57 46.04
N ASN H 171 -61.99 -41.55 47.36
CA ASN H 171 -61.19 -42.52 48.08
C ASN H 171 -61.94 -43.84 48.24
N LYS H 172 -63.24 -43.81 47.97
CA LYS H 172 -64.12 -44.96 48.07
C LYS H 172 -63.74 -46.02 47.04
N TYR H 173 -63.20 -47.14 47.51
CA TYR H 173 -62.96 -48.28 46.67
C TYR H 173 -64.14 -49.25 46.82
N ALA H 174 -64.32 -50.11 45.83
CA ALA H 174 -65.44 -51.04 45.81
C ALA H 174 -64.94 -52.48 45.82
N ALA H 175 -65.65 -53.34 46.57
CA ALA H 175 -65.29 -54.74 46.64
C ALA H 175 -66.51 -55.55 47.03
N SER H 176 -66.81 -56.60 46.27
CA SER H 176 -67.96 -57.46 46.57
C SER H 176 -67.48 -58.88 46.76
N SER H 177 -67.96 -59.52 47.82
CA SER H 177 -67.61 -60.90 48.12
C SER H 177 -68.89 -61.73 48.13
N TYR H 178 -68.92 -62.78 47.33
CA TYR H 178 -70.09 -63.63 47.22
C TYR H 178 -69.74 -65.02 47.73
N LEU H 179 -70.76 -65.67 48.30
CA LEU H 179 -70.59 -67.04 48.82
C LEU H 179 -71.81 -67.84 48.37
N SER H 180 -71.60 -68.69 47.36
CA SER H 180 -72.67 -69.51 46.81
C SER H 180 -72.91 -70.72 47.69
N LEU H 181 -74.12 -70.85 48.22
CA LEU H 181 -74.51 -71.97 49.06
C LEU H 181 -75.81 -72.55 48.53
N THR H 182 -76.22 -73.70 49.13
CA THR H 182 -77.45 -74.43 48.86
C THR H 182 -78.47 -74.20 49.97
N PRO H 183 -79.75 -74.28 49.64
CA PRO H 183 -80.79 -74.12 50.68
C PRO H 183 -80.62 -75.05 51.88
N GLU H 184 -79.99 -76.21 51.69
CA GLU H 184 -79.74 -77.10 52.82
C GLU H 184 -78.54 -76.62 53.64
N GLN H 185 -77.53 -76.06 52.95
CA GLN H 185 -76.35 -75.57 53.65
C GLN H 185 -76.67 -74.34 54.49
N TRP H 186 -77.58 -73.48 53.99
CA TRP H 186 -77.93 -72.25 54.70
C TRP H 186 -78.65 -72.55 56.01
N LYS H 187 -79.59 -73.50 55.99
CA LYS H 187 -80.34 -73.84 57.20
C LYS H 187 -79.56 -74.74 58.14
N SER H 188 -78.37 -75.18 57.74
CA SER H 188 -77.55 -76.07 58.55
C SER H 188 -76.90 -75.34 59.72
N HIS H 189 -75.87 -74.55 59.44
CA HIS H 189 -75.13 -73.86 60.49
C HIS H 189 -76.00 -72.80 61.17
N LYS H 190 -75.54 -72.37 62.35
CA LYS H 190 -76.27 -71.38 63.14
C LYS H 190 -76.23 -70.00 62.51
N SER H 191 -75.04 -69.54 62.11
CA SER H 191 -74.91 -68.22 61.52
C SER H 191 -73.63 -68.16 60.69
N TYR H 192 -73.62 -67.25 59.72
CA TYR H 192 -72.46 -67.02 58.87
C TYR H 192 -71.87 -65.64 59.12
N SER H 193 -70.56 -65.51 58.91
CA SER H 193 -69.85 -64.26 59.13
C SER H 193 -69.05 -63.88 57.90
N CYS H 194 -68.80 -62.58 57.74
CA CYS H 194 -68.00 -62.03 56.63
C CYS H 194 -66.88 -61.21 57.26
N GLN H 195 -65.72 -61.82 57.53
CA GLN H 195 -64.62 -61.08 58.13
C GLN H 195 -63.80 -60.44 57.02
N VAL H 196 -63.78 -59.11 56.99
CA VAL H 196 -63.08 -58.34 55.97
C VAL H 196 -61.81 -57.79 56.61
N THR H 197 -60.66 -58.18 56.07
CA THR H 197 -59.37 -57.70 56.53
C THR H 197 -58.81 -56.67 55.55
N HIS H 198 -58.85 -55.41 55.95
CA HIS H 198 -58.45 -54.27 55.15
C HIS H 198 -57.26 -53.73 55.93
N GLU H 199 -56.15 -53.37 55.27
CA GLU H 199 -55.26 -52.40 55.93
C GLU H 199 -54.84 -52.97 57.28
N GLY H 200 -55.63 -52.72 58.31
CA GLY H 200 -55.27 -53.04 59.67
C GLY H 200 -56.43 -53.68 60.41
N SER H 201 -57.55 -53.00 60.64
CA SER H 201 -58.54 -53.67 61.46
C SER H 201 -59.39 -54.62 60.62
N THR H 202 -60.00 -55.59 61.31
CA THR H 202 -60.80 -56.64 60.67
C THR H 202 -62.26 -56.48 61.09
N VAL H 203 -63.11 -56.08 60.14
CA VAL H 203 -64.52 -55.86 60.42
C VAL H 203 -65.29 -57.16 60.20
N GLU H 204 -66.13 -57.55 61.15
CA GLU H 204 -66.88 -58.80 61.03
C GLU H 204 -68.36 -58.54 61.26
N LYS H 205 -69.18 -58.94 60.28
CA LYS H 205 -70.63 -58.86 60.37
C LYS H 205 -71.21 -60.24 60.13
N THR H 206 -72.25 -60.59 60.90
CA THR H 206 -72.84 -61.92 60.85
C THR H 206 -74.24 -61.86 60.25
N VAL H 207 -74.84 -63.05 60.11
CA VAL H 207 -76.19 -63.21 59.59
C VAL H 207 -76.72 -64.55 60.07
N ALA H 208 -77.98 -64.55 60.50
CA ALA H 208 -78.63 -65.74 61.03
C ALA H 208 -79.94 -66.01 60.29
N PRO H 209 -80.23 -67.27 59.97
CA PRO H 209 -81.50 -67.59 59.31
C PRO H 209 -82.69 -67.33 60.22
N THR H 210 -83.87 -67.36 59.61
CA THR H 210 -85.12 -67.12 60.34
C THR H 210 -86.03 -68.34 60.26
N GLN I 1 -81.00 -17.96 32.65
CA GLN I 1 -80.18 -19.17 32.76
C GLN I 1 -80.00 -19.85 31.40
N VAL I 2 -78.84 -20.47 31.21
CA VAL I 2 -78.50 -21.17 29.98
C VAL I 2 -78.39 -22.66 30.28
N HIS I 3 -79.29 -23.46 29.72
CA HIS I 3 -79.31 -24.90 29.93
C HIS I 3 -79.06 -25.62 28.61
N LEU I 4 -78.10 -26.54 28.61
CA LEU I 4 -77.75 -27.32 27.43
C LEU I 4 -77.97 -28.80 27.72
N GLN I 5 -78.54 -29.52 26.76
CA GLN I 5 -78.81 -30.95 26.94
C GLN I 5 -78.37 -31.70 25.69
N GLU I 6 -77.50 -32.70 25.87
CA GLU I 6 -77.02 -33.52 24.77
C GLU I 6 -77.81 -34.81 24.71
N SER I 7 -77.98 -35.34 23.50
CA SER I 7 -78.78 -36.55 23.33
C SER I 7 -78.47 -37.22 22.01
N GLY I 8 -78.18 -38.52 22.06
CA GLY I 8 -77.86 -39.28 20.88
C GLY I 8 -78.31 -40.72 21.00
N PRO I 9 -77.85 -41.58 20.08
CA PRO I 9 -78.24 -43.00 20.15
C PRO I 9 -77.64 -43.75 21.32
N GLY I 10 -76.36 -43.53 21.61
CA GLY I 10 -75.65 -44.21 22.66
C GLY I 10 -74.88 -45.43 22.18
N LEU I 11 -75.40 -46.12 21.17
CA LEU I 11 -74.77 -47.29 20.58
C LEU I 11 -74.79 -47.15 19.07
N VAL I 12 -73.62 -47.17 18.45
CA VAL I 12 -73.49 -47.01 17.00
C VAL I 12 -72.61 -48.14 16.47
N LYS I 13 -73.10 -48.84 15.45
CA LYS I 13 -72.32 -49.91 14.84
C LYS I 13 -71.08 -49.35 14.14
N PRO I 14 -70.02 -50.14 14.03
CA PRO I 14 -68.82 -49.68 13.32
C PRO I 14 -69.13 -49.35 11.86
N SER I 15 -68.35 -48.41 11.32
CA SER I 15 -68.48 -47.95 9.94
C SER I 15 -69.89 -47.43 9.63
N GLU I 16 -70.50 -46.76 10.61
CA GLU I 16 -71.83 -46.17 10.46
C GLU I 16 -71.72 -44.66 10.64
N THR I 17 -72.87 -43.99 10.71
CA THR I 17 -72.91 -42.53 10.85
C THR I 17 -73.55 -42.15 12.20
N LEU I 18 -72.73 -41.62 13.10
CA LEU I 18 -73.19 -41.15 14.40
C LEU I 18 -73.90 -39.82 14.25
N SER I 19 -75.09 -39.70 14.85
CA SER I 19 -75.86 -38.46 14.82
C SER I 19 -76.21 -38.04 16.24
N LEU I 20 -75.83 -36.82 16.61
CA LEU I 20 -76.09 -36.30 17.95
C LEU I 20 -76.86 -34.99 17.86
N THR I 21 -77.50 -34.60 18.96
CA THR I 21 -78.30 -33.37 18.99
C THR I 21 -78.16 -32.70 20.35
N CYS I 22 -77.86 -31.40 20.32
CA CYS I 22 -77.69 -30.55 21.50
C CYS I 22 -78.83 -29.54 21.59
N ASN I 23 -79.84 -29.88 22.41
CA ASN I 23 -80.99 -29.04 22.65
C ASN I 23 -80.61 -27.88 23.58
N VAL I 24 -80.80 -26.66 23.10
CA VAL I 24 -80.41 -25.43 23.81
C VAL I 24 -81.67 -24.77 24.35
N SER I 25 -81.64 -24.36 25.62
CA SER I 25 -82.77 -23.66 26.23
C SER I 25 -82.20 -22.47 27.01
N GLY I 26 -82.80 -21.31 26.81
CA GLY I 26 -82.38 -20.10 27.51
C GLY I 26 -81.75 -19.06 26.61
N THR I 27 -81.38 -19.42 25.38
CA THR I 27 -80.75 -18.49 24.45
C THR I 27 -80.96 -19.01 23.04
N LEU I 28 -80.74 -18.13 22.06
CA LEU I 28 -80.88 -18.48 20.65
C LEU I 28 -79.57 -19.04 20.11
N VAL I 29 -79.71 -19.97 19.15
CA VAL I 29 -78.55 -20.64 18.57
C VAL I 29 -77.87 -19.81 17.48
N ARG I 30 -78.48 -18.69 17.09
CA ARG I 30 -77.94 -17.86 16.02
C ARG I 30 -76.99 -16.78 16.54
N ASP I 31 -77.15 -16.38 17.80
CA ASP I 31 -76.35 -15.31 18.39
C ASP I 31 -75.15 -15.83 19.17
N ASN I 32 -74.77 -17.10 18.99
CA ASN I 32 -73.64 -17.64 19.74
C ASN I 32 -72.88 -18.64 18.88
N TYR I 33 -71.66 -18.94 19.31
CA TYR I 33 -70.84 -19.98 18.72
C TYR I 33 -71.10 -21.28 19.49
N TRP I 34 -70.96 -22.41 18.79
CA TRP I 34 -71.24 -23.69 19.43
C TRP I 34 -70.11 -24.66 19.13
N SER I 35 -69.55 -25.28 20.16
CA SER I 35 -68.44 -26.20 19.97
C SER I 35 -68.76 -27.56 20.57
N TRP I 36 -68.14 -28.58 19.99
CA TRP I 36 -68.30 -29.95 20.46
C TRP I 36 -66.95 -30.45 20.95
N ILE I 37 -66.94 -31.07 22.12
CA ILE I 37 -65.72 -31.58 22.73
C ILE I 37 -65.95 -33.02 23.16
N ARG I 38 -65.10 -33.93 22.70
CA ARG I 38 -65.25 -35.33 23.10
C ARG I 38 -64.12 -35.73 24.04
N GLN I 39 -64.39 -36.77 24.84
CA GLN I 39 -63.41 -37.20 25.82
C GLN I 39 -63.50 -38.69 26.10
N PRO I 40 -62.52 -39.46 25.64
CA PRO I 40 -62.47 -40.90 25.93
C PRO I 40 -62.28 -41.15 27.42
N LEU I 41 -62.53 -42.40 27.81
CA LEU I 41 -62.42 -42.79 29.22
C LEU I 41 -60.94 -42.79 29.61
N GLY I 42 -60.55 -41.83 30.45
CA GLY I 42 -59.19 -41.77 30.94
C GLY I 42 -58.24 -41.03 30.03
N LYS I 43 -58.74 -40.14 29.18
CA LYS I 43 -57.95 -39.35 28.27
C LYS I 43 -58.35 -37.88 28.37
N GLN I 44 -57.57 -37.04 27.73
CA GLN I 44 -57.83 -35.60 27.75
C GLN I 44 -58.87 -35.23 26.70
N PRO I 45 -59.70 -34.21 26.99
CA PRO I 45 -60.73 -33.79 26.04
C PRO I 45 -60.14 -33.39 24.69
N GLU I 46 -60.80 -33.83 23.63
CA GLU I 46 -60.37 -33.54 22.27
C GLU I 46 -61.41 -32.65 21.60
N TRP I 47 -60.97 -31.48 21.15
CA TRP I 47 -61.86 -30.52 20.48
C TRP I 47 -62.27 -31.04 19.12
N ILE I 48 -63.59 -31.13 18.89
CA ILE I 48 -64.09 -31.65 17.62
C ILE I 48 -64.25 -30.54 16.59
N GLY I 49 -64.80 -29.40 16.99
CA GLY I 49 -64.97 -28.30 16.08
C GLY I 49 -66.06 -27.35 16.54
N TYR I 50 -66.04 -26.15 15.95
CA TYR I 50 -67.01 -25.11 16.26
C TYR I 50 -67.84 -24.76 15.03
N VAL I 51 -69.10 -24.44 15.28
CA VAL I 51 -70.07 -24.07 14.25
C VAL I 51 -70.73 -22.74 14.63
N HIS I 52 -70.94 -21.89 13.64
CA HIS I 52 -71.57 -20.59 13.83
C HIS I 52 -72.33 -20.24 12.55
N ASP I 53 -73.22 -19.27 12.66
CA ASP I 53 -74.00 -18.84 11.51
C ASP I 53 -73.10 -18.14 10.50
N SER I 54 -73.69 -17.76 9.36
CA SER I 54 -73.00 -17.07 8.26
C SER I 54 -71.86 -17.91 7.68
N GLY I 55 -71.91 -19.22 7.87
CA GLY I 55 -70.94 -20.14 7.30
C GLY I 55 -69.65 -20.29 8.06
N ASP I 56 -69.49 -19.58 9.17
CA ASP I 56 -68.27 -19.65 9.98
C ASP I 56 -68.30 -20.95 10.77
N THR I 57 -67.69 -21.98 10.19
CA THR I 57 -67.67 -23.30 10.83
C THR I 57 -66.36 -24.00 10.50
N ASN I 58 -65.65 -24.44 11.54
CA ASN I 58 -64.39 -25.14 11.35
C ASN I 58 -64.40 -26.44 12.14
N TYR I 59 -63.63 -27.40 11.64
CA TYR I 59 -63.54 -28.75 12.17
C TYR I 59 -62.12 -29.05 12.63
N ASN I 60 -61.96 -30.23 13.23
CA ASN I 60 -60.66 -30.72 13.66
C ASN I 60 -59.92 -31.35 12.49
N PRO I 61 -58.72 -30.85 12.13
CA PRO I 61 -57.96 -31.41 11.01
C PRO I 61 -57.80 -32.92 11.03
N SER I 62 -57.79 -33.54 12.21
CA SER I 62 -57.65 -34.99 12.30
C SER I 62 -58.93 -35.71 11.91
N LEU I 63 -60.08 -35.06 12.08
CA LEU I 63 -61.38 -35.63 11.75
C LEU I 63 -62.07 -34.79 10.68
N LYS I 64 -61.26 -34.12 9.84
CA LYS I 64 -61.76 -33.18 8.85
C LYS I 64 -62.73 -33.84 7.88
N SER I 65 -62.34 -34.99 7.32
CA SER I 65 -63.14 -35.61 6.27
C SER I 65 -64.17 -36.61 6.81
N ARG I 66 -64.55 -36.48 8.07
CA ARG I 66 -65.53 -37.38 8.67
C ARG I 66 -66.60 -36.68 9.50
N VAL I 67 -66.36 -35.46 9.98
CA VAL I 67 -67.30 -34.76 10.85
C VAL I 67 -68.08 -33.73 10.06
N HIS I 68 -69.31 -33.47 10.48
CA HIS I 68 -70.20 -32.48 9.87
C HIS I 68 -71.04 -31.86 10.97
N LEU I 69 -71.08 -30.53 11.01
CA LEU I 69 -71.85 -29.81 12.01
C LEU I 69 -72.92 -28.95 11.33
N SER I 70 -73.98 -28.64 12.09
CA SER I 70 -75.07 -27.84 11.56
C SER I 70 -75.82 -27.21 12.72
N LEU I 71 -76.58 -26.16 12.40
CA LEU I 71 -77.38 -25.42 13.37
C LEU I 71 -78.80 -25.31 12.86
N ASP I 72 -79.75 -25.79 13.64
CA ASP I 72 -81.17 -25.72 13.29
C ASP I 72 -81.77 -24.50 13.99
N LYS I 73 -81.92 -23.42 13.22
CA LYS I 73 -82.46 -22.16 13.74
C LYS I 73 -83.97 -22.22 13.90
N SER I 74 -84.63 -23.18 13.24
CA SER I 74 -86.07 -23.31 13.34
C SER I 74 -86.43 -24.08 14.61
N LYS I 75 -85.65 -25.09 14.95
CA LYS I 75 -85.86 -25.91 16.13
C LYS I 75 -84.96 -25.50 17.26
N ASN I 76 -84.05 -24.53 17.02
CA ASN I 76 -83.12 -24.01 18.02
C ASN I 76 -82.30 -25.13 18.66
N LEU I 77 -81.48 -25.77 17.85
CA LEU I 77 -80.63 -26.84 18.35
C LEU I 77 -79.38 -26.98 17.50
N VAL I 78 -78.42 -27.74 18.02
CA VAL I 78 -77.15 -27.98 17.34
C VAL I 78 -77.06 -29.46 16.97
N SER I 79 -76.63 -29.76 15.76
CA SER I 79 -76.56 -31.13 15.32
C SER I 79 -75.11 -31.56 15.10
N LEU I 80 -74.90 -32.87 15.04
CA LEU I 80 -73.56 -33.39 14.81
C LEU I 80 -73.67 -34.70 14.05
N ARG I 81 -72.76 -34.90 13.09
CA ARG I 81 -72.71 -36.09 12.26
C ARG I 81 -71.26 -36.55 12.13
N LEU I 82 -71.03 -37.83 12.36
CA LEU I 82 -69.68 -38.41 12.25
C LEU I 82 -69.75 -39.68 11.42
N THR I 83 -69.26 -39.60 10.19
CA THR I 83 -69.29 -40.74 9.28
C THR I 83 -68.03 -41.58 9.44
N GLY I 84 -68.18 -42.89 9.28
CA GLY I 84 -67.07 -43.80 9.41
C GLY I 84 -66.51 -43.86 10.82
N VAL I 85 -67.34 -44.28 11.76
CA VAL I 85 -66.93 -44.35 13.16
C VAL I 85 -66.16 -45.64 13.41
N THR I 86 -65.25 -45.59 14.39
CA THR I 86 -64.46 -46.75 14.78
C THR I 86 -64.50 -46.92 16.30
N ALA I 87 -63.62 -47.78 16.83
CA ALA I 87 -63.60 -48.02 18.26
C ALA I 87 -63.00 -46.85 19.04
N ALA I 88 -62.28 -45.96 18.35
CA ALA I 88 -61.64 -44.82 18.99
C ALA I 88 -62.63 -43.69 19.27
N ASP I 89 -63.81 -43.70 18.64
CA ASP I 89 -64.80 -42.65 18.83
C ASP I 89 -65.71 -42.89 20.02
N SER I 90 -65.56 -44.00 20.74
CA SER I 90 -66.37 -44.29 21.92
C SER I 90 -65.93 -43.36 23.02
N ALA I 91 -66.71 -42.30 23.28
CA ALA I 91 -66.30 -41.33 24.29
C ALA I 91 -67.51 -40.59 24.82
N ILE I 92 -67.25 -39.54 25.60
CA ILE I 92 -68.31 -38.68 26.15
C ILE I 92 -68.28 -37.35 25.42
N TYR I 93 -69.30 -37.12 24.60
CA TYR I 93 -69.41 -35.92 23.77
C TYR I 93 -70.14 -34.81 24.52
N TYR I 94 -69.51 -33.65 24.65
CA TYR I 94 -70.07 -32.49 25.32
C TYR I 94 -70.39 -31.42 24.28
N CYS I 95 -71.40 -30.61 24.58
CA CYS I 95 -71.83 -29.48 23.78
C CYS I 95 -71.69 -28.21 24.62
N ALA I 96 -70.88 -27.26 24.15
CA ALA I 96 -70.66 -26.07 24.96
C ALA I 96 -70.67 -24.80 24.11
N THR I 97 -71.18 -23.73 24.71
CA THR I 97 -71.16 -22.43 24.06
C THR I 97 -69.71 -21.98 23.92
N THR I 98 -69.46 -21.09 22.96
CA THR I 98 -68.09 -20.66 22.72
C THR I 98 -68.03 -19.14 22.57
N LYS I 99 -67.20 -18.51 23.39
CA LYS I 99 -66.94 -17.08 23.31
C LYS I 99 -65.55 -16.86 22.73
N HIS I 100 -65.46 -15.93 21.79
CA HIS I 100 -64.21 -15.65 21.11
C HIS I 100 -63.48 -14.51 21.81
N GLY I 101 -62.17 -14.49 21.62
CA GLY I 101 -61.31 -13.45 22.17
C GLY I 101 -60.20 -13.21 21.17
N ARG I 102 -59.59 -12.04 21.28
CA ARG I 102 -58.52 -11.66 20.38
C ARG I 102 -57.26 -11.34 21.17
N ARG I 103 -56.22 -12.14 20.95
CA ARG I 103 -54.93 -11.99 21.61
C ARG I 103 -54.09 -11.12 20.70
N ILE I 104 -53.81 -9.90 21.17
CA ILE I 104 -53.05 -8.92 20.43
C ILE I 104 -51.63 -8.86 20.95
N TYR I 105 -50.68 -9.05 20.04
CA TYR I 105 -49.25 -9.02 20.34
C TYR I 105 -48.52 -8.00 19.48
N GLY I 106 -49.08 -7.63 18.33
CA GLY I 106 -48.48 -6.72 17.37
C GLY I 106 -48.11 -5.36 17.89
N VAL I 107 -48.53 -4.24 17.30
CA VAL I 107 -49.59 -3.98 16.30
C VAL I 107 -50.88 -4.82 16.29
N VAL I 108 -51.57 -4.71 15.16
CA VAL I 108 -52.83 -5.35 14.75
C VAL I 108 -52.87 -5.34 13.22
N ALA I 109 -52.66 -4.16 12.63
CA ALA I 109 -52.82 -3.92 11.20
C ALA I 109 -52.00 -4.87 10.32
N PHE I 110 -50.89 -5.39 10.80
CA PHE I 110 -50.15 -6.33 9.97
C PHE I 110 -50.61 -7.76 10.22
N LYS I 111 -51.85 -7.91 10.70
CA LYS I 111 -52.51 -9.18 11.02
C LYS I 111 -51.68 -9.99 12.00
N GLU I 112 -50.92 -9.28 12.83
CA GLU I 112 -50.05 -9.89 13.84
C GLU I 112 -50.80 -10.11 15.16
N TRP I 113 -51.87 -10.90 15.07
CA TRP I 113 -52.71 -11.19 16.23
C TRP I 113 -53.38 -12.54 15.97
N PHE I 114 -54.11 -13.04 16.97
CA PHE I 114 -54.81 -14.30 16.72
C PHE I 114 -56.03 -14.43 17.62
N THR I 115 -57.05 -15.10 17.10
CA THR I 115 -58.30 -15.28 17.83
C THR I 115 -58.30 -16.64 18.54
N TYR I 116 -58.64 -16.60 19.83
CA TYR I 116 -58.73 -17.78 20.67
C TYR I 116 -60.18 -17.99 21.09
N PHE I 117 -60.59 -19.24 21.17
CA PHE I 117 -61.96 -19.56 21.56
C PHE I 117 -61.96 -20.23 22.93
N TYR I 118 -63.04 -20.04 23.68
CA TYR I 118 -63.14 -20.68 24.98
C TYR I 118 -64.59 -20.93 25.36
N MET I 119 -64.85 -22.12 25.87
CA MET I 119 -66.18 -22.53 26.29
C MET I 119 -66.40 -22.19 27.75
N ASP I 120 -67.55 -21.56 28.05
CA ASP I 120 -67.87 -21.15 29.41
C ASP I 120 -69.03 -21.92 30.02
N VAL I 121 -70.06 -22.22 29.25
CA VAL I 121 -71.24 -22.93 29.73
C VAL I 121 -71.33 -24.28 29.03
N TRP I 122 -71.03 -25.36 29.76
CA TRP I 122 -71.06 -26.70 29.21
C TRP I 122 -72.40 -27.37 29.46
N GLY I 123 -72.55 -28.57 28.89
CA GLY I 123 -73.72 -29.39 29.08
C GLY I 123 -73.42 -30.63 29.89
N LYS I 124 -74.48 -31.41 30.15
CA LYS I 124 -74.30 -32.65 30.92
C LYS I 124 -73.44 -33.65 30.15
N GLY I 125 -73.59 -33.73 28.85
CA GLY I 125 -72.80 -34.63 28.03
C GLY I 125 -73.52 -35.94 27.73
N THR I 126 -73.15 -36.56 26.61
CA THR I 126 -73.72 -37.84 26.22
C THR I 126 -72.63 -38.89 26.07
N SER I 127 -72.99 -40.15 26.32
CA SER I 127 -72.07 -41.28 26.23
C SER I 127 -72.29 -42.04 24.92
N VAL I 128 -71.22 -42.28 24.16
CA VAL I 128 -71.33 -43.02 22.90
C VAL I 128 -70.36 -44.20 22.93
N THR I 129 -70.92 -45.41 22.89
CA THR I 129 -70.18 -46.67 22.91
C THR I 129 -70.44 -47.44 21.61
N VAL I 130 -69.37 -47.87 20.93
CA VAL I 130 -69.48 -48.62 19.68
C VAL I 130 -69.29 -50.11 19.94
N SER I 131 -70.35 -50.92 19.75
CA SER I 131 -70.16 -52.35 19.97
C SER I 131 -71.16 -53.18 19.17
N SER I 132 -70.68 -54.33 18.70
CA SER I 132 -71.39 -55.35 17.94
C SER I 132 -72.13 -56.38 18.81
N ALA I 133 -72.29 -56.16 20.11
CA ALA I 133 -72.49 -57.36 20.91
C ALA I 133 -73.97 -57.71 21.07
N SER I 134 -74.22 -58.98 21.42
CA SER I 134 -75.52 -59.47 21.88
C SER I 134 -75.37 -60.62 22.88
N THR I 135 -76.37 -60.85 23.75
CA THR I 135 -75.98 -61.67 24.92
C THR I 135 -77.11 -62.27 25.77
N LYS I 136 -76.67 -63.15 26.69
CA LYS I 136 -77.39 -63.88 27.74
C LYS I 136 -78.10 -63.06 28.83
N GLY I 137 -79.35 -63.47 29.13
CA GLY I 137 -80.20 -62.77 30.07
C GLY I 137 -79.91 -62.95 31.56
N PRO I 138 -79.81 -61.79 32.24
CA PRO I 138 -79.57 -61.74 33.70
C PRO I 138 -80.80 -62.14 34.53
N SER I 139 -80.54 -62.54 35.78
CA SER I 139 -81.61 -62.89 36.73
C SER I 139 -81.52 -61.97 37.96
N VAL I 140 -82.46 -61.04 38.09
CA VAL I 140 -82.47 -60.04 39.16
C VAL I 140 -83.17 -60.56 40.42
N PHE I 141 -82.51 -60.45 41.58
CA PHE I 141 -83.09 -60.83 42.88
C PHE I 141 -83.00 -59.70 43.90
N PRO I 142 -84.09 -59.41 44.62
CA PRO I 142 -84.11 -58.31 45.60
C PRO I 142 -83.40 -58.67 46.90
N LEU I 143 -82.63 -57.72 47.45
CA LEU I 143 -81.95 -57.90 48.73
C LEU I 143 -82.76 -57.21 49.82
N ALA I 144 -83.40 -58.01 50.68
CA ALA I 144 -84.27 -57.48 51.72
C ALA I 144 -83.50 -56.59 52.70
N PRO I 145 -84.10 -55.48 53.14
CA PRO I 145 -83.45 -54.59 54.11
C PRO I 145 -83.20 -55.25 55.45
N SER I 146 -82.03 -54.97 56.03
CA SER I 146 -81.66 -55.52 57.32
C SER I 146 -80.65 -54.55 57.96
N SER I 147 -81.13 -53.78 58.94
CA SER I 147 -80.31 -52.81 59.66
C SER I 147 -79.62 -51.84 58.72
N GLY I 152 -79.53 -47.13 65.01
CA GLY I 152 -78.69 -46.13 64.38
C GLY I 152 -79.47 -45.14 63.54
N GLY I 153 -80.72 -45.48 63.24
CA GLY I 153 -81.59 -44.64 62.44
C GLY I 153 -81.44 -44.78 60.95
N THR I 154 -80.53 -45.62 60.46
CA THR I 154 -80.31 -45.82 59.04
C THR I 154 -80.54 -47.29 58.69
N ALA I 155 -80.67 -47.55 57.39
CA ALA I 155 -80.90 -48.91 56.90
C ALA I 155 -80.36 -49.01 55.49
N ALA I 156 -80.04 -50.25 55.10
CA ALA I 156 -79.52 -50.56 53.77
C ALA I 156 -80.58 -51.28 52.95
N LEU I 157 -80.54 -51.08 51.64
CA LEU I 157 -81.52 -51.73 50.77
C LEU I 157 -80.91 -51.83 49.38
N GLY I 158 -81.10 -52.96 48.71
CA GLY I 158 -80.49 -53.05 47.40
C GLY I 158 -81.02 -54.19 46.57
N CYS I 159 -80.38 -54.37 45.41
CA CYS I 159 -80.74 -55.46 44.52
C CYS I 159 -79.49 -56.24 44.15
N LEU I 160 -79.68 -57.31 43.38
CA LEU I 160 -78.60 -58.20 42.95
C LEU I 160 -78.89 -58.71 41.55
N VAL I 161 -77.95 -58.52 40.64
CA VAL I 161 -78.08 -59.04 39.27
C VAL I 161 -77.15 -60.24 39.15
N LYS I 162 -77.73 -61.44 39.12
CA LYS I 162 -76.99 -62.69 39.15
C LYS I 162 -77.05 -63.39 37.79
N ASP I 163 -75.88 -63.90 37.36
CA ASP I 163 -75.70 -64.69 36.14
C ASP I 163 -76.18 -63.95 34.90
N TYR I 164 -75.26 -63.19 34.30
CA TYR I 164 -75.50 -62.48 33.05
C TYR I 164 -74.18 -62.44 32.30
N PHE I 165 -74.26 -62.10 31.05
CA PHE I 165 -73.09 -62.03 30.22
C PHE I 165 -73.47 -61.22 29.00
N PRO I 166 -72.61 -60.26 28.58
CA PRO I 166 -71.34 -59.81 29.13
C PRO I 166 -71.79 -58.54 29.79
N GLU I 167 -70.85 -57.78 30.09
CA GLU I 167 -70.94 -56.47 30.67
C GLU I 167 -71.49 -55.50 29.62
N PRO I 168 -72.12 -54.37 30.03
CA PRO I 168 -72.41 -54.00 31.41
C PRO I 168 -73.89 -54.11 31.78
N VAL I 169 -74.25 -53.58 32.95
CA VAL I 169 -75.64 -53.54 33.40
C VAL I 169 -75.91 -52.18 34.03
N THR I 170 -76.88 -51.44 33.48
CA THR I 170 -77.26 -50.14 34.01
C THR I 170 -78.33 -50.35 35.08
N VAL I 171 -78.08 -49.87 36.30
CA VAL I 171 -79.01 -50.05 37.40
C VAL I 171 -79.41 -48.68 37.94
N SER I 172 -80.71 -48.39 37.88
CA SER I 172 -81.25 -47.13 38.38
C SER I 172 -82.29 -47.42 39.44
N TRP I 173 -82.63 -46.39 40.23
CA TRP I 173 -83.59 -46.53 41.31
C TRP I 173 -84.76 -45.58 41.09
N ASN I 174 -85.98 -46.13 41.13
CA ASN I 174 -87.21 -45.36 40.95
C ASN I 174 -87.18 -44.55 39.65
N SER I 175 -86.72 -45.19 38.57
CA SER I 175 -86.61 -44.55 37.25
C SER I 175 -85.73 -43.31 37.31
N GLY I 176 -84.74 -43.31 38.21
CA GLY I 176 -83.81 -42.22 38.35
C GLY I 176 -84.19 -41.17 39.36
N ALA I 177 -85.16 -41.45 40.22
CA ALA I 177 -85.62 -40.52 41.25
C ALA I 177 -84.90 -40.71 42.57
N LEU I 178 -83.72 -41.35 42.57
CA LEU I 178 -82.97 -41.58 43.79
C LEU I 178 -81.50 -41.76 43.41
N THR I 179 -80.72 -40.68 43.55
CA THR I 179 -79.31 -40.69 43.21
C THR I 179 -78.40 -40.40 44.40
N SER I 180 -78.97 -40.20 45.58
CA SER I 180 -78.21 -39.91 46.79
C SER I 180 -78.08 -41.18 47.62
N GLY I 181 -76.85 -41.64 47.81
CA GLY I 181 -76.61 -42.83 48.59
C GLY I 181 -76.60 -44.13 47.81
N VAL I 182 -76.56 -44.07 46.49
CA VAL I 182 -76.57 -45.26 45.66
C VAL I 182 -75.14 -45.67 45.35
N HIS I 183 -74.81 -46.93 45.63
CA HIS I 183 -73.48 -47.48 45.38
C HIS I 183 -73.62 -48.82 44.65
N THR I 184 -73.38 -48.79 43.34
CA THR I 184 -73.43 -49.98 42.50
C THR I 184 -72.02 -50.56 42.44
N PHE I 185 -71.87 -51.80 42.85
CA PHE I 185 -70.54 -52.40 42.84
C PHE I 185 -70.24 -53.08 41.52
N PRO I 186 -68.97 -53.09 41.10
CA PRO I 186 -68.61 -53.80 39.85
C PRO I 186 -68.83 -55.29 39.99
N ALA I 187 -69.25 -55.91 38.88
CA ALA I 187 -69.57 -57.33 38.86
C ALA I 187 -68.31 -58.19 39.04
N VAL I 188 -68.56 -59.48 39.27
CA VAL I 188 -67.50 -60.48 39.44
C VAL I 188 -67.70 -61.59 38.42
N LEU I 189 -66.62 -61.93 37.71
CA LEU I 189 -66.65 -63.00 36.71
C LEU I 189 -66.47 -64.33 37.43
N GLN I 190 -67.55 -65.11 37.51
CA GLN I 190 -67.50 -66.41 38.16
C GLN I 190 -66.79 -67.43 37.26
N SER I 191 -66.59 -68.63 37.80
CA SER I 191 -65.92 -69.67 37.03
C SER I 191 -66.80 -70.19 35.90
N SER I 192 -68.12 -70.03 36.01
CA SER I 192 -69.03 -70.49 34.97
C SER I 192 -69.03 -69.57 33.75
N GLY I 193 -68.49 -68.36 33.90
CA GLY I 193 -68.43 -67.41 32.81
C GLY I 193 -69.56 -66.40 32.78
N LEU I 194 -70.23 -66.18 33.91
CA LEU I 194 -71.33 -65.24 34.00
C LEU I 194 -71.02 -64.18 35.05
N TYR I 195 -71.39 -62.94 34.76
CA TYR I 195 -71.15 -61.84 35.68
C TYR I 195 -72.30 -61.73 36.67
N SER I 196 -72.04 -61.01 37.78
CA SER I 196 -73.05 -60.82 38.82
C SER I 196 -72.66 -59.61 39.66
N LEU I 197 -73.51 -58.60 39.70
CA LEU I 197 -73.25 -57.39 40.47
C LEU I 197 -74.33 -57.19 41.52
N SER I 198 -74.19 -56.11 42.28
CA SER I 198 -75.14 -55.74 43.34
C SER I 198 -75.15 -54.23 43.46
N SER I 199 -76.27 -53.69 43.95
CA SER I 199 -76.39 -52.24 44.10
C SER I 199 -77.13 -51.91 45.38
N VAL I 200 -76.46 -51.22 46.32
CA VAL I 200 -77.09 -50.89 47.60
C VAL I 200 -77.34 -49.39 47.72
N VAL I 201 -78.35 -49.04 48.50
CA VAL I 201 -78.76 -47.67 48.77
C VAL I 201 -78.94 -47.49 50.27
N THR I 202 -78.27 -46.49 50.84
CA THR I 202 -78.39 -46.13 52.25
C THR I 202 -79.61 -45.23 52.43
N VAL I 203 -80.67 -45.74 53.07
CA VAL I 203 -81.89 -44.96 53.24
C VAL I 203 -82.26 -44.90 54.72
N PRO I 204 -82.93 -43.84 55.17
CA PRO I 204 -83.36 -43.79 56.58
C PRO I 204 -84.34 -44.91 56.90
N SER I 205 -84.24 -45.42 58.14
CA SER I 205 -85.07 -46.54 58.56
C SER I 205 -86.55 -46.19 58.56
N SER I 206 -86.88 -44.91 58.72
CA SER I 206 -88.28 -44.44 58.73
C SER I 206 -88.83 -44.56 57.31
N SER I 207 -89.25 -45.77 56.96
CA SER I 207 -89.79 -46.05 55.63
C SER I 207 -91.01 -46.96 55.73
N LEU I 208 -91.93 -46.62 56.64
CA LEU I 208 -93.18 -47.38 56.74
C LEU I 208 -93.99 -47.21 55.44
N GLY I 209 -94.09 -45.98 54.96
CA GLY I 209 -94.66 -45.63 53.67
C GLY I 209 -95.99 -46.24 53.30
N THR I 210 -96.01 -47.22 52.40
CA THR I 210 -94.78 -47.79 51.83
C THR I 210 -94.12 -46.94 50.74
N GLN I 211 -92.93 -46.43 51.05
CA GLN I 211 -92.11 -45.71 50.08
C GLN I 211 -91.54 -46.72 49.10
N THR I 212 -92.28 -47.01 48.03
CA THR I 212 -91.94 -48.07 47.09
C THR I 212 -90.58 -47.89 46.44
N TYR I 213 -89.63 -48.78 46.79
CA TYR I 213 -88.30 -48.81 46.19
C TYR I 213 -88.28 -49.91 45.14
N ILE I 214 -88.32 -49.52 43.87
CA ILE I 214 -88.30 -50.46 42.75
C ILE I 214 -87.03 -50.20 41.95
N CYS I 215 -86.10 -51.15 42.00
CA CYS I 215 -84.88 -50.99 41.23
C CYS I 215 -85.09 -51.44 39.79
N ASN I 216 -84.59 -50.63 38.86
CA ASN I 216 -84.71 -50.88 37.42
C ASN I 216 -83.36 -51.38 36.91
N VAL I 217 -83.33 -52.64 36.47
CA VAL I 217 -82.12 -53.25 35.94
C VAL I 217 -82.24 -53.30 34.43
N ASN I 218 -81.25 -52.78 33.73
CA ASN I 218 -81.28 -52.78 32.29
C ASN I 218 -80.01 -53.42 31.76
N HIS I 219 -80.20 -54.28 30.77
CA HIS I 219 -79.19 -55.04 30.02
C HIS I 219 -79.54 -54.82 28.56
N LYS I 220 -78.88 -53.81 27.97
CA LYS I 220 -79.14 -53.45 26.58
C LYS I 220 -78.89 -54.58 25.61
N PRO I 221 -77.82 -55.39 25.73
CA PRO I 221 -77.58 -56.45 24.74
C PRO I 221 -78.73 -57.43 24.61
N SER I 222 -79.52 -57.67 25.67
CA SER I 222 -80.58 -58.67 25.64
C SER I 222 -81.94 -58.01 25.71
N ASN I 223 -82.02 -56.68 25.56
CA ASN I 223 -83.29 -56.00 25.66
C ASN I 223 -83.95 -56.34 26.99
N THR I 224 -83.15 -56.31 28.06
CA THR I 224 -83.58 -56.78 29.37
C THR I 224 -83.89 -55.59 30.27
N LYS I 225 -85.16 -55.43 30.62
CA LYS I 225 -85.61 -54.40 31.54
C LYS I 225 -86.38 -55.08 32.67
N VAL I 226 -85.78 -55.13 33.87
CA VAL I 226 -86.36 -55.84 35.01
C VAL I 226 -86.68 -54.82 36.09
N ASP I 227 -87.95 -54.69 36.43
CA ASP I 227 -88.37 -53.80 37.51
C ASP I 227 -88.66 -54.68 38.72
N LYS I 228 -87.82 -54.58 39.76
CA LYS I 228 -88.00 -55.40 40.94
C LYS I 228 -88.32 -54.53 42.14
N ARG I 229 -89.33 -54.92 42.91
CA ARG I 229 -89.73 -54.19 44.10
C ARG I 229 -89.18 -54.89 45.33
N VAL I 230 -88.48 -54.14 46.17
CA VAL I 230 -87.86 -54.67 47.38
C VAL I 230 -88.77 -54.38 48.56
N GLU I 231 -89.18 -55.44 49.26
CA GLU I 231 -90.04 -55.30 50.43
C GLU I 231 -89.47 -56.10 51.58
N PRO I 232 -89.50 -55.54 52.80
CA PRO I 232 -88.98 -56.21 54.01
C PRO I 232 -89.72 -57.52 54.30
N GLN J 1 -22.79 53.27 -18.51
CA GLN J 1 -22.88 52.16 -19.46
C GLN J 1 -24.10 51.28 -19.15
N GLY J 2 -25.18 51.91 -18.71
CA GLY J 2 -26.43 51.21 -18.40
C GLY J 2 -27.59 51.86 -19.12
N GLN J 3 -28.74 51.89 -18.45
CA GLN J 3 -29.93 52.48 -19.03
C GLN J 3 -30.92 52.83 -17.92
N LEU J 4 -31.43 54.07 -17.96
CA LEU J 4 -32.41 54.58 -17.01
C LEU J 4 -33.72 54.86 -17.75
N VAL J 5 -34.78 54.16 -17.38
CA VAL J 5 -36.11 54.31 -17.97
C VAL J 5 -37.06 54.83 -16.91
N GLN J 6 -37.76 55.93 -17.20
CA GLN J 6 -38.70 56.50 -16.25
C GLN J 6 -40.14 56.17 -16.66
N SER J 7 -41.08 56.52 -15.78
CA SER J 7 -42.48 56.27 -16.03
C SER J 7 -43.02 57.26 -17.07
N GLY J 8 -44.26 57.02 -17.49
CA GLY J 8 -44.89 57.88 -18.48
C GLY J 8 -45.28 59.23 -17.90
N ALA J 9 -45.55 60.16 -18.83
CA ALA J 9 -45.96 61.51 -18.44
C ALA J 9 -47.37 61.51 -17.85
N GLU J 10 -47.53 62.19 -16.71
CA GLU J 10 -48.81 62.27 -16.03
C GLU J 10 -49.25 63.73 -15.89
N LEU J 11 -50.55 63.91 -15.68
CA LEU J 11 -51.17 65.22 -15.48
C LEU J 11 -51.76 65.27 -14.08
N LYS J 12 -51.32 66.23 -13.27
CA LYS J 12 -51.80 66.32 -11.89
C LYS J 12 -52.30 67.71 -11.58
N LYS J 13 -53.43 67.78 -10.88
CA LYS J 13 -54.02 69.03 -10.42
C LYS J 13 -53.28 69.56 -9.19
N PRO J 14 -53.21 70.88 -9.04
CA PRO J 14 -52.51 71.47 -7.89
C PRO J 14 -53.15 71.07 -6.58
N GLY J 15 -52.32 70.68 -5.62
CA GLY J 15 -52.75 70.20 -4.33
C GLY J 15 -52.58 68.71 -4.12
N ALA J 16 -52.52 67.93 -5.21
CA ALA J 16 -52.32 66.50 -5.11
C ALA J 16 -50.82 66.18 -5.14
N SER J 17 -50.48 64.90 -5.11
CA SER J 17 -49.11 64.43 -5.11
C SER J 17 -48.89 63.56 -6.34
N VAL J 18 -47.62 63.28 -6.63
CA VAL J 18 -47.29 62.44 -7.79
C VAL J 18 -45.98 61.72 -7.52
N LYS J 19 -45.94 60.44 -7.90
CA LYS J 19 -44.79 59.58 -7.68
C LYS J 19 -44.22 59.14 -9.03
N ILE J 20 -43.04 59.64 -9.35
CA ILE J 20 -42.31 59.37 -10.58
C ILE J 20 -41.24 58.32 -10.33
N SER J 21 -41.28 57.23 -11.08
CA SER J 21 -40.32 56.14 -10.96
C SER J 21 -39.11 56.38 -11.86
N CYS J 22 -38.10 55.53 -11.69
CA CYS J 22 -36.85 55.57 -12.45
C CYS J 22 -36.14 54.22 -12.32
N LYS J 23 -36.45 53.30 -13.23
CA LYS J 23 -35.86 51.98 -13.21
C LYS J 23 -34.52 52.00 -13.93
N THR J 24 -33.52 51.37 -13.35
CA THR J 24 -32.18 51.34 -13.92
C THR J 24 -31.83 49.90 -14.26
N SER J 25 -30.85 49.73 -15.14
CA SER J 25 -30.44 48.39 -15.52
C SER J 25 -29.11 48.47 -16.25
N GLY J 26 -28.28 47.44 -16.09
CA GLY J 26 -27.01 47.44 -16.79
C GLY J 26 -25.81 47.77 -15.95
N TYR J 27 -25.99 47.99 -14.65
CA TYR J 27 -24.91 48.34 -13.75
C TYR J 27 -25.38 48.10 -12.33
N ARG J 28 -24.44 48.20 -11.39
CA ARG J 28 -24.77 48.00 -9.98
C ARG J 28 -25.53 49.21 -9.45
N PHE J 29 -26.81 49.01 -9.14
CA PHE J 29 -27.70 50.07 -8.69
C PHE J 29 -27.25 50.69 -7.36
N ASN J 30 -26.60 49.92 -6.49
CA ASN J 30 -26.24 50.40 -5.16
C ASN J 30 -24.93 51.20 -5.12
N PHE J 31 -24.15 51.21 -6.19
CA PHE J 31 -22.85 51.86 -6.19
C PHE J 31 -22.89 53.34 -6.59
N TYR J 32 -24.05 53.89 -6.91
CA TYR J 32 -24.11 55.29 -7.31
C TYR J 32 -25.37 55.94 -6.76
N HIS J 33 -25.26 57.24 -6.52
CA HIS J 33 -26.39 58.01 -6.01
C HIS J 33 -27.41 58.23 -7.12
N ILE J 34 -28.62 58.62 -6.72
CA ILE J 34 -29.71 58.92 -7.64
C ILE J 34 -30.15 60.36 -7.40
N ASN J 35 -29.66 61.26 -8.26
CA ASN J 35 -30.01 62.67 -8.19
C ASN J 35 -31.31 62.91 -8.94
N TRP J 36 -32.08 63.90 -8.52
CA TRP J 36 -33.31 64.30 -9.19
C TRP J 36 -33.24 65.78 -9.53
N ILE J 37 -33.23 66.10 -10.82
CA ILE J 37 -33.12 67.47 -11.28
C ILE J 37 -34.30 67.80 -12.18
N ARG J 38 -34.97 68.92 -11.90
CA ARG J 38 -36.10 69.34 -12.72
C ARG J 38 -35.72 70.58 -13.53
N GLN J 39 -36.61 70.95 -14.44
CA GLN J 39 -36.41 72.12 -15.28
C GLN J 39 -37.75 72.68 -15.72
N THR J 40 -38.04 73.90 -15.28
CA THR J 40 -39.24 74.64 -15.63
C THR J 40 -38.86 75.81 -16.52
N ALA J 41 -39.87 76.42 -17.14
CA ALA J 41 -39.67 77.53 -18.07
C ALA J 41 -39.65 78.88 -17.37
N GLY J 42 -39.54 78.91 -16.04
CA GLY J 42 -39.54 80.14 -15.30
C GLY J 42 -38.41 80.28 -14.29
N ARG J 43 -37.87 79.15 -13.84
CA ARG J 43 -36.81 79.14 -12.85
C ARG J 43 -35.52 78.48 -13.31
N GLY J 44 -35.49 77.94 -14.53
CA GLY J 44 -34.31 77.32 -15.07
C GLY J 44 -33.95 76.01 -14.39
N PRO J 45 -32.71 75.54 -14.62
CA PRO J 45 -32.28 74.29 -14.00
C PRO J 45 -32.14 74.40 -12.49
N GLU J 46 -32.71 73.44 -11.78
CA GLU J 46 -32.71 73.44 -10.32
C GLU J 46 -32.44 72.04 -9.80
N TRP J 47 -31.44 71.91 -8.95
CA TRP J 47 -31.11 70.63 -8.33
C TRP J 47 -32.00 70.42 -7.12
N MET J 48 -32.70 69.30 -7.08
CA MET J 48 -33.64 69.03 -5.99
C MET J 48 -33.00 68.26 -4.84
N GLY J 49 -32.32 67.17 -5.15
CA GLY J 49 -31.66 66.38 -4.11
C GLY J 49 -31.22 65.05 -4.65
N TRP J 50 -30.50 64.32 -3.81
CA TRP J 50 -30.06 62.98 -4.18
C TRP J 50 -30.27 61.99 -3.05
N ILE J 51 -30.18 60.70 -3.41
CA ILE J 51 -30.36 59.62 -2.43
C ILE J 51 -29.49 58.44 -2.82
N SER J 52 -28.79 57.85 -1.84
CA SER J 52 -27.92 56.71 -2.08
C SER J 52 -28.64 55.40 -1.77
N PRO J 53 -28.92 54.57 -2.76
CA PRO J 53 -29.65 53.30 -2.51
C PRO J 53 -28.99 52.29 -1.58
N TYR J 54 -27.66 52.28 -1.41
CA TYR J 54 -27.04 51.30 -0.53
C TYR J 54 -27.42 51.51 0.94
N SER J 55 -27.11 52.69 1.49
CA SER J 55 -27.39 52.98 2.90
C SER J 55 -28.79 53.53 3.09
N GLY J 56 -29.15 54.56 2.33
CA GLY J 56 -30.42 55.24 2.43
C GLY J 56 -30.31 56.70 2.84
N ASP J 57 -29.09 57.22 2.96
CA ASP J 57 -28.91 58.63 3.30
C ASP J 57 -29.40 59.48 2.14
N LYS J 58 -30.07 60.58 2.49
CA LYS J 58 -30.64 61.49 1.50
C LYS J 58 -30.15 62.91 1.77
N ASN J 59 -30.12 63.71 0.71
CA ASN J 59 -29.74 65.12 0.85
C ASN J 59 -30.59 65.95 -0.12
N LEU J 60 -31.64 66.56 0.43
CA LEU J 60 -32.58 67.37 -0.34
C LEU J 60 -32.20 68.85 -0.29
N ALA J 61 -32.58 69.57 -1.33
CA ALA J 61 -32.37 71.02 -1.34
C ALA J 61 -33.33 71.70 -0.37
N PRO J 62 -32.91 72.82 0.23
CA PRO J 62 -33.81 73.53 1.16
C PRO J 62 -35.13 73.93 0.53
N ALA J 63 -35.18 74.09 -0.79
CA ALA J 63 -36.42 74.46 -1.47
C ALA J 63 -37.39 73.29 -1.53
N PHE J 64 -36.88 72.06 -1.54
CA PHE J 64 -37.68 70.85 -1.60
C PHE J 64 -37.54 70.04 -0.31
N GLN J 65 -37.21 70.73 0.79
CA GLN J 65 -36.95 70.10 2.06
C GLN J 65 -38.22 69.61 2.76
N ASP J 66 -39.38 70.18 2.43
CA ASP J 66 -40.61 69.90 3.17
C ASP J 66 -41.76 69.48 2.26
N ARG J 67 -41.46 68.82 1.13
CA ARG J 67 -42.54 68.35 0.26
C ARG J 67 -42.07 67.31 -0.77
N VAL J 68 -40.91 66.69 -0.60
CA VAL J 68 -40.39 65.68 -1.53
C VAL J 68 -39.90 64.49 -0.74
N ILE J 69 -40.35 63.28 -1.11
CA ILE J 69 -39.94 62.05 -0.45
C ILE J 69 -39.30 61.13 -1.49
N MET J 70 -38.08 60.69 -1.21
CA MET J 70 -37.32 59.82 -2.10
C MET J 70 -37.25 58.42 -1.53
N THR J 71 -37.62 57.41 -2.32
CA THR J 71 -37.59 56.02 -1.88
C THR J 71 -36.88 55.16 -2.91
N THR J 72 -36.22 54.09 -2.45
CA THR J 72 -35.53 53.20 -3.36
C THR J 72 -35.79 51.74 -3.00
N ASP J 73 -35.95 50.90 -4.02
CA ASP J 73 -36.15 49.47 -3.85
C ASP J 73 -34.80 48.77 -3.71
N THR J 74 -34.87 47.48 -3.38
CA THR J 74 -33.66 46.68 -3.25
C THR J 74 -33.10 46.34 -4.63
N GLU J 75 -31.81 46.06 -4.67
CA GLU J 75 -31.12 45.74 -5.90
C GLU J 75 -31.45 44.32 -6.35
N VAL J 76 -31.73 44.15 -7.63
CA VAL J 76 -32.00 42.82 -8.17
C VAL J 76 -30.80 42.39 -9.03
N PRO J 77 -29.95 41.53 -8.51
CA PRO J 77 -28.74 41.11 -9.22
C PRO J 77 -29.03 40.40 -10.54
N VAL J 78 -28.32 40.82 -11.58
CA VAL J 78 -28.41 40.19 -12.90
C VAL J 78 -27.12 39.42 -13.21
N THR J 79 -25.98 40.10 -13.16
CA THR J 79 -24.69 39.47 -13.32
C THR J 79 -23.84 39.79 -12.09
N SER J 80 -22.54 39.52 -12.18
CA SER J 80 -21.67 39.79 -11.05
C SER J 80 -21.33 41.26 -10.92
N PHE J 81 -21.47 42.02 -12.02
CA PHE J 81 -21.10 43.42 -12.06
C PHE J 81 -22.23 44.33 -12.53
N THR J 82 -23.35 43.79 -12.98
CA THR J 82 -24.49 44.57 -13.44
C THR J 82 -25.74 44.10 -12.72
N SER J 83 -26.74 44.98 -12.68
CA SER J 83 -27.99 44.66 -11.99
C SER J 83 -29.09 45.57 -12.50
N THR J 84 -30.29 45.36 -11.94
CA THR J 84 -31.49 46.13 -12.25
C THR J 84 -32.09 46.64 -10.95
N GLY J 85 -32.45 47.91 -10.89
CA GLY J 85 -33.02 48.50 -9.71
C GLY J 85 -34.09 49.52 -10.06
N ALA J 86 -34.73 50.08 -9.03
CA ALA J 86 -35.76 51.09 -9.28
C ALA J 86 -35.81 52.11 -8.16
N ALA J 87 -35.82 53.40 -8.51
CA ALA J 87 -35.90 54.47 -7.54
C ALA J 87 -37.18 55.28 -7.78
N TYR J 88 -37.83 55.72 -6.71
CA TYR J 88 -39.05 56.50 -6.85
C TYR J 88 -38.90 57.84 -6.13
N MET J 89 -39.82 58.74 -6.45
CA MET J 89 -39.90 60.02 -5.76
C MET J 89 -41.34 60.50 -5.77
N GLU J 90 -41.76 61.08 -4.64
CA GLU J 90 -43.14 61.51 -4.44
C GLU J 90 -43.13 62.98 -4.03
N ILE J 91 -43.59 63.83 -4.93
CA ILE J 91 -43.66 65.27 -4.70
C ILE J 91 -45.10 65.66 -4.41
N ARG J 92 -45.32 66.26 -3.24
CA ARG J 92 -46.62 66.71 -2.79
C ARG J 92 -46.74 68.23 -2.93
N ASN J 93 -47.95 68.73 -2.68
CA ASN J 93 -48.28 70.16 -2.75
C ASN J 93 -47.88 70.76 -4.10
N LEU J 94 -48.40 70.17 -5.17
CA LEU J 94 -48.09 70.64 -6.52
C LEU J 94 -48.65 72.03 -6.75
N LYS J 95 -47.88 72.87 -7.47
CA LYS J 95 -48.30 74.20 -7.82
C LYS J 95 -48.11 74.43 -9.31
N PHE J 96 -48.52 75.61 -9.78
CA PHE J 96 -48.43 75.93 -11.20
C PHE J 96 -47.00 76.09 -11.69
N ASP J 97 -46.06 76.43 -10.81
CA ASP J 97 -44.68 76.64 -11.21
C ASP J 97 -43.88 75.35 -11.17
N ASP J 98 -44.53 74.21 -10.93
CA ASP J 98 -43.88 72.91 -10.90
C ASP J 98 -44.02 72.17 -12.23
N THR J 99 -44.54 72.84 -13.25
CA THR J 99 -44.74 72.25 -14.56
C THR J 99 -43.43 72.29 -15.33
N GLY J 100 -42.91 71.12 -15.71
CA GLY J 100 -41.67 71.07 -16.45
C GLY J 100 -41.20 69.63 -16.60
N THR J 101 -39.94 69.46 -16.95
CA THR J 101 -39.40 68.13 -17.14
C THR J 101 -38.55 67.71 -15.94
N TYR J 102 -38.81 66.50 -15.44
CA TYR J 102 -38.10 65.95 -14.29
C TYR J 102 -37.20 64.80 -14.72
N PHE J 103 -35.91 64.89 -14.41
CA PHE J 103 -34.92 63.90 -14.77
C PHE J 103 -34.38 63.21 -13.52
N CYS J 104 -34.00 61.94 -13.69
CA CYS J 104 -33.28 61.18 -12.69
C CYS J 104 -31.90 60.83 -13.24
N ALA J 105 -30.86 61.00 -12.43
CA ALA J 105 -29.51 60.82 -12.92
C ALA J 105 -28.67 59.94 -12.00
N LYS J 106 -27.85 59.10 -12.63
CA LYS J 106 -26.90 58.25 -11.94
C LYS J 106 -25.63 59.04 -11.66
N GLY J 107 -25.03 58.74 -10.51
CA GLY J 107 -23.78 59.35 -10.07
C GLY J 107 -22.61 59.01 -10.97
N LEU J 108 -21.52 59.75 -10.76
CA LEU J 108 -20.31 59.59 -11.58
C LEU J 108 -19.38 58.51 -11.02
N LEU J 109 -18.93 58.67 -9.78
CA LEU J 109 -18.01 57.72 -9.18
C LEU J 109 -18.56 57.23 -7.84
N ARG J 110 -17.87 56.26 -7.26
CA ARG J 110 -18.26 55.73 -5.95
C ARG J 110 -17.53 56.48 -4.85
N ASP J 111 -16.27 56.81 -5.07
CA ASP J 111 -15.43 57.49 -4.10
C ASP J 111 -14.79 58.70 -4.77
N GLY J 112 -14.35 59.64 -3.94
CA GLY J 112 -13.72 60.85 -4.43
C GLY J 112 -14.45 62.09 -3.96
N SER J 113 -14.27 63.21 -4.66
CA SER J 113 -14.90 64.47 -4.29
C SER J 113 -16.11 64.79 -5.15
N SER J 114 -16.45 63.91 -6.09
CA SER J 114 -17.61 64.10 -6.97
C SER J 114 -18.33 62.76 -7.16
N THR J 115 -18.69 62.12 -6.05
CA THR J 115 -19.33 60.81 -6.12
C THR J 115 -20.79 60.94 -6.54
N TRP J 116 -21.49 61.92 -6.00
CA TRP J 116 -22.92 62.10 -6.23
C TRP J 116 -23.21 62.87 -7.51
N LEU J 117 -22.17 63.39 -8.16
CA LEU J 117 -22.34 64.23 -9.34
C LEU J 117 -23.16 63.52 -10.42
N PRO J 118 -24.25 64.13 -10.89
CA PRO J 118 -25.07 63.52 -11.93
C PRO J 118 -24.30 63.27 -13.22
N TYR J 119 -24.10 62.01 -13.56
CA TYR J 119 -23.36 61.63 -14.77
C TYR J 119 -24.27 61.04 -15.85
N LEU J 120 -24.91 59.91 -15.59
CA LEU J 120 -25.78 59.31 -16.60
C LEU J 120 -27.22 59.76 -16.41
N TRP J 121 -27.84 60.29 -17.46
CA TRP J 121 -29.19 60.81 -17.28
C TRP J 121 -30.22 59.97 -18.03
N GLY J 122 -31.47 60.17 -17.63
CA GLY J 122 -32.61 59.51 -18.24
C GLY J 122 -33.15 60.25 -19.44
N GLN J 123 -34.38 59.92 -19.80
CA GLN J 123 -35.06 60.58 -20.91
C GLN J 123 -35.97 61.72 -20.44
N GLY J 124 -36.31 61.74 -19.16
CA GLY J 124 -37.13 62.78 -18.55
C GLY J 124 -38.61 62.48 -18.61
N THR J 125 -39.32 62.94 -17.57
CA THR J 125 -40.76 62.79 -17.48
C THR J 125 -41.41 64.16 -17.35
N LEU J 126 -42.23 64.52 -18.34
CA LEU J 126 -42.90 65.82 -18.32
C LEU J 126 -44.02 65.78 -17.29
N LEU J 127 -44.07 66.78 -16.41
CA LEU J 127 -45.10 66.88 -15.39
C LEU J 127 -45.84 68.19 -15.60
N THR J 128 -47.15 68.09 -15.81
CA THR J 128 -47.99 69.27 -16.00
C THR J 128 -48.98 69.40 -14.83
N VAL J 129 -48.94 70.55 -14.18
CA VAL J 129 -49.82 70.89 -13.06
C VAL J 129 -50.79 71.94 -13.58
N SER J 130 -52.03 71.55 -13.85
CA SER J 130 -53.00 72.49 -14.38
C SER J 130 -54.40 72.11 -13.90
N SER J 131 -55.26 73.13 -13.79
CA SER J 131 -56.67 72.94 -13.48
C SER J 131 -57.46 72.70 -14.77
N ALA J 132 -57.21 73.53 -15.78
CA ALA J 132 -57.71 73.33 -17.13
C ALA J 132 -57.62 71.87 -17.53
N SER J 133 -58.77 71.26 -17.82
CA SER J 133 -58.91 69.82 -17.79
C SER J 133 -58.36 69.19 -19.06
N THR J 134 -58.27 67.86 -19.04
CA THR J 134 -57.70 67.12 -20.16
C THR J 134 -58.65 67.12 -21.35
N LYS J 135 -58.13 67.49 -22.51
CA LYS J 135 -58.88 67.49 -23.76
C LYS J 135 -58.20 66.56 -24.75
N GLY J 136 -58.98 65.67 -25.35
CA GLY J 136 -58.48 64.72 -26.32
C GLY J 136 -58.11 65.38 -27.64
N PRO J 137 -57.13 64.81 -28.32
CA PRO J 137 -56.68 65.37 -29.59
C PRO J 137 -57.66 65.04 -30.71
N SER J 138 -57.54 65.79 -31.80
CA SER J 138 -58.35 65.57 -33.00
C SER J 138 -57.43 65.31 -34.19
N VAL J 139 -57.26 64.04 -34.53
CA VAL J 139 -56.37 63.64 -35.61
C VAL J 139 -57.09 63.78 -36.95
N PHE J 140 -56.51 64.55 -37.86
CA PHE J 140 -57.05 64.70 -39.20
C PHE J 140 -56.02 64.21 -40.21
N PRO J 141 -56.43 63.46 -41.22
CA PRO J 141 -55.45 62.99 -42.21
C PRO J 141 -54.99 64.10 -43.13
N LEU J 142 -53.69 64.18 -43.36
CA LEU J 142 -53.09 65.16 -44.25
C LEU J 142 -52.88 64.44 -45.58
N ALA J 143 -53.54 64.95 -46.60
CA ALA J 143 -53.50 64.41 -47.96
C ALA J 143 -52.11 64.50 -48.56
N PRO J 144 -51.63 63.43 -49.19
CA PRO J 144 -50.29 63.46 -49.79
C PRO J 144 -50.18 64.61 -50.78
N SER J 145 -49.01 65.22 -50.81
CA SER J 145 -48.77 66.33 -51.71
C SER J 145 -47.54 66.01 -52.52
N SER J 146 -47.37 66.77 -53.60
CA SER J 146 -46.26 66.58 -54.52
C SER J 146 -45.03 67.31 -54.01
N LYS J 147 -43.92 66.58 -53.87
CA LYS J 147 -42.67 67.17 -53.41
C LYS J 147 -41.70 67.35 -54.56
N SER J 148 -41.71 66.45 -55.53
CA SER J 148 -40.85 66.54 -56.70
C SER J 148 -41.51 65.76 -57.83
N THR J 149 -41.97 66.48 -58.86
CA THR J 149 -42.63 65.85 -59.98
C THR J 149 -41.62 64.99 -60.74
N SER J 150 -40.45 65.56 -61.03
CA SER J 150 -39.43 64.80 -61.74
C SER J 150 -38.91 63.68 -60.84
N GLY J 151 -38.92 63.91 -59.53
CA GLY J 151 -38.46 62.92 -58.59
C GLY J 151 -39.51 61.86 -58.31
N GLY J 152 -40.78 62.24 -58.40
CA GLY J 152 -41.83 61.29 -58.15
C GLY J 152 -41.98 60.99 -56.67
N THR J 153 -41.82 62.00 -55.82
CA THR J 153 -41.97 61.86 -54.39
C THR J 153 -43.15 62.68 -53.90
N ALA J 154 -43.65 62.30 -52.73
CA ALA J 154 -44.79 62.98 -52.16
C ALA J 154 -44.57 63.06 -50.66
N ALA J 155 -45.58 63.56 -49.96
CA ALA J 155 -45.50 63.71 -48.51
C ALA J 155 -46.90 63.70 -47.95
N LEU J 156 -47.19 62.73 -47.10
CA LEU J 156 -48.50 62.63 -46.47
C LEU J 156 -48.32 62.56 -44.96
N GLY J 157 -49.39 62.79 -44.21
CA GLY J 157 -49.20 62.73 -42.78
C GLY J 157 -50.48 62.85 -42.00
N CYS J 158 -50.33 63.23 -40.73
CA CYS J 158 -51.50 63.40 -39.87
C CYS J 158 -51.36 64.75 -39.16
N LEU J 159 -52.49 65.25 -38.68
CA LEU J 159 -52.61 66.54 -38.01
C LEU J 159 -53.22 66.35 -36.63
N VAL J 160 -52.45 66.57 -35.58
CA VAL J 160 -52.97 66.49 -34.22
C VAL J 160 -53.40 67.89 -33.85
N LYS J 161 -54.72 68.13 -33.79
CA LYS J 161 -55.24 69.47 -33.53
C LYS J 161 -56.01 69.50 -32.22
N ASP J 162 -55.78 70.56 -31.45
CA ASP J 162 -56.47 70.83 -30.20
C ASP J 162 -56.30 69.69 -29.20
N TYR J 163 -55.21 69.70 -28.45
CA TYR J 163 -54.97 68.72 -27.41
C TYR J 163 -54.33 69.41 -26.21
N PHE J 164 -54.50 68.81 -25.04
CA PHE J 164 -53.96 69.36 -23.80
C PHE J 164 -53.92 68.28 -22.72
N PRO J 165 -52.80 68.13 -22.01
CA PRO J 165 -51.59 68.91 -22.24
C PRO J 165 -50.56 68.14 -23.06
N GLU J 166 -49.34 68.67 -23.12
CA GLU J 166 -48.27 67.97 -23.82
C GLU J 166 -47.90 66.70 -23.03
N PRO J 167 -47.34 65.68 -23.70
CA PRO J 167 -47.05 65.57 -25.13
C PRO J 167 -47.98 64.58 -25.85
N VAL J 168 -47.67 64.32 -27.11
CA VAL J 168 -48.41 63.37 -27.96
C VAL J 168 -47.39 62.62 -28.80
N THR J 169 -47.41 61.29 -28.75
CA THR J 169 -46.46 60.51 -29.52
C THR J 169 -47.12 59.98 -30.79
N VAL J 170 -46.44 60.13 -31.92
CA VAL J 170 -46.96 59.68 -33.21
C VAL J 170 -45.95 58.74 -33.86
N SER J 171 -46.40 57.52 -34.14
CA SER J 171 -45.59 56.52 -34.83
C SER J 171 -46.30 56.11 -36.11
N TRP J 172 -45.59 55.38 -36.97
CA TRP J 172 -46.17 54.93 -38.23
C TRP J 172 -46.09 53.42 -38.33
N ASN J 173 -47.23 52.79 -38.60
CA ASN J 173 -47.34 51.34 -38.76
C ASN J 173 -46.76 50.61 -37.55
N SER J 174 -47.15 51.07 -36.35
CA SER J 174 -46.68 50.48 -35.09
C SER J 174 -45.16 50.54 -34.98
N GLY J 175 -44.57 51.58 -35.55
CA GLY J 175 -43.13 51.78 -35.48
C GLY J 175 -42.35 51.09 -36.57
N ALA J 176 -42.97 50.79 -37.70
CA ALA J 176 -42.32 50.14 -38.83
C ALA J 176 -41.74 51.14 -39.81
N LEU J 177 -42.46 52.23 -40.09
CA LEU J 177 -42.03 53.26 -41.01
C LEU J 177 -41.47 54.43 -40.21
N THR J 178 -40.14 54.57 -40.19
CA THR J 178 -39.46 55.61 -39.44
C THR J 178 -38.63 56.55 -40.31
N SER J 179 -38.22 56.14 -41.50
CA SER J 179 -37.39 56.97 -42.36
C SER J 179 -38.25 58.03 -43.04
N GLY J 180 -37.77 59.27 -43.02
CA GLY J 180 -38.47 60.37 -43.65
C GLY J 180 -39.60 60.97 -42.84
N VAL J 181 -39.75 60.58 -41.58
CA VAL J 181 -40.81 61.08 -40.72
C VAL J 181 -40.34 62.38 -40.06
N HIS J 182 -41.07 63.47 -40.29
CA HIS J 182 -40.77 64.78 -39.72
C HIS J 182 -41.96 65.23 -38.89
N THR J 183 -41.76 65.28 -37.58
CA THR J 183 -42.78 65.73 -36.63
C THR J 183 -42.45 67.15 -36.20
N PHE J 184 -43.37 68.05 -36.45
CA PHE J 184 -43.13 69.44 -36.09
C PHE J 184 -43.69 69.76 -34.71
N PRO J 185 -43.02 70.64 -33.98
CA PRO J 185 -43.52 71.05 -32.66
C PRO J 185 -44.90 71.69 -32.76
N ALA J 186 -45.63 71.64 -31.66
CA ALA J 186 -46.98 72.18 -31.63
C ALA J 186 -46.96 73.70 -31.50
N VAL J 187 -48.15 74.30 -31.60
CA VAL J 187 -48.33 75.74 -31.50
C VAL J 187 -49.23 76.06 -30.32
N LEU J 188 -48.88 77.08 -29.57
CA LEU J 188 -49.66 77.53 -28.41
C LEU J 188 -50.71 78.53 -28.90
N GLN J 189 -51.95 78.06 -29.04
CA GLN J 189 -53.04 78.91 -29.50
C GLN J 189 -53.44 79.90 -28.40
N SER J 190 -54.36 80.80 -28.75
CA SER J 190 -54.80 81.79 -27.77
C SER J 190 -55.69 81.15 -26.70
N SER J 191 -56.31 80.01 -27.01
CA SER J 191 -57.16 79.31 -26.07
C SER J 191 -56.35 78.51 -25.06
N GLY J 192 -55.12 78.13 -25.41
CA GLY J 192 -54.25 77.36 -24.55
C GLY J 192 -54.06 75.93 -24.98
N LEU J 193 -54.59 75.54 -26.14
CA LEU J 193 -54.49 74.19 -26.65
C LEU J 193 -53.35 74.09 -27.67
N TYR J 194 -52.71 72.92 -27.71
CA TYR J 194 -51.61 72.67 -28.62
C TYR J 194 -52.09 71.90 -29.83
N SER J 195 -51.28 71.93 -30.90
CA SER J 195 -51.61 71.22 -32.13
C SER J 195 -50.36 71.08 -32.98
N LEU J 196 -49.93 69.85 -33.24
CA LEU J 196 -48.76 69.61 -34.05
C LEU J 196 -49.14 68.90 -35.36
N SER J 197 -48.11 68.54 -36.13
CA SER J 197 -48.30 67.86 -37.40
C SER J 197 -47.14 66.92 -37.69
N SER J 198 -47.45 65.79 -38.30
CA SER J 198 -46.42 64.81 -38.67
C SER J 198 -46.57 64.52 -40.14
N VAL J 199 -45.45 64.44 -40.85
CA VAL J 199 -45.50 64.19 -42.30
C VAL J 199 -44.32 63.34 -42.70
N VAL J 200 -44.59 62.33 -43.51
CA VAL J 200 -43.56 61.42 -44.02
C VAL J 200 -43.50 61.53 -45.54
N THR J 201 -42.30 61.73 -46.05
CA THR J 201 -42.02 61.85 -47.49
C THR J 201 -41.87 60.44 -48.06
N VAL J 202 -42.75 60.06 -48.98
CA VAL J 202 -42.69 58.71 -49.55
C VAL J 202 -42.80 58.73 -51.07
N PRO J 203 -42.15 57.80 -51.76
CA PRO J 203 -42.27 57.72 -53.22
C PRO J 203 -43.72 57.54 -53.65
N SER J 204 -44.00 57.93 -54.90
CA SER J 204 -45.36 57.87 -55.41
C SER J 204 -45.73 56.49 -55.93
N SER J 205 -44.75 55.65 -56.26
CA SER J 205 -45.02 54.33 -56.81
C SER J 205 -45.57 53.36 -55.78
N SER J 206 -45.47 53.68 -54.49
CA SER J 206 -45.95 52.81 -53.42
C SER J 206 -47.42 53.13 -53.13
N LEU J 207 -48.31 52.21 -53.51
CA LEU J 207 -49.74 52.39 -53.28
C LEU J 207 -50.35 51.14 -52.65
N GLY J 208 -50.38 50.04 -53.40
CA GLY J 208 -50.95 48.81 -52.89
C GLY J 208 -49.89 47.84 -52.43
N THR J 209 -48.74 48.38 -52.02
CA THR J 209 -47.63 47.59 -51.52
C THR J 209 -47.24 47.96 -50.09
N GLN J 210 -47.89 48.96 -49.49
CA GLN J 210 -47.58 49.38 -48.14
C GLN J 210 -48.81 50.07 -47.55
N THR J 211 -49.16 49.70 -46.32
CA THR J 211 -50.29 50.28 -45.62
C THR J 211 -49.80 51.41 -44.73
N TYR J 212 -50.38 52.60 -44.87
CA TYR J 212 -49.99 53.77 -44.11
C TYR J 212 -50.99 53.98 -42.97
N ILE J 213 -50.57 53.67 -41.74
CA ILE J 213 -51.43 53.85 -40.57
C ILE J 213 -50.67 54.68 -39.54
N CYS J 214 -51.10 55.94 -39.35
CA CYS J 214 -50.45 56.78 -38.36
C CYS J 214 -51.07 56.49 -37.00
N ASN J 215 -50.23 56.24 -36.00
CA ASN J 215 -50.63 55.88 -34.63
C ASN J 215 -50.35 57.05 -33.69
N VAL J 216 -51.41 57.80 -33.35
CA VAL J 216 -51.32 58.92 -32.43
C VAL J 216 -51.72 58.44 -31.04
N ASN J 217 -50.83 58.64 -30.07
CA ASN J 217 -51.03 58.21 -28.70
C ASN J 217 -51.06 59.42 -27.78
N HIS J 218 -52.10 59.52 -26.95
CA HIS J 218 -52.27 60.59 -25.96
C HIS J 218 -52.58 59.95 -24.62
N LYS J 219 -51.52 59.58 -23.89
CA LYS J 219 -51.67 58.93 -22.60
C LYS J 219 -52.43 59.74 -21.55
N PRO J 220 -52.27 61.07 -21.43
CA PRO J 220 -53.03 61.80 -20.40
C PRO J 220 -54.53 61.63 -20.53
N SER J 221 -55.04 61.42 -21.74
CA SER J 221 -56.46 61.19 -21.97
C SER J 221 -56.73 59.71 -22.20
N ASN J 222 -55.68 58.89 -22.19
CA ASN J 222 -55.79 57.44 -22.41
C ASN J 222 -56.50 57.15 -23.73
N THR J 223 -56.02 57.78 -24.80
CA THR J 223 -56.66 57.55 -26.10
C THR J 223 -55.62 57.37 -27.19
N LYS J 224 -55.85 56.36 -28.04
CA LYS J 224 -55.00 56.07 -29.19
C LYS J 224 -55.86 56.09 -30.44
N VAL J 225 -55.32 56.68 -31.51
CA VAL J 225 -56.02 56.80 -32.78
C VAL J 225 -55.13 56.22 -33.87
N ASP J 226 -55.67 55.28 -34.65
CA ASP J 226 -54.95 54.67 -35.75
C ASP J 226 -55.66 55.07 -37.04
N LYS J 227 -55.10 56.05 -37.75
CA LYS J 227 -55.70 56.56 -38.98
C LYS J 227 -55.05 55.96 -40.22
N ARG J 228 -55.88 55.54 -41.17
CA ARG J 228 -55.41 54.99 -42.45
C ARG J 228 -55.32 56.11 -43.45
N VAL J 229 -54.10 56.61 -43.66
CA VAL J 229 -53.87 57.70 -44.61
C VAL J 229 -54.13 57.20 -46.02
N GLU J 230 -55.12 57.80 -46.68
CA GLU J 230 -55.47 57.40 -48.03
C GLU J 230 -54.35 57.72 -49.02
N PRO J 231 -53.84 56.74 -49.77
CA PRO J 231 -52.74 57.00 -50.70
C PRO J 231 -53.15 57.81 -51.93
N LYS J 232 -54.44 57.92 -52.23
CA LYS J 232 -54.89 58.68 -53.39
C LYS J 232 -54.84 60.18 -53.09
N SER J 233 -53.92 60.88 -53.75
CA SER J 233 -53.71 62.31 -53.55
C SER J 233 -54.68 63.13 -54.41
N CYS J 234 -54.69 64.43 -54.14
CA CYS J 234 -55.52 65.37 -54.88
C CYS J 234 -54.71 66.49 -55.52
N ASP J 235 -53.40 66.51 -55.30
CA ASP J 235 -52.53 67.54 -55.86
C ASP J 235 -52.37 67.33 -57.37
N LYS J 236 -52.70 68.36 -58.14
CA LYS J 236 -52.63 68.26 -59.60
C LYS J 236 -51.19 68.07 -60.07
N GLY J 237 -50.21 68.53 -59.29
CA GLY J 237 -48.83 68.34 -59.68
C GLY J 237 -48.32 66.93 -59.48
N LEU J 238 -49.09 66.11 -58.78
CA LEU J 238 -48.73 64.72 -58.52
C LEU J 238 -49.58 63.73 -59.31
N GLU J 239 -50.79 64.12 -59.72
CA GLU J 239 -51.67 63.24 -60.48
C GLU J 239 -51.10 62.89 -61.85
N VAL J 240 -50.18 63.70 -62.37
CA VAL J 240 -49.57 63.41 -63.67
C VAL J 240 -48.75 62.13 -63.57
N LEU J 241 -48.12 61.91 -62.42
CA LEU J 241 -47.30 60.73 -62.21
C LEU J 241 -48.15 59.46 -62.09
N PHE J 242 -49.41 59.58 -61.70
CA PHE J 242 -50.30 58.43 -61.56
C PHE J 242 -51.12 58.25 -62.84
N SER K 1 -31.20 83.10 -10.19
CA SER K 1 -30.16 82.27 -9.59
C SER K 1 -29.00 83.12 -9.10
N VAL K 2 -28.24 82.60 -8.13
CA VAL K 2 -27.12 83.32 -7.58
C VAL K 2 -25.83 83.13 -8.37
N LEU K 3 -25.78 82.10 -9.21
CA LEU K 3 -24.62 81.83 -10.05
C LEU K 3 -24.88 82.43 -11.43
N THR K 4 -24.06 83.42 -11.79
CA THR K 4 -24.25 84.19 -13.01
C THR K 4 -23.25 83.74 -14.09
N GLN K 5 -23.77 83.41 -15.26
CA GLN K 5 -22.97 83.06 -16.42
C GLN K 5 -23.05 84.19 -17.43
N SER K 6 -22.39 84.01 -18.57
CA SER K 6 -22.50 84.97 -19.65
C SER K 6 -23.83 84.78 -20.37
N ALA K 7 -24.50 85.90 -20.68
CA ALA K 7 -25.79 85.83 -21.36
C ALA K 7 -25.66 85.14 -22.72
N SER K 8 -24.79 85.66 -23.57
CA SER K 8 -24.57 85.08 -24.89
C SER K 8 -23.11 85.26 -25.27
N VAL K 9 -22.55 84.23 -25.92
CA VAL K 9 -21.17 84.25 -26.38
C VAL K 9 -21.14 83.57 -27.74
N SER K 10 -20.20 83.98 -28.58
CA SER K 10 -20.11 83.46 -29.94
C SER K 10 -18.68 83.02 -30.26
N GLY K 11 -18.55 82.34 -31.39
CA GLY K 11 -17.28 81.84 -31.86
C GLY K 11 -17.39 81.30 -33.27
N SER K 12 -16.33 81.43 -34.05
CA SER K 12 -16.30 80.98 -35.43
C SER K 12 -15.86 79.52 -35.53
N LEU K 13 -16.15 78.91 -36.68
CA LEU K 13 -15.78 77.53 -36.91
C LEU K 13 -14.27 77.38 -36.91
N GLY K 14 -13.78 76.33 -36.26
CA GLY K 14 -12.36 76.08 -36.18
C GLY K 14 -11.63 76.91 -35.15
N GLN K 15 -12.35 77.73 -34.38
CA GLN K 15 -11.78 78.60 -33.36
C GLN K 15 -12.27 78.16 -31.98
N SER K 16 -12.06 79.01 -30.98
CA SER K 16 -12.44 78.73 -29.61
C SER K 16 -13.43 79.76 -29.10
N VAL K 17 -14.02 79.46 -27.95
CA VAL K 17 -15.00 80.33 -27.29
C VAL K 17 -14.93 80.04 -25.79
N THR K 18 -14.92 81.10 -24.99
CA THR K 18 -14.83 80.95 -23.53
C THR K 18 -16.16 81.33 -22.89
N ILE K 19 -16.63 80.48 -21.98
CA ILE K 19 -17.86 80.70 -21.23
C ILE K 19 -17.52 80.97 -19.77
N SER K 20 -18.00 82.11 -19.26
CA SER K 20 -17.80 82.52 -17.89
C SER K 20 -18.87 81.94 -16.97
N CYS K 21 -18.50 81.77 -15.69
CA CYS K 21 -19.41 81.22 -14.67
C CYS K 21 -18.92 81.69 -13.30
N THR K 22 -19.45 82.82 -12.85
CA THR K 22 -19.05 83.45 -11.60
C THR K 22 -20.24 83.61 -10.67
N GLY K 23 -19.99 84.27 -9.53
CA GLY K 23 -21.01 84.51 -8.54
C GLY K 23 -20.43 84.94 -7.21
N PRO K 24 -21.29 85.11 -6.20
CA PRO K 24 -20.80 85.49 -4.87
C PRO K 24 -19.83 84.47 -4.29
N ASN K 25 -19.11 84.88 -3.25
CA ASN K 25 -18.13 84.00 -2.61
C ASN K 25 -18.80 82.82 -1.91
N SER K 26 -20.10 82.89 -1.65
CA SER K 26 -20.80 81.80 -0.99
C SER K 26 -21.04 80.62 -1.91
N VAL K 27 -20.86 80.81 -3.22
CA VAL K 27 -21.07 79.76 -4.20
C VAL K 27 -19.94 79.65 -5.19
N CYS K 28 -19.06 80.63 -5.31
CA CYS K 28 -17.98 80.59 -6.29
C CYS K 28 -16.89 81.56 -5.88
N CYS K 29 -15.64 81.09 -5.89
CA CYS K 29 -15.31 79.71 -6.25
C CYS K 29 -14.25 79.13 -5.32
N SER K 30 -13.86 79.90 -4.31
CA SER K 30 -12.87 79.42 -3.35
C SER K 30 -13.41 78.23 -2.57
N HIS K 31 -12.63 77.15 -2.52
CA HIS K 31 -13.03 75.91 -1.87
C HIS K 31 -14.31 75.35 -2.46
N LYS K 32 -14.52 75.57 -3.76
CA LYS K 32 -15.71 75.08 -4.45
C LYS K 32 -15.28 74.38 -5.73
N SER K 33 -16.10 73.41 -6.17
CA SER K 33 -15.84 72.68 -7.41
C SER K 33 -16.82 73.16 -8.46
N ILE K 34 -16.37 73.17 -9.71
CA ILE K 34 -17.15 73.65 -10.84
C ILE K 34 -17.24 72.57 -11.90
N SER K 35 -18.45 72.34 -12.40
CA SER K 35 -18.64 71.38 -13.48
C SER K 35 -19.39 72.06 -14.62
N TRP K 36 -19.36 71.42 -15.79
CA TRP K 36 -20.02 71.95 -16.98
C TRP K 36 -20.78 70.81 -17.66
N TYR K 37 -21.94 71.19 -18.24
CA TYR K 37 -22.87 70.29 -18.91
C TYR K 37 -23.38 70.87 -20.23
N GLN K 38 -23.38 70.04 -21.27
CA GLN K 38 -23.99 70.33 -22.57
C GLN K 38 -25.45 69.90 -22.54
N TRP K 39 -26.37 70.88 -22.43
CA TRP K 39 -27.80 70.60 -22.23
C TRP K 39 -28.60 71.15 -23.41
N PRO K 40 -28.82 70.35 -24.45
CA PRO K 40 -29.67 70.78 -25.56
C PRO K 40 -31.12 70.88 -25.13
N PRO K 41 -31.80 71.97 -25.49
CA PRO K 41 -33.21 72.16 -25.10
C PRO K 41 -34.08 71.00 -25.58
N GLY K 42 -34.77 70.37 -24.64
CA GLY K 42 -35.65 69.27 -24.98
C GLY K 42 -34.98 67.91 -25.02
N ARG K 43 -33.67 67.85 -24.81
CA ARG K 43 -32.90 66.62 -24.87
C ARG K 43 -32.23 66.39 -23.52
N ALA K 44 -31.50 65.28 -23.43
CA ALA K 44 -30.80 64.96 -22.19
C ALA K 44 -29.42 65.61 -22.18
N PRO K 45 -29.03 66.21 -21.05
CA PRO K 45 -27.72 66.85 -20.98
C PRO K 45 -26.61 65.81 -20.94
N THR K 46 -25.40 66.28 -21.22
CA THR K 46 -24.22 65.42 -21.23
C THR K 46 -23.13 66.07 -20.41
N LEU K 47 -22.58 65.31 -19.46
CA LEU K 47 -21.51 65.81 -18.62
C LEU K 47 -20.25 66.03 -19.44
N ILE K 48 -19.70 67.24 -19.35
CA ILE K 48 -18.49 67.60 -20.08
C ILE K 48 -17.31 67.73 -19.14
N ILE K 49 -17.38 68.64 -18.17
CA ILE K 49 -16.26 68.86 -17.26
C ILE K 49 -16.69 68.65 -15.83
N TYR K 50 -15.87 67.91 -15.07
CA TYR K 50 -16.10 67.73 -13.65
C TYR K 50 -14.80 68.04 -12.91
N GLU K 51 -14.94 68.52 -11.67
CA GLU K 51 -13.80 68.93 -10.84
C GLU K 51 -12.92 69.95 -11.56
N ASP K 52 -13.50 71.11 -11.83
CA ASP K 52 -12.80 72.23 -12.43
C ASP K 52 -12.24 71.96 -13.82
N ASN K 53 -11.22 71.11 -13.92
CA ASN K 53 -10.50 70.93 -15.19
C ASN K 53 -10.43 69.50 -15.69
N GLU K 54 -11.13 68.56 -15.05
CA GLU K 54 -11.11 67.17 -15.49
C GLU K 54 -12.27 66.88 -16.43
N ARG K 55 -11.98 66.20 -17.54
CA ARG K 55 -12.98 65.88 -18.54
C ARG K 55 -13.71 64.59 -18.19
N ALA K 56 -14.99 64.56 -18.53
CA ALA K 56 -15.81 63.38 -18.31
C ALA K 56 -15.40 62.24 -19.23
N PRO K 57 -15.72 61.00 -18.85
CA PRO K 57 -15.37 59.85 -19.69
C PRO K 57 -15.96 59.96 -21.08
N GLY K 58 -15.10 59.81 -22.10
CA GLY K 58 -15.56 59.85 -23.47
C GLY K 58 -15.67 61.22 -24.09
N ILE K 59 -15.23 62.27 -23.41
CA ILE K 59 -15.33 63.62 -23.92
C ILE K 59 -14.07 63.95 -24.72
N SER K 60 -14.27 64.46 -25.93
CA SER K 60 -13.18 64.85 -26.81
C SER K 60 -12.28 65.88 -26.12
N PRO K 61 -10.96 65.82 -26.35
CA PRO K 61 -10.04 66.77 -25.70
C PRO K 61 -10.19 68.21 -26.18
N ARG K 62 -11.18 68.47 -27.02
CA ARG K 62 -11.42 69.82 -27.52
C ARG K 62 -11.97 70.75 -26.43
N PHE K 63 -12.52 70.19 -25.36
CA PHE K 63 -13.06 70.96 -24.24
C PHE K 63 -12.00 71.09 -23.15
N SER K 64 -11.99 72.25 -22.49
CA SER K 64 -11.04 72.48 -21.41
C SER K 64 -11.66 73.46 -20.42
N GLY K 65 -11.29 73.28 -19.15
CA GLY K 65 -11.82 74.09 -18.08
C GLY K 65 -10.74 74.83 -17.32
N TYR K 66 -11.12 75.88 -16.59
CA TYR K 66 -10.14 76.64 -15.81
C TYR K 66 -10.86 77.41 -14.72
N LYS K 67 -10.43 77.23 -13.48
CA LYS K 67 -11.05 77.91 -12.36
C LYS K 67 -10.05 78.83 -11.68
N SER K 68 -10.49 80.05 -11.42
CA SER K 68 -9.74 81.07 -10.71
C SER K 68 -10.25 81.07 -9.26
N TYR K 69 -10.01 82.17 -8.54
CA TYR K 69 -10.45 82.27 -7.16
C TYR K 69 -11.85 82.85 -7.04
N TRP K 70 -12.39 83.40 -8.14
CA TRP K 70 -13.70 84.05 -8.10
C TRP K 70 -14.63 83.62 -9.23
N SER K 71 -14.15 82.96 -10.27
CA SER K 71 -15.00 82.49 -11.36
C SER K 71 -14.35 81.31 -12.07
N ALA K 72 -15.17 80.58 -12.83
CA ALA K 72 -14.68 79.43 -13.59
C ALA K 72 -15.05 79.62 -15.05
N TYR K 73 -14.27 78.99 -15.92
CA TYR K 73 -14.34 79.24 -17.35
C TYR K 73 -14.31 77.92 -18.10
N LEU K 74 -14.85 77.96 -19.32
CA LEU K 74 -14.90 76.78 -20.20
C LEU K 74 -14.54 77.18 -21.63
N THR K 75 -13.42 76.66 -22.12
CA THR K 75 -12.94 76.93 -23.48
C THR K 75 -13.24 75.71 -24.36
N ILE K 76 -13.95 75.94 -25.46
CA ILE K 76 -14.30 74.90 -26.42
C ILE K 76 -13.50 75.13 -27.69
N SER K 77 -12.38 74.45 -27.84
CA SER K 77 -11.53 74.60 -29.01
C SER K 77 -12.10 73.81 -30.19
N ASP K 78 -11.84 74.30 -31.39
CA ASP K 78 -12.32 73.70 -32.63
C ASP K 78 -13.84 73.52 -32.63
N LEU K 79 -14.57 74.61 -32.80
CA LEU K 79 -16.03 74.59 -32.71
C LEU K 79 -16.64 73.72 -33.81
N ARG K 80 -17.71 73.01 -33.46
CA ARG K 80 -18.46 72.14 -34.35
C ARG K 80 -19.87 72.67 -34.56
N PRO K 81 -20.50 72.32 -35.68
CA PRO K 81 -21.89 72.76 -35.90
C PRO K 81 -22.87 72.26 -34.86
N GLU K 82 -22.55 71.16 -34.17
CA GLU K 82 -23.43 70.61 -33.15
C GLU K 82 -23.08 71.12 -31.75
N ASP K 83 -22.35 72.22 -31.67
CA ASP K 83 -22.00 72.84 -30.40
C ASP K 83 -22.80 74.10 -30.14
N GLU K 84 -23.67 74.50 -31.06
CA GLU K 84 -24.50 75.69 -30.90
C GLU K 84 -25.73 75.32 -30.08
N THR K 85 -25.60 75.42 -28.76
CA THR K 85 -26.69 75.09 -27.85
C THR K 85 -26.44 75.79 -26.52
N THR K 86 -27.17 75.37 -25.49
CA THR K 86 -27.06 75.94 -24.16
C THR K 86 -26.12 75.09 -23.31
N TYR K 87 -25.22 75.74 -22.58
CA TYR K 87 -24.24 75.08 -21.73
C TYR K 87 -24.40 75.63 -20.32
N TYR K 88 -24.65 74.75 -19.36
CA TYR K 88 -24.81 75.14 -17.96
C TYR K 88 -23.61 74.73 -17.13
N CYS K 89 -23.35 75.52 -16.09
CA CYS K 89 -22.31 75.22 -15.13
C CYS K 89 -22.94 74.95 -13.77
N CYS K 90 -22.17 74.31 -12.92
CA CYS K 90 -22.65 73.93 -11.59
C CYS K 90 -21.57 74.15 -10.54
N SER K 91 -21.94 74.84 -9.48
CA SER K 91 -21.09 75.08 -8.32
C SER K 91 -21.51 74.05 -7.28
N TYR K 92 -20.58 73.20 -6.86
CA TYR K 92 -20.90 72.12 -5.94
C TYR K 92 -19.70 71.80 -5.07
N THR K 93 -19.92 70.95 -4.07
CA THR K 93 -18.85 70.47 -3.21
C THR K 93 -19.01 68.96 -3.03
N HIS K 94 -18.30 68.42 -2.05
CA HIS K 94 -18.40 67.00 -1.74
C HIS K 94 -19.63 66.69 -0.91
N ASN K 95 -20.10 67.65 -0.12
CA ASN K 95 -21.24 67.47 0.76
C ASN K 95 -22.51 68.08 0.17
N SER K 96 -22.48 69.38 -0.08
CA SER K 96 -23.64 70.09 -0.62
C SER K 96 -23.93 69.63 -2.05
N GLY K 97 -25.07 70.07 -2.57
CA GLY K 97 -25.52 69.70 -3.89
C GLY K 97 -25.06 70.65 -4.97
N CYS K 98 -25.85 70.73 -6.04
CA CYS K 98 -25.52 71.55 -7.20
C CYS K 98 -26.37 72.82 -7.20
N VAL K 99 -25.73 73.93 -7.57
CA VAL K 99 -26.40 75.22 -7.74
C VAL K 99 -26.08 75.68 -9.17
N PHE K 100 -26.99 75.37 -10.09
CA PHE K 100 -26.80 75.68 -11.50
C PHE K 100 -26.81 77.20 -11.72
N GLY K 101 -26.26 77.60 -12.87
CA GLY K 101 -26.18 79.00 -13.23
C GLY K 101 -27.37 79.46 -14.05
N THR K 102 -27.22 80.65 -14.64
CA THR K 102 -28.28 81.22 -15.46
C THR K 102 -28.33 80.62 -16.86
N GLY K 103 -27.21 80.14 -17.37
CA GLY K 103 -27.15 79.53 -18.68
C GLY K 103 -26.42 80.41 -19.68
N THR K 104 -25.86 79.76 -20.71
CA THR K 104 -25.12 80.46 -21.75
C THR K 104 -25.53 79.90 -23.11
N LYS K 105 -26.16 80.73 -23.93
CA LYS K 105 -26.56 80.32 -25.28
C LYS K 105 -25.40 80.62 -26.23
N VAL K 106 -24.72 79.57 -26.68
CA VAL K 106 -23.55 79.71 -27.55
C VAL K 106 -24.01 79.67 -29.00
N SER K 107 -23.67 80.72 -29.76
CA SER K 107 -23.98 80.80 -31.17
C SER K 107 -22.69 80.62 -31.96
N VAL K 108 -22.68 79.63 -32.85
CA VAL K 108 -21.50 79.32 -33.66
C VAL K 108 -21.62 80.09 -34.98
N LEU K 109 -20.72 81.05 -35.19
CA LEU K 109 -20.73 81.85 -36.40
C LEU K 109 -19.98 81.16 -37.54
N PRO K 116 -35.28 76.60 -48.01
CA PRO K 116 -36.35 76.04 -47.18
C PRO K 116 -37.37 75.25 -47.99
N SER K 117 -37.86 74.15 -47.43
CA SER K 117 -38.90 73.33 -48.03
C SER K 117 -40.23 73.63 -47.33
N VAL K 118 -41.10 74.34 -48.03
CA VAL K 118 -42.39 74.79 -47.52
C VAL K 118 -43.48 73.95 -48.17
N THR K 119 -44.42 73.48 -47.36
CA THR K 119 -45.54 72.70 -47.87
C THR K 119 -46.82 73.15 -47.18
N LEU K 120 -47.78 73.64 -47.97
CA LEU K 120 -49.04 74.13 -47.42
C LEU K 120 -50.15 73.10 -47.61
N PHE K 121 -50.84 72.76 -46.52
CA PHE K 121 -51.92 71.80 -46.55
C PHE K 121 -53.26 72.49 -46.32
N PRO K 122 -54.24 72.18 -47.18
CA PRO K 122 -55.60 72.69 -47.01
C PRO K 122 -56.37 71.87 -45.98
N PRO K 123 -57.44 72.43 -45.41
CA PRO K 123 -58.22 71.66 -44.44
C PRO K 123 -58.82 70.40 -45.05
N SER K 124 -58.71 69.30 -44.31
CA SER K 124 -59.18 67.99 -44.76
C SER K 124 -60.71 67.96 -44.85
N SER K 125 -61.22 66.90 -45.49
CA SER K 125 -62.66 66.75 -45.67
C SER K 125 -63.34 66.44 -44.34
N GLU K 126 -62.63 65.81 -43.41
CA GLU K 126 -63.23 65.51 -42.11
C GLU K 126 -63.39 66.78 -41.30
N GLU K 127 -62.54 67.77 -41.55
CA GLU K 127 -62.60 69.04 -40.85
C GLU K 127 -63.68 69.95 -41.43
N LEU K 128 -64.04 69.74 -42.71
CA LEU K 128 -65.09 70.51 -43.34
C LEU K 128 -66.48 70.06 -42.93
N GLN K 129 -66.57 68.96 -42.19
CA GLN K 129 -67.82 68.43 -41.66
C GLN K 129 -67.94 68.67 -40.17
N ALA K 130 -66.98 69.37 -39.57
CA ALA K 130 -66.98 69.65 -38.14
C ALA K 130 -67.92 70.80 -37.76
N ASN K 131 -67.86 71.96 -38.45
CA ASN K 131 -67.00 72.30 -39.58
C ASN K 131 -66.01 73.42 -39.27
N LYS K 132 -64.73 73.18 -39.56
CA LYS K 132 -63.68 74.17 -39.36
C LYS K 132 -62.73 74.15 -40.56
N ALA K 133 -61.74 75.03 -40.54
CA ALA K 133 -60.76 75.13 -41.62
C ALA K 133 -59.44 75.65 -41.07
N THR K 134 -58.39 74.86 -41.17
CA THR K 134 -57.07 75.25 -40.66
C THR K 134 -56.03 75.00 -41.74
N LEU K 135 -55.36 76.07 -42.17
CA LEU K 135 -54.30 75.97 -43.17
C LEU K 135 -52.98 75.71 -42.45
N VAL K 136 -52.24 74.69 -42.92
CA VAL K 136 -50.98 74.27 -42.31
C VAL K 136 -49.82 74.62 -43.24
N CYS K 137 -48.94 75.53 -42.82
CA CYS K 137 -47.77 75.94 -43.60
C CYS K 137 -46.54 75.35 -42.91
N LEU K 138 -45.99 74.25 -43.44
CA LEU K 138 -44.84 73.59 -42.82
C LEU K 138 -43.55 74.05 -43.47
N ILE K 139 -42.58 74.45 -42.66
CA ILE K 139 -41.27 74.91 -43.13
C ILE K 139 -40.19 73.99 -42.58
N SER K 140 -39.28 73.53 -43.44
CA SER K 140 -38.25 72.64 -42.94
C SER K 140 -36.96 72.83 -43.72
N ASP K 141 -35.84 72.40 -43.12
CA ASP K 141 -34.53 72.46 -43.75
C ASP K 141 -34.15 73.88 -44.18
N PHE K 142 -34.08 74.77 -43.19
CA PHE K 142 -33.68 76.15 -43.41
C PHE K 142 -32.78 76.61 -42.29
N TYR K 143 -31.82 77.46 -42.63
CA TYR K 143 -30.89 78.04 -41.67
C TYR K 143 -30.64 79.50 -42.04
N PRO K 144 -30.24 80.34 -41.07
CA PRO K 144 -30.22 80.13 -39.63
C PRO K 144 -31.66 80.17 -39.14
N GLY K 145 -31.93 79.91 -37.86
CA GLY K 145 -33.32 79.88 -37.46
C GLY K 145 -33.93 81.26 -37.29
N ALA K 146 -34.28 81.91 -38.41
CA ALA K 146 -34.90 83.23 -38.37
C ALA K 146 -35.70 83.43 -39.66
N VAL K 147 -37.00 83.16 -39.59
CA VAL K 147 -37.89 83.31 -40.73
C VAL K 147 -39.15 84.04 -40.30
N THR K 148 -39.80 84.70 -41.25
CA THR K 148 -41.06 85.39 -40.98
C THR K 148 -42.16 84.81 -41.86
N VAL K 149 -43.35 84.67 -41.32
CA VAL K 149 -44.48 84.06 -42.03
C VAL K 149 -45.62 85.06 -42.16
N ALA K 150 -46.07 85.28 -43.39
CA ALA K 150 -47.21 86.14 -43.68
C ALA K 150 -48.24 85.35 -44.48
N TRP K 151 -49.51 85.59 -44.19
CA TRP K 151 -50.61 84.89 -44.86
C TRP K 151 -51.39 85.86 -45.74
N LYS K 152 -51.97 85.32 -46.82
CA LYS K 152 -52.78 86.18 -47.68
C LYS K 152 -54.05 85.48 -48.09
N ALA K 153 -55.17 86.22 -48.04
CA ALA K 153 -56.48 85.72 -48.46
C ALA K 153 -56.81 86.35 -49.81
N ASP K 154 -56.61 85.58 -50.88
CA ASP K 154 -56.83 86.05 -52.25
C ASP K 154 -56.00 87.31 -52.53
N SER K 155 -54.67 87.18 -52.41
CA SER K 155 -53.75 88.29 -52.63
C SER K 155 -54.04 89.48 -51.72
N SER K 156 -54.50 89.23 -50.50
CA SER K 156 -54.78 90.32 -49.57
C SER K 156 -54.36 89.98 -48.15
N PRO K 157 -53.45 90.78 -47.55
CA PRO K 157 -52.95 90.53 -46.19
C PRO K 157 -53.97 90.00 -45.19
N VAL K 158 -53.54 89.07 -44.34
CA VAL K 158 -54.38 88.48 -43.30
C VAL K 158 -53.77 88.82 -41.94
N LYS K 159 -54.59 89.37 -41.05
CA LYS K 159 -54.13 89.77 -39.72
C LYS K 159 -54.87 89.04 -38.60
N ALA K 160 -55.79 88.12 -38.92
CA ALA K 160 -56.58 87.40 -37.94
C ALA K 160 -56.33 85.90 -38.04
N GLY K 161 -56.07 85.27 -36.91
CA GLY K 161 -55.86 83.82 -36.88
C GLY K 161 -54.52 83.36 -37.42
N VAL K 162 -53.50 84.20 -37.34
CA VAL K 162 -52.15 83.91 -37.81
C VAL K 162 -51.30 83.49 -36.63
N GLU K 163 -50.73 82.27 -36.66
CA GLU K 163 -49.88 81.85 -35.57
C GLU K 163 -48.72 81.04 -36.12
N THR K 164 -47.51 81.28 -35.59
CA THR K 164 -46.32 80.61 -36.07
C THR K 164 -45.45 80.15 -34.90
N THR K 165 -44.93 78.92 -35.01
CA THR K 165 -44.10 78.33 -33.98
C THR K 165 -42.67 78.88 -34.06
N THR K 166 -41.89 78.62 -33.01
CA THR K 166 -40.50 79.05 -32.98
C THR K 166 -39.61 78.08 -33.76
N PRO K 167 -38.58 78.57 -34.44
CA PRO K 167 -37.68 77.69 -35.19
C PRO K 167 -36.96 76.72 -34.27
N SER K 168 -37.12 75.43 -34.54
CA SER K 168 -36.51 74.38 -33.75
C SER K 168 -35.48 73.63 -34.57
N LYS K 169 -34.33 73.35 -33.95
CA LYS K 169 -33.25 72.65 -34.64
C LYS K 169 -33.58 71.17 -34.78
N GLN K 170 -33.40 70.65 -36.00
CA GLN K 170 -33.68 69.24 -36.29
C GLN K 170 -32.49 68.37 -35.91
N SER K 171 -32.44 67.16 -36.44
CA SER K 171 -31.34 66.24 -36.16
C SER K 171 -30.25 66.33 -37.20
N ASN K 172 -30.56 66.87 -38.39
CA ASN K 172 -29.59 67.04 -39.47
C ASN K 172 -28.96 68.42 -39.43
N ASN K 173 -28.83 68.99 -38.23
CA ASN K 173 -28.23 70.31 -38.02
C ASN K 173 -28.95 71.38 -38.81
N LYS K 174 -30.26 71.24 -39.01
CA LYS K 174 -31.03 72.28 -39.68
C LYS K 174 -32.24 72.61 -38.82
N TYR K 175 -32.98 73.62 -39.25
CA TYR K 175 -34.14 74.10 -38.52
C TYR K 175 -35.45 73.83 -39.25
N ALA K 176 -36.53 73.80 -38.45
CA ALA K 176 -37.88 73.57 -38.95
C ALA K 176 -38.84 74.42 -38.15
N ALA K 177 -40.01 74.67 -38.74
CA ALA K 177 -41.06 75.46 -38.10
C ALA K 177 -42.41 75.07 -38.70
N SER K 178 -43.46 75.70 -38.20
CA SER K 178 -44.81 75.43 -38.67
C SER K 178 -45.70 76.61 -38.31
N SER K 179 -46.50 77.05 -39.28
CA SER K 179 -47.44 78.14 -39.12
C SER K 179 -48.84 77.63 -39.42
N TYR K 180 -49.82 78.20 -38.73
CA TYR K 180 -51.21 77.77 -38.89
C TYR K 180 -52.11 78.99 -39.01
N LEU K 181 -53.13 78.85 -39.86
CA LEU K 181 -54.10 79.90 -40.08
C LEU K 181 -55.50 79.35 -39.81
N SER K 182 -56.16 79.89 -38.80
CA SER K 182 -57.51 79.50 -38.42
C SER K 182 -58.51 80.30 -39.26
N LEU K 183 -59.33 79.61 -40.04
CA LEU K 183 -60.31 80.28 -40.90
C LEU K 183 -61.68 79.68 -40.66
N THR K 184 -62.68 80.41 -41.09
CA THR K 184 -64.07 79.97 -40.98
C THR K 184 -64.52 79.29 -42.28
N PRO K 185 -65.45 78.36 -42.18
CA PRO K 185 -65.94 77.68 -43.39
C PRO K 185 -66.48 78.62 -44.45
N GLU K 186 -66.90 79.83 -44.06
CA GLU K 186 -67.40 80.78 -45.06
C GLU K 186 -66.27 81.42 -45.84
N GLN K 187 -65.21 81.82 -45.15
CA GLN K 187 -64.07 82.45 -45.81
C GLN K 187 -63.33 81.45 -46.69
N TRP K 188 -63.40 80.17 -46.38
CA TRP K 188 -62.74 79.15 -47.19
C TRP K 188 -63.46 78.96 -48.53
N LYS K 189 -64.75 79.27 -48.59
CA LYS K 189 -65.54 79.10 -49.79
C LYS K 189 -65.87 80.43 -50.46
N SER K 190 -65.29 81.53 -49.98
CA SER K 190 -65.52 82.85 -50.55
C SER K 190 -64.28 83.44 -51.21
N HIS K 191 -63.11 82.87 -50.98
CA HIS K 191 -61.86 83.34 -51.57
C HIS K 191 -61.39 82.35 -52.63
N ARG K 192 -60.78 82.89 -53.69
CA ARG K 192 -60.30 82.05 -54.79
C ARG K 192 -59.09 81.22 -54.38
N SER K 193 -58.23 81.76 -53.53
CA SER K 193 -57.03 81.05 -53.11
C SER K 193 -56.47 81.72 -51.87
N TYR K 194 -55.63 80.96 -51.15
CA TYR K 194 -54.94 81.43 -49.97
C TYR K 194 -53.46 81.14 -50.11
N SER K 195 -52.62 82.05 -49.62
CA SER K 195 -51.18 81.89 -49.78
C SER K 195 -50.48 81.96 -48.43
N CYS K 196 -49.24 81.46 -48.43
CA CYS K 196 -48.36 81.43 -47.26
C CYS K 196 -46.96 81.87 -47.69
N GLN K 197 -46.67 83.16 -47.50
CA GLN K 197 -45.40 83.76 -47.85
C GLN K 197 -44.43 83.57 -46.69
N VAL K 198 -43.23 83.09 -46.98
CA VAL K 198 -42.20 82.89 -45.97
C VAL K 198 -40.96 83.68 -46.39
N THR K 199 -40.58 84.66 -45.58
CA THR K 199 -39.45 85.52 -45.88
C THR K 199 -38.24 85.04 -45.06
N HIS K 200 -37.09 84.94 -45.74
CA HIS K 200 -35.84 84.50 -45.11
C HIS K 200 -34.68 85.18 -45.83
N GLU K 201 -33.95 86.03 -45.09
CA GLU K 201 -32.78 86.73 -45.60
C GLU K 201 -33.09 87.50 -46.87
N GLY K 202 -34.26 88.13 -46.90
CA GLY K 202 -34.66 88.90 -48.06
C GLY K 202 -35.45 88.13 -49.09
N SER K 203 -35.11 86.85 -49.27
CA SER K 203 -35.81 86.02 -50.26
C SER K 203 -37.14 85.54 -49.69
N THR K 204 -38.22 85.80 -50.44
CA THR K 204 -39.56 85.43 -50.00
C THR K 204 -40.12 84.36 -50.91
N VAL K 205 -40.38 83.19 -50.33
CA VAL K 205 -40.99 82.06 -51.02
C VAL K 205 -42.48 82.10 -50.72
N GLU K 206 -43.29 81.49 -51.57
CA GLU K 206 -44.72 81.59 -51.37
C GLU K 206 -45.41 80.35 -51.92
N LYS K 207 -46.31 79.77 -51.13
CA LYS K 207 -47.09 78.62 -51.57
C LYS K 207 -48.57 78.97 -51.49
N THR K 208 -49.33 78.56 -52.50
CA THR K 208 -50.74 78.95 -52.60
C THR K 208 -51.61 77.74 -52.91
N VAL K 209 -52.66 77.58 -52.11
CA VAL K 209 -53.67 76.56 -52.36
C VAL K 209 -54.96 77.26 -52.77
N ALA K 210 -55.83 76.55 -53.49
CA ALA K 210 -57.05 77.14 -54.00
C ALA K 210 -58.23 76.23 -53.67
N PRO K 211 -59.26 76.72 -52.96
CA PRO K 211 -60.44 75.89 -52.69
C PRO K 211 -61.30 75.68 -53.91
N THR K 212 -61.19 76.53 -54.92
CA THR K 212 -62.00 76.42 -56.12
C THR K 212 -61.66 75.20 -56.96
N GLU K 213 -60.48 74.61 -56.74
CA GLU K 213 -60.08 73.43 -57.49
C GLU K 213 -59.49 72.37 -56.54
N VAL L 1 34.48 32.58 19.08
CA VAL L 1 33.84 31.44 19.70
C VAL L 1 32.60 31.03 18.90
N PHE L 2 32.40 29.72 18.75
CA PHE L 2 31.26 29.18 18.03
C PHE L 2 30.66 28.05 18.86
N LEU L 3 29.61 28.36 19.63
CA LEU L 3 29.00 27.36 20.49
C LEU L 3 28.28 26.29 19.69
N GLY L 4 27.90 26.59 18.46
CA GLY L 4 27.21 25.65 17.60
C GLY L 4 25.72 25.91 17.55
N PHE L 5 25.03 24.95 16.93
CA PHE L 5 23.58 25.04 16.79
C PHE L 5 22.92 25.08 18.16
N LEU L 6 22.06 26.08 18.37
CA LEU L 6 21.36 26.29 19.65
C LEU L 6 22.33 26.54 20.79
N GLY L 7 23.52 27.04 20.48
CA GLY L 7 24.56 27.23 21.49
C GLY L 7 24.17 28.15 22.63
N ALA L 8 23.83 29.39 22.31
CA ALA L 8 23.51 30.40 23.32
C ALA L 8 22.04 30.38 23.71
N ALA L 9 21.50 29.20 24.01
CA ALA L 9 20.10 29.13 24.41
C ALA L 9 19.90 29.58 25.84
N GLY L 10 20.86 29.30 26.72
CA GLY L 10 20.79 29.70 28.10
C GLY L 10 21.47 31.01 28.37
N SER L 11 22.07 31.61 27.35
CA SER L 11 22.75 32.89 27.46
C SER L 11 21.73 34.02 27.30
N THR L 12 22.16 35.23 27.68
CA THR L 12 21.31 36.40 27.53
C THR L 12 21.00 36.66 26.06
N MET L 13 19.92 37.43 25.84
CA MET L 13 19.51 37.75 24.47
C MET L 13 20.58 38.56 23.75
N GLY L 14 21.28 39.45 24.47
CA GLY L 14 22.35 40.21 23.87
C GLY L 14 23.49 39.31 23.45
N ALA L 15 23.79 38.29 24.25
CA ALA L 15 24.84 37.35 23.92
C ALA L 15 24.39 36.39 22.82
N ALA L 16 23.11 36.00 22.86
CA ALA L 16 22.56 35.07 21.87
C ALA L 16 22.35 35.74 20.52
N SER L 17 22.43 37.07 20.45
CA SER L 17 22.27 37.78 19.19
C SER L 17 23.49 37.63 18.30
N MET L 18 24.58 37.08 18.83
CA MET L 18 25.81 36.85 18.07
C MET L 18 25.79 35.51 17.33
N THR L 19 24.84 34.63 17.70
CA THR L 19 24.74 33.28 17.15
C THR L 19 23.58 33.16 16.17
N LEU L 20 23.17 34.29 15.58
CA LEU L 20 22.02 34.29 14.68
C LEU L 20 22.31 33.51 13.40
N THR L 21 23.54 33.62 12.89
CA THR L 21 23.88 32.97 11.64
C THR L 21 24.14 31.48 11.79
N VAL L 22 23.97 30.92 12.99
CA VAL L 22 24.21 29.50 13.23
C VAL L 22 22.90 28.71 13.21
N GLN L 23 21.86 29.22 13.90
CA GLN L 23 20.58 28.53 13.87
C GLN L 23 19.86 28.74 12.55
N ALA L 24 20.24 29.77 11.79
CA ALA L 24 19.64 30.04 10.50
C ALA L 24 20.24 29.14 9.42
N ARG L 25 21.50 28.74 9.60
CA ARG L 25 22.19 27.90 8.64
C ARG L 25 21.65 26.49 8.63
N ASN L 26 21.50 25.89 9.82
CA ASN L 26 21.03 24.51 9.95
C ASN L 26 19.51 24.42 10.04
N LEU L 27 18.79 25.39 9.49
CA LEU L 27 17.34 25.39 9.57
C LEU L 27 16.71 24.73 8.35
N LEU L 28 17.39 24.75 7.22
CA LEU L 28 16.92 24.13 5.99
C LEU L 28 17.71 22.88 5.64
N SER L 29 19.02 22.89 5.87
CA SER L 29 19.90 21.75 5.65
C SER L 29 19.78 21.22 4.22
N GLY L 30 20.42 21.89 3.27
CA GLY L 30 20.39 21.48 1.89
C GLY L 30 19.04 21.71 1.22
N THR L 52 6.96 2.29 -2.46
CA THR L 52 7.36 1.65 -1.21
C THR L 52 7.27 2.63 -0.04
N VAL L 53 6.66 2.17 1.05
CA VAL L 53 6.46 2.99 2.24
C VAL L 53 7.79 3.17 2.95
N TRP L 54 7.76 3.83 4.12
CA TRP L 54 8.96 4.08 4.93
C TRP L 54 9.92 5.08 4.27
N GLY L 55 9.81 5.26 2.95
CA GLY L 55 10.60 6.26 2.27
C GLY L 55 9.85 7.57 2.12
N ILE L 56 8.52 7.51 2.22
CA ILE L 56 7.70 8.72 2.19
C ILE L 56 7.65 9.36 3.57
N LYS L 57 8.16 8.63 4.58
CA LYS L 57 8.19 9.13 5.95
C LYS L 57 9.08 10.37 6.04
N GLN L 58 10.20 10.35 5.31
CA GLN L 58 11.12 11.47 5.31
C GLN L 58 10.72 12.51 4.26
N LEU L 59 10.01 12.07 3.22
CA LEU L 59 9.57 12.97 2.17
C LEU L 59 8.57 13.97 2.71
N GLN L 60 7.51 13.47 3.36
CA GLN L 60 6.49 14.36 3.93
C GLN L 60 7.07 15.25 5.04
N ALA L 61 8.17 14.82 5.63
CA ALA L 61 8.79 15.60 6.70
C ALA L 61 9.63 16.72 6.11
N ARG L 62 10.38 16.44 5.05
CA ARG L 62 11.18 17.53 4.49
C ARG L 62 10.31 18.46 3.67
N VAL L 63 9.10 18.03 3.32
CA VAL L 63 8.17 18.93 2.68
C VAL L 63 7.58 19.86 3.73
N LEU L 64 7.25 19.34 4.92
CA LEU L 64 6.77 20.27 5.94
C LEU L 64 7.93 21.16 6.40
N ALA L 65 9.17 20.69 6.25
CA ALA L 65 10.34 21.48 6.65
C ALA L 65 10.49 22.69 5.74
N VAL L 66 10.28 22.50 4.44
CA VAL L 66 10.44 23.62 3.52
C VAL L 66 9.20 24.50 3.57
N GLU L 67 8.04 23.94 3.95
CA GLU L 67 6.87 24.78 4.10
C GLU L 67 7.01 25.67 5.33
N ARG L 68 7.64 25.17 6.38
CA ARG L 68 7.90 25.97 7.58
C ARG L 68 8.94 27.05 7.29
N TYR L 69 9.88 26.72 6.39
CA TYR L 69 10.92 27.68 6.04
C TYR L 69 10.32 28.80 5.22
N LEU L 70 9.56 28.46 4.17
CA LEU L 70 8.98 29.50 3.35
C LEU L 70 7.92 30.29 4.12
N ARG L 71 7.30 29.68 5.13
CA ARG L 71 6.34 30.41 5.97
C ARG L 71 7.06 31.53 6.72
N ASP L 72 8.18 31.19 7.35
CA ASP L 72 8.94 32.21 8.07
C ASP L 72 9.54 33.22 7.09
N GLN L 73 9.96 32.78 5.91
CA GLN L 73 10.53 33.72 4.94
C GLN L 73 9.46 34.67 4.41
N GLN L 74 8.21 34.20 4.30
CA GLN L 74 7.13 35.06 3.86
C GLN L 74 6.81 36.11 4.90
N LEU L 75 6.76 35.71 6.18
CA LEU L 75 6.56 36.70 7.23
C LEU L 75 7.72 37.69 7.26
N LEU L 76 8.95 37.20 7.10
CA LEU L 76 10.13 38.06 7.10
C LEU L 76 10.19 38.98 5.88
N GLY L 77 9.45 38.65 4.82
CA GLY L 77 9.46 39.43 3.60
C GLY L 77 8.37 40.49 3.57
N ILE L 78 7.16 40.15 4.02
CA ILE L 78 6.07 41.11 3.99
C ILE L 78 6.30 42.25 4.99
N TRP L 79 7.14 42.03 6.00
CA TRP L 79 7.50 43.07 6.94
C TRP L 79 8.57 43.99 6.35
N GLY L 80 8.98 44.98 7.13
CA GLY L 80 10.05 45.90 6.74
C GLY L 80 11.44 45.35 6.98
N CYS L 81 11.70 44.17 6.45
CA CYS L 81 12.97 43.48 6.67
C CYS L 81 13.52 43.00 5.32
N SER L 82 12.95 41.91 4.80
CA SER L 82 13.42 41.22 3.61
C SER L 82 14.85 40.72 3.84
N GLY L 83 15.79 41.65 4.02
CA GLY L 83 17.12 41.26 4.45
C GLY L 83 17.00 40.55 5.78
N LYS L 84 17.46 39.30 5.84
CA LYS L 84 17.22 38.44 7.00
C LYS L 84 18.05 38.89 8.22
N LEU L 85 18.26 37.95 9.15
CA LEU L 85 19.00 38.22 10.37
C LEU L 85 18.37 39.33 11.21
N ILE L 86 18.67 40.58 10.90
CA ILE L 86 18.17 41.72 11.66
C ILE L 86 17.58 42.79 10.75
N CYS L 87 16.61 43.52 11.29
CA CYS L 87 15.99 44.66 10.62
C CYS L 87 15.26 45.48 11.67
N CYS L 88 15.21 46.79 11.45
CA CYS L 88 14.53 47.70 12.36
C CYS L 88 13.14 48.03 11.82
N THR L 89 12.29 48.53 12.72
CA THR L 89 10.93 48.88 12.34
C THR L 89 10.50 50.15 13.08
N ASN L 90 9.51 50.82 12.49
CA ASN L 90 8.95 52.05 13.03
C ASN L 90 7.74 51.76 13.90
N VAL L 91 7.89 50.90 14.89
CA VAL L 91 6.82 50.54 15.81
C VAL L 91 7.24 50.84 17.24
N PRO L 92 6.52 51.72 17.93
CA PRO L 92 6.83 52.04 19.34
C PRO L 92 6.59 50.84 20.24
N TRP L 93 7.55 50.55 21.11
CA TRP L 93 7.38 49.41 22.02
C TRP L 93 6.37 49.75 23.10
N ASN L 94 5.22 49.08 23.03
CA ASN L 94 4.15 49.25 23.99
C ASN L 94 4.54 48.71 25.36
N SER L 95 4.36 49.54 26.39
CA SER L 95 4.78 49.17 27.74
C SER L 95 3.99 47.97 28.27
N SER L 96 2.78 47.73 27.75
CA SER L 96 1.97 46.62 28.22
C SER L 96 2.58 45.26 27.86
N TRP L 97 3.49 45.23 26.90
CA TRP L 97 4.15 44.00 26.47
C TRP L 97 5.36 43.73 27.38
N SER L 98 5.05 43.54 28.66
CA SER L 98 6.05 43.31 29.69
C SER L 98 7.02 44.48 29.72
N ASN L 99 6.66 45.54 30.45
CA ASN L 99 7.48 46.74 30.49
C ASN L 99 8.80 46.48 31.19
N ARG L 100 9.82 46.16 30.40
CA ARG L 100 11.18 45.95 30.88
C ARG L 100 12.08 46.99 30.26
N ASN L 101 13.30 47.06 30.78
CA ASN L 101 14.30 48.03 30.37
C ASN L 101 15.22 47.40 29.32
N LEU L 102 15.98 48.26 28.64
CA LEU L 102 16.91 47.80 27.62
C LEU L 102 17.96 46.87 28.21
N SER L 103 18.49 47.21 29.37
CA SER L 103 19.53 46.42 30.00
C SER L 103 18.96 45.25 30.81
N GLU L 104 17.64 45.19 30.97
CA GLU L 104 16.99 44.12 31.72
C GLU L 104 16.50 43.03 30.78
N ILE L 105 16.61 43.24 29.47
CA ILE L 105 16.19 42.29 28.46
C ILE L 105 17.39 41.60 27.83
N TRP L 106 18.35 42.39 27.34
CA TRP L 106 19.52 41.87 26.65
C TRP L 106 20.60 41.36 27.59
N ASP L 107 20.50 41.66 28.89
CA ASP L 107 21.54 41.28 29.84
C ASP L 107 20.97 40.62 31.09
N ASN L 108 19.74 40.10 31.02
CA ASN L 108 19.14 39.45 32.18
C ASN L 108 17.99 38.53 31.80
N MET L 109 17.91 38.07 30.55
CA MET L 109 16.80 37.23 30.13
C MET L 109 17.20 36.41 28.92
N THR L 110 16.77 35.15 28.89
CA THR L 110 17.04 34.27 27.76
C THR L 110 15.90 34.39 26.76
N TRP L 111 16.17 33.95 25.52
CA TRP L 111 15.16 34.03 24.49
C TRP L 111 13.95 33.15 24.77
N LEU L 112 14.16 31.98 25.40
CA LEU L 112 13.04 31.13 25.77
C LEU L 112 12.18 31.79 26.84
N GLN L 113 12.83 32.41 27.82
CA GLN L 113 12.10 33.07 28.90
C GLN L 113 11.39 34.30 28.37
N TRP L 114 11.97 34.96 27.37
CA TRP L 114 11.33 36.15 26.83
C TRP L 114 10.13 35.76 25.99
N ASP L 115 10.28 34.72 25.15
CA ASP L 115 9.17 34.29 24.32
C ASP L 115 8.03 33.74 25.17
N LYS L 116 8.34 33.31 26.41
CA LYS L 116 7.30 32.75 27.26
C LYS L 116 6.36 33.85 27.74
N GLU L 117 6.88 35.06 27.89
CA GLU L 117 6.13 36.22 28.35
C GLU L 117 5.42 36.88 27.18
N ILE L 118 6.13 37.02 26.04
CA ILE L 118 5.55 37.73 24.89
C ILE L 118 4.64 36.85 24.05
N SER L 119 4.47 35.58 24.41
CA SER L 119 3.60 34.69 23.62
C SER L 119 2.19 35.25 23.42
N ASN L 120 1.69 36.08 24.35
CA ASN L 120 0.35 36.65 24.16
C ASN L 120 0.31 37.70 23.06
N TYR L 121 1.38 38.44 22.82
CA TYR L 121 1.32 39.59 21.94
C TYR L 121 2.08 39.40 20.63
N THR L 122 2.59 38.19 20.38
CA THR L 122 3.31 37.94 19.13
C THR L 122 2.41 38.16 17.92
N GLN L 123 1.17 37.64 17.95
CA GLN L 123 0.27 37.80 16.82
C GLN L 123 -0.16 39.24 16.63
N ILE L 124 -0.25 40.00 17.73
CA ILE L 124 -0.65 41.40 17.62
C ILE L 124 0.47 42.19 16.95
N ILE L 125 1.71 41.96 17.40
CA ILE L 125 2.82 42.67 16.81
C ILE L 125 2.95 42.27 15.34
N TYR L 126 2.74 40.99 15.04
CA TYR L 126 2.83 40.54 13.66
C TYR L 126 1.83 41.32 12.80
N GLY L 127 0.65 41.59 13.37
CA GLY L 127 -0.35 42.33 12.62
C GLY L 127 0.05 43.79 12.47
N LEU L 128 0.77 44.32 13.45
CA LEU L 128 1.21 45.72 13.36
C LEU L 128 2.43 45.87 12.48
N LEU L 129 3.05 44.77 12.08
CA LEU L 129 4.25 44.76 11.25
C LEU L 129 3.94 44.52 9.78
N GLU L 130 3.04 43.59 9.48
CA GLU L 130 2.77 43.27 8.08
C GLU L 130 1.84 44.31 7.45
N GLU L 131 0.89 44.83 8.21
CA GLU L 131 -0.13 45.74 7.72
C GLU L 131 0.27 47.21 7.85
N SER L 132 0.59 47.65 9.07
CA SER L 132 0.83 49.07 9.33
C SER L 132 2.08 49.60 8.63
N GLN L 133 3.05 48.75 8.32
CA GLN L 133 4.31 49.22 7.77
C GLN L 133 4.36 49.18 6.25
N ASN L 134 4.83 48.07 5.68
CA ASN L 134 5.10 48.00 4.25
C ASN L 134 3.87 48.21 3.37
N GLN L 135 2.67 48.32 3.95
CA GLN L 135 1.51 48.66 3.14
C GLN L 135 1.30 50.16 3.06
N GLN L 136 1.72 50.89 4.10
CA GLN L 136 1.61 52.34 4.14
C GLN L 136 2.93 53.02 3.80
N GLU L 137 4.05 52.33 4.05
CA GLU L 137 5.38 52.86 3.79
C GLU L 137 5.71 52.78 2.31
N LYS L 138 5.45 51.63 1.69
CA LYS L 138 5.75 51.48 0.28
C LYS L 138 4.83 52.35 -0.56
N ASN L 139 3.56 52.48 -0.17
CA ASN L 139 2.68 53.39 -0.89
C ASN L 139 3.16 54.83 -0.72
N GLU L 140 3.73 55.14 0.45
CA GLU L 140 4.28 56.47 0.64
C GLU L 140 5.46 56.66 -0.29
N GLN L 141 6.25 55.60 -0.51
CA GLN L 141 7.39 55.73 -1.40
C GLN L 141 6.88 55.87 -2.82
N ASP L 142 5.73 55.26 -3.10
CA ASP L 142 5.12 55.34 -4.43
C ASP L 142 4.74 56.78 -4.72
N LEU L 143 4.38 57.52 -3.66
CA LEU L 143 4.07 58.93 -3.82
C LEU L 143 5.32 59.78 -3.83
N LEU L 144 6.40 59.31 -3.18
CA LEU L 144 7.67 60.03 -3.08
C LEU L 144 8.61 59.76 -4.24
N ALA L 145 8.39 58.69 -5.00
CA ALA L 145 9.29 58.29 -6.07
C ALA L 145 8.84 58.80 -7.43
N LEU L 146 7.62 59.31 -7.53
CA LEU L 146 7.10 59.81 -8.79
C LEU L 146 7.57 61.24 -9.08
N ASP L 147 7.95 62.00 -8.06
CA ASP L 147 8.43 63.36 -8.24
C ASP L 147 9.94 63.40 -8.38
N ALA M 1 24.17 -65.98 9.60
CA ALA M 1 24.27 -65.40 10.93
C ALA M 1 25.70 -65.36 11.49
N PRO M 2 26.44 -66.47 11.43
CA PRO M 2 27.81 -66.45 11.96
C PRO M 2 28.77 -65.78 11.00
N THR M 3 29.78 -65.13 11.56
CA THR M 3 30.80 -64.46 10.76
C THR M 3 32.17 -64.92 11.23
N PHE M 4 33.14 -64.80 10.32
CA PHE M 4 34.50 -65.24 10.58
C PHE M 4 35.48 -64.19 10.11
N VAL M 5 36.57 -64.03 10.86
CA VAL M 5 37.64 -63.11 10.51
C VAL M 5 38.94 -63.89 10.74
N SER M 6 39.67 -64.16 9.66
CA SER M 6 40.92 -64.91 9.73
C SER M 6 42.09 -63.93 9.62
N VAL M 7 42.98 -63.96 10.60
CA VAL M 7 44.13 -63.04 10.64
C VAL M 7 45.43 -63.79 10.93
N ALA M 8 46.47 -63.47 10.15
CA ALA M 8 47.77 -64.10 10.36
C ALA M 8 48.34 -63.79 11.73
N PRO M 9 49.05 -64.76 12.32
CA PRO M 9 49.64 -64.51 13.64
C PRO M 9 50.58 -63.31 13.56
N GLY M 10 50.46 -62.42 14.52
CA GLY M 10 51.29 -61.24 14.59
C GLY M 10 50.75 -60.01 13.88
N GLN M 11 49.69 -60.16 13.09
CA GLN M 11 49.10 -59.04 12.36
C GLN M 11 48.05 -58.34 13.22
N THR M 12 47.07 -57.71 12.58
CA THR M 12 46.03 -56.96 13.27
C THR M 12 44.67 -57.48 12.86
N ALA M 13 43.83 -57.80 13.86
CA ALA M 13 42.49 -58.31 13.63
C ALA M 13 41.46 -57.21 13.91
N ARG M 14 40.39 -57.21 13.12
CA ARG M 14 39.32 -56.23 13.27
C ARG M 14 38.00 -56.99 13.29
N ILE M 15 37.14 -56.64 14.25
CA ILE M 15 35.88 -57.35 14.47
C ILE M 15 34.73 -56.36 14.44
N THR M 16 33.71 -56.67 13.65
CA THR M 16 32.52 -55.84 13.51
C THR M 16 31.35 -56.55 14.17
N CYS M 17 30.62 -55.82 15.03
CA CYS M 17 29.48 -56.39 15.72
C CYS M 17 28.42 -55.31 15.89
N GLY M 18 27.15 -55.73 15.93
CA GLY M 18 26.06 -54.80 16.13
C GLY M 18 25.71 -53.95 14.94
N GLU M 19 24.57 -53.24 15.04
CA GLU M 19 24.12 -52.36 13.97
C GLU M 19 24.98 -51.10 13.93
N GLU M 20 24.63 -50.18 13.04
CA GLU M 20 25.35 -48.92 12.94
C GLU M 20 24.96 -47.99 14.10
N SER M 21 25.94 -47.22 14.55
CA SER M 21 25.72 -46.29 15.66
C SER M 21 24.74 -45.19 15.30
N LEU M 22 23.80 -44.92 16.21
CA LEU M 22 22.82 -43.86 16.03
C LEU M 22 23.05 -42.68 16.96
N GLY M 23 23.65 -42.92 18.13
CA GLY M 23 23.97 -41.87 19.08
C GLY M 23 25.25 -42.20 19.81
N SER M 24 25.50 -41.55 20.94
CA SER M 24 26.69 -41.84 21.73
C SER M 24 26.53 -43.24 22.35
N ARG M 25 27.50 -44.11 22.11
CA ARG M 25 27.43 -45.50 22.54
C ARG M 25 28.39 -45.78 23.69
N SER M 26 28.18 -46.95 24.32
CA SER M 26 29.05 -47.48 25.36
C SER M 26 29.14 -49.00 25.12
N VAL M 27 29.85 -49.37 24.05
CA VAL M 27 29.92 -50.76 23.61
C VAL M 27 30.72 -51.58 24.62
N ILE M 28 30.14 -52.69 25.08
CA ILE M 28 30.84 -53.59 25.99
C ILE M 28 31.20 -54.85 25.21
N TRP M 29 32.47 -55.20 25.17
CA TRP M 29 32.93 -56.37 24.43
C TRP M 29 33.15 -57.54 25.37
N TYR M 30 32.93 -58.75 24.85
CA TYR M 30 33.13 -59.97 25.63
C TYR M 30 33.79 -61.02 24.77
N GLN M 31 34.61 -61.87 25.41
CA GLN M 31 35.28 -62.98 24.75
C GLN M 31 34.84 -64.30 25.38
N GLN M 32 34.50 -65.26 24.53
CA GLN M 32 34.04 -66.58 24.95
C GLN M 32 34.94 -67.64 24.34
N ARG M 33 35.84 -68.17 25.16
CA ARG M 33 36.69 -69.27 24.74
C ARG M 33 35.83 -70.53 24.55
N PRO M 34 36.11 -71.33 23.53
CA PRO M 34 35.29 -72.54 23.31
C PRO M 34 35.28 -73.44 24.54
N GLY M 35 34.09 -73.67 25.07
CA GLY M 35 33.90 -74.51 26.23
C GLY M 35 34.07 -73.81 27.56
N GLN M 36 34.15 -72.48 27.56
CA GLN M 36 34.33 -71.71 28.80
C GLN M 36 33.26 -70.63 28.92
N ALA M 37 33.41 -69.75 29.91
CA ALA M 37 32.40 -68.71 30.10
C ALA M 37 32.88 -67.39 29.51
N PRO M 38 31.95 -66.58 29.00
CA PRO M 38 32.30 -65.27 28.44
C PRO M 38 33.02 -64.40 29.46
N SER M 39 34.13 -63.78 29.03
CA SER M 39 34.93 -62.92 29.89
C SER M 39 34.94 -61.49 29.35
N LEU M 40 34.99 -60.55 30.29
CA LEU M 40 34.99 -59.12 29.95
C LEU M 40 36.35 -58.72 29.37
N ILE M 41 36.32 -58.03 28.23
CA ILE M 41 37.55 -57.56 27.57
C ILE M 41 37.65 -56.04 27.60
N ILE M 42 36.66 -55.33 27.05
CA ILE M 42 36.70 -53.88 26.98
C ILE M 42 35.32 -53.32 27.32
N TYR M 43 35.24 -52.52 28.39
CA TYR M 43 34.01 -51.84 28.73
C TYR M 43 34.15 -50.35 28.46
N ASN M 44 33.02 -49.68 28.29
CA ASN M 44 32.96 -48.25 27.97
C ASN M 44 33.81 -47.94 26.73
N ASN M 45 33.42 -48.55 25.61
CA ASN M 45 34.02 -48.32 24.31
C ASN M 45 35.50 -48.71 24.22
N ASN M 46 36.36 -48.10 25.03
CA ASN M 46 37.79 -48.38 24.93
C ASN M 46 38.47 -48.32 26.30
N ASP M 47 37.80 -48.80 27.34
CA ASP M 47 38.37 -48.86 28.67
C ASP M 47 38.55 -50.32 29.07
N ARG M 48 39.80 -50.75 29.24
CA ARG M 48 40.10 -52.13 29.59
C ARG M 48 40.32 -52.28 31.09
N PRO M 49 39.75 -53.31 31.70
CA PRO M 49 39.99 -53.53 33.13
C PRO M 49 41.37 -54.12 33.40
N SER M 50 41.63 -54.46 34.66
CA SER M 50 42.93 -55.02 35.04
C SER M 50 43.05 -56.45 34.54
N GLY M 51 44.18 -56.75 33.89
CA GLY M 51 44.43 -58.08 33.38
C GLY M 51 44.36 -58.20 31.88
N ILE M 52 43.82 -57.20 31.19
CA ILE M 52 43.67 -57.22 29.74
C ILE M 52 44.80 -56.40 29.13
N PRO M 53 45.59 -56.98 28.22
CA PRO M 53 46.69 -56.22 27.61
C PRO M 53 46.17 -55.08 26.76
N ASP M 54 47.07 -54.16 26.42
CA ASP M 54 46.68 -52.99 25.64
C ASP M 54 46.58 -53.28 24.15
N ARG M 55 46.77 -54.54 23.75
CA ARG M 55 46.63 -54.93 22.35
C ARG M 55 45.17 -54.87 21.90
N PHE M 56 44.24 -54.99 22.83
CA PHE M 56 42.80 -54.96 22.56
C PHE M 56 42.29 -53.53 22.71
N SER M 57 41.80 -52.96 21.60
CA SER M 57 41.26 -51.60 21.58
C SER M 57 39.91 -51.63 20.87
N GLY M 58 39.04 -50.70 21.27
CA GLY M 58 37.71 -50.59 20.70
C GLY M 58 37.48 -49.23 20.09
N SER M 59 36.56 -49.18 19.13
CA SER M 59 36.24 -47.92 18.47
C SER M 59 35.57 -46.96 19.45
N PRO M 60 35.91 -45.68 19.39
CA PRO M 60 35.29 -44.69 20.28
C PRO M 60 33.78 -44.62 20.06
N GLY M 61 33.05 -44.47 21.16
CA GLY M 61 31.60 -44.37 21.07
C GLY M 61 31.13 -42.94 20.87
N SER M 62 31.87 -42.16 20.07
CA SER M 62 31.52 -40.80 19.77
C SER M 62 31.30 -40.55 18.28
N THR M 63 31.56 -41.54 17.43
CA THR M 63 31.36 -41.41 15.99
C THR M 63 29.96 -41.87 15.64
N PHE M 64 29.19 -40.99 15.00
CA PHE M 64 27.80 -41.27 14.67
C PHE M 64 27.72 -41.76 13.23
N GLY M 65 27.23 -42.98 13.06
CA GLY M 65 27.06 -43.58 11.75
C GLY M 65 28.06 -44.66 11.40
N THR M 66 28.76 -45.23 12.37
CA THR M 66 29.74 -46.29 12.14
C THR M 66 29.43 -47.47 13.06
N THR M 67 29.93 -48.63 12.67
CA THR M 67 29.72 -49.83 13.47
C THR M 67 30.84 -50.00 14.50
N ALA M 68 30.53 -50.76 15.55
CA ALA M 68 31.52 -51.05 16.59
C ALA M 68 32.62 -51.94 16.03
N THR M 69 33.87 -51.52 16.20
CA THR M 69 35.01 -52.23 15.67
C THR M 69 35.97 -52.56 16.81
N LEU M 70 36.36 -53.83 16.90
CA LEU M 70 37.31 -54.31 17.91
C LEU M 70 38.63 -54.64 17.23
N THR M 71 39.67 -53.88 17.55
CA THR M 71 40.99 -54.05 16.96
C THR M 71 41.87 -54.85 17.91
N ILE M 72 42.49 -55.90 17.41
CA ILE M 72 43.36 -56.77 18.19
C ILE M 72 44.73 -56.77 17.52
N THR M 73 45.66 -56.01 18.08
CA THR M 73 47.02 -55.97 17.56
C THR M 73 47.81 -57.15 18.09
N SER M 74 48.83 -57.55 17.31
CA SER M 74 49.68 -58.69 17.63
C SER M 74 48.84 -59.95 17.89
N VAL M 75 48.15 -60.38 16.84
CA VAL M 75 47.27 -61.53 16.93
C VAL M 75 48.09 -62.79 17.21
N GLU M 76 47.71 -63.52 18.25
CA GLU M 76 48.36 -64.77 18.65
C GLU M 76 47.34 -65.91 18.63
N ALA M 77 47.86 -67.12 18.71
CA ALA M 77 47.00 -68.31 18.66
C ALA M 77 46.03 -68.36 19.83
N GLY M 78 46.38 -67.72 20.95
CA GLY M 78 45.51 -67.72 22.11
C GLY M 78 44.26 -66.87 21.96
N ASP M 79 44.24 -65.95 21.00
CA ASP M 79 43.10 -65.07 20.78
C ASP M 79 41.97 -65.72 19.97
N GLU M 80 42.16 -66.96 19.53
CA GLU M 80 41.17 -67.68 18.73
C GLU M 80 39.99 -68.06 19.62
N ALA M 81 38.93 -67.25 19.58
CA ALA M 81 37.74 -67.49 20.38
C ALA M 81 36.59 -66.67 19.78
N ASP M 82 35.44 -66.68 20.44
CA ASP M 82 34.29 -65.91 19.97
C ASP M 82 34.22 -64.56 20.68
N TYR M 83 33.75 -63.55 19.97
CA TYR M 83 33.68 -62.20 20.52
C TYR M 83 32.28 -61.63 20.29
N TYR M 84 31.62 -61.26 21.37
CA TYR M 84 30.28 -60.67 21.36
C TYR M 84 30.33 -59.21 21.81
N CYS M 85 29.29 -58.45 21.45
CA CYS M 85 29.22 -57.06 21.88
C CYS M 85 27.84 -56.74 22.44
N HIS M 86 27.83 -55.85 23.44
CA HIS M 86 26.64 -55.36 24.12
C HIS M 86 26.52 -53.87 23.83
N ILE M 87 25.68 -53.54 22.85
CA ILE M 87 25.51 -52.16 22.38
C ILE M 87 24.66 -51.39 23.39
N TRP M 88 25.21 -50.28 23.90
CA TRP M 88 24.48 -49.38 24.79
C TRP M 88 24.32 -48.03 24.09
N ASP M 89 23.24 -47.88 23.34
CA ASP M 89 22.97 -46.68 22.56
C ASP M 89 21.96 -45.79 23.27
N SER M 90 22.16 -44.48 23.17
CA SER M 90 21.26 -43.53 23.80
C SER M 90 19.97 -43.33 23.02
N ARG M 91 19.88 -43.90 21.81
CA ARG M 91 18.71 -43.80 20.96
C ARG M 91 17.95 -45.10 20.85
N ARG M 92 18.53 -46.22 21.29
CA ARG M 92 17.95 -47.55 21.22
C ARG M 92 17.66 -48.07 22.63
N PRO M 93 16.61 -48.86 22.78
CA PRO M 93 16.31 -49.46 24.10
C PRO M 93 17.45 -50.37 24.55
N THR M 94 17.40 -50.73 25.83
CA THR M 94 18.43 -51.59 26.41
C THR M 94 18.40 -52.95 25.72
N ASN M 95 19.52 -53.30 25.08
CA ASN M 95 19.64 -54.56 24.37
C ASN M 95 19.93 -55.68 25.38
N TRP M 96 18.97 -56.58 25.54
CA TRP M 96 19.08 -57.71 26.45
C TRP M 96 19.64 -58.94 25.75
N VAL M 97 20.09 -58.78 24.50
CA VAL M 97 20.70 -59.85 23.72
C VAL M 97 21.95 -59.30 23.07
N PHE M 98 23.08 -59.94 23.33
CA PHE M 98 24.36 -59.54 22.74
C PHE M 98 24.32 -59.64 21.22
N GLY M 99 25.15 -58.84 20.56
CA GLY M 99 25.21 -58.89 19.12
C GLY M 99 25.77 -60.20 18.62
N GLU M 100 25.53 -60.49 17.34
CA GLU M 100 26.01 -61.73 16.75
C GLU M 100 27.53 -61.81 16.79
N GLY M 101 28.05 -62.88 17.39
CA GLY M 101 29.47 -63.02 17.57
C GLY M 101 30.23 -63.19 16.26
N THR M 102 31.53 -62.98 16.35
CA THR M 102 32.44 -63.12 15.22
C THR M 102 33.61 -64.00 15.64
N THR M 103 33.85 -65.08 14.89
CA THR M 103 34.91 -66.02 15.24
C THR M 103 36.24 -65.56 14.69
N LEU M 104 37.25 -65.49 15.57
CA LEU M 104 38.61 -65.11 15.18
C LEU M 104 39.39 -66.39 14.90
N ILE M 105 39.84 -66.56 13.67
CA ILE M 105 40.55 -67.78 13.29
C ILE M 105 42.03 -67.58 12.98
N VAL M 106 42.81 -68.59 13.34
CA VAL M 106 44.25 -68.56 13.10
C VAL M 106 44.44 -68.53 11.60
N LEU M 107 45.52 -67.90 11.15
CA LEU M 107 45.75 -67.78 9.72
C LEU M 107 45.86 -69.12 9.01
N SER M 108 45.21 -69.20 7.86
CA SER M 108 45.18 -70.38 6.98
C SER M 108 44.17 -71.50 7.23
N GLN M 109 43.33 -71.76 6.19
CA GLN M 109 42.33 -72.85 6.08
C GLN M 109 41.66 -72.85 4.69
N PRO M 110 42.27 -73.31 3.60
CA PRO M 110 41.54 -73.15 2.33
C PRO M 110 40.42 -74.19 2.12
N LYS M 111 40.61 -75.43 2.61
CA LYS M 111 39.64 -76.52 2.58
C LYS M 111 40.06 -77.56 3.61
N ALA M 112 39.10 -78.36 4.08
CA ALA M 112 39.40 -79.33 5.11
C ALA M 112 38.95 -80.71 4.65
N ALA M 113 39.94 -81.60 4.61
CA ALA M 113 39.78 -83.00 4.23
C ALA M 113 39.09 -83.76 5.35
N PRO M 114 38.03 -84.51 5.06
CA PRO M 114 37.33 -85.23 6.13
C PRO M 114 38.21 -86.32 6.74
N SER M 115 38.20 -86.37 8.06
CA SER M 115 38.94 -87.34 8.86
C SER M 115 37.99 -88.44 9.31
N VAL M 116 37.96 -89.52 8.50
CA VAL M 116 37.09 -90.68 8.71
C VAL M 116 37.83 -91.68 9.59
N THR M 117 37.06 -92.44 10.38
CA THR M 117 37.60 -93.47 11.26
C THR M 117 36.57 -94.58 11.35
N LEU M 118 36.96 -95.81 11.02
CA LEU M 118 36.03 -96.94 10.99
C LEU M 118 36.34 -97.91 12.12
N PHE M 119 35.35 -98.10 13.00
CA PHE M 119 35.49 -99.01 14.13
C PHE M 119 34.63 -100.25 13.93
N PRO M 120 35.21 -101.43 14.16
CA PRO M 120 34.46 -102.70 14.12
C PRO M 120 33.62 -102.89 15.37
N PRO M 121 32.62 -103.77 15.32
CA PRO M 121 31.80 -104.01 16.53
C PRO M 121 32.65 -104.60 17.65
N SER M 122 32.36 -104.17 18.87
CA SER M 122 33.09 -104.61 20.06
C SER M 122 32.78 -106.07 20.41
N SER M 123 33.71 -106.68 21.14
CA SER M 123 33.54 -108.08 21.56
C SER M 123 32.44 -108.18 22.61
N GLU M 124 32.19 -107.11 23.35
CA GLU M 124 31.16 -107.16 24.38
C GLU M 124 29.79 -107.13 23.73
N GLU M 125 29.67 -106.44 22.60
CA GLU M 125 28.39 -106.39 21.90
C GLU M 125 28.21 -107.70 21.16
N LEU M 126 29.31 -108.26 20.64
CA LEU M 126 29.27 -109.55 19.96
C LEU M 126 28.90 -110.69 20.91
N GLN M 127 29.20 -110.56 22.21
CA GLN M 127 28.70 -111.56 23.16
C GLN M 127 27.21 -111.40 23.41
N ALA M 128 26.71 -110.16 23.39
CA ALA M 128 25.29 -109.87 23.29
C ALA M 128 24.86 -110.00 21.85
N ASN M 129 25.84 -110.27 20.99
CA ASN M 129 25.66 -110.78 19.64
C ASN M 129 24.76 -109.83 18.83
N LYS M 130 25.30 -108.63 18.73
CA LYS M 130 24.79 -107.51 17.97
C LYS M 130 26.01 -106.94 17.29
N ALA M 131 25.82 -106.31 16.15
CA ALA M 131 26.99 -105.76 15.48
C ALA M 131 26.65 -104.44 14.83
N THR M 132 27.59 -103.52 14.88
CA THR M 132 27.41 -102.18 14.34
C THR M 132 28.76 -101.65 13.94
N LEU M 133 28.89 -101.28 12.67
CA LEU M 133 30.10 -100.67 12.16
C LEU M 133 29.93 -99.16 12.35
N VAL M 134 30.97 -98.50 12.81
CA VAL M 134 30.90 -97.06 13.10
C VAL M 134 31.88 -96.33 12.19
N CYS M 135 31.39 -95.30 11.51
CA CYS M 135 32.20 -94.50 10.59
C CYS M 135 32.12 -93.05 11.09
N LEU M 136 33.16 -92.60 11.79
CA LEU M 136 33.22 -91.25 12.35
C LEU M 136 33.85 -90.31 11.33
N ILE M 137 33.19 -89.20 11.03
CA ILE M 137 33.69 -88.23 10.07
C ILE M 137 33.75 -86.88 10.77
N SER M 138 34.95 -86.29 10.82
CA SER M 138 35.12 -85.01 11.49
C SER M 138 36.13 -84.16 10.74
N ASP M 139 36.23 -82.90 11.14
CA ASP M 139 37.18 -81.94 10.58
C ASP M 139 37.02 -81.80 9.07
N PHE M 140 35.77 -81.65 8.60
CA PHE M 140 35.51 -81.48 7.19
C PHE M 140 34.64 -80.25 6.95
N TYR M 141 34.97 -79.50 5.90
CA TYR M 141 34.24 -78.30 5.50
C TYR M 141 34.13 -78.28 3.98
N PRO M 142 32.95 -77.99 3.42
CA PRO M 142 31.71 -77.70 4.14
C PRO M 142 30.98 -78.96 4.58
N GLY M 143 29.91 -78.80 5.37
CA GLY M 143 29.17 -79.93 5.87
C GLY M 143 28.22 -80.54 4.86
N ALA M 144 28.75 -81.40 3.98
CA ALA M 144 27.92 -82.07 2.99
C ALA M 144 28.66 -83.33 2.53
N VAL M 145 28.38 -84.44 3.21
CA VAL M 145 29.04 -85.71 2.92
C VAL M 145 27.97 -86.78 2.68
N THR M 146 28.35 -87.80 1.92
CA THR M 146 27.47 -88.94 1.64
C THR M 146 28.24 -90.22 1.93
N VAL M 147 27.68 -91.09 2.77
CA VAL M 147 28.36 -92.32 3.18
C VAL M 147 27.73 -93.50 2.47
N ALA M 148 28.58 -94.36 1.90
CA ALA M 148 28.14 -95.57 1.23
C ALA M 148 28.93 -96.76 1.76
N TRP M 149 28.24 -97.72 2.36
CA TRP M 149 28.93 -98.88 2.91
C TRP M 149 29.16 -99.92 1.81
N LYS M 150 30.15 -100.78 2.04
CA LYS M 150 30.50 -101.79 1.05
C LYS M 150 30.74 -103.12 1.74
N ALA M 151 30.08 -104.17 1.25
CA ALA M 151 30.36 -105.54 1.67
C ALA M 151 31.23 -106.16 0.59
N ASP M 152 32.51 -106.35 0.88
CA ASP M 152 33.50 -106.78 -0.10
C ASP M 152 33.52 -105.77 -1.25
N SER M 153 32.86 -106.11 -2.35
CA SER M 153 32.70 -105.20 -3.47
C SER M 153 31.25 -104.87 -3.77
N SER M 154 30.31 -105.42 -3.00
CA SER M 154 28.87 -105.23 -3.15
C SER M 154 28.37 -104.17 -2.18
N PRO M 155 27.58 -103.21 -2.65
CA PRO M 155 27.07 -102.15 -1.77
C PRO M 155 26.06 -102.70 -0.79
N VAL M 156 25.95 -102.03 0.35
CA VAL M 156 25.00 -102.40 1.41
C VAL M 156 23.80 -101.48 1.30
N LYS M 157 22.61 -102.08 1.18
CA LYS M 157 21.37 -101.35 0.96
C LYS M 157 20.72 -100.87 2.26
N ALA M 158 20.46 -101.79 3.18
CA ALA M 158 19.75 -101.46 4.41
C ALA M 158 20.70 -101.53 5.61
N GLY M 159 20.23 -100.97 6.72
CA GLY M 159 20.98 -100.95 7.96
C GLY M 159 21.87 -99.74 8.12
N VAL M 160 21.83 -98.80 7.19
CA VAL M 160 22.67 -97.61 7.22
C VAL M 160 21.93 -96.48 7.92
N GLU M 161 22.54 -95.94 8.98
CA GLU M 161 21.99 -94.81 9.73
C GLU M 161 23.03 -93.71 9.74
N THR M 162 22.71 -92.55 9.17
CA THR M 162 23.70 -91.49 9.05
C THR M 162 23.16 -90.19 9.64
N THR M 163 23.99 -89.52 10.43
CA THR M 163 23.67 -88.26 11.07
C THR M 163 23.83 -87.10 10.10
N THR M 164 23.25 -85.97 10.47
CA THR M 164 23.40 -84.76 9.67
C THR M 164 24.60 -83.94 10.14
N PRO M 165 25.34 -83.36 9.20
CA PRO M 165 26.52 -82.55 9.55
C PRO M 165 26.20 -81.48 10.59
N SER M 166 27.16 -81.21 11.47
CA SER M 166 26.95 -80.22 12.51
C SER M 166 28.31 -79.70 12.98
N LYS M 167 28.61 -78.45 12.66
CA LYS M 167 29.88 -77.83 13.02
C LYS M 167 29.92 -77.56 14.53
N GLN M 168 31.13 -77.55 15.08
CA GLN M 168 31.33 -77.36 16.53
C GLN M 168 32.41 -76.31 16.78
N SER M 169 31.98 -75.04 16.78
CA SER M 169 32.85 -73.89 17.08
C SER M 169 34.10 -73.85 16.21
N ASN M 170 34.01 -74.36 14.99
CA ASN M 170 35.16 -74.42 14.08
C ASN M 170 34.63 -74.78 12.69
N ASN M 171 35.56 -75.10 11.80
CA ASN M 171 35.20 -75.66 10.50
C ASN M 171 34.89 -77.14 10.60
N LYS M 172 35.24 -77.76 11.72
CA LYS M 172 35.04 -79.17 11.97
C LYS M 172 33.55 -79.49 12.06
N TYR M 173 33.04 -80.20 11.07
CA TYR M 173 31.68 -80.71 11.10
C TYR M 173 31.73 -82.15 11.60
N ALA M 174 30.60 -82.62 12.13
CA ALA M 174 30.52 -83.96 12.68
C ALA M 174 29.50 -84.81 11.93
N ALA M 175 29.83 -86.09 11.73
CA ALA M 175 28.93 -86.99 11.03
C ALA M 175 29.25 -88.42 11.45
N SER M 176 28.23 -89.17 11.85
CA SER M 176 28.43 -90.56 12.26
C SER M 176 27.57 -91.46 11.40
N SER M 177 28.16 -92.52 10.88
CA SER M 177 27.45 -93.50 10.08
C SER M 177 27.52 -94.86 10.75
N TYR M 178 26.37 -95.47 11.00
CA TYR M 178 26.30 -96.75 11.66
C TYR M 178 25.74 -97.78 10.68
N LEU M 179 26.19 -99.02 10.85
CA LEU M 179 25.70 -100.12 10.00
C LEU M 179 25.42 -101.31 10.91
N SER M 180 24.14 -101.55 11.17
CA SER M 180 23.72 -102.63 12.05
C SER M 180 23.75 -103.97 11.30
N LEU M 181 24.56 -104.90 11.79
CA LEU M 181 24.68 -106.23 11.23
C LEU M 181 24.53 -107.25 12.36
N THR M 182 24.49 -108.52 11.97
CA THR M 182 24.40 -109.69 12.83
C THR M 182 25.75 -110.39 12.94
N PRO M 183 26.00 -111.07 14.06
CA PRO M 183 27.27 -111.81 14.21
C PRO M 183 27.54 -112.77 13.08
N GLU M 184 26.50 -113.28 12.41
CA GLU M 184 26.70 -114.15 11.26
C GLU M 184 27.07 -113.34 10.03
N GLN M 185 26.50 -112.14 9.90
CA GLN M 185 26.80 -111.29 8.74
C GLN M 185 28.25 -110.80 8.81
N TRP M 186 28.74 -110.50 10.01
CA TRP M 186 30.09 -109.98 10.17
C TRP M 186 31.14 -111.01 9.78
N LYS M 187 30.98 -112.26 10.20
CA LYS M 187 31.94 -113.30 9.89
C LYS M 187 31.78 -113.83 8.47
N SER M 188 30.75 -113.39 7.74
CA SER M 188 30.47 -113.86 6.39
C SER M 188 31.45 -113.29 5.38
N HIS M 189 31.28 -112.02 5.03
CA HIS M 189 32.11 -111.38 4.02
C HIS M 189 33.55 -111.25 4.49
N LYS M 190 34.44 -111.02 3.52
CA LYS M 190 35.86 -110.89 3.83
C LYS M 190 36.17 -109.59 4.56
N SER M 191 35.64 -108.47 4.08
CA SER M 191 35.91 -107.18 4.70
C SER M 191 34.82 -106.20 4.32
N TYR M 192 34.63 -105.20 5.18
CA TYR M 192 33.67 -104.13 4.95
C TYR M 192 34.38 -102.80 4.75
N SER M 193 33.75 -101.90 3.99
CA SER M 193 34.32 -100.60 3.68
C SER M 193 33.32 -99.49 3.97
N CYS M 194 33.86 -98.30 4.27
CA CYS M 194 33.06 -97.10 4.54
C CYS M 194 33.53 -96.01 3.56
N GLN M 195 32.90 -95.92 2.39
CA GLN M 195 33.30 -94.92 1.40
C GLN M 195 32.55 -93.62 1.66
N VAL M 196 33.27 -92.58 2.04
CA VAL M 196 32.70 -91.27 2.34
C VAL M 196 33.03 -90.32 1.20
N THR M 197 31.99 -89.82 0.53
CA THR M 197 32.10 -88.89 -0.58
C THR M 197 31.90 -87.48 -0.04
N HIS M 198 32.97 -86.69 -0.04
CA HIS M 198 32.94 -85.30 0.41
C HIS M 198 33.40 -84.40 -0.73
N GLU M 199 32.55 -83.42 -1.07
CA GLU M 199 32.85 -82.47 -2.14
C GLU M 199 33.12 -83.19 -3.45
N GLY M 200 34.39 -83.49 -3.73
CA GLY M 200 34.78 -84.14 -4.97
C GLY M 200 35.56 -85.41 -4.75
N SER M 201 36.06 -85.62 -3.54
CA SER M 201 36.86 -86.80 -3.23
C SER M 201 36.03 -87.84 -2.49
N THR M 202 36.56 -89.06 -2.46
CA THR M 202 35.90 -90.19 -1.79
C THR M 202 36.96 -90.98 -1.05
N VAL M 203 36.91 -90.95 0.28
CA VAL M 203 37.86 -91.68 1.12
C VAL M 203 37.26 -93.02 1.49
N GLU M 204 38.04 -94.09 1.38
CA GLU M 204 37.56 -95.43 1.67
C GLU M 204 38.48 -96.10 2.69
N LYS M 205 37.90 -96.55 3.80
CA LYS M 205 38.60 -97.30 4.83
C LYS M 205 37.89 -98.63 5.04
N THR M 206 38.66 -99.70 5.21
CA THR M 206 38.12 -101.04 5.33
C THR M 206 38.31 -101.59 6.73
N VAL M 207 37.78 -102.80 6.94
CA VAL M 207 37.88 -103.50 8.22
C VAL M 207 37.68 -104.98 7.94
N ALA M 208 38.51 -105.81 8.58
CA ALA M 208 38.47 -107.25 8.39
C ALA M 208 38.35 -107.97 9.73
N PRO M 209 37.53 -109.01 9.79
CA PRO M 209 37.39 -109.77 11.04
C PRO M 209 38.68 -110.49 11.41
N THR M 210 38.71 -110.99 12.65
CA THR M 210 39.87 -111.70 13.17
C THR M 210 39.50 -113.13 13.54
N GLN N 1 40.20 -63.05 46.35
CA GLN N 1 39.67 -63.73 45.18
C GLN N 1 38.14 -63.83 45.24
N VAL N 2 37.51 -63.78 44.07
CA VAL N 2 36.06 -63.85 43.93
C VAL N 2 35.72 -65.15 43.21
N HIS N 3 35.06 -66.07 43.88
CA HIS N 3 34.68 -67.36 43.31
C HIS N 3 33.17 -67.47 43.28
N LEU N 4 32.63 -67.80 42.12
CA LEU N 4 31.20 -67.97 41.91
C LEU N 4 30.91 -69.40 41.44
N GLN N 5 29.86 -70.01 41.99
CA GLN N 5 29.51 -71.38 41.64
C GLN N 5 28.01 -71.45 41.39
N GLU N 6 27.62 -71.91 40.20
CA GLU N 6 26.21 -72.05 39.86
C GLU N 6 25.78 -73.50 40.07
N SER N 7 24.51 -73.67 40.43
CA SER N 7 24.03 -75.01 40.75
C SER N 7 22.52 -75.07 40.69
N GLY N 8 21.99 -76.04 39.96
CA GLY N 8 20.56 -76.21 39.80
C GLY N 8 20.19 -77.67 39.63
N PRO N 9 18.93 -77.92 39.24
CA PRO N 9 18.51 -79.32 39.04
C PRO N 9 19.15 -79.99 37.84
N GLY N 10 19.25 -79.29 36.72
CA GLY N 10 19.80 -79.83 35.49
C GLY N 10 18.74 -80.36 34.56
N LEU N 11 17.65 -80.90 35.10
CA LEU N 11 16.53 -81.43 34.32
C LEU N 11 15.26 -80.89 34.92
N VAL N 12 14.45 -80.19 34.13
CA VAL N 12 13.21 -79.60 34.59
C VAL N 12 12.09 -79.97 33.62
N LYS N 13 11.00 -80.50 34.16
CA LYS N 13 9.86 -80.87 33.34
C LYS N 13 9.22 -79.62 32.73
N PRO N 14 8.57 -79.77 31.57
CA PRO N 14 7.86 -78.63 30.97
C PRO N 14 6.75 -78.11 31.87
N SER N 15 6.48 -76.81 31.74
CA SER N 15 5.46 -76.13 32.53
C SER N 15 5.69 -76.28 34.03
N GLU N 16 6.96 -76.25 34.44
CA GLU N 16 7.34 -76.33 35.84
C GLU N 16 8.08 -75.05 36.22
N THR N 17 8.66 -75.04 37.42
CA THR N 17 9.38 -73.86 37.92
C THR N 17 10.86 -74.20 38.11
N LEU N 18 11.71 -73.61 37.26
CA LEU N 18 13.15 -73.81 37.38
C LEU N 18 13.70 -72.97 38.53
N SER N 19 14.50 -73.59 39.38
CA SER N 19 15.12 -72.91 40.52
C SER N 19 16.63 -73.12 40.48
N LEU N 20 17.38 -72.02 40.47
CA LEU N 20 18.83 -72.06 40.42
C LEU N 20 19.41 -71.31 41.61
N THR N 21 20.68 -71.60 41.92
CA THR N 21 21.35 -70.96 43.05
C THR N 21 22.81 -70.69 42.71
N CYS N 22 23.23 -69.46 42.95
CA CYS N 22 24.59 -68.98 42.71
C CYS N 22 25.31 -68.74 44.04
N ASN N 23 26.09 -69.73 44.47
CA ASN N 23 26.87 -69.63 45.69
C ASN N 23 28.07 -68.73 45.48
N VAL N 24 28.16 -67.66 46.27
CA VAL N 24 29.20 -66.64 46.16
C VAL N 24 30.18 -66.82 47.30
N SER N 25 31.48 -66.80 46.99
CA SER N 25 32.51 -66.90 48.01
C SER N 25 33.57 -65.86 47.70
N GLY N 26 33.96 -65.10 48.72
CA GLY N 26 34.98 -64.08 48.58
C GLY N 26 34.46 -62.66 48.72
N THR N 27 33.14 -62.47 48.69
CA THR N 27 32.55 -61.13 48.81
C THR N 27 31.11 -61.27 49.27
N LEU N 28 30.55 -60.16 49.73
CA LEU N 28 29.17 -60.11 50.19
C LEU N 28 28.23 -59.79 49.05
N VAL N 29 27.01 -60.34 49.14
CA VAL N 29 26.01 -60.17 48.08
C VAL N 29 25.26 -58.86 48.19
N ARG N 30 25.46 -58.10 49.26
CA ARG N 30 24.73 -56.85 49.47
C ARG N 30 25.45 -55.65 48.86
N ASP N 31 26.77 -55.71 48.73
CA ASP N 31 27.57 -54.60 48.22
C ASP N 31 27.84 -54.67 46.73
N ASN N 32 27.12 -55.53 45.99
CA ASN N 32 27.37 -55.65 44.56
C ASN N 32 26.05 -55.91 43.83
N TYR N 33 26.09 -55.69 42.52
CA TYR N 33 24.99 -56.04 41.63
C TYR N 33 25.22 -57.45 41.12
N TRP N 34 24.13 -58.16 40.83
CA TRP N 34 24.23 -59.54 40.38
C TRP N 34 23.37 -59.75 39.16
N SER N 35 23.93 -60.28 38.09
CA SER N 35 23.18 -60.48 36.87
C SER N 35 23.23 -61.94 36.44
N TRP N 36 22.19 -62.35 35.72
CA TRP N 36 22.11 -63.71 35.19
C TRP N 36 22.07 -63.64 33.68
N ILE N 37 22.89 -64.46 33.04
CA ILE N 37 23.00 -64.50 31.58
C ILE N 37 22.87 -65.95 31.14
N ARG N 38 21.94 -66.21 30.23
CA ARG N 38 21.77 -67.57 29.73
C ARG N 38 22.23 -67.64 28.28
N GLN N 39 22.60 -68.86 27.86
CA GLN N 39 23.12 -69.02 26.52
C GLN N 39 22.82 -70.41 25.94
N PRO N 40 21.92 -70.49 24.98
CA PRO N 40 21.64 -71.76 24.31
C PRO N 40 22.85 -72.25 23.53
N LEU N 41 22.81 -73.52 23.15
CA LEU N 41 23.92 -74.13 22.42
C LEU N 41 23.98 -73.55 21.02
N GLY N 42 25.01 -72.76 20.74
CA GLY N 42 25.20 -72.19 19.42
C GLY N 42 24.47 -70.89 19.18
N LYS N 43 24.13 -70.15 20.23
CA LYS N 43 23.46 -68.86 20.13
C LYS N 43 24.18 -67.84 20.98
N GLN N 44 23.79 -66.59 20.82
CA GLN N 44 24.42 -65.52 21.58
C GLN N 44 23.80 -65.38 22.97
N PRO N 45 24.62 -65.00 23.96
CA PRO N 45 24.12 -64.87 25.33
C PRO N 45 22.96 -63.88 25.43
N GLU N 46 21.93 -64.25 26.19
CA GLU N 46 20.76 -63.42 26.39
C GLU N 46 20.70 -62.99 27.85
N TRP N 47 20.71 -61.67 28.07
CA TRP N 47 20.66 -61.12 29.42
C TRP N 47 19.30 -61.36 30.06
N ILE N 48 19.31 -62.00 31.23
CA ILE N 48 18.07 -62.33 31.93
C ILE N 48 17.63 -61.19 32.84
N GLY N 49 18.56 -60.61 33.59
CA GLY N 49 18.21 -59.51 34.47
C GLY N 49 19.21 -59.35 35.60
N TYR N 50 19.16 -58.18 36.22
CA TYR N 50 20.04 -57.85 37.34
C TYR N 50 19.24 -57.60 38.61
N VAL N 51 19.83 -58.00 39.73
CA VAL N 51 19.24 -57.85 41.06
C VAL N 51 20.23 -57.16 41.98
N HIS N 52 19.72 -56.27 42.82
CA HIS N 52 20.52 -55.52 43.78
C HIS N 52 19.67 -55.25 45.01
N ASP N 53 20.33 -54.88 46.11
CA ASP N 53 19.61 -54.57 47.33
C ASP N 53 18.81 -53.27 47.16
N SER N 54 18.05 -52.92 48.21
CA SER N 54 17.21 -51.73 48.25
C SER N 54 16.14 -51.72 47.16
N GLY N 55 15.79 -52.91 46.64
CA GLY N 55 14.73 -53.06 45.67
C GLY N 55 15.11 -52.79 44.23
N ASP N 56 16.36 -52.41 43.96
CA ASP N 56 16.83 -52.13 42.61
C ASP N 56 17.00 -53.46 41.87
N THR N 57 15.97 -53.89 41.17
CA THR N 57 16.01 -55.16 40.46
C THR N 57 15.18 -55.06 39.19
N ASN N 58 15.80 -55.38 38.05
CA ASN N 58 15.11 -55.34 36.76
C ASN N 58 15.30 -56.65 36.04
N TYR N 59 14.32 -56.98 35.20
CA TYR N 59 14.25 -58.23 34.45
C TYR N 59 14.27 -57.94 32.95
N ASN N 60 14.31 -59.01 32.17
CA ASN N 60 14.25 -58.92 30.73
C ASN N 60 12.81 -58.75 30.26
N PRO N 61 12.48 -57.67 29.54
CA PRO N 61 11.09 -57.46 29.07
C PRO N 61 10.47 -58.65 28.36
N SER N 62 11.27 -59.49 27.72
CA SER N 62 10.73 -60.67 27.03
C SER N 62 10.33 -61.76 28.00
N LEU N 63 10.97 -61.82 29.17
CA LEU N 63 10.68 -62.81 30.20
C LEU N 63 10.21 -62.13 31.48
N LYS N 64 9.59 -60.96 31.33
CA LYS N 64 9.20 -60.14 32.46
C LYS N 64 8.24 -60.86 33.41
N SER N 65 7.19 -61.47 32.85
CA SER N 65 6.15 -62.06 33.68
C SER N 65 6.41 -63.53 34.01
N ARG N 66 7.65 -63.98 33.94
CA ARG N 66 7.97 -65.37 34.23
C ARG N 66 9.21 -65.54 35.11
N VAL N 67 10.11 -64.55 35.19
CA VAL N 67 11.34 -64.68 35.94
C VAL N 67 11.20 -63.96 37.28
N HIS N 68 11.91 -64.46 38.28
CA HIS N 68 11.93 -63.88 39.62
C HIS N 68 13.32 -64.06 40.20
N LEU N 69 13.91 -62.98 40.71
CA LEU N 69 15.23 -63.01 41.30
C LEU N 69 15.19 -62.60 42.76
N SER N 70 16.19 -63.04 43.52
CA SER N 70 16.26 -62.73 44.93
C SER N 70 17.70 -62.89 45.40
N LEU N 71 17.99 -62.26 46.53
CA LEU N 71 19.31 -62.30 47.14
C LEU N 71 19.18 -62.73 48.59
N ASP N 72 19.86 -63.80 48.98
CA ASP N 72 19.85 -64.28 50.34
C ASP N 72 21.07 -63.73 51.06
N LYS N 73 20.86 -62.66 51.84
CA LYS N 73 21.94 -62.01 52.56
C LYS N 73 22.35 -62.79 53.80
N SER N 74 21.51 -63.71 54.25
CA SER N 74 21.82 -64.51 55.43
C SER N 74 22.71 -65.68 55.05
N LYS N 75 22.46 -66.27 53.88
CA LYS N 75 23.21 -67.40 53.37
C LYS N 75 24.23 -66.96 52.34
N ASN N 76 24.23 -65.66 51.98
CA ASN N 76 25.16 -65.09 51.01
C ASN N 76 25.13 -65.83 49.68
N LEU N 77 23.97 -65.75 49.01
CA LEU N 77 23.83 -66.41 47.72
C LEU N 77 22.78 -65.69 46.88
N VAL N 78 22.75 -66.03 45.60
CA VAL N 78 21.81 -65.44 44.65
C VAL N 78 20.86 -66.55 44.17
N SER N 79 19.57 -66.24 44.11
CA SER N 79 18.61 -67.26 43.69
C SER N 79 17.98 -66.87 42.36
N LEU N 80 17.36 -67.86 41.71
CA LEU N 80 16.69 -67.59 40.45
C LEU N 80 15.49 -68.52 40.32
N ARG N 81 14.38 -68.00 39.80
CA ARG N 81 13.16 -68.74 39.61
C ARG N 81 12.59 -68.41 38.23
N LEU N 82 12.23 -69.43 37.46
CA LEU N 82 11.65 -69.23 36.13
C LEU N 82 10.41 -70.10 36.03
N THR N 83 9.24 -69.47 36.08
CA THR N 83 7.97 -70.17 36.01
C THR N 83 7.53 -70.33 34.55
N GLY N 84 6.87 -71.45 34.27
CA GLY N 84 6.40 -71.73 32.92
C GLY N 84 7.56 -71.91 31.95
N VAL N 85 8.39 -72.91 32.19
CA VAL N 85 9.55 -73.15 31.34
C VAL N 85 9.12 -73.94 30.10
N THR N 86 9.85 -73.74 29.01
CA THR N 86 9.60 -74.44 27.76
C THR N 86 10.91 -75.02 27.22
N ALA N 87 10.89 -75.45 25.95
CA ALA N 87 12.09 -76.04 25.36
C ALA N 87 13.11 -74.98 25.01
N ALA N 88 12.70 -73.71 24.95
CA ALA N 88 13.60 -72.62 24.61
C ALA N 88 14.48 -72.21 25.78
N ASP N 89 14.14 -72.60 27.00
CA ASP N 89 14.91 -72.22 28.17
C ASP N 89 16.06 -73.18 28.46
N SER N 90 16.22 -74.24 27.67
CA SER N 90 17.32 -75.20 27.83
C SER N 90 18.60 -74.51 27.40
N ALA N 91 19.41 -74.07 28.35
CA ALA N 91 20.63 -73.36 28.01
C ALA N 91 21.63 -73.46 29.16
N ILE N 92 22.72 -72.69 29.06
CA ILE N 92 23.74 -72.64 30.09
C ILE N 92 23.62 -71.30 30.80
N TYR N 93 23.16 -71.35 32.05
CA TYR N 93 22.91 -70.16 32.87
C TYR N 93 24.17 -69.77 33.65
N TYR N 94 24.62 -68.55 33.47
CA TYR N 94 25.79 -68.01 34.14
C TYR N 94 25.33 -66.97 35.17
N CYS N 95 26.12 -66.85 36.23
CA CYS N 95 25.94 -65.87 37.30
C CYS N 95 27.16 -64.98 37.35
N ALA N 96 26.96 -63.67 37.16
CA ALA N 96 28.12 -62.78 37.11
C ALA N 96 27.87 -61.49 37.87
N THR N 97 28.94 -60.99 38.48
CA THR N 97 28.86 -59.71 39.16
C THR N 97 28.64 -58.62 38.12
N THR N 98 28.10 -57.49 38.55
CA THR N 98 27.79 -56.42 37.61
C THR N 98 28.24 -55.09 38.15
N LYS N 99 29.08 -54.38 37.39
CA LYS N 99 29.52 -53.05 37.72
C LYS N 99 28.83 -52.05 36.81
N HIS N 100 28.33 -50.97 37.41
CA HIS N 100 27.59 -49.95 36.69
C HIS N 100 28.52 -48.82 36.24
N GLY N 101 28.11 -48.13 35.19
CA GLY N 101 28.84 -46.99 34.68
C GLY N 101 27.83 -45.99 34.16
N ARG N 102 28.26 -44.74 34.05
CA ARG N 102 27.36 -43.69 33.59
C ARG N 102 27.96 -43.00 32.38
N ARG N 103 27.28 -43.10 31.24
CA ARG N 103 27.71 -42.50 29.99
C ARG N 103 27.03 -41.14 29.91
N ILE N 104 27.83 -40.08 30.04
CA ILE N 104 27.34 -38.71 30.02
C ILE N 104 27.63 -38.10 28.65
N TYR N 105 26.58 -37.59 28.00
CA TYR N 105 26.68 -36.98 26.69
C TYR N 105 26.12 -35.56 26.65
N GLY N 106 25.21 -35.22 27.56
CA GLY N 106 24.57 -33.92 27.56
C GLY N 106 25.07 -32.98 28.63
N VAL N 107 24.14 -32.42 29.41
CA VAL N 107 24.48 -31.45 30.45
C VAL N 107 24.20 -32.01 31.85
N VAL N 108 24.10 -33.33 31.99
CA VAL N 108 23.91 -34.00 33.28
C VAL N 108 22.63 -33.55 33.99
N ALA N 109 22.49 -32.25 34.25
CA ALA N 109 21.37 -31.74 35.01
C ALA N 109 20.03 -32.03 34.33
N PHE N 110 20.02 -32.12 33.00
CA PHE N 110 18.79 -32.38 32.26
C PHE N 110 18.60 -33.88 31.96
N LYS N 111 19.19 -34.74 32.79
CA LYS N 111 19.10 -36.19 32.66
C LYS N 111 19.55 -36.68 31.28
N GLU N 112 20.49 -35.95 30.67
CA GLU N 112 20.99 -36.29 29.34
C GLU N 112 22.16 -37.26 29.44
N TRP N 113 21.90 -38.41 30.05
CA TRP N 113 22.90 -39.44 30.25
C TRP N 113 22.20 -40.78 30.38
N PHE N 114 22.99 -41.86 30.46
CA PHE N 114 22.39 -43.17 30.65
C PHE N 114 23.36 -44.11 31.34
N THR N 115 22.82 -45.02 32.15
CA THR N 115 23.63 -45.97 32.89
C THR N 115 23.75 -47.29 32.14
N TYR N 116 24.99 -47.76 31.99
CA TYR N 116 25.30 -49.03 31.33
C TYR N 116 25.87 -49.99 32.36
N PHE N 117 25.52 -51.27 32.23
CA PHE N 117 26.00 -52.30 33.14
C PHE N 117 26.95 -53.24 32.41
N TYR N 118 27.91 -53.79 33.15
CA TYR N 118 28.84 -54.74 32.53
C TYR N 118 29.35 -55.74 33.57
N MET N 119 29.37 -57.01 33.17
CA MET N 119 29.84 -58.09 34.02
C MET N 119 31.33 -58.32 33.79
N ASP N 120 32.10 -58.39 34.89
CA ASP N 120 33.54 -58.57 34.82
C ASP N 120 34.01 -59.93 35.31
N VAL N 121 33.42 -60.44 36.38
CA VAL N 121 33.81 -61.72 36.97
C VAL N 121 32.65 -62.69 36.82
N TRP N 122 32.80 -63.66 35.92
CA TRP N 122 31.77 -64.64 35.65
C TRP N 122 32.01 -65.90 36.48
N GLY N 123 31.06 -66.82 36.40
CA GLY N 123 31.14 -68.11 37.07
C GLY N 123 31.32 -69.25 36.08
N LYS N 124 31.44 -70.45 36.64
CA LYS N 124 31.60 -71.63 35.80
C LYS N 124 30.36 -71.88 34.96
N GLY N 125 29.18 -71.64 35.53
CA GLY N 125 27.93 -71.81 34.81
C GLY N 125 27.29 -73.15 35.09
N THR N 126 25.97 -73.19 34.94
CA THR N 126 25.21 -74.42 35.12
C THR N 126 24.44 -74.75 33.85
N SER N 127 24.22 -76.05 33.63
CA SER N 127 23.51 -76.54 32.45
C SER N 127 22.08 -76.89 32.84
N VAL N 128 21.11 -76.34 32.10
CA VAL N 128 19.70 -76.61 32.35
C VAL N 128 19.04 -77.13 31.08
N THR N 129 18.54 -78.36 31.14
CA THR N 129 17.87 -79.01 30.01
C THR N 129 16.43 -79.28 30.43
N VAL N 130 15.47 -78.86 29.61
CA VAL N 130 14.05 -79.04 29.88
C VAL N 130 13.51 -80.24 29.10
N SER N 131 13.13 -81.31 29.80
CA SER N 131 12.57 -82.50 29.17
C SER N 131 11.68 -83.31 30.12
N SER N 132 10.64 -83.93 29.56
CA SER N 132 9.64 -84.74 30.29
C SER N 132 9.64 -86.09 29.61
N ALA N 133 10.19 -87.10 30.27
CA ALA N 133 10.28 -88.44 29.68
C ALA N 133 10.10 -89.60 30.68
N SER N 134 9.59 -90.72 30.19
CA SER N 134 9.33 -91.92 31.00
C SER N 134 10.51 -92.70 31.63
N THR N 135 11.59 -92.95 30.89
CA THR N 135 12.75 -93.72 31.40
C THR N 135 13.67 -94.29 30.30
N LYS N 136 14.41 -95.34 30.65
CA LYS N 136 15.37 -96.09 29.80
C LYS N 136 16.86 -95.84 30.11
N GLY N 137 17.71 -96.80 29.72
CA GLY N 137 19.14 -96.71 29.96
C GLY N 137 19.96 -97.06 28.74
N PRO N 138 21.16 -96.51 28.68
CA PRO N 138 22.07 -96.77 27.54
C PRO N 138 22.99 -97.97 27.78
N SER N 139 23.53 -98.53 26.68
CA SER N 139 24.48 -99.64 26.76
C SER N 139 25.81 -99.20 26.15
N VAL N 140 26.82 -99.01 27.00
CA VAL N 140 28.14 -98.52 26.61
C VAL N 140 29.02 -99.68 26.18
N PHE N 141 29.64 -99.56 25.00
CA PHE N 141 30.57 -100.56 24.49
C PHE N 141 31.90 -99.93 24.10
N PRO N 142 33.02 -100.53 24.51
CA PRO N 142 34.35 -99.97 24.23
C PRO N 142 34.77 -100.22 22.78
N LEU N 143 35.39 -99.21 22.16
CA LEU N 143 35.91 -99.32 20.80
C LEU N 143 37.40 -99.59 20.90
N ALA N 144 37.81 -100.80 20.57
CA ALA N 144 39.21 -101.20 20.70
C ALA N 144 40.09 -100.36 19.78
N PRO N 145 41.27 -99.97 20.25
CA PRO N 145 42.19 -99.18 19.42
C PRO N 145 42.66 -99.96 18.20
N SER N 146 42.75 -99.26 17.07
CA SER N 146 43.19 -99.86 15.81
C SER N 146 43.77 -98.75 14.95
N SER N 147 45.10 -98.69 14.88
CA SER N 147 45.82 -97.69 14.08
C SER N 147 45.40 -96.27 14.45
N GLY N 152 52.43 -94.38 11.73
CA GLY N 152 52.21 -92.95 11.80
C GLY N 152 52.48 -92.37 13.18
N GLY N 153 52.57 -93.25 14.18
CA GLY N 153 52.83 -92.83 15.54
C GLY N 153 51.61 -92.42 16.33
N THR N 154 50.42 -92.42 15.74
CA THR N 154 49.20 -92.04 16.43
C THR N 154 48.22 -93.20 16.40
N ALA N 155 47.19 -93.10 17.25
CA ALA N 155 46.16 -94.14 17.34
C ALA N 155 44.87 -93.50 17.81
N ALA N 156 43.76 -94.16 17.48
CA ALA N 156 42.43 -93.72 17.85
C ALA N 156 41.87 -94.62 18.95
N LEU N 157 41.03 -94.07 19.81
CA LEU N 157 40.45 -94.86 20.89
C LEU N 157 39.15 -94.19 21.31
N GLY N 158 38.12 -94.97 21.56
CA GLY N 158 36.88 -94.33 21.93
C GLY N 158 35.87 -95.28 22.53
N CYS N 159 34.67 -94.74 22.77
CA CYS N 159 33.59 -95.53 23.30
C CYS N 159 32.36 -95.35 22.41
N LEU N 160 31.29 -96.07 22.76
CA LEU N 160 30.05 -96.05 22.02
C LEU N 160 28.87 -96.19 22.98
N VAL N 161 27.95 -95.25 22.93
CA VAL N 161 26.73 -95.29 23.74
C VAL N 161 25.59 -95.70 22.82
N LYS N 162 25.13 -96.93 22.95
CA LYS N 162 24.14 -97.51 22.06
C LYS N 162 22.79 -97.65 22.73
N ASP N 163 21.75 -97.26 21.99
CA ASP N 163 20.34 -97.37 22.34
C ASP N 163 19.98 -96.69 23.65
N TYR N 164 19.63 -95.41 23.58
CA TYR N 164 19.17 -94.67 24.73
C TYR N 164 18.14 -93.64 24.27
N PHE N 165 17.40 -93.11 25.22
CA PHE N 165 16.37 -92.11 24.96
C PHE N 165 16.01 -91.42 26.28
N PRO N 166 15.95 -90.08 26.30
CA PRO N 166 16.26 -89.21 25.17
C PRO N 166 17.62 -88.54 25.34
N GLU N 167 17.85 -87.49 24.55
CA GLU N 167 19.08 -86.72 24.67
C GLU N 167 19.08 -85.91 25.97
N PRO N 168 20.28 -85.57 26.50
CA PRO N 168 21.60 -85.95 25.98
C PRO N 168 22.34 -86.97 26.83
N VAL N 169 23.62 -87.16 26.50
CA VAL N 169 24.53 -88.03 27.25
C VAL N 169 25.87 -87.32 27.38
N THR N 170 26.30 -87.08 28.61
CA THR N 170 27.59 -86.44 28.86
C THR N 170 28.67 -87.51 28.93
N VAL N 171 29.69 -87.38 28.08
CA VAL N 171 30.77 -88.36 28.01
C VAL N 171 32.09 -87.66 28.31
N SER N 172 32.77 -88.10 29.36
CA SER N 172 34.06 -87.55 29.75
C SER N 172 35.11 -88.65 29.78
N TRP N 173 36.38 -88.26 29.79
CA TRP N 173 37.48 -89.21 29.78
C TRP N 173 38.35 -89.04 31.02
N ASN N 174 38.57 -90.15 31.73
CA ASN N 174 39.38 -90.16 32.96
C ASN N 174 38.90 -89.13 33.96
N SER N 175 37.57 -89.05 34.15
CA SER N 175 36.95 -88.09 35.07
C SER N 175 37.33 -86.65 34.73
N GLY N 176 37.56 -86.38 33.45
CA GLY N 176 37.88 -85.05 32.98
C GLY N 176 39.36 -84.74 32.91
N ALA N 177 40.22 -85.75 32.99
CA ALA N 177 41.67 -85.56 32.94
C ALA N 177 42.22 -85.70 31.52
N LEU N 178 41.36 -85.55 30.50
CA LEU N 178 41.80 -85.65 29.11
C LEU N 178 40.82 -84.86 28.26
N THR N 179 41.20 -83.64 27.90
CA THR N 179 40.35 -82.77 27.11
C THR N 179 40.98 -82.38 25.77
N SER N 180 42.19 -82.88 25.48
CA SER N 180 42.89 -82.57 24.24
C SER N 180 42.71 -83.75 23.28
N GLY N 181 42.08 -83.49 22.15
CA GLY N 181 41.87 -84.53 21.15
C GLY N 181 40.58 -85.30 21.30
N VAL N 182 39.66 -84.84 22.13
CA VAL N 182 38.39 -85.54 22.35
C VAL N 182 37.34 -84.99 21.40
N HIS N 183 36.69 -85.88 20.65
CA HIS N 183 35.65 -85.52 19.70
C HIS N 183 34.44 -86.42 19.92
N THR N 184 33.42 -85.88 20.60
CA THR N 184 32.19 -86.60 20.85
C THR N 184 31.21 -86.28 19.72
N PHE N 185 30.73 -87.30 19.03
CA PHE N 185 29.83 -87.03 17.92
C PHE N 185 28.37 -87.02 18.38
N PRO N 186 27.54 -86.20 17.73
CA PRO N 186 26.11 -86.20 18.06
C PRO N 186 25.44 -87.53 17.74
N ALA N 187 24.47 -87.90 18.58
CA ALA N 187 23.79 -89.16 18.44
C ALA N 187 22.91 -89.18 17.19
N VAL N 188 22.43 -90.38 16.85
CA VAL N 188 21.55 -90.59 15.70
C VAL N 188 20.26 -91.25 16.19
N LEU N 189 19.13 -90.69 15.77
CA LEU N 189 17.82 -91.23 16.13
C LEU N 189 17.49 -92.37 15.17
N GLN N 190 17.55 -93.60 15.68
CA GLN N 190 17.24 -94.78 14.88
C GLN N 190 15.73 -94.89 14.66
N SER N 191 15.34 -95.88 13.85
CA SER N 191 13.92 -96.07 13.58
C SER N 191 13.18 -96.63 14.79
N SER N 192 13.91 -97.25 15.72
CA SER N 192 13.29 -97.80 16.92
C SER N 192 12.96 -96.72 17.93
N GLY N 193 13.53 -95.54 17.78
CA GLY N 193 13.29 -94.42 18.67
C GLY N 193 14.31 -94.27 19.78
N LEU N 194 15.52 -94.80 19.60
CA LEU N 194 16.59 -94.73 20.57
C LEU N 194 17.81 -94.06 19.97
N TYR N 195 18.47 -93.21 20.74
CA TYR N 195 19.66 -92.51 20.29
C TYR N 195 20.90 -93.35 20.52
N SER N 196 21.98 -92.99 19.83
CA SER N 196 23.25 -93.71 19.95
C SER N 196 24.37 -92.81 19.46
N LEU N 197 25.34 -92.50 20.34
CA LEU N 197 26.46 -91.66 19.99
C LEU N 197 27.77 -92.43 20.16
N SER N 198 28.87 -91.74 19.88
CA SER N 198 30.22 -92.29 19.98
C SER N 198 31.17 -91.16 20.33
N SER N 199 32.29 -91.49 20.98
CA SER N 199 33.26 -90.48 21.36
C SER N 199 34.67 -91.00 21.18
N VAL N 200 35.44 -90.36 20.29
CA VAL N 200 36.81 -90.81 20.01
C VAL N 200 37.83 -89.81 20.52
N VAL N 201 39.01 -90.33 20.86
CA VAL N 201 40.16 -89.57 21.34
C VAL N 201 41.40 -89.98 20.56
N THR N 202 42.08 -88.99 19.98
CA THR N 202 43.34 -89.19 19.26
C THR N 202 44.49 -89.23 20.26
N VAL N 203 45.09 -90.40 20.48
CA VAL N 203 46.17 -90.52 21.46
C VAL N 203 47.42 -91.11 20.79
N PRO N 204 48.62 -90.79 21.28
CA PRO N 204 49.83 -91.39 20.70
C PRO N 204 49.85 -92.90 20.89
N SER N 205 50.38 -93.60 19.89
CA SER N 205 50.40 -95.06 19.91
C SER N 205 51.22 -95.60 21.07
N SER N 206 52.20 -94.85 21.55
CA SER N 206 53.04 -95.26 22.68
C SER N 206 52.20 -95.25 23.95
N SER N 207 51.41 -96.31 24.13
CA SER N 207 50.54 -96.44 25.29
C SER N 207 50.59 -97.86 25.85
N LEU N 208 51.81 -98.38 26.03
CA LEU N 208 51.97 -99.69 26.66
C LEU N 208 51.46 -99.64 28.11
N GLY N 209 51.85 -98.59 28.83
CA GLY N 209 51.36 -98.27 30.15
C GLY N 209 51.30 -99.38 31.18
N THR N 210 50.10 -99.88 31.48
CA THR N 210 48.87 -99.48 30.81
C THR N 210 48.29 -98.14 31.25
N GLN N 211 48.30 -97.18 30.32
CA GLN N 211 47.66 -95.90 30.53
C GLN N 211 46.16 -96.07 30.45
N THR N 212 45.54 -96.39 31.60
CA THR N 212 44.13 -96.77 31.67
C THR N 212 43.20 -95.69 31.14
N TYR N 213 42.55 -95.96 30.01
CA TYR N 213 41.54 -95.07 29.43
C TYR N 213 40.15 -95.59 29.79
N ILE N 214 39.51 -94.93 30.75
CA ILE N 214 38.17 -95.30 31.19
C ILE N 214 37.23 -94.13 30.88
N CYS N 215 36.32 -94.35 29.94
CA CYS N 215 35.35 -93.33 29.58
C CYS N 215 34.16 -93.38 30.53
N ASN N 216 33.73 -92.19 30.97
CA ASN N 216 32.61 -92.03 31.89
C ASN N 216 31.40 -91.54 31.11
N VAL N 217 30.36 -92.37 31.04
CA VAL N 217 29.12 -92.06 30.34
C VAL N 217 28.05 -91.72 31.36
N ASN N 218 27.40 -90.58 31.21
CA ASN N 218 26.37 -90.15 32.13
C ASN N 218 25.09 -89.84 31.36
N HIS N 219 23.98 -90.34 31.86
CA HIS N 219 22.63 -90.13 31.31
C HIS N 219 21.73 -89.76 32.48
N LYS N 220 21.49 -88.46 32.65
CA LYS N 220 20.71 -87.96 33.77
C LYS N 220 19.29 -88.51 33.87
N PRO N 221 18.52 -88.70 32.79
CA PRO N 221 17.14 -89.18 32.98
C PRO N 221 17.07 -90.55 33.66
N SER N 222 18.14 -91.35 33.61
CA SER N 222 18.17 -92.63 34.30
C SER N 222 19.21 -92.67 35.42
N ASN N 223 19.89 -91.56 35.71
CA ASN N 223 20.98 -91.52 36.69
C ASN N 223 22.07 -92.52 36.31
N THR N 224 22.37 -92.58 35.01
CA THR N 224 23.30 -93.54 34.43
C THR N 224 24.74 -93.06 34.50
N LYS N 225 25.56 -93.75 35.29
CA LYS N 225 26.99 -93.46 35.39
C LYS N 225 27.72 -94.77 35.08
N VAL N 226 28.29 -94.85 33.88
CA VAL N 226 28.93 -96.06 33.36
C VAL N 226 30.41 -95.77 33.17
N ASP N 227 31.25 -96.50 33.88
CA ASP N 227 32.70 -96.38 33.69
C ASP N 227 33.17 -97.58 32.88
N LYS N 228 33.60 -97.33 31.65
CA LYS N 228 34.06 -98.41 30.77
C LYS N 228 35.55 -98.26 30.50
N ARG N 229 36.29 -99.35 30.61
CA ARG N 229 37.73 -99.33 30.36
C ARG N 229 38.00 -99.91 28.97
N VAL N 230 38.74 -99.16 28.15
CA VAL N 230 39.04 -99.57 26.78
C VAL N 230 40.43 -100.21 26.77
N GLU N 231 40.49 -101.47 26.32
CA GLU N 231 41.74 -102.20 26.25
C GLU N 231 41.87 -102.85 24.87
N PRO N 232 43.07 -102.79 24.26
CA PRO N 232 43.32 -103.39 22.94
C PRO N 232 43.08 -104.90 22.92
N GLN O 1 15.40 37.63 42.66
CA GLN O 1 14.13 36.95 42.86
C GLN O 1 14.33 35.61 43.56
N GLY O 2 15.31 35.56 44.46
CA GLY O 2 15.62 34.37 45.22
C GLY O 2 15.66 34.68 46.71
N GLN O 3 16.58 34.02 47.41
CA GLN O 3 16.72 34.22 48.85
C GLN O 3 18.11 33.78 49.29
N LEU O 4 18.78 34.65 50.05
CA LEU O 4 20.11 34.41 50.60
C LEU O 4 20.01 34.36 52.12
N VAL O 5 20.34 33.22 52.70
CA VAL O 5 20.31 33.01 54.15
C VAL O 5 21.73 32.74 54.64
N GLN O 6 22.20 33.50 55.61
CA GLN O 6 23.54 33.31 56.15
C GLN O 6 23.48 32.59 57.49
N SER O 7 24.67 32.24 58.00
CA SER O 7 24.77 31.56 59.28
C SER O 7 24.51 32.52 60.43
N GLY O 8 24.42 31.95 61.63
CA GLY O 8 24.18 32.75 62.82
C GLY O 8 25.39 33.56 63.23
N ALA O 9 25.13 34.53 64.11
CA ALA O 9 26.21 35.39 64.62
C ALA O 9 27.12 34.61 65.55
N GLU O 10 28.43 34.74 65.36
CA GLU O 10 29.42 34.05 66.16
C GLU O 10 30.33 35.04 66.86
N LEU O 11 30.99 34.55 67.92
CA LEU O 11 31.97 35.29 68.70
C LEU O 11 33.34 34.69 68.56
N LYS O 12 34.30 35.47 68.06
CA LYS O 12 35.65 34.94 67.87
C LYS O 12 36.65 35.88 68.51
N LYS O 13 37.63 35.30 69.19
CA LYS O 13 38.73 36.04 69.80
C LYS O 13 39.76 36.44 68.74
N PRO O 14 40.41 37.59 68.93
CA PRO O 14 41.41 38.04 67.95
C PRO O 14 42.56 37.05 67.84
N GLY O 15 42.93 36.74 66.60
CA GLY O 15 43.95 35.76 66.30
C GLY O 15 43.40 34.47 65.72
N ALA O 16 42.14 34.17 65.97
CA ALA O 16 41.50 32.97 65.44
C ALA O 16 40.86 33.29 64.09
N SER O 17 40.19 32.30 63.51
CA SER O 17 39.54 32.45 62.22
C SER O 17 38.05 32.17 62.36
N VAL O 18 37.29 32.54 61.33
CA VAL O 18 35.85 32.32 61.36
C VAL O 18 35.36 32.14 59.92
N LYS O 19 34.44 31.18 59.74
CA LYS O 19 33.89 30.84 58.43
C LYS O 19 32.39 31.11 58.43
N ILE O 20 32.00 32.12 57.66
CA ILE O 20 30.61 32.56 57.51
C ILE O 20 30.05 32.01 56.21
N SER O 21 28.93 31.28 56.31
CA SER O 21 28.28 30.68 55.16
C SER O 21 27.25 31.64 54.55
N CYS O 22 26.72 31.24 53.40
CA CYS O 22 25.71 32.01 52.67
C CYS O 22 24.99 31.10 51.67
N LYS O 23 23.91 30.47 52.10
CA LYS O 23 23.16 29.57 51.23
C LYS O 23 22.16 30.39 50.43
N THR O 24 22.07 30.08 49.13
CA THR O 24 21.18 30.78 48.21
C THR O 24 20.16 29.79 47.68
N SER O 25 19.05 30.32 47.18
CA SER O 25 18.00 29.45 46.65
C SER O 25 17.03 30.29 45.83
N GLY O 26 16.48 29.69 44.77
CA GLY O 26 15.51 30.40 43.97
C GLY O 26 16.03 30.90 42.64
N TYR O 27 17.27 30.60 42.29
CA TYR O 27 17.88 31.03 41.06
C TYR O 27 19.12 30.16 40.81
N ARG O 28 19.69 30.29 39.62
CA ARG O 28 20.88 29.53 39.28
C ARG O 28 22.10 30.10 40.01
N PHE O 29 22.63 29.31 40.95
CA PHE O 29 23.74 29.74 41.79
C PHE O 29 25.01 30.01 40.98
N ASN O 30 25.20 29.30 39.87
CA ASN O 30 26.42 29.42 39.08
C ASN O 30 26.38 30.56 38.08
N PHE O 31 25.23 31.20 37.87
CA PHE O 31 25.08 32.24 36.87
C PHE O 31 25.37 33.64 37.41
N TYR O 32 25.68 33.78 38.69
CA TYR O 32 25.93 35.09 39.27
C TYR O 32 27.07 34.99 40.28
N HIS O 33 27.82 36.09 40.40
CA HIS O 33 28.94 36.16 41.33
C HIS O 33 28.44 36.28 42.78
N ILE O 34 29.34 36.02 43.71
CA ILE O 34 29.06 36.11 45.14
C ILE O 34 30.04 37.10 45.76
N ASN O 35 29.59 38.33 45.95
CA ASN O 35 30.37 39.39 46.57
C ASN O 35 30.25 39.31 48.08
N TRP O 36 31.30 39.73 48.79
CA TRP O 36 31.30 39.79 50.26
C TRP O 36 31.67 41.20 50.69
N ILE O 37 30.73 41.89 51.34
CA ILE O 37 30.93 43.27 51.77
C ILE O 37 30.70 43.37 53.27
N ARG O 38 31.63 43.98 53.99
CA ARG O 38 31.49 44.14 55.43
C ARG O 38 31.25 45.61 55.76
N GLN O 39 30.91 45.86 57.03
CA GLN O 39 30.66 47.21 57.50
C GLN O 39 30.96 47.30 58.99
N THR O 40 31.95 48.11 59.34
CA THR O 40 32.34 48.38 60.71
C THR O 40 31.99 49.82 61.06
N ALA O 41 32.04 50.12 62.36
CA ALA O 41 31.68 51.45 62.86
C ALA O 41 32.87 52.41 62.89
N GLY O 42 33.98 52.07 62.23
CA GLY O 42 35.15 52.92 62.23
C GLY O 42 35.73 53.16 60.84
N ARG O 43 35.44 52.24 59.91
CA ARG O 43 35.97 52.33 58.57
C ARG O 43 34.88 52.38 57.51
N GLY O 44 33.61 52.28 57.90
CA GLY O 44 32.51 52.35 56.97
C GLY O 44 32.38 51.13 56.08
N PRO O 45 31.59 51.27 55.01
CA PRO O 45 31.40 50.16 54.07
C PRO O 45 32.68 49.84 53.31
N GLU O 46 33.04 48.56 53.27
CA GLU O 46 34.27 48.12 52.63
C GLU O 46 34.00 46.86 51.82
N TRP O 47 34.36 46.88 50.55
CA TRP O 47 34.22 45.74 49.66
C TRP O 47 35.42 44.82 49.82
N MET O 48 35.17 43.54 50.12
CA MET O 48 36.25 42.58 50.37
C MET O 48 36.66 41.84 49.10
N GLY O 49 35.70 41.29 48.37
CA GLY O 49 36.01 40.59 47.15
C GLY O 49 34.82 39.81 46.66
N TRP O 50 34.97 39.23 45.47
CA TRP O 50 33.91 38.40 44.92
C TRP O 50 34.47 37.10 44.36
N ILE O 51 33.56 36.15 44.10
CA ILE O 51 33.93 34.84 43.57
C ILE O 51 32.81 34.26 42.71
N SER O 52 33.20 33.69 41.53
CA SER O 52 32.22 33.13 40.60
C SER O 52 32.12 31.62 40.87
N PRO O 53 31.00 31.13 41.40
CA PRO O 53 30.88 29.69 41.70
C PRO O 53 30.97 28.72 40.52
N TYR O 54 30.65 29.13 39.29
CA TYR O 54 30.69 28.20 38.15
C TYR O 54 32.13 27.76 37.85
N SER O 55 33.01 28.72 37.56
CA SER O 55 34.40 28.45 37.22
C SER O 55 35.28 28.39 38.46
N GLY O 56 35.21 29.41 39.31
CA GLY O 56 36.04 29.48 40.50
C GLY O 56 36.98 30.67 40.55
N ASP O 57 36.94 31.59 39.59
CA ASP O 57 37.80 32.76 39.62
C ASP O 57 37.41 33.65 40.79
N LYS O 58 38.42 34.20 41.47
CA LYS O 58 38.19 35.06 42.63
C LYS O 58 38.92 36.37 42.45
N ASN O 59 38.40 37.41 43.10
CA ASN O 59 39.02 38.74 43.06
C ASN O 59 38.84 39.41 44.42
N LEU O 60 39.89 39.36 45.24
CA LEU O 60 39.89 39.92 46.58
C LEU O 60 40.46 41.34 46.56
N ALA O 61 40.00 42.15 47.51
CA ALA O 61 40.56 43.49 47.66
C ALA O 61 41.96 43.42 48.26
N PRO O 62 42.84 44.36 47.92
CA PRO O 62 44.21 44.33 48.48
C PRO O 62 44.26 44.33 50.00
N ALA O 63 43.21 44.84 50.66
CA ALA O 63 43.17 44.85 52.12
C ALA O 63 42.89 43.48 52.70
N PHE O 64 42.18 42.62 51.95
CA PHE O 64 41.84 41.28 52.38
C PHE O 64 42.52 40.24 51.50
N GLN O 65 43.64 40.62 50.89
CA GLN O 65 44.34 39.77 49.94
C GLN O 65 45.11 38.63 50.62
N ASP O 66 45.45 38.77 51.91
CA ASP O 66 46.32 37.82 52.58
C ASP O 66 45.73 37.32 53.89
N ARG O 67 44.40 37.24 53.97
CA ARG O 67 43.78 36.69 55.18
C ARG O 67 42.31 36.33 54.98
N VAL O 68 41.83 36.20 53.74
CA VAL O 68 40.45 35.85 53.45
C VAL O 68 40.43 34.78 52.37
N ILE O 69 39.72 33.68 52.63
CA ILE O 69 39.60 32.57 51.69
C ILE O 69 38.13 32.38 51.36
N MET O 70 37.81 32.41 50.06
CA MET O 70 36.44 32.25 49.58
C MET O 70 36.28 30.89 48.92
N THR O 71 35.26 30.15 49.33
CA THR O 71 35.00 28.83 48.78
C THR O 71 33.53 28.71 48.38
N THR O 72 33.26 27.91 47.36
CA THR O 72 31.87 27.72 46.92
C THR O 72 31.61 26.25 46.62
N ASP O 73 30.42 25.79 46.99
CA ASP O 73 30.00 24.42 46.73
C ASP O 73 29.42 24.31 45.32
N THR O 74 29.18 23.08 44.90
CA THR O 74 28.60 22.83 43.60
C THR O 74 27.11 23.18 43.60
N GLU O 75 26.59 23.47 42.41
CA GLU O 75 25.18 23.84 42.26
C GLU O 75 24.30 22.60 42.36
N VAL O 76 23.20 22.74 43.11
CA VAL O 76 22.24 21.64 43.21
C VAL O 76 20.98 22.01 42.43
N PRO O 77 20.82 21.45 41.23
CA PRO O 77 19.67 21.81 40.38
C PRO O 77 18.34 21.49 41.04
N VAL O 78 17.43 22.46 41.00
CA VAL O 78 16.06 22.29 41.50
C VAL O 78 15.06 22.26 40.33
N THR O 79 15.06 23.30 39.51
CA THR O 79 14.24 23.34 38.31
C THR O 79 15.17 23.60 37.12
N SER O 80 14.57 23.92 35.97
CA SER O 80 15.38 24.15 34.78
C SER O 80 16.02 25.52 34.80
N PHE O 81 15.48 26.45 35.59
CA PHE O 81 15.98 27.81 35.66
C PHE O 81 16.31 28.29 37.06
N THR O 82 16.02 27.52 38.10
CA THR O 82 16.32 27.88 39.48
C THR O 82 17.10 26.76 40.16
N SER O 83 17.81 27.11 41.22
CA SER O 83 18.61 26.13 41.95
C SER O 83 18.91 26.65 43.36
N THR O 84 19.64 25.83 44.12
CA THR O 84 20.08 26.11 45.47
C THR O 84 21.59 25.89 45.55
N GLY O 85 22.29 26.85 46.16
CA GLY O 85 23.74 26.75 46.29
C GLY O 85 24.21 27.30 47.62
N ALA O 86 25.52 27.21 47.86
CA ALA O 86 26.06 27.74 49.12
C ALA O 86 27.48 28.25 48.93
N ALA O 87 27.74 29.45 49.43
CA ALA O 87 29.07 30.06 49.36
C ALA O 87 29.60 30.30 50.76
N TYR O 88 30.89 30.08 50.99
CA TYR O 88 31.49 30.28 52.29
C TYR O 88 32.65 31.27 52.20
N MET O 89 33.05 31.77 53.36
CA MET O 89 34.22 32.63 53.44
C MET O 89 34.86 32.45 54.82
N GLU O 90 36.19 32.41 54.84
CA GLU O 90 36.96 32.16 56.05
C GLU O 90 37.96 33.28 56.23
N ILE O 91 37.73 34.13 57.23
CA ILE O 91 38.60 35.26 57.53
C ILE O 91 39.45 34.91 58.75
N ARG O 92 40.77 34.96 58.58
CA ARG O 92 41.75 34.67 59.61
C ARG O 92 42.36 35.96 60.13
N ASN O 93 43.16 35.83 61.18
CA ASN O 93 43.86 36.94 61.83
C ASN O 93 42.90 38.06 62.24
N LEU O 94 41.90 37.69 63.02
CA LEU O 94 40.89 38.66 63.46
C LEU O 94 41.51 39.70 64.39
N LYS O 95 41.06 40.95 64.24
CA LYS O 95 41.52 42.05 65.09
C LYS O 95 40.29 42.78 65.63
N PHE O 96 40.54 43.79 66.47
CA PHE O 96 39.46 44.52 67.10
C PHE O 96 38.66 45.35 66.11
N ASP O 97 39.26 45.74 64.98
CA ASP O 97 38.57 46.56 63.99
C ASP O 97 37.80 45.72 62.98
N ASP O 98 37.73 44.40 63.19
CA ASP O 98 36.99 43.50 62.31
C ASP O 98 35.60 43.21 62.83
N THR O 99 35.18 43.89 63.89
CA THR O 99 33.85 43.68 64.49
C THR O 99 32.83 44.49 63.70
N GLY O 100 31.85 43.81 63.13
CA GLY O 100 30.83 44.51 62.37
C GLY O 100 29.92 43.52 61.68
N THR O 101 29.18 44.00 60.67
CA THR O 101 28.25 43.14 59.96
C THR O 101 28.80 42.74 58.60
N TYR O 102 28.75 41.44 58.29
CA TYR O 102 29.26 40.91 57.04
C TYR O 102 28.10 40.42 56.19
N PHE O 103 28.00 40.93 54.96
CA PHE O 103 26.94 40.61 54.03
C PHE O 103 27.50 39.83 52.84
N CYS O 104 26.66 38.96 52.29
CA CYS O 104 26.94 38.27 51.02
C CYS O 104 25.89 38.70 50.00
N ALA O 105 26.35 39.01 48.78
CA ALA O 105 25.43 39.55 47.78
C ALA O 105 25.55 38.84 46.45
N LYS O 106 24.41 38.63 45.81
CA LYS O 106 24.32 38.06 44.48
C LYS O 106 24.54 39.16 43.45
N GLY O 107 25.20 38.80 42.36
CA GLY O 107 25.47 39.70 41.25
C GLY O 107 24.22 40.20 40.54
N LEU O 108 24.44 41.22 39.71
CA LEU O 108 23.35 41.87 38.99
C LEU O 108 23.04 41.21 37.65
N LEU O 109 24.03 41.13 36.75
CA LEU O 109 23.79 40.57 35.42
C LEU O 109 24.80 39.45 35.13
N ARG O 110 24.58 38.79 33.99
CA ARG O 110 25.47 37.72 33.53
C ARG O 110 26.57 38.24 32.62
N ASP O 111 26.23 39.17 31.72
CA ASP O 111 27.19 39.75 30.79
C ASP O 111 27.08 41.27 30.87
N GLY O 112 28.14 41.94 30.40
CA GLY O 112 28.13 43.39 30.40
C GLY O 112 29.30 43.97 31.18
N SER O 113 29.17 45.23 31.60
CA SER O 113 30.21 45.91 32.35
C SER O 113 29.92 45.97 33.84
N SER O 114 28.81 45.38 34.28
CA SER O 114 28.44 45.35 35.69
C SER O 114 27.86 43.97 36.05
N THR O 115 28.62 42.92 35.74
CA THR O 115 28.13 41.56 35.97
C THR O 115 28.22 41.19 37.45
N TRP O 116 29.32 41.57 38.10
CA TRP O 116 29.61 41.20 39.48
C TRP O 116 28.96 42.15 40.48
N LEU O 117 28.34 43.23 40.00
CA LEU O 117 27.79 44.25 40.87
C LEU O 117 26.81 43.66 41.88
N PRO O 118 27.01 43.88 43.18
CA PRO O 118 26.11 43.34 44.20
C PRO O 118 24.68 43.84 44.05
N TYR O 119 23.76 42.94 43.71
CA TYR O 119 22.36 43.29 43.52
C TYR O 119 21.47 42.75 44.63
N LEU O 120 21.38 41.43 44.79
CA LEU O 120 20.53 40.87 45.84
C LEU O 120 21.33 40.62 47.11
N TRP O 121 20.87 41.14 48.24
CA TRP O 121 21.66 40.99 49.45
C TRP O 121 20.96 40.09 50.47
N GLY O 122 21.75 39.61 51.42
CA GLY O 122 21.28 38.79 52.51
C GLY O 122 20.82 39.61 53.70
N GLN O 123 20.75 38.94 54.85
CA GLN O 123 20.35 39.58 56.09
C GLN O 123 21.54 40.04 56.93
N GLY O 124 22.73 39.52 56.65
CA GLY O 124 23.96 39.90 57.33
C GLY O 124 24.23 39.06 58.56
N THR O 125 25.53 38.86 58.82
CA THR O 125 25.99 38.10 59.98
C THR O 125 26.91 38.97 60.83
N LEU O 126 26.49 39.24 62.07
CA LEU O 126 27.27 40.07 62.98
C LEU O 126 28.47 39.26 63.47
N LEU O 127 29.66 39.86 63.38
CA LEU O 127 30.89 39.22 63.85
C LEU O 127 31.50 40.10 64.93
N THR O 128 31.69 39.52 66.12
CA THR O 128 32.27 40.23 67.25
C THR O 128 33.62 39.63 67.59
N VAL O 129 34.65 40.47 67.60
CA VAL O 129 36.02 40.12 67.95
C VAL O 129 36.32 40.77 69.29
N SER O 130 36.34 39.97 70.36
CA SER O 130 36.63 40.53 71.67
C SER O 130 37.36 39.50 72.52
N SER O 131 38.19 40.01 73.43
CA SER O 131 38.93 39.15 74.35
C SER O 131 38.15 38.86 75.62
N ALA O 132 37.61 39.90 76.26
CA ALA O 132 36.78 39.77 77.44
C ALA O 132 35.78 38.63 77.31
N SER O 133 35.70 37.80 78.35
CA SER O 133 35.27 36.43 78.18
C SER O 133 33.75 36.38 78.04
N THR O 134 33.24 35.22 77.61
CA THR O 134 31.81 35.07 77.40
C THR O 134 31.06 34.98 78.72
N LYS O 135 30.04 35.82 78.88
CA LYS O 135 29.21 35.84 80.08
C LYS O 135 27.77 35.55 79.69
N GLY O 136 27.14 34.62 80.41
CA GLY O 136 25.77 34.26 80.16
C GLY O 136 24.79 35.34 80.57
N PRO O 137 23.66 35.43 79.87
CA PRO O 137 22.66 36.44 80.18
C PRO O 137 21.84 36.07 81.41
N SER O 138 21.17 37.08 81.96
CA SER O 138 20.29 36.89 83.11
C SER O 138 18.88 37.38 82.75
N VAL O 139 18.01 36.43 82.41
CA VAL O 139 16.65 36.74 81.97
C VAL O 139 15.76 36.95 83.19
N PHE O 140 15.13 38.11 83.27
CA PHE O 140 14.18 38.41 84.35
C PHE O 140 12.81 38.70 83.75
N PRO O 141 11.73 38.16 84.32
CA PRO O 141 10.40 38.43 83.76
C PRO O 141 9.93 39.85 84.07
N LEU O 142 9.39 40.51 83.06
CA LEU O 142 8.85 41.87 83.18
C LEU O 142 7.34 41.72 83.35
N ALA O 143 6.85 42.19 84.49
CA ALA O 143 5.44 42.15 84.85
C ALA O 143 4.56 43.00 83.95
N PRO O 144 3.43 42.45 83.49
CA PRO O 144 2.54 43.20 82.60
C PRO O 144 2.13 44.53 83.21
N SER O 145 2.01 45.54 82.37
CA SER O 145 1.62 46.87 82.82
C SER O 145 0.42 47.32 81.99
N SER O 146 -0.25 48.35 82.48
CA SER O 146 -1.44 48.90 81.84
C SER O 146 -1.06 49.88 80.75
N LYS O 147 -1.56 49.64 79.53
CA LYS O 147 -1.28 50.53 78.41
C LYS O 147 -2.48 51.41 78.08
N SER O 148 -3.70 50.89 78.23
CA SER O 148 -4.90 51.67 77.95
C SER O 148 -6.05 51.06 78.75
N THR O 149 -6.54 51.81 79.74
CA THR O 149 -7.62 51.29 80.58
C THR O 149 -8.90 51.18 79.77
N SER O 150 -9.27 52.24 79.04
CA SER O 150 -10.49 52.18 78.25
C SER O 150 -10.29 51.24 77.07
N GLY O 151 -9.04 51.08 76.61
CA GLY O 151 -8.74 50.20 75.50
C GLY O 151 -8.61 48.76 75.92
N GLY O 152 -8.24 48.52 77.17
CA GLY O 152 -8.07 47.16 77.66
C GLY O 152 -6.81 46.45 77.21
N THR O 153 -5.70 47.17 77.10
CA THR O 153 -4.45 46.59 76.65
C THR O 153 -3.40 46.64 77.76
N ALA O 154 -2.40 45.78 77.64
CA ALA O 154 -1.32 45.69 78.61
C ALA O 154 -0.03 45.40 77.84
N ALA O 155 1.05 45.20 78.60
CA ALA O 155 2.35 44.95 77.99
C ALA O 155 3.23 44.19 78.97
N LEU O 156 3.66 42.99 78.58
CA LEU O 156 4.53 42.18 79.42
C LEU O 156 5.76 41.77 78.62
N GLY O 157 6.80 41.32 79.30
CA GLY O 157 7.98 40.96 78.53
C GLY O 157 9.07 40.33 79.33
N CYS O 158 10.29 40.36 78.78
CA CYS O 158 11.43 39.79 79.48
C CYS O 158 12.57 40.82 79.43
N LEU O 159 13.51 40.66 80.35
CA LEU O 159 14.66 41.54 80.52
C LEU O 159 15.96 40.72 80.44
N VAL O 160 16.74 40.92 79.39
CA VAL O 160 18.03 40.26 79.27
C VAL O 160 19.06 41.19 79.88
N LYS O 161 19.57 40.86 81.06
CA LYS O 161 20.48 41.73 81.78
C LYS O 161 21.85 41.08 81.93
N ASP O 162 22.89 41.88 81.71
CA ASP O 162 24.28 41.49 81.88
C ASP O 162 24.63 40.30 81.00
N TYR O 163 24.96 40.56 79.74
CA TYR O 163 25.40 39.54 78.81
C TYR O 163 26.53 40.11 77.97
N PHE O 164 27.36 39.22 77.45
CA PHE O 164 28.48 39.64 76.62
C PHE O 164 28.94 38.46 75.78
N PRO O 165 29.13 38.65 74.46
CA PRO O 165 28.88 39.90 73.74
C PRO O 165 27.56 39.86 72.98
N GLU O 166 27.37 40.81 72.08
CA GLU O 166 26.19 40.79 71.24
C GLU O 166 26.28 39.61 70.27
N PRO O 167 25.15 39.09 69.78
CA PRO O 167 23.77 39.47 70.12
C PRO O 167 23.05 38.42 70.97
N VAL O 168 21.76 38.65 71.18
CA VAL O 168 20.88 37.75 71.93
C VAL O 168 19.54 37.72 71.20
N THR O 169 19.06 36.52 70.86
CA THR O 169 17.78 36.44 70.15
C THR O 169 16.66 36.06 71.10
N VAL O 170 15.55 36.77 71.02
CA VAL O 170 14.40 36.53 71.89
C VAL O 170 13.17 36.29 71.03
N SER O 171 12.56 35.12 71.20
CA SER O 171 11.33 34.74 70.50
C SER O 171 10.25 34.46 71.54
N TRP O 172 9.01 34.34 71.08
CA TRP O 172 7.88 34.07 71.98
C TRP O 172 7.16 32.80 71.55
N ASN O 173 6.99 31.87 72.49
CA ASN O 173 6.29 30.61 72.28
C ASN O 173 6.86 29.85 71.07
N SER O 174 8.19 29.74 71.04
CA SER O 174 8.88 29.05 69.95
C SER O 174 8.55 29.67 68.59
N GLY O 175 8.34 30.99 68.59
CA GLY O 175 8.06 31.72 67.37
C GLY O 175 6.59 31.75 66.99
N ALA O 176 5.69 31.57 67.95
CA ALA O 176 4.25 31.60 67.70
C ALA O 176 3.68 33.00 67.86
N LEU O 177 4.11 33.73 68.88
CA LEU O 177 3.64 35.08 69.15
C LEU O 177 4.67 36.08 68.62
N THR O 178 4.35 36.71 67.49
CA THR O 178 5.25 37.66 66.84
C THR O 178 4.66 39.05 66.72
N SER O 179 3.35 39.20 66.74
CA SER O 179 2.71 40.51 66.58
C SER O 179 2.80 41.31 67.87
N GLY O 180 3.20 42.57 67.76
CA GLY O 180 3.31 43.44 68.92
C GLY O 180 4.58 43.31 69.72
N VAL O 181 5.56 42.54 69.23
CA VAL O 181 6.81 42.33 69.94
C VAL O 181 7.77 43.46 69.60
N HIS O 182 8.22 44.20 70.62
CA HIS O 182 9.16 45.30 70.46
C HIS O 182 10.40 45.00 71.29
N THR O 183 11.51 44.76 70.60
CA THR O 183 12.80 44.47 71.23
C THR O 183 13.65 45.72 71.15
N PHE O 184 14.07 46.24 72.31
CA PHE O 184 14.87 47.46 72.31
C PHE O 184 16.36 47.14 72.33
N PRO O 185 17.17 47.97 71.67
CA PRO O 185 18.63 47.76 71.69
C PRO O 185 19.18 47.80 73.11
N ALA O 186 20.34 47.16 73.26
CA ALA O 186 21.00 47.08 74.56
C ALA O 186 21.73 48.38 74.89
N VAL O 187 22.25 48.45 76.11
CA VAL O 187 22.99 49.60 76.60
C VAL O 187 24.40 49.18 76.97
N LEU O 188 25.37 50.01 76.60
CA LEU O 188 26.79 49.75 76.91
C LEU O 188 27.09 50.33 78.29
N GLN O 189 27.12 49.47 79.29
CA GLN O 189 27.40 49.88 80.65
C GLN O 189 28.88 50.25 80.81
N SER O 190 29.23 50.76 81.98
CA SER O 190 30.63 51.13 82.22
C SER O 190 31.52 49.91 82.39
N SER O 191 30.95 48.77 82.76
CA SER O 191 31.72 47.54 82.93
C SER O 191 32.01 46.87 81.60
N GLY O 192 31.20 47.13 80.57
CA GLY O 192 31.37 46.55 79.27
C GLY O 192 30.36 45.48 78.91
N LEU O 193 29.35 45.27 79.75
CA LEU O 193 28.32 44.26 79.53
C LEU O 193 27.08 44.92 78.92
N TYR O 194 26.38 44.16 78.08
CA TYR O 194 25.17 44.64 77.42
C TYR O 194 23.93 44.11 78.14
N SER O 195 22.79 44.76 77.88
CA SER O 195 21.53 44.36 78.50
C SER O 195 20.38 44.96 77.72
N LEU O 196 19.52 44.14 77.14
CA LEU O 196 18.38 44.62 76.38
C LEU O 196 17.07 44.23 77.06
N SER O 197 15.97 44.55 76.39
CA SER O 197 14.63 44.27 76.89
C SER O 197 13.69 43.99 75.74
N SER O 198 12.74 43.07 75.96
CA SER O 198 11.74 42.73 74.96
C SER O 198 10.38 42.86 75.62
N VAL O 199 9.41 43.44 74.91
CA VAL O 199 8.08 43.63 75.49
C VAL O 199 7.03 43.47 74.40
N VAL O 200 5.98 42.72 74.72
CA VAL O 200 4.88 42.48 73.80
C VAL O 200 3.59 43.04 74.40
N THR O 201 2.89 43.85 73.61
CA THR O 201 1.62 44.46 73.99
C THR O 201 0.50 43.46 73.74
N VAL O 202 -0.19 43.03 74.79
CA VAL O 202 -1.26 42.06 74.64
C VAL O 202 -2.54 42.45 75.37
N PRO O 203 -3.70 42.09 74.85
CA PRO O 203 -4.96 42.39 75.55
C PRO O 203 -4.97 41.78 76.94
N SER O 204 -5.81 42.36 77.81
CA SER O 204 -5.88 41.92 79.19
C SER O 204 -6.79 40.71 79.39
N SER O 205 -7.71 40.47 78.45
CA SER O 205 -8.67 39.37 78.56
C SER O 205 -8.02 38.00 78.34
N SER O 206 -6.81 37.95 77.81
CA SER O 206 -6.13 36.69 77.55
C SER O 206 -5.32 36.28 78.78
N LEU O 207 -5.79 35.23 79.46
CA LEU O 207 -5.13 34.72 80.65
C LEU O 207 -4.93 33.21 80.57
N GLY O 208 -6.04 32.46 80.62
CA GLY O 208 -5.95 31.02 80.56
C GLY O 208 -6.25 30.45 79.18
N THR O 209 -5.99 31.25 78.15
CA THR O 209 -6.21 30.84 76.77
C THR O 209 -4.94 30.90 75.93
N GLN O 210 -3.83 31.35 76.50
CA GLN O 210 -2.56 31.45 75.77
C GLN O 210 -1.41 31.42 76.77
N THR O 211 -0.41 30.60 76.49
CA THR O 211 0.77 30.49 77.35
C THR O 211 1.87 31.39 76.83
N TYR O 212 2.40 32.25 77.70
CA TYR O 212 3.46 33.20 77.35
C TYR O 212 4.80 32.65 77.84
N ILE O 213 5.63 32.17 76.92
CA ILE O 213 6.95 31.64 77.25
C ILE O 213 7.97 32.37 76.38
N CYS O 214 8.76 33.26 76.99
CA CYS O 214 9.78 33.97 76.25
C CYS O 214 11.01 33.09 76.15
N ASN O 215 11.54 32.93 74.93
CA ASN O 215 12.68 32.08 74.62
C ASN O 215 13.89 32.96 74.29
N VAL O 216 14.80 33.09 75.26
CA VAL O 216 16.03 33.86 75.10
C VAL O 216 17.15 32.90 74.73
N ASN O 217 17.81 33.15 73.61
CA ASN O 217 18.88 32.29 73.11
C ASN O 217 20.18 33.09 73.06
N HIS O 218 21.22 32.52 73.65
CA HIS O 218 22.57 33.09 73.68
C HIS O 218 23.56 32.01 73.24
N LYS O 219 23.74 31.93 71.91
CA LYS O 219 24.62 30.91 71.33
C LYS O 219 26.08 31.00 71.77
N PRO O 220 26.70 32.18 71.95
CA PRO O 220 28.10 32.22 72.37
C PRO O 220 28.34 31.49 73.69
N SER O 221 27.35 31.44 74.56
CA SER O 221 27.45 30.73 75.83
C SER O 221 26.71 29.41 75.76
N ASN O 222 26.08 29.12 74.62
CA ASN O 222 25.32 27.88 74.41
C ASN O 222 24.26 27.72 75.49
N THR O 223 23.46 28.77 75.69
CA THR O 223 22.43 28.69 76.71
C THR O 223 21.11 29.28 76.22
N LYS O 224 20.04 28.55 76.50
CA LYS O 224 18.68 28.96 76.17
C LYS O 224 17.86 29.00 77.44
N VAL O 225 17.02 30.03 77.57
CA VAL O 225 16.19 30.22 78.75
C VAL O 225 14.75 30.37 78.29
N ASP O 226 13.86 29.57 78.84
CA ASP O 226 12.43 29.62 78.52
C ASP O 226 11.70 30.06 79.79
N LYS O 227 11.33 31.34 79.85
CA LYS O 227 10.67 31.90 81.03
C LYS O 227 9.16 31.97 80.81
N ARG O 228 8.41 31.55 81.82
CA ARG O 228 6.95 31.58 81.82
C ARG O 228 6.51 32.91 82.43
N VAL O 229 6.17 33.88 81.58
CA VAL O 229 5.74 35.19 82.06
C VAL O 229 4.40 35.06 82.76
N GLU O 230 4.36 35.39 84.04
CA GLU O 230 3.12 35.30 84.81
C GLU O 230 2.11 36.32 84.32
N PRO O 231 0.90 35.89 83.93
CA PRO O 231 -0.10 36.85 83.42
C PRO O 231 -0.69 37.75 84.48
N LYS O 232 -0.55 37.43 85.77
CA LYS O 232 -1.10 38.26 86.83
C LYS O 232 -0.24 39.48 87.05
N SER O 233 -0.77 40.66 86.71
CA SER O 233 -0.06 41.93 86.79
C SER O 233 -0.19 42.52 88.19
N CYS O 234 0.58 43.59 88.42
CA CYS O 234 0.58 44.31 89.69
C CYS O 234 0.25 45.78 89.53
N ASP O 235 0.06 46.26 88.30
CA ASP O 235 -0.27 47.65 88.03
C ASP O 235 -1.70 47.96 88.47
N LYS O 236 -1.85 48.95 89.35
CA LYS O 236 -3.16 49.32 89.87
C LYS O 236 -4.06 49.85 88.76
N GLY O 237 -3.47 50.41 87.70
CA GLY O 237 -4.27 50.92 86.60
C GLY O 237 -4.83 49.83 85.71
N LEU O 238 -4.35 48.60 85.88
CA LEU O 238 -4.79 47.45 85.10
C LEU O 238 -5.66 46.50 85.90
N GLU O 239 -5.53 46.49 87.24
CA GLU O 239 -6.31 45.61 88.09
C GLU O 239 -7.80 45.93 88.03
N VAL O 240 -8.17 47.15 87.63
CA VAL O 240 -9.58 47.50 87.54
C VAL O 240 -10.26 46.67 86.44
N LEU O 241 -9.52 46.36 85.37
CA LEU O 241 -10.08 45.57 84.28
C LEU O 241 -10.25 44.11 84.68
N PHE O 242 -9.51 43.63 85.66
CA PHE O 242 -9.62 42.25 86.11
C PHE O 242 -10.56 42.15 87.31
N SER P 1 38.21 57.12 53.48
CA SER P 1 38.01 56.66 52.11
C SER P 1 38.47 57.70 51.10
N VAL P 2 38.82 57.23 49.90
CA VAL P 2 39.28 58.13 48.84
C VAL P 2 38.15 58.74 48.04
N LEU P 3 36.94 58.17 48.10
CA LEU P 3 35.78 58.69 47.39
C LEU P 3 34.99 59.57 48.36
N THR P 4 34.90 60.86 48.04
CA THR P 4 34.29 61.85 48.90
C THR P 4 32.89 62.23 48.41
N GLN P 5 31.92 62.13 49.31
CA GLN P 5 30.54 62.54 49.06
C GLN P 5 30.24 63.80 49.86
N SER P 6 29.01 64.28 49.75
CA SER P 6 28.56 65.41 50.55
C SER P 6 28.27 64.94 51.97
N ALA P 7 28.70 65.73 52.96
CA ALA P 7 28.48 65.37 54.36
C ALA P 7 26.99 65.26 54.68
N SER P 8 26.24 66.33 54.44
CA SER P 8 24.80 66.32 54.70
C SER P 8 24.09 67.20 53.66
N VAL P 9 22.92 66.73 53.23
CA VAL P 9 22.09 67.46 52.27
C VAL P 9 20.64 67.28 52.70
N SER P 10 19.80 68.27 52.38
CA SER P 10 18.41 68.25 52.78
C SER P 10 17.52 68.55 51.60
N GLY P 11 16.21 68.34 51.80
CA GLY P 11 15.22 68.58 50.78
C GLY P 11 13.80 68.46 51.31
N SER P 12 12.88 69.25 50.76
CA SER P 12 11.49 69.24 51.19
C SER P 12 10.67 68.21 50.44
N LEU P 13 9.52 67.86 51.01
CA LEU P 13 8.63 66.89 50.39
C LEU P 13 8.10 67.40 49.06
N GLY P 14 8.06 66.52 48.06
CA GLY P 14 7.59 66.87 46.74
C GLY P 14 8.59 67.61 45.87
N GLN P 15 9.82 67.79 46.35
CA GLN P 15 10.87 68.47 45.62
C GLN P 15 11.99 67.48 45.30
N SER P 16 13.13 68.00 44.89
CA SER P 16 14.26 67.15 44.52
C SER P 16 15.47 67.47 45.40
N VAL P 17 16.47 66.60 45.33
CA VAL P 17 17.71 66.75 46.07
C VAL P 17 18.82 66.06 45.30
N THR P 18 19.98 66.71 45.18
CA THR P 18 21.10 66.17 44.43
C THR P 18 22.19 65.74 45.39
N ILE P 19 22.70 64.52 45.21
CA ILE P 19 23.76 63.97 46.02
C ILE P 19 25.02 63.85 45.17
N SER P 20 26.10 64.47 45.64
CA SER P 20 27.40 64.47 44.97
C SER P 20 28.24 63.26 45.37
N CYS P 21 29.12 62.84 44.45
CA CYS P 21 30.01 61.69 44.67
C CYS P 21 31.24 61.82 43.77
N THR P 22 32.30 62.44 44.32
CA THR P 22 33.53 62.72 43.59
C THR P 22 34.73 62.09 44.27
N GLY P 23 35.91 62.38 43.72
CA GLY P 23 37.16 61.87 44.22
C GLY P 23 38.30 62.05 43.24
N PRO P 24 39.48 61.53 43.59
CA PRO P 24 40.64 61.63 42.69
C PRO P 24 40.39 60.95 41.34
N ASN P 25 41.26 61.28 40.38
CA ASN P 25 41.12 60.71 39.04
C ASN P 25 41.38 59.22 39.03
N SER P 26 42.01 58.67 40.07
CA SER P 26 42.29 57.24 40.12
C SER P 26 41.05 56.44 40.45
N VAL P 27 39.99 57.10 40.92
CA VAL P 27 38.74 56.43 41.27
C VAL P 27 37.52 57.13 40.70
N CYS P 28 37.61 58.36 40.23
CA CYS P 28 36.46 59.09 39.74
C CYS P 28 36.91 60.23 38.84
N CYS P 29 36.32 60.34 37.66
CA CYS P 29 35.29 59.41 37.19
C CYS P 29 35.50 59.05 35.72
N SER P 30 36.60 59.54 35.13
CA SER P 30 36.90 59.23 33.75
C SER P 30 37.17 57.74 33.60
N HIS P 31 36.50 57.11 32.63
CA HIS P 31 36.60 55.68 32.39
C HIS P 31 36.20 54.88 33.63
N LYS P 32 35.27 55.40 34.41
CA LYS P 32 34.79 54.74 35.62
C LYS P 32 33.27 54.71 35.62
N SER P 33 32.71 53.70 36.28
CA SER P 33 31.27 53.55 36.41
C SER P 33 30.87 53.91 37.84
N ILE P 34 29.69 54.48 37.99
CA ILE P 34 29.17 54.93 39.28
C ILE P 34 27.83 54.29 39.56
N SER P 35 27.67 53.76 40.78
CA SER P 35 26.41 53.18 41.19
C SER P 35 25.98 53.83 42.51
N TRP P 36 24.70 53.66 42.85
CA TRP P 36 24.14 54.21 44.08
C TRP P 36 23.31 53.15 44.76
N TYR P 37 23.34 53.19 46.11
CA TYR P 37 22.66 52.26 47.00
C TYR P 37 21.99 52.98 48.17
N GLN P 38 20.74 52.60 48.43
CA GLN P 38 19.97 53.04 49.61
C GLN P 38 20.26 52.08 50.77
N TRP P 39 21.06 52.50 51.73
CA TRP P 39 21.53 51.63 52.81
C TRP P 39 21.04 52.15 54.16
N PRO P 40 19.87 51.71 54.61
CA PRO P 40 19.38 52.09 55.94
C PRO P 40 20.22 51.46 57.04
N PRO P 41 20.61 52.23 58.05
CA PRO P 41 21.44 51.67 59.14
C PRO P 41 20.77 50.49 59.81
N GLY P 42 21.48 49.36 59.84
CA GLY P 42 20.97 48.16 60.47
C GLY P 42 20.15 47.26 59.58
N ARG P 43 19.90 47.66 58.34
CA ARG P 43 19.09 46.88 57.41
C ARG P 43 19.91 46.53 56.17
N ALA P 44 19.28 45.81 55.25
CA ALA P 44 19.97 45.43 54.03
C ALA P 44 19.83 46.51 52.96
N PRO P 45 20.92 46.83 52.26
CA PRO P 45 20.85 47.87 51.24
C PRO P 45 20.09 47.39 50.01
N THR P 46 19.68 48.36 49.19
CA THR P 46 18.93 48.10 47.98
C THR P 46 19.59 48.86 46.83
N LEU P 47 19.88 48.14 45.75
CA LEU P 47 20.49 48.76 44.58
C LEU P 47 19.51 49.70 43.90
N ILE P 48 19.94 50.95 43.70
CA ILE P 48 19.12 51.97 43.07
C ILE P 48 19.61 52.28 41.66
N ILE P 49 20.85 52.75 41.53
CA ILE P 49 21.37 53.13 40.22
C ILE P 49 22.62 52.33 39.90
N TYR P 50 22.69 51.80 38.68
CA TYR P 50 23.87 51.13 38.18
C TYR P 50 24.22 51.69 36.81
N GLU P 51 25.51 51.67 36.48
CA GLU P 51 26.03 52.22 35.24
C GLU P 51 25.61 53.67 35.04
N ASP P 52 26.09 54.52 35.96
CA ASP P 52 25.88 55.97 35.90
C ASP P 52 24.43 56.40 35.98
N ASN P 53 23.64 56.14 34.92
CA ASN P 53 22.29 56.67 34.81
C ASN P 53 21.20 55.62 34.62
N GLU P 54 21.54 54.32 34.69
CA GLU P 54 20.54 53.29 34.49
C GLU P 54 19.96 52.84 35.82
N ARG P 55 18.64 52.71 35.89
CA ARG P 55 17.94 52.32 37.09
C ARG P 55 17.88 50.80 37.21
N ALA P 56 17.97 50.32 38.44
CA ALA P 56 17.87 48.90 38.71
C ALA P 56 16.45 48.41 38.46
N PRO P 57 16.29 47.11 38.19
CA PRO P 57 14.94 46.56 37.96
C PRO P 57 14.02 46.79 39.15
N GLY P 58 12.85 47.35 38.88
CA GLY P 58 11.86 47.59 39.90
C GLY P 58 12.00 48.91 40.63
N ILE P 59 12.91 49.78 40.20
CA ILE P 59 13.12 51.07 40.85
C ILE P 59 12.19 52.11 40.22
N SER P 60 11.48 52.83 41.08
CA SER P 60 10.57 53.87 40.62
C SER P 60 11.33 54.91 39.81
N PRO P 61 10.72 55.48 38.76
CA PRO P 61 11.42 56.47 37.93
C PRO P 61 11.69 57.79 38.65
N ARG P 62 11.39 57.87 39.94
CA ARG P 62 11.65 59.08 40.70
C ARG P 62 13.13 59.31 40.93
N PHE P 63 13.95 58.27 40.81
CA PHE P 63 15.40 58.36 40.99
C PHE P 63 16.07 58.55 39.64
N SER P 64 17.14 59.34 39.61
CA SER P 64 17.87 59.55 38.37
C SER P 64 19.33 59.83 38.68
N GLY P 65 20.19 59.39 37.78
CA GLY P 65 21.63 59.55 37.96
C GLY P 65 22.27 60.34 36.85
N TYR P 66 23.47 60.87 37.09
CA TYR P 66 24.15 61.63 36.05
C TYR P 66 25.63 61.69 36.39
N LYS P 67 26.49 61.29 35.46
CA LYS P 67 27.93 61.30 35.70
C LYS P 67 28.61 62.26 34.74
N SER P 68 29.48 63.08 35.28
CA SER P 68 30.33 64.02 34.56
C SER P 68 31.71 63.39 34.42
N TYR P 69 32.73 64.20 34.16
CA TYR P 69 34.09 63.70 34.01
C TYR P 69 34.86 63.72 35.31
N TRP P 70 34.32 64.36 36.35
CA TRP P 70 35.00 64.47 37.63
C TRP P 70 34.18 63.96 38.82
N SER P 71 32.86 63.82 38.68
CA SER P 71 31.99 63.38 39.77
C SER P 71 30.67 62.86 39.21
N ALA P 72 29.91 62.20 40.09
CA ALA P 72 28.59 61.69 39.73
C ALA P 72 27.56 62.26 40.70
N TYR P 73 26.31 62.24 40.27
CA TYR P 73 25.23 62.83 41.05
C TYR P 73 24.00 61.93 41.03
N LEU P 74 23.16 62.13 42.03
CA LEU P 74 21.91 61.37 42.19
C LEU P 74 20.78 62.30 42.62
N THR P 75 19.79 62.45 41.74
CA THR P 75 18.63 63.31 41.97
C THR P 75 17.43 62.42 42.34
N ILE P 76 16.83 62.70 43.48
CA ILE P 76 15.67 61.97 43.98
C ILE P 76 14.46 62.89 43.90
N SER P 77 13.69 62.80 42.83
CA SER P 77 12.51 63.63 42.64
C SER P 77 11.35 63.10 43.47
N ASP P 78 10.47 64.02 43.88
CA ASP P 78 9.32 63.71 44.72
C ASP P 78 9.72 62.96 45.99
N LEU P 79 10.29 63.69 46.94
CA LEU P 79 10.80 63.07 48.16
C LEU P 79 9.68 62.45 48.98
N ARG P 80 9.97 61.30 49.59
CA ARG P 80 9.06 60.55 50.44
C ARG P 80 9.56 60.53 51.87
N PRO P 81 8.67 60.34 52.85
CA PRO P 81 9.11 60.25 54.25
C PRO P 81 10.06 59.09 54.51
N GLU P 82 10.04 58.05 53.68
CA GLU P 82 10.92 56.89 53.86
C GLU P 82 12.21 57.03 53.06
N ASP P 83 12.58 58.25 52.66
CA ASP P 83 13.81 58.51 51.95
C ASP P 83 14.85 59.18 52.83
N GLU P 84 14.52 59.45 54.10
CA GLU P 84 15.44 60.07 55.05
C GLU P 84 16.34 59.00 55.64
N THR P 85 17.47 58.74 54.98
CA THR P 85 18.42 57.73 55.43
C THR P 85 19.78 58.02 54.80
N THR P 86 20.67 57.04 54.87
CA THR P 86 22.02 57.17 54.33
C THR P 86 22.08 56.55 52.94
N TYR P 87 22.71 57.25 52.01
CA TYR P 87 22.84 56.79 50.63
C TYR P 87 24.32 56.75 50.26
N TYR P 88 24.79 55.58 49.84
CA TYR P 88 26.19 55.41 49.45
C TYR P 88 26.33 55.27 47.94
N CYS P 89 27.47 55.73 47.43
CA CYS P 89 27.82 55.56 46.04
C CYS P 89 29.04 54.65 45.93
N CYS P 90 29.24 54.12 44.73
CA CYS P 90 30.34 53.20 44.49
C CYS P 90 30.97 53.48 43.14
N SER P 91 32.30 53.64 43.14
CA SER P 91 33.08 53.82 41.93
C SER P 91 33.67 52.46 41.58
N TYR P 92 33.34 51.95 40.40
CA TYR P 92 33.78 50.62 40.03
C TYR P 92 33.97 50.53 38.52
N THR P 93 34.55 49.41 38.09
CA THR P 93 34.73 49.10 36.69
C THR P 93 34.34 47.65 36.48
N HIS P 94 34.71 47.10 35.32
CA HIS P 94 34.44 45.70 35.03
C HIS P 94 35.46 44.81 35.71
N ASN P 95 36.66 45.33 35.97
CA ASN P 95 37.75 44.58 36.56
C ASN P 95 37.91 44.84 38.06
N SER P 96 38.15 46.09 38.43
CA SER P 96 38.34 46.42 39.83
C SER P 96 37.03 46.22 40.60
N GLY P 97 37.13 46.31 41.91
CA GLY P 97 35.99 46.11 42.79
C GLY P 97 35.31 47.43 43.08
N CYS P 98 34.68 47.49 44.24
CA CYS P 98 33.94 48.69 44.62
C CYS P 98 34.74 49.47 45.64
N VAL P 99 34.72 50.79 45.50
CA VAL P 99 35.36 51.69 46.46
C VAL P 99 34.27 52.66 46.91
N PHE P 100 33.62 52.32 48.03
CA PHE P 100 32.52 53.09 48.56
C PHE P 100 33.00 54.46 49.03
N GLY P 101 32.05 55.38 49.17
CA GLY P 101 32.33 56.72 49.61
C GLY P 101 32.19 56.88 51.12
N THR P 102 32.17 58.13 51.55
CA THR P 102 32.05 58.43 52.98
C THR P 102 30.62 58.29 53.48
N GLY P 103 29.64 58.50 52.61
CA GLY P 103 28.23 58.39 52.96
C GLY P 103 27.55 59.75 52.99
N THR P 104 26.24 59.73 52.77
CA THR P 104 25.44 60.95 52.77
C THR P 104 24.16 60.71 53.54
N LYS P 105 23.99 61.41 54.65
CA LYS P 105 22.78 61.33 55.48
C LYS P 105 21.78 62.36 54.97
N VAL P 106 20.73 61.89 54.30
CA VAL P 106 19.72 62.77 53.71
C VAL P 106 18.62 63.00 54.74
N SER P 107 18.35 64.27 55.05
CA SER P 107 17.29 64.64 55.98
C SER P 107 16.14 65.26 55.21
N VAL P 108 14.95 64.70 55.36
CA VAL P 108 13.75 65.18 54.66
C VAL P 108 13.06 66.17 55.60
N LEU P 109 13.00 67.43 55.19
CA LEU P 109 12.38 68.48 55.98
C LEU P 109 10.88 68.56 55.75
N GLY P 110 10.14 68.85 56.81
CA GLY P 110 8.71 69.12 56.72
C GLY P 110 7.82 67.91 56.81
N GLN P 111 7.78 67.25 57.97
CA GLN P 111 6.97 66.06 58.17
C GLN P 111 6.06 66.26 59.38
N SER P 112 5.43 65.17 59.83
CA SER P 112 4.42 65.20 60.87
C SER P 112 5.03 64.81 62.21
N LYS P 113 4.18 64.69 63.22
CA LYS P 113 4.59 64.46 64.60
C LYS P 113 4.13 63.09 65.09
N ALA P 114 4.57 62.75 66.29
CA ALA P 114 4.20 61.51 66.97
C ALA P 114 4.55 61.60 68.46
N ASN P 115 3.61 61.23 69.32
CA ASN P 115 3.84 61.35 70.76
C ASN P 115 4.50 60.09 71.30
N PRO P 116 5.47 60.24 72.20
CA PRO P 116 6.23 59.07 72.67
C PRO P 116 5.48 58.25 73.70
N SER P 117 5.65 56.94 73.60
CA SER P 117 5.07 55.97 74.52
C SER P 117 6.16 55.49 75.47
N VAL P 118 6.09 55.94 76.73
CA VAL P 118 7.08 55.64 77.75
C VAL P 118 6.50 54.63 78.72
N THR P 119 7.27 53.60 79.05
CA THR P 119 6.85 52.59 80.02
C THR P 119 8.00 52.26 80.97
N LEU P 120 7.80 52.49 82.26
CA LEU P 120 8.82 52.24 83.27
C LEU P 120 8.55 50.92 84.00
N PHE P 121 9.56 50.04 84.05
CA PHE P 121 9.44 48.77 84.72
C PHE P 121 10.28 48.74 85.98
N PRO P 122 9.69 48.29 87.09
CA PRO P 122 10.41 48.12 88.36
C PRO P 122 11.18 46.82 88.39
N PRO P 123 12.19 46.71 89.25
CA PRO P 123 12.95 45.46 89.35
C PRO P 123 12.06 44.28 89.77
N SER P 124 12.23 43.16 89.10
CA SER P 124 11.45 41.96 89.34
C SER P 124 11.77 41.35 90.71
N SER P 125 10.92 40.41 91.12
CA SER P 125 11.10 39.75 92.43
C SER P 125 12.31 38.83 92.42
N GLU P 126 12.67 38.30 91.26
CA GLU P 126 13.85 37.42 91.18
C GLU P 126 15.13 38.24 91.32
N GLU P 127 15.08 39.51 90.94
CA GLU P 127 16.24 40.39 91.04
C GLU P 127 16.42 40.92 92.46
N LEU P 128 15.34 40.95 93.25
CA LEU P 128 15.42 41.40 94.64
C LEU P 128 15.99 40.33 95.55
N GLN P 129 16.21 39.13 95.02
CA GLN P 129 16.81 38.02 95.75
C GLN P 129 18.24 37.76 95.29
N ALA P 130 18.75 38.61 94.39
CA ALA P 130 20.11 38.46 93.87
C ALA P 130 21.17 38.99 94.84
N ASN P 131 21.03 40.22 95.37
CA ASN P 131 19.93 41.18 95.19
C ASN P 131 20.37 42.45 94.49
N LYS P 132 19.65 42.85 93.43
CA LYS P 132 19.95 44.07 92.69
C LYS P 132 18.64 44.79 92.37
N ALA P 133 18.76 45.96 91.74
CA ALA P 133 17.60 46.74 91.35
C ALA P 133 17.93 47.59 90.14
N THR P 134 17.22 47.36 89.03
CA THR P 134 17.44 48.09 87.79
C THR P 134 16.11 48.61 87.27
N LEU P 135 15.99 49.93 87.14
CA LEU P 135 14.78 50.55 86.61
C LEU P 135 14.92 50.65 85.09
N VAL P 136 13.88 50.20 84.38
CA VAL P 136 13.88 50.17 82.91
C VAL P 136 12.89 51.21 82.37
N CYS P 137 13.39 52.23 81.67
CA CYS P 137 12.55 53.27 81.09
C CYS P 137 12.56 53.06 79.57
N LEU P 138 11.49 52.49 79.02
CA LEU P 138 11.42 52.20 77.59
C LEU P 138 10.67 53.31 76.87
N ILE P 139 11.26 53.83 75.79
CA ILE P 139 10.66 54.89 74.99
C ILE P 139 10.44 54.37 73.57
N SER P 140 9.24 54.58 73.02
CA SER P 140 9.00 54.08 71.68
C SER P 140 8.01 54.98 70.95
N ASP P 141 8.03 54.91 69.62
CA ASP P 141 7.10 55.65 68.77
C ASP P 141 7.17 57.17 69.01
N PHE P 142 8.34 57.74 68.73
CA PHE P 142 8.53 59.18 68.86
C PHE P 142 9.30 59.69 67.66
N TYR P 143 8.90 60.86 67.16
CA TYR P 143 9.52 61.50 66.00
C TYR P 143 9.62 63.00 66.22
N PRO P 144 10.78 63.61 65.91
CA PRO P 144 12.00 62.97 65.40
C PRO P 144 12.77 62.22 66.48
N GLY P 145 13.87 61.56 66.08
CA GLY P 145 14.65 60.79 67.03
C GLY P 145 15.62 61.64 67.82
N ALA P 146 15.12 62.39 68.79
CA ALA P 146 15.99 63.23 69.63
C ALA P 146 15.25 63.48 70.95
N VAL P 147 15.57 62.70 71.96
CA VAL P 147 14.96 62.81 73.27
C VAL P 147 16.04 62.79 74.34
N THR P 148 15.75 63.38 75.49
CA THR P 148 16.67 63.39 76.62
C THR P 148 15.99 62.71 77.80
N VAL P 149 16.76 61.93 78.57
CA VAL P 149 16.22 61.18 79.70
C VAL P 149 16.88 61.62 81.00
N ALA P 150 16.06 62.01 81.97
CA ALA P 150 16.50 62.40 83.29
C ALA P 150 15.79 61.54 84.33
N TRP P 151 16.50 61.15 85.38
CA TRP P 151 15.93 60.31 86.43
C TRP P 151 15.81 61.10 87.71
N LYS P 152 14.83 60.75 88.53
CA LYS P 152 14.68 61.44 89.82
C LYS P 152 14.37 60.45 90.93
N ALA P 153 15.05 60.64 92.07
CA ALA P 153 14.84 59.82 93.27
C ALA P 153 14.04 60.62 94.28
N ASP P 154 12.73 60.36 94.34
CA ASP P 154 11.81 61.08 95.22
C ASP P 154 11.87 62.59 94.94
N SER P 155 11.54 62.96 93.70
CA SER P 155 11.56 64.36 93.28
C SER P 155 12.93 65.01 93.46
N SER P 156 14.01 64.24 93.29
CA SER P 156 15.35 64.82 93.43
C SER P 156 16.31 64.27 92.39
N PRO P 157 16.89 65.15 91.54
CA PRO P 157 17.82 64.74 90.48
C PRO P 157 18.76 63.59 90.84
N VAL P 158 18.99 62.70 89.87
CA VAL P 158 19.89 61.56 90.03
C VAL P 158 21.02 61.69 89.02
N LYS P 159 22.26 61.60 89.51
CA LYS P 159 23.44 61.74 88.66
C LYS P 159 24.32 60.50 88.65
N ALA P 160 23.93 59.43 89.35
CA ALA P 160 24.72 58.21 89.43
C ALA P 160 23.92 57.03 88.88
N GLY P 161 24.56 56.25 88.01
CA GLY P 161 23.92 55.07 87.44
C GLY P 161 22.88 55.35 86.38
N VAL P 162 22.99 56.48 85.69
CA VAL P 162 22.07 56.89 84.65
C VAL P 162 22.66 56.55 83.29
N GLU P 163 21.96 55.74 82.50
CA GLU P 163 22.48 55.40 81.18
C GLU P 163 21.33 55.32 80.19
N THR P 164 21.54 55.88 78.99
CA THR P 164 20.49 55.90 77.99
C THR P 164 21.05 55.54 76.62
N THR P 165 20.32 54.71 75.89
CA THR P 165 20.73 54.26 74.57
C THR P 165 20.44 55.33 73.53
N THR P 166 21.02 55.13 72.34
CA THR P 166 20.80 56.05 71.23
C THR P 166 19.48 55.74 70.53
N PRO P 167 18.77 56.75 70.04
CA PRO P 167 17.49 56.52 69.35
C PRO P 167 17.68 55.69 68.09
N SER P 168 16.99 54.55 68.03
CA SER P 168 17.09 53.64 66.90
C SER P 168 15.76 53.61 66.14
N LYS P 169 15.86 53.64 64.81
CA LYS P 169 14.67 53.62 63.97
C LYS P 169 14.03 52.24 63.93
N GLN P 170 12.72 52.19 64.15
CA GLN P 170 11.98 50.94 64.13
C GLN P 170 11.58 50.57 62.70
N SER P 171 10.62 49.67 62.55
CA SER P 171 10.15 49.25 61.24
C SER P 171 8.96 50.06 60.75
N ASN P 172 8.26 50.75 61.66
CA ASN P 172 7.11 51.58 61.33
C ASN P 172 7.50 53.03 61.10
N ASN P 173 8.71 53.28 60.63
CA ASN P 173 9.23 54.62 60.34
C ASN P 173 9.20 55.52 61.58
N LYS P 174 9.37 54.95 62.76
CA LYS P 174 9.44 55.71 64.00
C LYS P 174 10.71 55.32 64.76
N TYR P 175 10.97 56.02 65.85
CA TYR P 175 12.16 55.80 66.65
C TYR P 175 11.84 55.24 68.02
N ALA P 176 12.83 54.58 68.61
CA ALA P 176 12.71 53.97 69.93
C ALA P 176 14.04 54.10 70.67
N ALA P 177 13.98 54.00 71.98
CA ALA P 177 15.17 54.09 72.83
C ALA P 177 14.88 53.37 74.15
N SER P 178 15.89 53.35 75.02
CA SER P 178 15.76 52.70 76.32
C SER P 178 16.80 53.26 77.27
N SER P 179 16.37 53.59 78.48
CA SER P 179 17.24 54.11 79.53
C SER P 179 17.17 53.18 80.74
N TYR P 180 18.27 53.08 81.46
CA TYR P 180 18.35 52.20 82.61
C TYR P 180 19.00 52.92 83.78
N LEU P 181 18.49 52.63 84.98
CA LEU P 181 19.01 53.20 86.21
C LEU P 181 19.39 52.08 87.16
N SER P 182 20.68 51.98 87.47
CA SER P 182 21.22 50.98 88.39
C SER P 182 21.11 51.52 89.81
N LEU P 183 20.38 50.83 90.68
CA LEU P 183 20.20 51.28 92.05
C LEU P 183 20.54 50.13 93.01
N THR P 184 20.77 50.50 94.26
CA THR P 184 21.06 49.56 95.33
C THR P 184 19.80 49.18 96.08
N PRO P 185 19.74 47.97 96.64
CA PRO P 185 18.54 47.56 97.41
C PRO P 185 18.20 48.49 98.56
N GLU P 186 19.17 49.27 99.06
CA GLU P 186 18.88 50.19 100.15
C GLU P 186 18.14 51.42 99.64
N GLN P 187 18.61 51.98 98.52
CA GLN P 187 17.97 53.17 97.96
C GLN P 187 16.57 52.84 97.44
N TRP P 188 16.35 51.58 97.05
CA TRP P 188 15.04 51.16 96.56
C TRP P 188 14.03 51.08 97.69
N LYS P 189 14.48 50.86 98.93
CA LYS P 189 13.58 50.74 100.07
C LYS P 189 13.64 51.96 100.98
N SER P 190 14.35 53.02 100.56
CA SER P 190 14.46 54.24 101.35
C SER P 190 13.79 55.43 100.69
N HIS P 191 13.42 55.33 99.41
CA HIS P 191 12.77 56.41 98.69
C HIS P 191 11.31 56.06 98.44
N ARG P 192 10.45 57.08 98.48
CA ARG P 192 9.02 56.87 98.29
C ARG P 192 8.69 56.51 96.84
N SER P 193 9.40 57.09 95.89
CA SER P 193 9.12 56.81 94.48
C SER P 193 10.30 57.25 93.63
N TYR P 194 10.36 56.71 92.41
CA TYR P 194 11.37 57.05 91.43
C TYR P 194 10.70 57.42 90.12
N SER P 195 11.25 58.41 89.41
CA SER P 195 10.64 58.88 88.18
C SER P 195 11.63 58.83 87.02
N CYS P 196 11.06 58.89 85.81
CA CYS P 196 11.81 58.87 84.56
C CYS P 196 11.21 59.93 83.63
N GLN P 197 11.82 61.11 83.62
CA GLN P 197 11.39 62.23 82.81
C GLN P 197 12.02 62.10 81.42
N VAL P 198 11.22 62.23 80.37
CA VAL P 198 11.69 62.17 78.99
C VAL P 198 11.28 63.46 78.30
N THR P 199 12.26 64.24 77.86
CA THR P 199 12.04 65.52 77.21
C THR P 199 12.16 65.34 75.70
N HIS P 200 11.20 65.90 74.96
CA HIS P 200 11.16 65.84 73.51
C HIS P 200 10.50 67.10 72.96
N GLU P 201 11.28 67.90 72.24
CA GLU P 201 10.80 69.12 71.61
C GLU P 201 10.14 70.05 72.61
N GLY P 202 10.73 70.16 73.79
CA GLY P 202 10.20 71.02 74.83
C GLY P 202 9.21 70.34 75.76
N SER P 203 8.41 69.42 75.22
CA SER P 203 7.42 68.71 76.03
C SER P 203 8.09 67.61 76.83
N THR P 204 7.89 67.62 78.14
CA THR P 204 8.50 66.64 79.02
C THR P 204 7.43 65.75 79.64
N VAL P 205 7.52 64.46 79.32
CA VAL P 205 6.64 63.43 79.85
C VAL P 205 7.38 62.80 81.03
N GLU P 206 6.64 62.18 81.94
CA GLU P 206 7.28 61.65 83.14
C GLU P 206 6.49 60.46 83.63
N LYS P 207 7.19 59.37 83.94
CA LYS P 207 6.55 58.19 84.51
C LYS P 207 7.19 57.88 85.86
N THR P 208 6.36 57.52 86.84
CA THR P 208 6.83 57.33 88.20
C THR P 208 6.31 56.03 88.79
N VAL P 209 7.22 55.24 89.35
CA VAL P 209 6.87 54.03 90.08
C VAL P 209 7.19 54.27 91.55
N ALA P 210 6.49 53.53 92.41
CA ALA P 210 6.66 53.71 93.85
C ALA P 210 6.87 52.35 94.53
N PRO P 211 7.98 52.16 95.26
CA PRO P 211 8.17 50.90 95.97
C PRO P 211 7.26 50.75 97.18
N THR P 212 6.74 51.85 97.72
CA THR P 212 5.89 51.79 98.90
C THR P 212 4.54 51.12 98.62
N GLU P 213 4.15 51.01 97.36
CA GLU P 213 2.89 50.37 97.01
C GLU P 213 3.07 49.41 95.84
N VAL Q 1 24.23 38.16 -28.99
CA VAL Q 1 24.35 36.72 -29.18
C VAL Q 1 23.79 35.98 -27.98
N PHE Q 2 23.07 34.88 -28.23
CA PHE Q 2 22.48 34.06 -27.18
C PHE Q 2 22.77 32.59 -27.50
N LEU Q 3 23.82 32.05 -26.88
CA LEU Q 3 24.22 30.67 -27.13
C LEU Q 3 23.23 29.68 -26.55
N GLY Q 4 22.43 30.10 -25.58
CA GLY Q 4 21.43 29.26 -24.95
C GLY Q 4 21.88 28.73 -23.61
N PHE Q 5 21.09 27.81 -23.08
CA PHE Q 5 21.38 27.19 -21.80
C PHE Q 5 22.73 26.46 -21.86
N LEU Q 6 23.60 26.76 -20.88
CA LEU Q 6 24.95 26.18 -20.82
C LEU Q 6 25.77 26.49 -22.06
N GLY Q 7 25.44 27.59 -22.73
CA GLY Q 7 26.08 27.97 -23.97
C GLY Q 7 27.58 28.17 -23.90
N ALA Q 8 28.02 29.07 -23.03
CA ALA Q 8 29.43 29.41 -22.88
C ALA Q 8 30.15 28.50 -21.89
N ALA Q 9 29.97 27.19 -22.05
CA ALA Q 9 30.61 26.24 -21.15
C ALA Q 9 32.10 26.09 -21.47
N GLY Q 10 32.47 26.16 -22.75
CA GLY Q 10 33.85 26.06 -23.16
C GLY Q 10 34.56 27.39 -23.33
N SER Q 11 33.86 28.49 -23.12
CA SER Q 11 34.43 29.82 -23.23
C SER Q 11 35.09 30.22 -21.91
N THR Q 12 35.90 31.27 -21.96
CA THR Q 12 36.55 31.77 -20.76
C THR Q 12 35.52 32.27 -19.75
N MET Q 13 35.97 32.37 -18.50
CA MET Q 13 35.08 32.81 -17.42
C MET Q 13 34.61 34.24 -17.66
N GLY Q 14 35.49 35.08 -18.22
CA GLY Q 14 35.09 36.44 -18.53
C GLY Q 14 34.02 36.48 -19.60
N ALA Q 15 34.11 35.57 -20.58
CA ALA Q 15 33.12 35.50 -21.63
C ALA Q 15 31.84 34.84 -21.12
N ALA Q 16 31.99 33.84 -20.26
CA ALA Q 16 30.84 33.13 -19.72
C ALA Q 16 30.09 33.96 -18.67
N SER Q 17 30.69 35.05 -18.21
CA SER Q 17 30.03 35.92 -17.23
C SER Q 17 28.94 36.76 -17.87
N MET Q 18 28.84 36.76 -19.20
CA MET Q 18 27.80 37.47 -19.93
C MET Q 18 26.54 36.64 -20.08
N THR Q 19 26.62 35.34 -19.84
CA THR Q 19 25.53 34.39 -20.01
C THR Q 19 24.94 33.96 -18.68
N LEU Q 20 25.11 34.78 -17.64
CA LEU Q 20 24.64 34.42 -16.30
C LEU Q 20 23.12 34.39 -16.25
N THR Q 21 22.45 35.29 -16.97
CA THR Q 21 21.00 35.36 -16.92
C THR Q 21 20.33 34.29 -17.77
N VAL Q 22 21.08 33.39 -18.39
CA VAL Q 22 20.53 32.33 -19.22
C VAL Q 22 20.44 31.01 -18.45
N GLN Q 23 21.50 30.63 -17.76
CA GLN Q 23 21.47 29.40 -16.96
C GLN Q 23 20.64 29.58 -15.70
N ALA Q 24 20.42 30.83 -15.28
CA ALA Q 24 19.61 31.11 -14.09
C ALA Q 24 18.12 31.06 -14.42
N ARG Q 25 17.78 31.37 -15.68
CA ARG Q 25 16.39 31.39 -16.10
C ARG Q 25 15.83 29.98 -16.19
N ASN Q 26 16.57 29.08 -16.86
CA ASN Q 26 16.12 27.70 -17.05
C ASN Q 26 16.54 26.79 -15.90
N LEU Q 27 16.74 27.35 -14.70
CA LEU Q 27 17.18 26.58 -13.56
C LEU Q 27 16.00 26.09 -12.73
N LEU Q 28 14.89 26.81 -12.76
CA LEU Q 28 13.66 26.47 -12.05
C LEU Q 28 12.57 25.98 -12.98
N SER Q 29 12.44 26.58 -14.17
CA SER Q 29 11.47 26.18 -15.18
C SER Q 29 10.04 26.14 -14.64
N GLY Q 30 9.41 27.30 -14.51
CA GLY Q 30 8.05 27.38 -14.01
C GLY Q 30 7.94 27.09 -12.52
N THR Q 52 -1.55 6.60 -8.10
CA THR Q 52 -0.93 5.87 -9.20
C THR Q 52 0.55 6.19 -9.30
N VAL Q 53 1.37 5.15 -9.43
CA VAL Q 53 2.83 5.30 -9.50
C VAL Q 53 3.20 5.88 -10.87
N TRP Q 54 4.50 5.99 -11.13
CA TRP Q 54 5.03 6.52 -12.38
C TRP Q 54 4.73 8.02 -12.54
N GLY Q 55 3.73 8.52 -11.80
CA GLY Q 55 3.45 9.94 -11.79
C GLY Q 55 4.13 10.63 -10.62
N ILE Q 56 4.49 9.84 -9.61
CA ILE Q 56 5.25 10.35 -8.47
C ILE Q 56 6.73 10.43 -8.80
N LYS Q 57 7.13 9.82 -9.93
CA LYS Q 57 8.52 9.83 -10.37
C LYS Q 57 8.95 11.26 -10.66
N GLN Q 58 8.06 12.05 -11.24
CA GLN Q 58 8.37 13.44 -11.56
C GLN Q 58 8.08 14.34 -10.37
N LEU Q 59 7.16 13.92 -9.50
CA LEU Q 59 6.83 14.71 -8.32
C LEU Q 59 8.03 14.80 -7.38
N GLN Q 60 8.59 13.64 -7.00
CA GLN Q 60 9.74 13.64 -6.11
C GLN Q 60 10.97 14.30 -6.74
N ALA Q 61 11.00 14.35 -8.07
CA ALA Q 61 12.14 14.96 -8.75
C ALA Q 61 11.99 16.48 -8.77
N ARG Q 62 10.80 16.98 -9.03
CA ARG Q 62 10.63 18.42 -9.06
C ARG Q 62 10.56 18.98 -7.65
N VAL Q 63 10.34 18.11 -6.66
CA VAL Q 63 10.45 18.54 -5.28
C VAL Q 63 11.91 18.66 -4.90
N LEU Q 64 12.75 17.71 -5.33
CA LEU Q 64 14.16 17.88 -5.06
C LEU Q 64 14.72 19.05 -5.87
N ALA Q 65 14.06 19.37 -6.99
CA ALA Q 65 14.48 20.49 -7.84
C ALA Q 65 14.27 21.81 -7.12
N VAL Q 66 13.13 21.94 -6.44
CA VAL Q 66 12.86 23.19 -5.76
C VAL Q 66 13.61 23.23 -4.44
N GLU Q 67 13.94 22.08 -3.86
CA GLU Q 67 14.75 22.10 -2.65
C GLU Q 67 16.18 22.50 -2.99
N ARG Q 68 16.68 22.10 -4.16
CA ARG Q 68 18.01 22.49 -4.61
C ARG Q 68 18.04 23.97 -4.96
N TYR Q 69 16.90 24.48 -5.45
CA TYR Q 69 16.84 25.89 -5.80
C TYR Q 69 16.82 26.73 -4.54
N LEU Q 70 15.97 26.40 -3.58
CA LEU Q 70 15.93 27.19 -2.36
C LEU Q 70 17.22 27.03 -1.56
N ARG Q 71 17.92 25.89 -1.73
CA ARG Q 71 19.21 25.71 -1.06
C ARG Q 71 20.22 26.73 -1.58
N ASP Q 72 20.31 26.84 -2.91
CA ASP Q 72 21.23 27.82 -3.48
C ASP Q 72 20.76 29.25 -3.18
N GLN Q 73 19.45 29.48 -3.15
CA GLN Q 73 18.96 30.83 -2.84
C GLN Q 73 19.26 31.19 -1.38
N GLN Q 74 19.25 30.21 -0.49
CA GLN Q 74 19.57 30.47 0.91
C GLN Q 74 21.04 30.82 1.05
N LEU Q 75 21.92 30.07 0.38
CA LEU Q 75 23.33 30.43 0.41
C LEU Q 75 23.56 31.81 -0.20
N LEU Q 76 22.87 32.11 -1.31
CA LEU Q 76 23.01 33.42 -1.95
C LEU Q 76 22.42 34.55 -1.12
N GLY Q 77 21.54 34.24 -0.15
CA GLY Q 77 20.91 35.24 0.68
C GLY Q 77 21.66 35.53 1.96
N ILE Q 78 22.16 34.47 2.63
CA ILE Q 78 22.86 34.68 3.88
C ILE Q 78 24.21 35.37 3.66
N TRP Q 79 24.75 35.32 2.45
CA TRP Q 79 25.97 36.04 2.11
C TRP Q 79 25.66 37.51 1.82
N GLY Q 80 26.71 38.27 1.49
CA GLY Q 80 26.59 39.67 1.13
C GLY Q 80 26.20 39.92 -0.31
N CYS Q 81 25.10 39.31 -0.75
CA CYS Q 81 24.63 39.38 -2.12
C CYS Q 81 23.15 39.71 -2.15
N SER Q 82 22.31 38.72 -1.86
CA SER Q 82 20.85 38.81 -1.96
C SER Q 82 20.46 39.10 -3.40
N GLY Q 83 20.85 40.27 -3.92
CA GLY Q 83 20.69 40.52 -5.33
C GLY Q 83 21.49 39.48 -6.09
N LYS Q 84 20.82 38.69 -6.95
CA LYS Q 84 21.44 37.53 -7.58
C LYS Q 84 22.46 37.92 -8.64
N LEU Q 85 22.75 36.98 -9.55
CA LEU Q 85 23.72 37.21 -10.61
C LEU Q 85 25.12 37.49 -10.09
N ILE Q 86 25.40 38.74 -9.76
CA ILE Q 86 26.71 39.17 -9.27
C ILE Q 86 26.59 40.00 -8.01
N CYS Q 87 27.64 39.92 -7.19
CA CYS Q 87 27.78 40.70 -5.98
C CYS Q 87 29.25 40.66 -5.59
N CYS Q 88 29.71 41.74 -4.96
CA CYS Q 88 31.10 41.85 -4.54
C CYS Q 88 31.19 41.52 -3.04
N THR Q 89 32.40 41.22 -2.58
CA THR Q 89 32.59 40.91 -1.17
C THR Q 89 33.92 41.45 -0.66
N ASN Q 90 33.97 41.64 0.66
CA ASN Q 90 35.15 42.16 1.36
C ASN Q 90 35.98 41.00 1.90
N VAL Q 91 36.35 40.08 1.02
CA VAL Q 91 37.15 38.92 1.37
C VAL Q 91 38.43 38.92 0.54
N PRO Q 92 39.59 38.97 1.17
CA PRO Q 92 40.87 38.95 0.43
C PRO Q 92 41.11 37.61 -0.24
N TRP Q 93 41.50 37.64 -1.51
CA TRP Q 93 41.75 36.41 -2.24
C TRP Q 93 43.04 35.78 -1.75
N ASN Q 94 42.91 34.63 -1.09
CA ASN Q 94 44.02 33.87 -0.58
C ASN Q 94 44.86 33.27 -1.70
N SER Q 95 46.18 33.53 -1.65
CA SER Q 95 47.06 33.06 -2.72
C SER Q 95 47.11 31.53 -2.79
N SER Q 96 46.84 30.85 -1.67
CA SER Q 96 46.90 29.39 -1.67
C SER Q 96 45.78 28.77 -2.50
N TRP Q 97 44.72 29.53 -2.79
CA TRP Q 97 43.59 29.05 -3.57
C TRP Q 97 43.91 29.22 -5.06
N SER Q 98 44.97 28.53 -5.48
CA SER Q 98 45.49 28.57 -6.84
C SER Q 98 45.82 30.02 -7.21
N ASN Q 99 47.03 30.45 -6.85
CA ASN Q 99 47.45 31.82 -7.08
C ASN Q 99 47.59 32.09 -8.57
N ARG Q 100 46.52 32.62 -9.16
CA ARG Q 100 46.52 33.00 -10.57
C ARG Q 100 46.31 34.50 -10.68
N ASN Q 101 46.51 35.01 -11.89
CA ASN Q 101 46.42 36.44 -12.15
C ASN Q 101 45.02 36.78 -12.68
N LEU Q 102 44.71 38.09 -12.68
CA LEU Q 102 43.43 38.57 -13.19
C LEU Q 102 43.24 38.23 -14.66
N SER Q 103 44.29 38.40 -15.46
CA SER Q 103 44.20 38.15 -16.89
C SER Q 103 44.39 36.68 -17.23
N GLU Q 104 44.79 35.85 -16.27
CA GLU Q 104 45.01 34.43 -16.49
C GLU Q 104 43.81 33.59 -16.10
N ILE Q 105 42.78 34.20 -15.52
CA ILE Q 105 41.57 33.53 -15.09
C ILE Q 105 40.40 33.85 -16.02
N TRP Q 106 40.13 35.13 -16.25
CA TRP Q 106 39.00 35.55 -17.06
C TRP Q 106 39.27 35.43 -18.55
N ASP Q 107 40.53 35.23 -18.95
CA ASP Q 107 40.90 35.19 -20.36
C ASP Q 107 41.76 33.97 -20.66
N ASN Q 108 41.71 32.94 -19.80
CA ASN Q 108 42.50 31.73 -20.03
C ASN Q 108 41.99 30.53 -19.25
N MET Q 109 40.75 30.52 -18.79
CA MET Q 109 40.25 29.41 -17.99
C MET Q 109 38.73 29.34 -18.06
N THR Q 110 38.20 28.12 -18.15
CA THR Q 110 36.77 27.88 -18.16
C THR Q 110 36.26 27.66 -16.73
N TRP Q 111 34.95 27.80 -16.55
CA TRP Q 111 34.37 27.64 -15.23
C TRP Q 111 34.52 26.22 -14.71
N LEU Q 112 34.45 25.21 -15.59
CA LEU Q 112 34.66 23.83 -15.16
C LEU Q 112 36.09 23.61 -14.69
N GLN Q 113 37.05 24.20 -15.41
CA GLN Q 113 38.45 24.04 -15.05
C GLN Q 113 38.75 24.77 -13.76
N TRP Q 114 38.07 25.89 -13.53
CA TRP Q 114 38.31 26.65 -12.31
C TRP Q 114 37.70 25.92 -11.12
N ASP Q 115 36.47 25.43 -11.26
CA ASP Q 115 35.84 24.74 -10.15
C ASP Q 115 36.56 23.44 -9.82
N LYS Q 116 37.33 22.90 -10.78
CA LYS Q 116 38.04 21.65 -10.54
C LYS Q 116 39.20 21.88 -9.59
N GLU Q 117 39.78 23.06 -9.63
CA GLU Q 117 40.91 23.43 -8.80
C GLU Q 117 40.43 23.94 -7.44
N ILE Q 118 39.37 24.77 -7.44
CA ILE Q 118 38.89 25.37 -6.19
C ILE Q 118 37.97 24.43 -5.40
N SER Q 119 37.70 23.22 -5.90
CA SER Q 119 36.81 22.31 -5.17
C SER Q 119 37.25 22.07 -3.73
N ASN Q 120 38.56 22.15 -3.43
CA ASN Q 120 38.99 21.97 -2.05
C ASN Q 120 38.58 23.11 -1.14
N TYR Q 121 38.48 24.33 -1.64
CA TYR Q 121 38.32 25.49 -0.76
C TYR Q 121 36.95 26.14 -0.89
N THR Q 122 36.03 25.52 -1.64
CA THR Q 122 34.69 26.08 -1.77
C THR Q 122 33.99 26.16 -0.41
N GLN Q 123 34.06 25.09 0.37
CA GLN Q 123 33.40 25.08 1.68
C GLN Q 123 34.06 26.05 2.65
N ILE Q 124 35.37 26.27 2.51
CA ILE Q 124 36.05 27.19 3.40
C ILE Q 124 35.61 28.61 3.08
N ILE Q 125 35.58 28.95 1.79
CA ILE Q 125 35.17 30.29 1.42
C ILE Q 125 33.72 30.49 1.83
N TYR Q 126 32.89 29.47 1.63
CA TYR Q 126 31.48 29.60 2.01
C TYR Q 126 31.37 29.93 3.49
N GLY Q 127 32.25 29.32 4.30
CA GLY Q 127 32.22 29.60 5.73
C GLY Q 127 32.70 31.00 6.02
N LEU Q 128 33.63 31.51 5.21
CA LEU Q 128 34.13 32.86 5.42
C LEU Q 128 33.17 33.91 4.88
N LEU Q 129 32.15 33.48 4.14
CA LEU Q 129 31.15 34.37 3.52
C LEU Q 129 29.89 34.48 4.35
N GLU Q 130 29.41 33.35 4.89
CA GLU Q 130 28.15 33.39 5.64
C GLU Q 130 28.36 33.89 7.06
N GLU Q 131 29.50 33.55 7.67
CA GLU Q 131 29.79 33.88 9.06
C GLU Q 131 30.50 35.22 9.23
N SER Q 132 31.66 35.38 8.58
CA SER Q 132 32.49 36.56 8.78
C SER Q 132 31.85 37.86 8.28
N GLN Q 133 30.94 37.79 7.32
CA GLN Q 133 30.40 39.00 6.70
C GLN Q 133 29.09 39.47 7.32
N ASN Q 134 27.97 39.02 6.77
CA ASN Q 134 26.65 39.54 7.17
C ASN Q 134 26.31 39.33 8.64
N GLN Q 135 27.14 38.63 9.41
CA GLN Q 135 26.91 38.56 10.85
C GLN Q 135 27.64 39.66 11.59
N GLN Q 136 28.76 40.13 11.05
CA GLN Q 136 29.53 41.21 11.65
C GLN Q 136 29.25 42.55 10.96
N GLU Q 137 28.85 42.50 9.69
CA GLU Q 137 28.57 43.71 8.91
C GLU Q 137 27.20 44.27 9.26
N LYS Q 138 26.18 43.41 9.33
CA LYS Q 138 24.84 43.90 9.64
C LYS Q 138 24.76 44.38 11.08
N ASN Q 139 25.46 43.70 12.01
CA ASN Q 139 25.47 44.20 13.38
C ASN Q 139 26.20 45.55 13.43
N GLU Q 140 27.21 45.72 12.57
CA GLU Q 140 27.88 47.01 12.51
C GLU Q 140 26.91 48.06 12.01
N GLN Q 141 26.03 47.67 11.07
CA GLN Q 141 25.09 48.66 10.55
C GLN Q 141 24.06 48.98 11.60
N ASP Q 142 23.73 47.99 12.45
CA ASP Q 142 22.79 48.23 13.54
C ASP Q 142 23.38 49.22 14.53
N LEU Q 143 24.72 49.23 14.62
CA LEU Q 143 25.39 50.19 15.49
C LEU Q 143 25.51 51.55 14.81
N LEU Q 144 25.55 51.56 13.48
CA LEU Q 144 25.69 52.78 12.70
C LEU Q 144 24.36 53.44 12.39
N ALA Q 145 23.25 52.71 12.50
CA ALA Q 145 21.94 53.22 12.15
C ALA Q 145 21.17 53.76 13.34
N LEU Q 146 21.64 53.51 14.56
CA LEU Q 146 20.96 54.00 15.75
C LEU Q 146 21.28 55.46 16.04
N ASP Q 147 22.42 55.96 15.57
CA ASP Q 147 22.83 57.33 15.79
C ASP Q 147 22.36 58.22 14.64
N ALA R 1 -30.53 -42.81 -46.73
CA ALA R 1 -29.23 -42.71 -47.40
C ALA R 1 -29.32 -42.15 -48.83
N PRO R 2 -30.22 -42.66 -49.68
CA PRO R 2 -30.30 -42.13 -51.05
C PRO R 2 -31.05 -40.81 -51.10
N THR R 3 -30.64 -39.97 -52.04
CA THR R 3 -31.25 -38.67 -52.26
C THR R 3 -31.62 -38.52 -53.74
N PHE R 4 -32.59 -37.66 -54.00
CA PHE R 4 -33.08 -37.45 -55.35
C PHE R 4 -33.23 -35.96 -55.62
N VAL R 5 -32.93 -35.55 -56.85
CA VAL R 5 -33.07 -34.17 -57.28
C VAL R 5 -33.72 -34.20 -58.67
N SER R 6 -34.95 -33.69 -58.76
CA SER R 6 -35.68 -33.67 -60.03
C SER R 6 -35.61 -32.27 -60.61
N VAL R 7 -35.13 -32.15 -61.85
CA VAL R 7 -34.98 -30.87 -62.53
C VAL R 7 -35.58 -30.97 -63.93
N ALA R 8 -36.39 -29.98 -64.29
CA ALA R 8 -37.00 -29.90 -65.61
C ALA R 8 -35.92 -29.76 -66.69
N PRO R 9 -36.16 -30.34 -67.87
CA PRO R 9 -35.18 -30.24 -68.96
C PRO R 9 -34.88 -28.80 -69.34
N GLY R 10 -33.60 -28.49 -69.50
CA GLY R 10 -33.16 -27.17 -69.89
C GLY R 10 -32.86 -26.24 -68.74
N GLN R 11 -33.20 -26.61 -67.51
CA GLN R 11 -32.97 -25.76 -66.35
C GLN R 11 -31.58 -26.04 -65.78
N THR R 12 -31.40 -25.82 -64.48
CA THR R 12 -30.11 -26.00 -63.84
C THR R 12 -30.28 -26.96 -62.66
N ALA R 13 -29.43 -27.98 -62.62
CA ALA R 13 -29.44 -28.98 -61.57
C ALA R 13 -28.30 -28.74 -60.60
N ARG R 14 -28.54 -28.99 -59.31
CA ARG R 14 -27.55 -28.83 -58.27
C ARG R 14 -27.52 -30.09 -57.41
N ILE R 15 -26.31 -30.58 -57.15
CA ILE R 15 -26.11 -31.86 -56.46
C ILE R 15 -25.21 -31.62 -55.26
N THR R 16 -25.64 -32.10 -54.10
CA THR R 16 -24.90 -31.97 -52.86
C THR R 16 -24.38 -33.35 -52.45
N CYS R 17 -23.09 -33.43 -52.14
CA CYS R 17 -22.47 -34.67 -51.73
C CYS R 17 -21.39 -34.37 -50.69
N GLY R 18 -21.17 -35.35 -49.81
CA GLY R 18 -20.14 -35.20 -48.79
C GLY R 18 -20.48 -34.28 -47.64
N GLU R 19 -19.65 -34.31 -46.61
CA GLU R 19 -19.84 -33.46 -45.44
C GLU R 19 -19.47 -32.01 -45.78
N GLU R 20 -19.55 -31.14 -44.78
CA GLU R 20 -19.18 -29.75 -44.97
C GLU R 20 -17.65 -29.59 -45.03
N SER R 21 -17.20 -28.65 -45.84
CA SER R 21 -15.78 -28.40 -46.01
C SER R 21 -15.14 -27.87 -44.73
N LEU R 22 -13.99 -28.43 -44.38
CA LEU R 22 -13.24 -27.99 -43.21
C LEU R 22 -11.96 -27.25 -43.57
N GLY R 23 -11.38 -27.57 -44.73
CA GLY R 23 -10.19 -26.90 -45.22
C GLY R 23 -10.23 -26.81 -46.74
N SER R 24 -9.10 -26.54 -47.36
CA SER R 24 -9.03 -26.50 -48.82
C SER R 24 -9.26 -27.91 -49.38
N ARG R 25 -10.25 -28.05 -50.25
CA ARG R 25 -10.63 -29.35 -50.79
C ARG R 25 -10.23 -29.51 -52.24
N SER R 26 -10.29 -30.77 -52.71
CA SER R 26 -10.08 -31.12 -54.12
C SER R 26 -11.10 -32.21 -54.47
N VAL R 27 -12.37 -31.79 -54.58
CA VAL R 27 -13.48 -32.72 -54.78
C VAL R 27 -13.40 -33.32 -56.18
N ILE R 28 -13.44 -34.65 -56.26
CA ILE R 28 -13.45 -35.34 -57.54
C ILE R 28 -14.85 -35.91 -57.76
N TRP R 29 -15.48 -35.54 -58.87
CA TRP R 29 -16.83 -36.00 -59.15
C TRP R 29 -16.81 -37.16 -60.14
N TYR R 30 -17.81 -38.04 -60.01
CA TYR R 30 -17.93 -39.19 -60.91
C TYR R 30 -19.39 -39.41 -61.25
N GLN R 31 -19.62 -39.90 -62.47
CA GLN R 31 -20.96 -40.22 -62.97
C GLN R 31 -21.04 -41.71 -63.29
N GLN R 32 -22.10 -42.34 -62.82
CA GLN R 32 -22.35 -43.76 -63.02
C GLN R 32 -23.69 -43.96 -63.71
N ARG R 33 -23.63 -44.23 -65.01
CA ARG R 33 -24.82 -44.55 -65.78
C ARG R 33 -25.37 -45.90 -65.32
N PRO R 34 -26.69 -46.06 -65.22
CA PRO R 34 -27.26 -47.34 -64.77
C PRO R 34 -26.79 -48.49 -65.63
N GLY R 35 -26.12 -49.46 -64.99
CA GLY R 35 -25.61 -50.62 -65.68
C GLY R 35 -24.25 -50.45 -66.32
N GLN R 36 -23.56 -49.35 -66.05
CA GLN R 36 -22.25 -49.07 -66.64
C GLN R 36 -21.22 -48.77 -65.55
N ALA R 37 -20.02 -48.33 -65.95
CA ALA R 37 -18.99 -48.05 -64.98
C ALA R 37 -18.89 -46.55 -64.71
N PRO R 38 -18.55 -46.19 -63.48
CA PRO R 38 -18.40 -44.76 -63.13
C PRO R 38 -17.38 -44.07 -64.03
N SER R 39 -17.75 -42.89 -64.52
CA SER R 39 -16.90 -42.11 -65.40
C SER R 39 -16.54 -40.78 -64.75
N LEU R 40 -15.33 -40.31 -65.05
CA LEU R 40 -14.81 -39.06 -64.49
C LEU R 40 -15.48 -37.88 -65.17
N ILE R 41 -15.99 -36.94 -64.38
CA ILE R 41 -16.65 -35.73 -64.89
C ILE R 41 -15.83 -34.47 -64.59
N ILE R 42 -15.56 -34.19 -63.31
CA ILE R 42 -14.83 -33.00 -62.91
C ILE R 42 -13.81 -33.35 -61.84
N TYR R 43 -12.53 -33.10 -62.13
CA TYR R 43 -11.47 -33.28 -61.15
C TYR R 43 -10.93 -31.91 -60.74
N ASN R 44 -10.32 -31.87 -59.56
CA ASN R 44 -9.78 -30.63 -58.99
C ASN R 44 -10.84 -29.54 -58.91
N ASN R 45 -11.90 -29.83 -58.16
CA ASN R 45 -13.00 -28.90 -57.88
C ASN R 45 -13.77 -28.46 -59.12
N ASN R 46 -13.10 -27.84 -60.10
CA ASN R 46 -13.81 -27.32 -61.26
C ASN R 46 -12.95 -27.41 -62.53
N ASP R 47 -12.18 -28.48 -62.66
CA ASP R 47 -11.38 -28.72 -63.86
C ASP R 47 -11.93 -29.94 -64.59
N ARG R 48 -12.44 -29.70 -65.81
CA ARG R 48 -13.02 -30.79 -66.59
C ARG R 48 -12.01 -31.32 -67.61
N PRO R 49 -11.89 -32.64 -67.74
CA PRO R 49 -10.98 -33.20 -68.75
C PRO R 49 -11.55 -33.10 -70.16
N SER R 50 -10.85 -33.69 -71.13
CA SER R 50 -11.29 -33.64 -72.52
C SER R 50 -12.49 -34.56 -72.71
N GLY R 51 -13.54 -34.02 -73.34
CA GLY R 51 -14.74 -34.78 -73.61
C GLY R 51 -15.93 -34.38 -72.77
N ILE R 52 -15.73 -33.60 -71.71
CA ILE R 52 -16.79 -33.17 -70.82
C ILE R 52 -17.18 -31.74 -71.18
N PRO R 53 -18.45 -31.47 -71.49
CA PRO R 53 -18.88 -30.11 -71.84
C PRO R 53 -18.72 -29.16 -70.65
N ASP R 54 -18.79 -27.87 -70.96
CA ASP R 54 -18.62 -26.85 -69.92
C ASP R 54 -19.92 -26.61 -69.14
N ARG R 55 -20.96 -27.38 -69.42
CA ARG R 55 -22.21 -27.27 -68.68
C ARG R 55 -22.05 -27.76 -67.24
N PHE R 56 -21.09 -28.66 -67.02
CA PHE R 56 -20.81 -29.23 -65.71
C PHE R 56 -19.75 -28.40 -65.00
N SER R 57 -20.12 -27.79 -63.89
CA SER R 57 -19.23 -26.96 -63.10
C SER R 57 -19.32 -27.37 -61.63
N GLY R 58 -18.23 -27.20 -60.91
CA GLY R 58 -18.18 -27.55 -59.50
C GLY R 58 -17.80 -26.36 -58.64
N SER R 59 -18.21 -26.41 -57.38
CA SER R 59 -17.90 -25.35 -56.44
C SER R 59 -16.41 -25.31 -56.16
N PRO R 60 -15.83 -24.11 -56.10
CA PRO R 60 -14.38 -24.00 -55.85
C PRO R 60 -14.02 -24.57 -54.48
N GLY R 61 -12.87 -25.23 -54.42
CA GLY R 61 -12.44 -25.82 -53.16
C GLY R 61 -11.66 -24.85 -52.29
N SER R 62 -12.11 -23.59 -52.28
CA SER R 62 -11.50 -22.55 -51.47
C SER R 62 -12.46 -21.95 -50.46
N THR R 63 -13.73 -22.34 -50.49
CA THR R 63 -14.73 -21.86 -49.53
C THR R 63 -14.76 -22.80 -48.34
N PHE R 64 -14.53 -22.26 -47.15
CA PHE R 64 -14.45 -23.05 -45.93
C PHE R 64 -15.80 -23.02 -45.21
N GLY R 65 -16.41 -24.18 -45.05
CA GLY R 65 -17.67 -24.30 -44.36
C GLY R 65 -18.88 -24.56 -45.24
N THR R 66 -18.69 -25.01 -46.48
CA THR R 66 -19.77 -25.29 -47.40
C THR R 66 -19.62 -26.70 -47.96
N THR R 67 -20.72 -27.25 -48.46
CA THR R 67 -20.70 -28.59 -49.03
C THR R 67 -20.36 -28.53 -50.51
N ALA R 68 -19.89 -29.65 -51.04
CA ALA R 68 -19.57 -29.75 -52.46
C ALA R 68 -20.84 -29.70 -53.30
N THR R 69 -20.88 -28.80 -54.26
CA THR R 69 -22.06 -28.59 -55.10
C THR R 69 -21.67 -28.77 -56.56
N LEU R 70 -22.42 -29.59 -57.28
CA LEU R 70 -22.22 -29.85 -58.69
C LEU R 70 -23.36 -29.21 -59.48
N THR R 71 -23.04 -28.19 -60.28
CA THR R 71 -24.02 -27.46 -61.06
C THR R 71 -24.01 -28.00 -62.48
N ILE R 72 -25.18 -28.36 -62.99
CA ILE R 72 -25.34 -28.89 -64.34
C ILE R 72 -26.31 -28.00 -65.09
N THR R 73 -25.79 -27.11 -65.94
CA THR R 73 -26.63 -26.25 -66.74
C THR R 73 -27.12 -26.98 -67.97
N SER R 74 -28.28 -26.56 -68.48
CA SER R 74 -28.92 -27.17 -69.65
C SER R 74 -29.12 -28.67 -69.43
N VAL R 75 -29.94 -28.99 -68.44
CA VAL R 75 -30.19 -30.38 -68.08
C VAL R 75 -30.94 -31.08 -69.20
N GLU R 76 -30.40 -32.22 -69.65
CA GLU R 76 -31.01 -33.02 -70.69
C GLU R 76 -31.30 -34.42 -70.17
N ALA R 77 -32.11 -35.17 -70.93
CA ALA R 77 -32.50 -36.51 -70.52
C ALA R 77 -31.31 -37.44 -70.39
N GLY R 78 -30.22 -37.17 -71.11
CA GLY R 78 -29.03 -38.00 -71.06
C GLY R 78 -28.26 -37.90 -69.76
N ASP R 79 -28.47 -36.83 -69.00
CA ASP R 79 -27.76 -36.62 -67.74
C ASP R 79 -28.36 -37.40 -66.57
N GLU R 80 -29.44 -38.12 -66.79
CA GLU R 80 -30.12 -38.90 -65.76
C GLU R 80 -29.26 -40.11 -65.39
N ALA R 81 -28.50 -39.99 -64.31
CA ALA R 81 -27.62 -41.06 -63.83
C ALA R 81 -27.27 -40.77 -62.38
N ASP R 82 -26.38 -41.59 -61.81
CA ASP R 82 -25.94 -41.38 -60.43
C ASP R 82 -24.64 -40.58 -60.38
N TYR R 83 -24.48 -39.76 -59.35
CA TYR R 83 -23.30 -38.92 -59.22
C TYR R 83 -22.70 -39.08 -57.83
N TYR R 84 -21.45 -39.49 -57.76
CA TYR R 84 -20.70 -39.66 -56.53
C TYR R 84 -19.57 -38.63 -56.42
N CYS R 85 -19.09 -38.40 -55.19
CA CYS R 85 -17.99 -37.46 -55.00
C CYS R 85 -16.93 -38.08 -54.10
N HIS R 86 -15.67 -37.73 -54.38
CA HIS R 86 -14.50 -38.16 -53.64
C HIS R 86 -13.88 -36.93 -52.98
N ILE R 87 -14.18 -36.74 -51.71
CA ILE R 87 -13.74 -35.57 -50.95
C ILE R 87 -12.27 -35.72 -50.61
N TRP R 88 -11.46 -34.74 -51.00
CA TRP R 88 -10.04 -34.70 -50.66
C TRP R 88 -9.79 -33.45 -49.79
N ASP R 89 -9.94 -33.62 -48.48
CA ASP R 89 -9.81 -32.52 -47.53
C ASP R 89 -8.43 -32.55 -46.87
N SER R 90 -7.89 -31.36 -46.62
CA SER R 90 -6.57 -31.25 -45.99
C SER R 90 -6.63 -31.46 -44.48
N ARG R 91 -7.83 -31.57 -43.91
CA ARG R 91 -8.02 -31.79 -42.49
C ARG R 91 -8.53 -33.19 -42.18
N ARG R 92 -8.99 -33.92 -43.17
CA ARG R 92 -9.54 -35.26 -43.03
C ARG R 92 -8.63 -36.30 -43.70
N PRO R 93 -8.57 -37.51 -43.15
CA PRO R 93 -7.79 -38.58 -43.78
C PRO R 93 -8.32 -38.91 -45.16
N THR R 94 -7.51 -39.65 -45.92
CA THR R 94 -7.89 -40.04 -47.27
C THR R 94 -9.15 -40.90 -47.22
N ASN R 95 -10.21 -40.41 -47.86
CA ASN R 95 -11.48 -41.12 -47.91
C ASN R 95 -11.42 -42.23 -48.96
N TRP R 96 -11.47 -43.48 -48.51
CA TRP R 96 -11.42 -44.64 -49.37
C TRP R 96 -12.82 -45.11 -49.77
N VAL R 97 -13.85 -44.33 -49.43
CA VAL R 97 -15.23 -44.63 -49.79
C VAL R 97 -15.87 -43.36 -50.31
N PHE R 98 -16.40 -43.41 -51.54
CA PHE R 98 -17.06 -42.26 -52.14
C PHE R 98 -18.29 -41.86 -51.34
N GLY R 99 -18.65 -40.58 -51.43
CA GLY R 99 -19.82 -40.10 -50.74
C GLY R 99 -21.09 -40.70 -51.30
N GLU R 100 -22.16 -40.62 -50.51
CA GLU R 100 -23.46 -41.15 -50.92
C GLU R 100 -23.98 -40.43 -52.17
N GLY R 101 -24.28 -41.21 -53.21
CA GLY R 101 -24.70 -40.65 -54.48
C GLY R 101 -26.05 -39.95 -54.39
N THR R 102 -26.31 -39.14 -55.42
CA THR R 102 -27.57 -38.41 -55.57
C THR R 102 -28.12 -38.67 -56.96
N THR R 103 -29.36 -39.15 -57.04
CA THR R 103 -29.98 -39.49 -58.31
C THR R 103 -30.62 -38.27 -58.94
N LEU R 104 -30.25 -38.02 -60.21
CA LEU R 104 -30.80 -36.91 -60.98
C LEU R 104 -31.99 -37.38 -61.80
N ILE R 105 -33.15 -36.79 -61.53
CA ILE R 105 -34.39 -37.13 -62.22
C ILE R 105 -34.68 -36.03 -63.23
N VAL R 106 -34.67 -36.38 -64.51
CA VAL R 106 -34.99 -35.44 -65.58
C VAL R 106 -36.50 -35.43 -65.74
N LEU R 107 -37.13 -34.33 -65.33
CA LEU R 107 -38.57 -34.17 -65.42
C LEU R 107 -39.00 -33.93 -66.87
N SER R 108 -40.28 -33.56 -67.03
CA SER R 108 -41.02 -33.59 -68.31
C SER R 108 -41.10 -34.99 -68.89
N GLN R 109 -41.50 -35.95 -68.05
CA GLN R 109 -41.92 -37.27 -68.53
C GLN R 109 -43.17 -37.12 -69.40
N PRO R 110 -44.37 -36.82 -68.83
CA PRO R 110 -44.93 -36.72 -67.48
C PRO R 110 -45.63 -38.01 -67.05
N LYS R 111 -46.37 -38.62 -67.98
CA LYS R 111 -47.07 -39.86 -67.74
C LYS R 111 -46.64 -40.87 -68.80
N ALA R 112 -46.78 -42.16 -68.47
CA ALA R 112 -46.39 -43.23 -69.38
C ALA R 112 -47.25 -44.45 -69.12
N ALA R 113 -47.94 -44.90 -70.16
CA ALA R 113 -48.80 -46.07 -70.05
C ALA R 113 -47.95 -47.34 -69.94
N PRO R 114 -48.19 -48.18 -68.93
CA PRO R 114 -47.37 -49.38 -68.77
C PRO R 114 -47.58 -50.37 -69.91
N SER R 115 -46.48 -50.90 -70.40
CA SER R 115 -46.46 -51.89 -71.48
C SER R 115 -46.25 -53.27 -70.86
N VAL R 116 -47.38 -53.95 -70.60
CA VAL R 116 -47.42 -55.27 -69.98
C VAL R 116 -47.35 -56.33 -71.08
N THR R 117 -46.76 -57.47 -70.76
CA THR R 117 -46.65 -58.59 -71.68
C THR R 117 -46.71 -59.87 -70.87
N LEU R 118 -47.66 -60.75 -71.17
CA LEU R 118 -47.83 -61.97 -70.38
C LEU R 118 -47.40 -63.18 -71.20
N PHE R 119 -46.41 -63.91 -70.69
CA PHE R 119 -45.92 -65.10 -71.35
C PHE R 119 -46.31 -66.34 -70.56
N PRO R 120 -46.83 -67.36 -71.25
CA PRO R 120 -47.15 -68.63 -70.62
C PRO R 120 -45.89 -69.44 -70.38
N PRO R 121 -45.93 -70.44 -69.50
CA PRO R 121 -44.75 -71.26 -69.27
C PRO R 121 -44.38 -72.05 -70.52
N SER R 122 -43.07 -72.18 -70.74
CA SER R 122 -42.54 -72.87 -71.91
C SER R 122 -42.77 -74.38 -71.81
N SER R 123 -42.74 -75.04 -72.96
CA SER R 123 -42.95 -76.49 -72.96
C SER R 123 -41.76 -77.19 -72.34
N GLU R 124 -40.58 -76.56 -72.39
CA GLU R 124 -39.41 -77.20 -71.81
C GLU R 124 -39.50 -77.11 -70.30
N GLU R 125 -40.08 -76.02 -69.80
CA GLU R 125 -40.26 -75.85 -68.36
C GLU R 125 -41.49 -76.63 -67.88
N LEU R 126 -42.51 -76.77 -68.73
CA LEU R 126 -43.70 -77.54 -68.35
C LEU R 126 -43.39 -79.01 -68.22
N GLN R 127 -42.50 -79.51 -69.07
CA GLN R 127 -42.06 -80.88 -68.89
C GLN R 127 -41.19 -81.02 -67.66
N ALA R 128 -40.55 -79.94 -67.20
CA ALA R 128 -39.76 -80.03 -65.98
C ALA R 128 -40.60 -80.06 -64.71
N ASN R 129 -41.91 -80.30 -64.84
CA ASN R 129 -42.84 -80.24 -63.73
C ASN R 129 -42.77 -78.91 -62.99
N LYS R 130 -42.57 -77.83 -63.70
CA LYS R 130 -42.47 -76.53 -63.07
C LYS R 130 -43.28 -75.68 -64.02
N ALA R 131 -43.89 -74.66 -63.48
CA ALA R 131 -44.67 -73.80 -64.34
C ALA R 131 -44.52 -72.39 -63.81
N THR R 132 -44.46 -71.45 -64.72
CA THR R 132 -44.26 -70.09 -64.30
C THR R 132 -44.84 -69.13 -65.33
N LEU R 133 -45.75 -68.29 -64.85
CA LEU R 133 -46.33 -67.25 -65.68
C LEU R 133 -45.44 -66.03 -65.53
N VAL R 134 -45.15 -65.35 -66.64
CA VAL R 134 -44.25 -64.20 -66.62
C VAL R 134 -45.03 -62.97 -67.06
N CYS R 135 -44.96 -61.90 -66.27
CA CYS R 135 -45.66 -60.65 -66.56
C CYS R 135 -44.60 -59.55 -66.62
N LEU R 136 -44.21 -59.15 -67.83
CA LEU R 136 -43.19 -58.12 -68.05
C LEU R 136 -43.87 -56.75 -68.12
N ILE R 137 -43.40 -55.80 -67.32
CA ILE R 137 -43.96 -54.45 -67.29
C ILE R 137 -42.84 -53.47 -67.57
N SER R 138 -42.98 -52.66 -68.62
CA SER R 138 -41.94 -51.70 -68.96
C SER R 138 -42.56 -50.41 -69.48
N ASP R 139 -41.72 -49.40 -69.65
CA ASP R 139 -42.12 -48.10 -70.20
C ASP R 139 -43.24 -47.45 -69.39
N PHE R 140 -43.11 -47.45 -68.07
CA PHE R 140 -44.12 -46.83 -67.21
C PHE R 140 -43.46 -45.84 -66.24
N TYR R 141 -44.12 -44.70 -66.05
CA TYR R 141 -43.67 -43.64 -65.15
C TYR R 141 -44.89 -43.10 -64.40
N PRO R 142 -44.79 -42.90 -63.08
CA PRO R 142 -43.61 -43.19 -62.25
C PRO R 142 -43.51 -44.66 -61.88
N GLY R 143 -42.41 -45.05 -61.26
CA GLY R 143 -42.20 -46.44 -60.90
C GLY R 143 -42.96 -46.85 -59.65
N ALA R 144 -44.25 -47.16 -59.82
CA ALA R 144 -45.07 -47.61 -58.69
C ALA R 144 -46.25 -48.40 -59.26
N VAL R 145 -46.07 -49.71 -59.38
CA VAL R 145 -47.09 -50.60 -59.94
C VAL R 145 -47.37 -51.72 -58.95
N THR R 146 -48.58 -52.27 -59.04
CA THR R 146 -48.98 -53.40 -58.21
C THR R 146 -49.58 -54.48 -59.10
N VAL R 147 -49.06 -55.70 -58.99
CA VAL R 147 -49.48 -56.80 -59.86
C VAL R 147 -50.37 -57.74 -59.06
N ALA R 148 -51.51 -58.10 -59.64
CA ALA R 148 -52.44 -59.05 -59.04
C ALA R 148 -52.80 -60.13 -60.05
N TRP R 149 -52.47 -61.38 -59.73
CA TRP R 149 -52.76 -62.46 -60.65
C TRP R 149 -54.19 -62.95 -60.44
N LYS R 150 -54.74 -63.58 -61.48
CA LYS R 150 -56.13 -64.04 -61.43
C LYS R 150 -56.22 -65.44 -62.00
N ALA R 151 -56.84 -66.35 -61.27
CA ALA R 151 -57.20 -67.67 -61.76
C ALA R 151 -58.68 -67.67 -62.12
N ASP R 152 -58.98 -67.63 -63.42
CA ASP R 152 -60.34 -67.42 -63.91
C ASP R 152 -60.87 -66.10 -63.35
N SER R 153 -61.69 -66.18 -62.30
CA SER R 153 -62.19 -65.00 -61.62
C SER R 153 -61.75 -64.92 -60.16
N SER R 154 -60.98 -65.92 -59.68
CA SER R 154 -60.50 -66.00 -58.30
C SER R 154 -59.08 -65.50 -58.20
N PRO R 155 -58.78 -64.62 -57.24
CA PRO R 155 -57.42 -64.10 -57.09
C PRO R 155 -56.46 -65.19 -56.61
N VAL R 156 -55.19 -65.01 -56.96
CA VAL R 156 -54.13 -65.94 -56.56
C VAL R 156 -53.40 -65.34 -55.37
N LYS R 157 -53.32 -66.10 -54.29
CA LYS R 157 -52.74 -65.63 -53.03
C LYS R 157 -51.23 -65.83 -52.96
N ALA R 158 -50.76 -67.07 -53.17
CA ALA R 158 -49.35 -67.38 -53.04
C ALA R 158 -48.74 -67.68 -54.40
N GLY R 159 -47.41 -67.70 -54.43
CA GLY R 159 -46.66 -67.98 -55.63
C GLY R 159 -46.32 -66.76 -56.45
N VAL R 160 -46.67 -65.57 -55.97
CA VAL R 160 -46.43 -64.32 -56.69
C VAL R 160 -45.10 -63.73 -56.25
N GLU R 161 -44.21 -63.48 -57.21
CA GLU R 161 -42.91 -62.87 -56.96
C GLU R 161 -42.81 -61.64 -57.84
N THR R 162 -42.68 -60.45 -57.24
CA THR R 162 -42.66 -59.22 -58.00
C THR R 162 -41.42 -58.40 -57.67
N THR R 163 -40.78 -57.89 -58.72
CA THR R 163 -39.60 -57.05 -58.61
C THR R 163 -39.97 -55.62 -58.27
N THR R 164 -38.96 -54.86 -57.83
CA THR R 164 -39.14 -53.44 -57.55
C THR R 164 -38.82 -52.60 -58.78
N PRO R 165 -39.62 -51.56 -59.02
CA PRO R 165 -39.41 -50.69 -60.18
C PRO R 165 -37.98 -50.18 -60.27
N SER R 166 -37.48 -50.04 -61.50
CA SER R 166 -36.11 -49.59 -61.70
C SER R 166 -35.99 -48.98 -63.09
N LYS R 167 -35.82 -47.66 -63.15
CA LYS R 167 -35.72 -46.93 -64.41
C LYS R 167 -34.38 -47.24 -65.08
N GLN R 168 -34.37 -47.15 -66.41
CA GLN R 168 -33.16 -47.44 -67.19
C GLN R 168 -32.90 -46.35 -68.22
N SER R 169 -32.21 -45.28 -67.77
CA SER R 169 -31.79 -44.17 -68.60
C SER R 169 -32.94 -43.52 -69.38
N ASN R 170 -34.14 -43.57 -68.83
CA ASN R 170 -35.33 -43.03 -69.49
C ASN R 170 -36.45 -42.97 -68.47
N ASN R 171 -37.66 -42.74 -68.96
CA ASN R 171 -38.86 -42.85 -68.13
C ASN R 171 -39.28 -44.30 -67.95
N LYS R 172 -38.72 -45.19 -68.77
CA LYS R 172 -39.03 -46.62 -68.76
C LYS R 172 -38.56 -47.25 -67.46
N TYR R 173 -39.51 -47.66 -66.62
CA TYR R 173 -39.20 -48.44 -65.43
C TYR R 173 -39.42 -49.91 -65.77
N ALA R 174 -38.79 -50.78 -64.99
CA ALA R 174 -38.86 -52.21 -65.23
C ALA R 174 -39.50 -52.93 -64.05
N ALA R 175 -40.32 -53.93 -64.34
CA ALA R 175 -40.98 -54.71 -63.29
C ALA R 175 -41.34 -56.07 -63.85
N SER R 176 -40.98 -57.13 -63.14
CA SER R 176 -41.29 -58.48 -63.58
C SER R 176 -42.08 -59.19 -62.49
N SER R 177 -43.19 -59.82 -62.89
CA SER R 177 -44.02 -60.57 -61.95
C SER R 177 -44.05 -62.03 -62.39
N TYR R 178 -43.69 -62.93 -61.49
CA TYR R 178 -43.66 -64.35 -61.78
C TYR R 178 -44.72 -65.05 -60.94
N LEU R 179 -45.26 -66.13 -61.49
CA LEU R 179 -46.27 -66.91 -60.78
C LEU R 179 -45.95 -68.39 -60.93
N SER R 180 -45.40 -68.99 -59.87
CA SER R 180 -45.02 -70.40 -59.88
C SER R 180 -46.25 -71.29 -59.66
N LEU R 181 -46.53 -72.14 -60.64
CA LEU R 181 -47.64 -73.07 -60.60
C LEU R 181 -47.12 -74.46 -60.94
N THR R 182 -48.01 -75.46 -60.81
CA THR R 182 -47.71 -76.85 -61.15
C THR R 182 -48.35 -77.22 -62.48
N PRO R 183 -47.76 -78.17 -63.22
CA PRO R 183 -48.37 -78.59 -64.49
C PRO R 183 -49.82 -79.03 -64.36
N GLU R 184 -50.23 -79.49 -63.17
CA GLU R 184 -51.62 -79.84 -62.95
C GLU R 184 -52.45 -78.60 -62.73
N GLN R 185 -51.86 -77.59 -62.06
CA GLN R 185 -52.56 -76.34 -61.80
C GLN R 185 -52.80 -75.57 -63.09
N TRP R 186 -51.85 -75.64 -64.03
CA TRP R 186 -51.96 -74.90 -65.29
C TRP R 186 -53.10 -75.43 -66.15
N LYS R 187 -53.24 -76.75 -66.25
CA LYS R 187 -54.29 -77.34 -67.06
C LYS R 187 -55.64 -77.34 -66.36
N SER R 188 -55.69 -76.91 -65.10
CA SER R 188 -56.91 -76.90 -64.31
C SER R 188 -57.85 -75.78 -64.74
N HIS R 189 -57.52 -74.53 -64.35
CA HIS R 189 -58.38 -73.40 -64.65
C HIS R 189 -58.44 -73.12 -66.15
N LYS R 190 -59.46 -72.35 -66.53
CA LYS R 190 -59.68 -72.03 -67.94
C LYS R 190 -58.62 -71.07 -68.47
N SER R 191 -58.34 -70.00 -67.72
CA SER R 191 -57.35 -69.01 -68.16
C SER R 191 -56.85 -68.23 -66.96
N TYR R 192 -55.63 -67.70 -67.10
CA TYR R 192 -55.02 -66.87 -66.07
C TYR R 192 -54.86 -65.43 -66.56
N SER R 193 -54.89 -64.49 -65.61
CA SER R 193 -54.78 -63.07 -65.93
C SER R 193 -53.70 -62.40 -65.09
N CYS R 194 -53.13 -61.32 -65.63
CA CYS R 194 -52.10 -60.52 -64.95
C CYS R 194 -52.61 -59.08 -64.91
N GLN R 195 -53.32 -58.69 -63.85
CA GLN R 195 -53.86 -57.34 -63.75
C GLN R 195 -52.81 -56.44 -63.10
N VAL R 196 -52.31 -55.47 -63.84
CA VAL R 196 -51.29 -54.54 -63.35
C VAL R 196 -51.95 -53.19 -63.12
N THR R 197 -51.92 -52.74 -61.87
CA THR R 197 -52.48 -51.46 -61.44
C THR R 197 -51.35 -50.43 -61.37
N HIS R 198 -51.37 -49.47 -62.29
CA HIS R 198 -50.39 -48.40 -62.34
C HIS R 198 -51.10 -47.06 -62.21
N GLU R 199 -50.69 -46.25 -61.23
CA GLU R 199 -51.27 -44.94 -60.99
C GLU R 199 -52.77 -45.04 -60.75
N GLY R 200 -53.55 -44.89 -61.82
CA GLY R 200 -55.00 -44.92 -61.72
C GLY R 200 -55.63 -45.96 -62.61
N SER R 201 -54.88 -46.47 -63.58
CA SER R 201 -55.41 -47.45 -64.52
C SER R 201 -54.97 -48.85 -64.15
N THR R 202 -55.66 -49.84 -64.73
CA THR R 202 -55.35 -51.25 -64.49
C THR R 202 -55.46 -52.00 -65.81
N VAL R 203 -54.32 -52.47 -66.32
CA VAL R 203 -54.27 -53.20 -67.58
C VAL R 203 -54.33 -54.69 -67.26
N GLU R 204 -55.16 -55.43 -68.00
CA GLU R 204 -55.32 -56.87 -67.77
C GLU R 204 -55.09 -57.64 -69.05
N LYS R 205 -54.16 -58.60 -69.00
CA LYS R 205 -53.89 -59.51 -70.11
C LYS R 205 -54.04 -60.94 -69.63
N THR R 206 -54.65 -61.78 -70.48
CA THR R 206 -54.95 -63.15 -70.10
C THR R 206 -54.09 -64.13 -70.89
N VAL R 207 -54.26 -65.41 -70.57
CA VAL R 207 -53.54 -66.50 -71.23
C VAL R 207 -54.35 -67.77 -71.00
N ALA R 208 -54.48 -68.58 -72.07
CA ALA R 208 -55.26 -69.80 -72.01
C ALA R 208 -54.42 -70.98 -72.48
N PRO R 209 -54.52 -72.13 -71.80
CA PRO R 209 -53.77 -73.32 -72.24
C PRO R 209 -54.25 -73.83 -73.59
N THR R 210 -53.48 -74.74 -74.15
CA THR R 210 -53.79 -75.33 -75.45
C THR R 210 -53.98 -76.84 -75.33
N GLN S 1 -6.04 -45.29 -78.48
CA GLN S 1 -7.11 -45.68 -77.58
C GLN S 1 -6.59 -46.55 -76.43
N VAL S 2 -7.23 -46.41 -75.27
CA VAL S 2 -6.87 -47.15 -74.06
C VAL S 2 -8.03 -48.07 -73.72
N HIS S 3 -7.79 -49.38 -73.82
CA HIS S 3 -8.83 -50.37 -73.53
C HIS S 3 -8.40 -51.22 -72.34
N LEU S 4 -9.30 -51.33 -71.36
CA LEU S 4 -9.09 -52.10 -70.16
C LEU S 4 -10.14 -53.19 -70.05
N GLN S 5 -9.71 -54.39 -69.67
CA GLN S 5 -10.62 -55.54 -69.55
C GLN S 5 -10.33 -56.25 -68.24
N GLU S 6 -11.35 -56.44 -67.42
CA GLU S 6 -11.16 -57.15 -66.16
C GLU S 6 -11.61 -58.61 -66.32
N SER S 7 -10.94 -59.50 -65.59
CA SER S 7 -11.31 -60.91 -65.68
C SER S 7 -10.85 -61.66 -64.45
N GLY S 8 -11.78 -62.44 -63.88
CA GLY S 8 -11.51 -63.22 -62.70
C GLY S 8 -12.32 -64.50 -62.68
N PRO S 9 -12.33 -65.19 -61.55
CA PRO S 9 -13.09 -66.45 -61.46
C PRO S 9 -14.59 -66.26 -61.50
N GLY S 10 -15.12 -65.25 -60.80
CA GLY S 10 -16.52 -64.99 -60.74
C GLY S 10 -17.17 -65.61 -59.50
N LEU S 11 -16.65 -66.74 -59.06
CA LEU S 11 -17.15 -67.47 -57.90
C LEU S 11 -15.96 -67.83 -57.02
N VAL S 12 -15.97 -67.37 -55.77
CA VAL S 12 -14.90 -67.65 -54.82
C VAL S 12 -15.52 -68.14 -53.53
N LYS S 13 -15.03 -69.29 -53.05
CA LYS S 13 -15.52 -69.83 -51.79
C LYS S 13 -15.13 -68.93 -50.62
N PRO S 14 -15.91 -68.95 -49.54
CA PRO S 14 -15.54 -68.16 -48.37
C PRO S 14 -14.20 -68.60 -47.81
N SER S 15 -13.49 -67.66 -47.18
CA SER S 15 -12.16 -67.91 -46.60
C SER S 15 -11.18 -68.46 -47.63
N GLU S 16 -11.27 -67.95 -48.86
CA GLU S 16 -10.37 -68.35 -49.94
C GLU S 16 -9.60 -67.11 -50.41
N THR S 17 -8.87 -67.26 -51.51
CA THR S 17 -8.07 -66.16 -52.06
C THR S 17 -8.59 -65.77 -53.45
N LEU S 18 -9.18 -64.58 -53.54
CA LEU S 18 -9.67 -64.07 -54.81
C LEU S 18 -8.50 -63.57 -55.64
N SER S 19 -8.45 -63.97 -56.91
CA SER S 19 -7.39 -63.54 -57.82
C SER S 19 -8.03 -62.94 -59.08
N LEU S 20 -7.69 -61.69 -59.39
CA LEU S 20 -8.23 -61.00 -60.55
C LEU S 20 -7.09 -60.52 -61.43
N THR S 21 -7.40 -60.25 -62.71
CA THR S 21 -6.39 -59.76 -63.63
C THR S 21 -6.99 -58.74 -64.59
N CYS S 22 -6.32 -57.60 -64.71
CA CYS S 22 -6.74 -56.50 -65.56
C CYS S 22 -5.87 -56.39 -66.80
N ASN S 23 -6.42 -56.84 -67.92
CA ASN S 23 -5.79 -56.85 -69.24
C ASN S 23 -5.75 -55.43 -69.79
N VAL S 24 -4.56 -54.89 -70.02
CA VAL S 24 -4.39 -53.53 -70.51
C VAL S 24 -3.93 -53.59 -71.96
N SER S 25 -4.60 -52.83 -72.83
CA SER S 25 -4.21 -52.75 -74.24
C SER S 25 -4.25 -51.29 -74.67
N GLY S 26 -3.19 -50.85 -75.33
CA GLY S 26 -3.08 -49.49 -75.80
C GLY S 26 -2.02 -48.68 -75.10
N THR S 27 -1.50 -49.15 -73.96
CA THR S 27 -0.49 -48.43 -73.21
C THR S 27 0.25 -49.43 -72.32
N LEU S 28 1.40 -49.01 -71.83
CA LEU S 28 2.23 -49.83 -70.96
C LEU S 28 1.83 -49.63 -69.50
N VAL S 29 1.98 -50.71 -68.71
CA VAL S 29 1.58 -50.70 -67.30
C VAL S 29 2.63 -50.08 -66.39
N ARG S 30 3.82 -49.75 -66.93
CA ARG S 30 4.90 -49.20 -66.12
C ARG S 30 4.86 -47.68 -66.05
N ASP S 31 4.29 -47.02 -67.03
CA ASP S 31 4.27 -45.56 -67.09
C ASP S 31 3.00 -44.95 -66.53
N ASN S 32 2.19 -45.72 -65.79
CA ASN S 32 0.95 -45.20 -65.25
C ASN S 32 0.67 -45.81 -63.89
N TYR S 33 -0.23 -45.15 -63.15
CA TYR S 33 -0.74 -45.67 -61.89
C TYR S 33 -1.99 -46.51 -62.16
N TRP S 34 -2.23 -47.50 -61.32
CA TRP S 34 -3.37 -48.39 -61.51
C TRP S 34 -4.12 -48.56 -60.21
N SER S 35 -5.42 -48.33 -60.22
CA SER S 35 -6.21 -48.44 -59.02
C SER S 35 -7.36 -49.42 -59.22
N TRP S 36 -7.77 -50.03 -58.12
CA TRP S 36 -8.90 -50.96 -58.13
C TRP S 36 -10.02 -50.39 -57.27
N ILE S 37 -11.23 -50.41 -57.81
CA ILE S 37 -12.41 -49.88 -57.12
C ILE S 37 -13.51 -50.94 -57.16
N ARG S 38 -14.04 -51.28 -55.99
CA ARG S 38 -15.12 -52.26 -55.94
C ARG S 38 -16.42 -51.56 -55.56
N GLN S 39 -17.53 -52.20 -55.95
CA GLN S 39 -18.82 -51.58 -55.68
C GLN S 39 -19.92 -52.61 -55.51
N PRO S 40 -20.41 -52.78 -54.28
CA PRO S 40 -21.53 -53.70 -54.02
C PRO S 40 -22.79 -53.22 -54.72
N LEU S 41 -23.76 -54.13 -54.81
CA LEU S 41 -25.03 -53.82 -55.47
C LEU S 41 -25.82 -52.84 -54.62
N GLY S 42 -25.95 -51.61 -55.11
CA GLY S 42 -26.72 -50.59 -54.42
C GLY S 42 -25.97 -49.82 -53.38
N LYS S 43 -24.65 -49.76 -53.47
CA LYS S 43 -23.80 -49.05 -52.52
C LYS S 43 -22.83 -48.17 -53.30
N GLN S 44 -22.13 -47.30 -52.57
CA GLN S 44 -21.17 -46.41 -53.19
C GLN S 44 -19.82 -47.11 -53.41
N PRO S 45 -19.12 -46.77 -54.48
CA PRO S 45 -17.82 -47.40 -54.77
C PRO S 45 -16.83 -47.21 -53.64
N GLU S 46 -16.12 -48.30 -53.31
CA GLU S 46 -15.11 -48.31 -52.26
C GLU S 46 -13.74 -48.50 -52.88
N TRP S 47 -12.85 -47.53 -52.63
CA TRP S 47 -11.49 -47.58 -53.16
C TRP S 47 -10.69 -48.68 -52.48
N ILE S 48 -10.13 -49.59 -53.27
CA ILE S 48 -9.36 -50.71 -52.74
C ILE S 48 -7.90 -50.34 -52.56
N GLY S 49 -7.31 -49.68 -53.54
CA GLY S 49 -5.92 -49.28 -53.45
C GLY S 49 -5.31 -49.06 -54.82
N TYR S 50 -4.17 -48.36 -54.80
CA TYR S 50 -3.43 -48.05 -56.02
C TYR S 50 -2.04 -48.69 -55.99
N VAL S 51 -1.59 -49.12 -57.17
CA VAL S 51 -0.31 -49.76 -57.38
C VAL S 51 0.46 -49.04 -58.49
N HIS S 52 1.76 -48.88 -58.29
CA HIS S 52 2.63 -48.23 -59.25
C HIS S 52 4.01 -48.87 -59.15
N ASP S 53 4.84 -48.64 -60.17
CA ASP S 53 6.19 -49.17 -60.17
C ASP S 53 7.04 -48.49 -59.10
N SER S 54 8.29 -48.95 -58.96
CA SER S 54 9.25 -48.43 -58.00
C SER S 54 8.77 -48.58 -56.56
N GLY S 55 7.85 -49.51 -56.31
CA GLY S 55 7.38 -49.82 -54.98
C GLY S 55 6.30 -48.90 -54.44
N ASP S 56 5.88 -47.90 -55.21
CA ASP S 56 4.83 -46.96 -54.79
C ASP S 56 3.49 -47.67 -54.89
N THR S 57 3.06 -48.28 -53.79
CA THR S 57 1.81 -49.01 -53.75
C THR S 57 1.16 -48.86 -52.39
N ASN S 58 -0.09 -48.41 -52.35
CA ASN S 58 -0.81 -48.25 -51.10
C ASN S 58 -2.17 -48.94 -51.20
N TYR S 59 -2.64 -49.38 -50.04
CA TYR S 59 -3.88 -50.14 -49.89
C TYR S 59 -4.88 -49.37 -49.02
N ASN S 60 -6.07 -49.93 -48.91
CA ASN S 60 -7.11 -49.37 -48.06
C ASN S 60 -6.89 -49.79 -46.61
N PRO S 61 -6.73 -48.84 -45.67
CA PRO S 61 -6.52 -49.20 -44.26
C PRO S 61 -7.52 -50.21 -43.70
N SER S 62 -8.75 -50.23 -44.23
CA SER S 62 -9.75 -51.17 -43.76
C SER S 62 -9.48 -52.58 -44.27
N LEU S 63 -8.83 -52.69 -45.43
CA LEU S 63 -8.49 -53.97 -46.05
C LEU S 63 -6.97 -54.11 -46.17
N LYS S 64 -6.26 -53.45 -45.26
CA LYS S 64 -4.80 -53.39 -45.31
C LYS S 64 -4.15 -54.76 -45.26
N SER S 65 -4.58 -55.60 -44.31
CA SER S 65 -3.92 -56.88 -44.08
C SER S 65 -4.55 -58.02 -44.87
N ARG S 66 -5.25 -57.73 -45.97
CA ARG S 66 -5.87 -58.78 -46.77
C ARG S 66 -5.67 -58.61 -48.27
N VAL S 67 -5.36 -57.42 -48.78
CA VAL S 67 -5.24 -57.17 -50.20
C VAL S 67 -3.77 -57.15 -50.60
N HIS S 68 -3.49 -57.56 -51.84
CA HIS S 68 -2.15 -57.55 -52.41
C HIS S 68 -2.26 -57.22 -53.90
N LEU S 69 -1.47 -56.25 -54.35
CA LEU S 69 -1.47 -55.82 -55.73
C LEU S 69 -0.09 -56.04 -56.36
N SER S 70 -0.09 -56.16 -57.69
CA SER S 70 1.15 -56.38 -58.43
C SER S 70 0.93 -55.95 -59.87
N LEU S 71 2.05 -55.71 -60.55
CA LEU S 71 2.05 -55.30 -61.95
C LEU S 71 2.98 -56.20 -62.74
N ASP S 72 2.44 -56.86 -63.78
CA ASP S 72 3.22 -57.73 -64.63
C ASP S 72 3.64 -56.92 -65.86
N LYS S 73 4.90 -56.46 -65.84
CA LYS S 73 5.45 -55.66 -66.93
C LYS S 73 5.82 -56.50 -68.13
N SER S 74 5.95 -57.82 -67.95
CA SER S 74 6.30 -58.71 -69.05
C SER S 74 5.07 -59.05 -69.85
N LYS S 75 3.95 -59.24 -69.16
CA LYS S 75 2.68 -59.60 -69.79
C LYS S 75 1.78 -58.37 -69.93
N ASN S 76 2.22 -57.22 -69.41
CA ASN S 76 1.47 -55.97 -69.48
C ASN S 76 0.06 -56.11 -68.91
N LEU S 77 0.00 -56.38 -67.61
CA LEU S 77 -1.29 -56.52 -66.96
C LEU S 77 -1.18 -56.18 -65.48
N VAL S 78 -2.34 -56.02 -64.84
CA VAL S 78 -2.42 -55.69 -63.42
C VAL S 78 -3.06 -56.86 -62.69
N SER S 79 -2.50 -57.23 -61.54
CA SER S 79 -3.05 -58.36 -60.81
C SER S 79 -3.65 -57.91 -59.49
N LEU S 80 -4.48 -58.77 -58.91
CA LEU S 80 -5.10 -58.47 -57.62
C LEU S 80 -5.30 -59.77 -56.85
N ARG S 81 -5.05 -59.71 -55.55
CA ARG S 81 -5.21 -60.86 -54.65
C ARG S 81 -5.89 -60.39 -53.37
N LEU S 82 -6.92 -61.10 -52.95
CA LEU S 82 -7.65 -60.78 -51.72
C LEU S 82 -7.81 -62.07 -50.91
N THR S 83 -7.04 -62.17 -49.82
CA THR S 83 -7.07 -63.36 -48.97
C THR S 83 -8.13 -63.21 -47.88
N GLY S 84 -8.75 -64.32 -47.53
CA GLY S 84 -9.78 -64.32 -46.50
C GLY S 84 -11.02 -63.54 -46.90
N VAL S 85 -11.68 -63.98 -47.96
CA VAL S 85 -12.86 -63.29 -48.47
C VAL S 85 -14.09 -63.71 -47.66
N THR S 86 -15.05 -62.80 -47.57
CA THR S 86 -16.31 -63.06 -46.87
C THR S 86 -17.48 -62.66 -47.75
N ALA S 87 -18.69 -62.58 -47.19
CA ALA S 87 -19.86 -62.21 -47.97
C ALA S 87 -19.89 -60.73 -48.31
N ALA S 88 -19.10 -59.93 -47.60
CA ALA S 88 -19.08 -58.48 -47.83
C ALA S 88 -18.26 -58.10 -49.05
N ASP S 89 -17.42 -58.99 -49.56
CA ASP S 89 -16.57 -58.71 -50.72
C ASP S 89 -17.26 -58.97 -52.05
N SER S 90 -18.51 -59.46 -52.02
CA SER S 90 -19.27 -59.72 -53.24
C SER S 90 -19.67 -58.39 -53.86
N ALA S 91 -18.96 -57.99 -54.92
CA ALA S 91 -19.22 -56.70 -55.55
C ALA S 91 -18.72 -56.74 -56.99
N ILE S 92 -18.71 -55.57 -57.64
CA ILE S 92 -18.23 -55.42 -59.01
C ILE S 92 -16.90 -54.68 -58.95
N TYR S 93 -15.82 -55.40 -59.26
CA TYR S 93 -14.46 -54.87 -59.20
C TYR S 93 -14.07 -54.24 -60.53
N TYR S 94 -13.68 -52.96 -60.49
CA TYR S 94 -13.26 -52.19 -61.65
C TYR S 94 -11.76 -51.96 -61.56
N CYS S 95 -11.14 -51.83 -62.73
CA CYS S 95 -9.74 -51.52 -62.91
C CYS S 95 -9.62 -50.21 -63.68
N ALA S 96 -8.98 -49.20 -63.07
CA ALA S 96 -8.93 -47.91 -63.73
C ALA S 96 -7.56 -47.26 -63.59
N THR S 97 -7.18 -46.55 -64.65
CA THR S 97 -5.93 -45.79 -64.62
C THR S 97 -6.07 -44.68 -63.61
N THR S 98 -4.94 -44.19 -63.10
CA THR S 98 -4.98 -43.16 -62.08
C THR S 98 -3.99 -42.05 -62.39
N LYS S 99 -4.49 -40.82 -62.48
CA LYS S 99 -3.65 -39.65 -62.67
C LYS S 99 -3.59 -38.86 -61.36
N HIS S 100 -2.38 -38.45 -61.00
CA HIS S 100 -2.13 -37.73 -59.76
C HIS S 100 -2.18 -36.22 -59.99
N GLY S 101 -2.46 -35.50 -58.91
CA GLY S 101 -2.48 -34.06 -58.92
C GLY S 101 -2.02 -33.57 -57.57
N ARG S 102 -1.55 -32.33 -57.52
CA ARG S 102 -1.04 -31.77 -56.27
C ARG S 102 -1.81 -30.51 -55.92
N ARG S 103 -2.55 -30.56 -54.81
CA ARG S 103 -3.33 -29.44 -54.31
C ARG S 103 -2.47 -28.67 -53.33
N ILE S 104 -2.05 -27.47 -53.73
CA ILE S 104 -1.19 -26.64 -52.90
C ILE S 104 -2.04 -25.53 -52.29
N TYR S 105 -1.99 -25.44 -50.97
CA TYR S 105 -2.72 -24.44 -50.22
C TYR S 105 -1.82 -23.59 -49.33
N GLY S 106 -0.67 -24.13 -48.92
CA GLY S 106 0.22 -23.44 -48.00
C GLY S 106 1.43 -22.83 -48.67
N VAL S 107 2.62 -23.15 -48.16
CA VAL S 107 3.84 -22.50 -48.61
C VAL S 107 4.78 -23.49 -49.32
N VAL S 108 4.26 -24.63 -49.77
CA VAL S 108 5.06 -25.62 -50.50
C VAL S 108 6.25 -26.14 -49.68
N ALA S 109 7.15 -25.23 -49.29
CA ALA S 109 8.36 -25.64 -48.59
C ALA S 109 8.09 -26.32 -47.26
N PHE S 110 6.98 -25.97 -46.59
CA PHE S 110 6.64 -26.58 -45.31
C PHE S 110 5.72 -27.78 -45.48
N LYS S 111 5.73 -28.42 -46.66
CA LYS S 111 4.90 -29.58 -46.97
C LYS S 111 3.42 -29.30 -46.75
N GLU S 112 3.02 -28.04 -46.91
CA GLU S 112 1.63 -27.63 -46.72
C GLU S 112 0.82 -27.82 -48.00
N TRP S 113 0.79 -29.08 -48.46
CA TRP S 113 0.08 -29.45 -49.67
C TRP S 113 -0.33 -30.92 -49.55
N PHE S 114 -1.09 -31.39 -50.53
CA PHE S 114 -1.44 -32.80 -50.52
C PHE S 114 -1.72 -33.29 -51.94
N THR S 115 -1.40 -34.56 -52.18
CA THR S 115 -1.60 -35.17 -53.49
C THR S 115 -2.93 -35.90 -53.55
N TYR S 116 -3.70 -35.64 -54.60
CA TYR S 116 -4.99 -36.26 -54.83
C TYR S 116 -4.92 -37.12 -56.09
N PHE S 117 -5.60 -38.26 -56.06
CA PHE S 117 -5.62 -39.17 -57.20
C PHE S 117 -7.01 -39.19 -57.83
N TYR S 118 -7.05 -39.43 -59.14
CA TYR S 118 -8.35 -39.50 -59.81
C TYR S 118 -8.26 -40.41 -61.03
N MET S 119 -9.26 -41.27 -61.17
CA MET S 119 -9.35 -42.21 -62.28
C MET S 119 -10.12 -41.58 -63.45
N ASP S 120 -9.55 -41.67 -64.64
CA ASP S 120 -10.16 -41.09 -65.83
C ASP S 120 -10.67 -42.12 -66.84
N VAL S 121 -9.94 -43.20 -67.05
CA VAL S 121 -10.32 -44.24 -68.01
C VAL S 121 -10.60 -45.52 -67.25
N TRP S 122 -11.88 -45.88 -67.15
CA TRP S 122 -12.30 -47.08 -66.44
C TRP S 122 -12.43 -48.26 -67.40
N GLY S 123 -12.69 -49.43 -66.83
CA GLY S 123 -12.92 -50.64 -67.59
C GLY S 123 -14.36 -51.10 -67.50
N LYS S 124 -14.65 -52.19 -68.21
CA LYS S 124 -16.00 -52.74 -68.18
C LYS S 124 -16.36 -53.26 -66.79
N GLY S 125 -15.39 -53.85 -66.10
CA GLY S 125 -15.57 -54.36 -64.76
C GLY S 125 -15.89 -55.84 -64.74
N THR S 126 -15.54 -56.49 -63.62
CA THR S 126 -15.82 -57.90 -63.43
C THR S 126 -16.68 -58.09 -62.18
N SER S 127 -17.50 -59.14 -62.18
CA SER S 127 -18.36 -59.43 -61.03
C SER S 127 -17.76 -60.55 -60.20
N VAL S 128 -17.59 -60.31 -58.90
CA VAL S 128 -17.05 -61.30 -57.99
C VAL S 128 -18.04 -61.49 -56.84
N THR S 129 -18.56 -62.70 -56.67
CA THR S 129 -19.46 -62.99 -55.57
C THR S 129 -18.93 -64.17 -54.76
N VAL S 130 -18.99 -64.00 -53.44
CA VAL S 130 -18.53 -64.98 -52.45
C VAL S 130 -19.71 -65.80 -51.95
N SER S 131 -19.71 -67.09 -52.23
CA SER S 131 -20.74 -68.00 -51.76
C SER S 131 -20.12 -69.39 -51.65
N SER S 132 -20.54 -70.15 -50.64
CA SER S 132 -19.96 -71.47 -50.44
C SER S 132 -20.64 -72.56 -51.25
N ALA S 133 -21.62 -72.22 -52.08
CA ALA S 133 -22.26 -73.22 -52.89
C ALA S 133 -21.42 -73.47 -54.14
N SER S 134 -21.62 -74.62 -54.77
CA SER S 134 -20.94 -74.86 -56.03
C SER S 134 -21.59 -74.07 -57.16
N THR S 135 -22.40 -73.08 -56.77
CA THR S 135 -23.20 -72.20 -57.61
C THR S 135 -24.27 -73.06 -58.26
N LYS S 136 -25.32 -72.45 -58.80
CA LYS S 136 -26.36 -73.19 -59.49
C LYS S 136 -26.41 -72.76 -60.94
N GLY S 137 -26.40 -73.72 -61.84
CA GLY S 137 -26.44 -73.44 -63.26
C GLY S 137 -27.82 -72.98 -63.62
N PRO S 138 -27.90 -71.90 -64.41
CA PRO S 138 -29.22 -71.38 -64.80
C PRO S 138 -29.91 -72.31 -65.77
N SER S 139 -31.23 -72.17 -65.84
CA SER S 139 -32.04 -72.95 -66.77
C SER S 139 -32.74 -72.00 -67.72
N VAL S 140 -32.30 -72.00 -68.98
CA VAL S 140 -32.82 -71.10 -70.00
C VAL S 140 -34.04 -71.74 -70.64
N PHE S 141 -35.15 -71.00 -70.67
CA PHE S 141 -36.36 -71.49 -71.33
C PHE S 141 -36.86 -70.48 -72.35
N PRO S 142 -37.20 -70.92 -73.56
CA PRO S 142 -37.66 -70.01 -74.61
C PRO S 142 -39.10 -69.58 -74.36
N LEU S 143 -39.40 -68.30 -74.59
CA LEU S 143 -40.75 -67.79 -74.47
C LEU S 143 -41.32 -67.72 -75.88
N ALA S 144 -42.27 -68.61 -76.18
CA ALA S 144 -42.84 -68.68 -77.51
C ALA S 144 -43.56 -67.39 -77.86
N PRO S 145 -43.44 -66.93 -79.11
CA PRO S 145 -44.12 -65.70 -79.53
C PRO S 145 -45.63 -65.87 -79.49
N SER S 146 -46.31 -64.82 -79.03
CA SER S 146 -47.77 -64.82 -78.93
C SER S 146 -48.23 -63.37 -79.01
N SER S 147 -48.76 -62.99 -80.18
CA SER S 147 -49.26 -61.64 -80.42
C SER S 147 -48.20 -60.57 -80.12
N GLY S 152 -51.94 -56.47 -85.38
CA GLY S 152 -51.20 -55.25 -85.14
C GLY S 152 -49.91 -55.15 -85.93
N GLY S 153 -49.48 -56.30 -86.48
CA GLY S 153 -48.27 -56.37 -87.26
C GLY S 153 -46.99 -56.54 -86.47
N THR S 154 -47.06 -56.57 -85.14
CA THR S 154 -45.88 -56.75 -84.31
C THR S 154 -46.04 -58.00 -83.45
N ALA S 155 -44.93 -58.44 -82.86
CA ALA S 155 -44.92 -59.63 -82.02
C ALA S 155 -43.79 -59.51 -81.01
N ALA S 156 -43.96 -60.21 -79.89
CA ALA S 156 -42.98 -60.24 -78.82
C ALA S 156 -42.27 -61.59 -78.82
N LEU S 157 -41.00 -61.60 -78.39
CA LEU S 157 -40.25 -62.84 -78.36
C LEU S 157 -39.15 -62.69 -77.33
N GLY S 158 -38.90 -63.72 -76.53
CA GLY S 158 -37.88 -63.56 -75.53
C GLY S 158 -37.43 -64.87 -74.92
N CYS S 159 -36.57 -64.73 -73.91
CA CYS S 159 -36.10 -65.90 -73.19
C CYS S 159 -36.33 -65.68 -71.70
N LEU S 160 -35.98 -66.71 -70.92
CA LEU S 160 -36.14 -66.70 -69.47
C LEU S 160 -35.00 -67.45 -68.82
N VAL S 161 -34.30 -66.82 -67.90
CA VAL S 161 -33.22 -67.46 -67.15
C VAL S 161 -33.76 -67.72 -65.75
N LYS S 162 -34.04 -69.00 -65.46
CA LYS S 162 -34.69 -69.40 -64.23
C LYS S 162 -33.72 -70.13 -63.31
N ASP S 163 -33.76 -69.76 -62.03
CA ASP S 163 -33.00 -70.38 -60.95
C ASP S 163 -31.50 -70.38 -61.22
N TYR S 164 -30.83 -69.30 -60.81
CA TYR S 164 -29.39 -69.21 -60.89
C TYR S 164 -28.89 -68.41 -59.70
N PHE S 165 -27.60 -68.54 -59.43
CA PHE S 165 -26.99 -67.80 -58.33
C PHE S 165 -25.49 -67.79 -58.61
N PRO S 166 -24.83 -66.63 -58.51
CA PRO S 166 -25.43 -65.33 -58.17
C PRO S 166 -25.51 -64.37 -59.36
N GLU S 167 -25.79 -63.10 -59.06
CA GLU S 167 -25.85 -62.08 -60.10
C GLU S 167 -24.44 -61.79 -60.64
N PRO S 168 -24.33 -61.34 -61.89
CA PRO S 168 -25.43 -61.17 -62.85
C PRO S 168 -25.41 -62.20 -63.97
N VAL S 169 -26.20 -61.98 -65.01
CA VAL S 169 -26.24 -62.83 -66.19
C VAL S 169 -26.30 -61.94 -67.43
N THR S 170 -25.32 -62.09 -68.32
CA THR S 170 -25.29 -61.31 -69.54
C THR S 170 -26.09 -62.03 -70.62
N VAL S 171 -27.08 -61.35 -71.18
CA VAL S 171 -27.96 -61.94 -72.19
C VAL S 171 -27.88 -61.09 -73.45
N SER S 172 -27.45 -61.71 -74.54
CA SER S 172 -27.36 -61.03 -75.83
C SER S 172 -28.21 -61.76 -76.86
N TRP S 173 -28.48 -61.09 -77.99
CA TRP S 173 -29.30 -61.66 -79.04
C TRP S 173 -28.53 -61.73 -80.35
N ASN S 174 -28.51 -62.93 -80.94
CA ASN S 174 -27.81 -63.19 -82.20
C ASN S 174 -26.34 -62.74 -82.15
N SER S 175 -25.67 -63.06 -81.03
CA SER S 175 -24.27 -62.69 -80.82
C SER S 175 -24.06 -61.18 -80.94
N GLY S 176 -25.09 -60.41 -80.58
CA GLY S 176 -25.02 -58.97 -80.60
C GLY S 176 -25.47 -58.33 -81.89
N ALA S 177 -26.16 -59.08 -82.77
CA ALA S 177 -26.65 -58.57 -84.04
C ALA S 177 -28.08 -58.08 -83.94
N LEU S 178 -28.55 -57.77 -82.73
CA LEU S 178 -29.92 -57.27 -82.55
C LEU S 178 -29.94 -56.47 -81.25
N THR S 179 -29.86 -55.14 -81.37
CA THR S 179 -29.84 -54.26 -80.22
C THR S 179 -31.02 -53.29 -80.19
N SER S 180 -31.92 -53.37 -81.16
CA SER S 180 -33.08 -52.48 -81.25
C SER S 180 -34.31 -53.23 -80.74
N GLY S 181 -34.90 -52.73 -79.65
CA GLY S 181 -36.08 -53.34 -79.10
C GLY S 181 -35.83 -54.40 -78.04
N VAL S 182 -34.61 -54.50 -77.52
CA VAL S 182 -34.28 -55.49 -76.51
C VAL S 182 -34.44 -54.89 -75.13
N HIS S 183 -35.22 -55.56 -74.28
CA HIS S 183 -35.47 -55.11 -72.91
C HIS S 183 -35.25 -56.28 -71.96
N THR S 184 -34.09 -56.27 -71.29
CA THR S 184 -33.75 -57.29 -70.31
C THR S 184 -34.21 -56.79 -68.93
N PHE S 185 -35.05 -57.56 -68.26
CA PHE S 185 -35.53 -57.10 -66.97
C PHE S 185 -34.62 -57.57 -65.84
N PRO S 186 -34.50 -56.77 -64.77
CA PRO S 186 -33.71 -57.21 -63.61
C PRO S 186 -34.32 -58.42 -62.93
N ALA S 187 -33.44 -59.29 -62.42
CA ALA S 187 -33.86 -60.54 -61.79
C ALA S 187 -34.59 -60.27 -60.48
N VAL S 188 -35.21 -61.33 -59.96
CA VAL S 188 -35.94 -61.30 -58.69
C VAL S 188 -35.36 -62.36 -57.76
N LEU S 189 -35.06 -61.96 -56.53
CA LEU S 189 -34.52 -62.87 -55.53
C LEU S 189 -35.69 -63.62 -54.88
N GLN S 190 -35.82 -64.90 -55.21
CA GLN S 190 -36.88 -65.73 -54.66
C GLN S 190 -36.58 -66.09 -53.20
N SER S 191 -37.54 -66.76 -52.56
CA SER S 191 -37.33 -67.14 -51.17
C SER S 191 -36.31 -68.25 -51.03
N SER S 192 -36.08 -69.02 -52.10
CA SER S 192 -35.09 -70.09 -52.08
C SER S 192 -33.67 -69.57 -52.16
N GLY S 193 -33.50 -68.31 -52.56
CA GLY S 193 -32.20 -67.70 -52.67
C GLY S 193 -31.61 -67.75 -54.07
N LEU S 194 -32.44 -67.90 -55.10
CA LEU S 194 -32.00 -67.97 -56.49
C LEU S 194 -32.65 -66.87 -57.30
N TYR S 195 -31.87 -66.26 -58.19
CA TYR S 195 -32.37 -65.20 -59.05
C TYR S 195 -32.98 -65.78 -60.32
N SER S 196 -33.78 -64.96 -61.00
CA SER S 196 -34.44 -65.38 -62.24
C SER S 196 -34.85 -64.15 -63.02
N LEU S 197 -34.34 -64.00 -64.24
CA LEU S 197 -34.66 -62.84 -65.08
C LEU S 197 -35.32 -63.30 -66.38
N SER S 198 -35.65 -62.31 -67.21
CA SER S 198 -36.27 -62.53 -68.52
C SER S 198 -35.84 -61.42 -69.45
N SER S 199 -35.84 -61.71 -70.76
CA SER S 199 -35.42 -60.71 -71.74
C SER S 199 -36.31 -60.79 -72.97
N VAL S 200 -37.03 -59.71 -73.27
CA VAL S 200 -37.95 -59.69 -74.42
C VAL S 200 -37.45 -58.76 -75.51
N VAL S 201 -37.82 -59.09 -76.75
CA VAL S 201 -37.48 -58.33 -77.94
C VAL S 201 -38.75 -58.13 -78.78
N THR S 202 -39.05 -56.87 -79.11
CA THR S 202 -40.18 -56.50 -79.95
C THR S 202 -39.77 -56.65 -81.42
N VAL S 203 -40.32 -57.65 -82.12
CA VAL S 203 -39.95 -57.86 -83.52
C VAL S 203 -41.19 -57.86 -84.39
N PRO S 204 -41.10 -57.47 -85.67
CA PRO S 204 -42.27 -57.52 -86.54
C PRO S 204 -42.79 -58.94 -86.71
N SER S 205 -44.12 -59.07 -86.80
CA SER S 205 -44.74 -60.38 -86.91
C SER S 205 -44.32 -61.11 -88.18
N SER S 206 -43.96 -60.37 -89.23
CA SER S 206 -43.51 -60.95 -90.49
C SER S 206 -42.15 -61.58 -90.27
N SER S 207 -42.15 -62.78 -89.71
CA SER S 207 -40.92 -63.50 -89.41
C SER S 207 -41.06 -64.97 -89.79
N LEU S 208 -41.56 -65.24 -91.00
CA LEU S 208 -41.62 -66.60 -91.49
C LEU S 208 -40.22 -67.17 -91.64
N GLY S 209 -39.31 -66.39 -92.23
CA GLY S 209 -37.89 -66.68 -92.32
C GLY S 209 -37.46 -68.06 -92.77
N THR S 210 -37.00 -68.89 -91.85
CA THR S 210 -36.97 -68.58 -90.42
C THR S 210 -35.82 -67.66 -89.99
N GLN S 211 -36.19 -66.45 -89.55
CA GLN S 211 -35.23 -65.52 -88.98
C GLN S 211 -34.84 -66.03 -87.59
N THR S 212 -33.82 -66.87 -87.54
CA THR S 212 -33.42 -67.57 -86.33
C THR S 212 -33.05 -66.64 -85.18
N TYR S 213 -33.87 -66.61 -84.13
CA TYR S 213 -33.60 -65.83 -82.93
C TYR S 213 -33.05 -66.77 -81.86
N ILE S 214 -31.73 -66.70 -81.63
CA ILE S 214 -31.06 -67.52 -80.63
C ILE S 214 -30.47 -66.58 -79.58
N CYS S 215 -31.02 -66.64 -78.37
CA CYS S 215 -30.52 -65.83 -77.27
C CYS S 215 -29.33 -66.51 -76.60
N ASN S 216 -28.29 -65.72 -76.34
CA ASN S 216 -27.07 -66.19 -75.72
C ASN S 216 -27.05 -65.77 -74.25
N VAL S 217 -27.10 -66.75 -73.35
CA VAL S 217 -27.10 -66.52 -71.91
C VAL S 217 -25.72 -66.88 -71.37
N ASN S 218 -25.10 -65.94 -70.64
CA ASN S 218 -23.78 -66.16 -70.07
C ASN S 218 -23.82 -65.91 -68.57
N HIS S 219 -23.21 -66.83 -67.82
CA HIS S 219 -23.09 -66.77 -66.37
C HIS S 219 -21.64 -67.04 -65.99
N LYS S 220 -20.88 -65.96 -65.77
CA LYS S 220 -19.46 -66.08 -65.46
C LYS S 220 -19.16 -66.87 -64.19
N PRO S 221 -19.88 -66.73 -63.07
CA PRO S 221 -19.52 -67.51 -61.88
C PRO S 221 -19.61 -69.01 -62.06
N SER S 222 -20.36 -69.47 -63.05
CA SER S 222 -20.48 -70.90 -63.34
C SER S 222 -19.92 -71.27 -64.69
N ASN S 223 -19.33 -70.31 -65.42
CA ASN S 223 -18.79 -70.55 -66.76
C ASN S 223 -19.84 -71.17 -67.67
N THR S 224 -21.08 -70.70 -67.55
CA THR S 224 -22.20 -71.29 -68.27
C THR S 224 -22.55 -70.41 -69.47
N LYS S 225 -22.45 -70.98 -70.67
CA LYS S 225 -22.84 -70.30 -71.90
C LYS S 225 -23.89 -71.16 -72.59
N VAL S 226 -25.14 -70.72 -72.57
CA VAL S 226 -26.26 -71.47 -73.14
C VAL S 226 -26.85 -70.68 -74.30
N ASP S 227 -26.86 -71.30 -75.49
CA ASP S 227 -27.45 -70.72 -76.69
C ASP S 227 -28.81 -71.37 -76.89
N LYS S 228 -29.89 -70.61 -76.74
CA LYS S 228 -31.23 -71.15 -76.88
C LYS S 228 -31.92 -70.54 -78.09
N ARG S 229 -32.55 -71.38 -78.91
CA ARG S 229 -33.26 -70.94 -80.10
C ARG S 229 -34.76 -70.89 -79.79
N VAL S 230 -35.38 -69.75 -80.06
CA VAL S 230 -36.80 -69.55 -79.79
C VAL S 230 -37.58 -69.78 -81.07
N GLU S 231 -38.52 -70.73 -81.04
CA GLU S 231 -39.35 -71.05 -82.18
C GLU S 231 -40.81 -71.10 -81.74
N PRO S 232 -41.73 -70.54 -82.55
CA PRO S 232 -43.17 -70.53 -82.25
C PRO S 232 -43.75 -71.94 -82.13
N GLN T 1 51.94 25.37 -20.08
CA GLN T 1 52.04 24.21 -19.21
C GLN T 1 51.87 22.92 -20.00
N GLY T 2 52.39 22.91 -21.22
CA GLY T 2 52.33 21.77 -22.11
C GLY T 2 53.72 21.41 -22.61
N GLN T 3 53.78 20.98 -23.87
CA GLN T 3 55.06 20.61 -24.47
C GLN T 3 54.92 20.58 -25.99
N LEU T 4 55.83 21.27 -26.67
CA LEU T 4 55.87 21.36 -28.12
C LEU T 4 57.13 20.67 -28.63
N VAL T 5 56.96 19.66 -29.48
CA VAL T 5 58.07 18.94 -30.09
C VAL T 5 58.03 19.15 -31.60
N GLN T 6 59.13 19.58 -32.19
CA GLN T 6 59.17 19.80 -33.64
C GLN T 6 59.91 18.65 -34.32
N SER T 7 59.88 18.67 -35.65
CA SER T 7 60.54 17.62 -36.42
C SER T 7 62.05 17.82 -36.40
N GLY T 8 62.77 16.84 -36.94
CA GLY T 8 64.22 16.91 -36.97
C GLY T 8 64.73 17.91 -37.98
N ALA T 9 66.01 18.26 -37.84
CA ALA T 9 66.64 19.20 -38.75
C ALA T 9 66.84 18.57 -40.12
N GLU T 10 66.47 19.31 -41.16
CA GLU T 10 66.58 18.83 -42.54
C GLU T 10 67.48 19.75 -43.36
N LEU T 11 67.99 19.20 -44.46
CA LEU T 11 68.83 19.92 -45.40
C LEU T 11 68.11 20.01 -46.74
N LYS T 12 67.88 21.24 -47.22
CA LYS T 12 67.15 21.42 -48.46
C LYS T 12 67.91 22.33 -49.40
N LYS T 13 67.93 21.96 -50.69
CA LYS T 13 68.55 22.74 -51.74
C LYS T 13 67.66 23.91 -52.15
N PRO T 14 68.26 25.03 -52.54
CA PRO T 14 67.47 26.20 -52.94
C PRO T 14 66.58 25.90 -54.14
N GLY T 15 65.32 26.34 -54.05
CA GLY T 15 64.32 26.08 -55.05
C GLY T 15 63.28 25.07 -54.64
N ALA T 16 63.60 24.20 -53.69
CA ALA T 16 62.66 23.20 -53.19
C ALA T 16 61.88 23.77 -52.00
N SER T 17 61.02 22.95 -51.41
CA SER T 17 60.19 23.33 -50.29
C SER T 17 60.50 22.44 -49.10
N VAL T 18 60.00 22.84 -47.93
CA VAL T 18 60.24 22.05 -46.72
C VAL T 18 59.07 22.28 -45.78
N LYS T 19 58.63 21.19 -45.13
CA LYS T 19 57.49 21.19 -44.22
C LYS T 19 57.96 20.79 -42.82
N ILE T 20 57.93 21.75 -41.92
CA ILE T 20 58.33 21.58 -40.52
C ILE T 20 57.09 21.40 -39.65
N SER T 21 57.05 20.30 -38.90
CA SER T 21 55.94 19.99 -38.03
C SER T 21 56.17 20.58 -36.64
N CYS T 22 55.12 20.48 -35.81
CA CYS T 22 55.14 20.97 -34.42
C CYS T 22 53.99 20.31 -33.65
N LYS T 23 54.27 19.18 -33.04
CA LYS T 23 53.25 18.46 -32.28
C LYS T 23 53.21 19.02 -30.87
N THR T 24 52.00 19.22 -30.36
CA THR T 24 51.79 19.80 -29.04
C THR T 24 51.09 18.75 -28.17
N SER T 25 51.19 18.94 -26.87
CA SER T 25 50.56 18.00 -25.95
C SER T 25 50.52 18.60 -24.57
N GLY T 26 49.47 18.28 -23.81
CA GLY T 26 49.38 18.77 -22.46
C GLY T 26 48.40 19.90 -22.26
N TYR T 27 47.68 20.30 -23.30
CA TYR T 27 46.72 21.39 -23.25
C TYR T 27 45.80 21.29 -24.46
N ARG T 28 44.76 22.10 -24.45
CA ARG T 28 43.81 22.12 -25.56
C ARG T 28 44.43 22.84 -26.75
N PHE T 29 44.69 22.08 -27.82
CA PHE T 29 45.35 22.60 -29.01
C PHE T 29 44.55 23.69 -29.71
N ASN T 30 43.21 23.63 -29.63
CA ASN T 30 42.36 24.57 -30.34
C ASN T 30 42.13 25.89 -29.60
N PHE T 31 42.54 25.99 -28.34
CA PHE T 31 42.29 27.19 -27.54
C PHE T 31 43.40 28.23 -27.64
N TYR T 32 44.46 27.96 -28.39
CA TYR T 32 45.55 28.91 -28.51
C TYR T 32 46.07 28.93 -29.94
N HIS T 33 46.59 30.08 -30.36
CA HIS T 33 47.13 30.23 -31.70
C HIS T 33 48.48 29.52 -31.79
N ILE T 34 48.92 29.29 -33.03
CA ILE T 34 50.20 28.67 -33.31
C ILE T 34 51.02 29.62 -34.17
N ASN T 35 51.92 30.36 -33.53
CA ASN T 35 52.81 31.29 -34.21
C ASN T 35 54.05 30.56 -34.74
N TRP T 36 54.60 31.06 -35.84
CA TRP T 36 55.82 30.56 -36.45
C TRP T 36 56.77 31.74 -36.60
N ILE T 37 57.90 31.68 -35.87
CA ILE T 37 58.91 32.73 -35.85
C ILE T 37 60.25 32.11 -36.24
N ARG T 38 60.95 32.73 -37.18
CA ARG T 38 62.27 32.23 -37.58
C ARG T 38 63.36 33.18 -37.10
N GLN T 39 64.61 32.73 -37.25
CA GLN T 39 65.76 33.53 -36.85
C GLN T 39 66.97 33.14 -37.68
N THR T 40 67.46 34.09 -38.48
CA THR T 40 68.65 33.94 -39.31
C THR T 40 69.77 34.82 -38.76
N ALA T 41 70.99 34.57 -39.25
CA ALA T 41 72.17 35.29 -38.80
C ALA T 41 72.44 36.55 -39.62
N GLY T 42 71.47 37.00 -40.42
CA GLY T 42 71.65 38.16 -41.25
C GLY T 42 70.52 39.16 -41.13
N ARG T 43 69.35 38.68 -40.72
CA ARG T 43 68.15 39.50 -40.62
C ARG T 43 67.58 39.51 -39.21
N GLY T 44 68.18 38.77 -38.27
CA GLY T 44 67.72 38.74 -36.91
C GLY T 44 66.40 38.04 -36.72
N PRO T 45 65.78 38.25 -35.56
CA PRO T 45 64.48 37.62 -35.29
C PRO T 45 63.39 38.19 -36.19
N GLU T 46 62.63 37.29 -36.80
CA GLU T 46 61.59 37.68 -37.75
C GLU T 46 60.36 36.84 -37.50
N TRP T 47 59.23 37.51 -37.30
CA TRP T 47 57.95 36.84 -37.10
C TRP T 47 57.35 36.47 -38.45
N MET T 48 57.03 35.20 -38.64
CA MET T 48 56.52 34.74 -39.92
C MET T 48 55.00 34.79 -39.96
N GLY T 49 54.33 34.24 -38.95
CA GLY T 49 52.87 34.32 -38.99
C GLY T 49 52.23 33.42 -37.96
N TRP T 50 50.91 33.53 -37.84
CA TRP T 50 50.21 32.67 -36.91
C TRP T 50 48.96 32.07 -37.54
N ILE T 51 48.42 31.05 -36.87
CA ILE T 51 47.22 30.37 -37.35
C ILE T 51 46.42 29.87 -36.15
N SER T 52 45.09 30.07 -36.21
CA SER T 52 44.18 29.65 -35.16
C SER T 52 43.58 28.28 -35.47
N PRO T 53 43.91 27.23 -34.72
CA PRO T 53 43.40 25.88 -35.02
C PRO T 53 41.87 25.73 -35.00
N TYR T 54 41.14 26.59 -34.28
CA TYR T 54 39.69 26.47 -34.22
C TYR T 54 39.04 26.75 -35.57
N SER T 55 39.24 27.94 -36.12
CA SER T 55 38.60 28.34 -37.37
C SER T 55 39.41 27.92 -38.58
N GLY T 56 40.69 28.26 -38.59
CA GLY T 56 41.56 27.98 -39.71
C GLY T 56 42.04 29.31 -40.25
N ASP T 57 41.68 30.38 -39.56
CA ASP T 57 42.09 31.71 -39.96
C ASP T 57 43.60 31.83 -39.79
N LYS T 58 44.26 32.46 -40.75
CA LYS T 58 45.70 32.62 -40.76
C LYS T 58 46.06 34.10 -40.94
N ASN T 59 47.24 34.46 -40.44
CA ASN T 59 47.74 35.83 -40.60
C ASN T 59 49.25 35.75 -40.79
N LEU T 60 49.67 35.84 -42.04
CA LEU T 60 51.06 35.77 -42.46
C LEU T 60 51.65 37.16 -42.61
N ALA T 61 52.96 37.26 -42.42
CA ALA T 61 53.66 38.52 -42.65
C ALA T 61 53.75 38.80 -44.15
N PRO T 62 53.74 40.08 -44.54
CA PRO T 62 53.87 40.42 -45.97
C PRO T 62 55.12 39.85 -46.62
N ALA T 63 56.17 39.57 -45.83
CA ALA T 63 57.39 39.00 -46.39
C ALA T 63 57.22 37.54 -46.73
N PHE T 64 56.31 36.84 -46.04
CA PHE T 64 56.04 35.43 -46.27
C PHE T 64 54.63 35.22 -46.78
N GLN T 65 54.08 36.25 -47.44
CA GLN T 65 52.70 36.22 -47.90
C GLN T 65 52.50 35.33 -49.12
N ASP T 66 53.55 35.06 -49.89
CA ASP T 66 53.41 34.37 -51.16
C ASP T 66 54.36 33.18 -51.28
N ARG T 67 54.69 32.54 -50.14
CA ARG T 67 55.54 31.34 -50.21
C ARG T 67 55.53 30.53 -48.92
N VAL T 68 54.56 30.72 -48.03
CA VAL T 68 54.46 29.98 -46.78
C VAL T 68 53.02 29.53 -46.59
N ILE T 69 52.82 28.23 -46.34
CA ILE T 69 51.50 27.67 -46.12
C ILE T 69 51.46 27.03 -44.75
N MET T 70 50.49 27.43 -43.93
CA MET T 70 50.33 26.90 -42.57
C MET T 70 49.11 26.00 -42.51
N THR T 71 49.28 24.78 -41.98
CA THR T 71 48.19 23.83 -41.87
C THR T 71 48.12 23.26 -40.46
N THR T 72 46.91 22.91 -40.02
CA THR T 72 46.76 22.32 -38.69
C THR T 72 45.80 21.14 -38.75
N ASP T 73 46.12 20.11 -37.98
CA ASP T 73 45.29 18.93 -37.88
C ASP T 73 44.19 19.13 -36.83
N THR T 74 43.27 18.18 -36.78
CA THR T 74 42.18 18.25 -35.81
C THR T 74 42.70 17.87 -34.42
N GLU T 75 41.99 18.34 -33.41
CA GLU T 75 42.36 18.10 -32.02
C GLU T 75 42.01 16.67 -31.62
N VAL T 76 42.95 16.00 -30.94
CA VAL T 76 42.71 14.67 -30.44
C VAL T 76 42.55 14.72 -28.93
N PRO T 77 41.32 14.66 -28.42
CA PRO T 77 41.07 14.79 -26.98
C PRO T 77 41.75 13.70 -26.17
N VAL T 78 42.43 14.12 -25.10
CA VAL T 78 43.06 13.21 -24.15
C VAL T 78 42.30 13.22 -22.83
N THR T 79 42.14 14.40 -22.23
CA THR T 79 41.35 14.57 -21.03
C THR T 79 40.29 15.64 -21.34
N SER T 80 39.61 16.12 -20.30
CA SER T 80 38.57 17.12 -20.52
C SER T 80 39.15 18.51 -20.72
N PHE T 81 40.40 18.73 -20.28
CA PHE T 81 41.04 20.03 -20.35
C PHE T 81 42.39 20.01 -21.05
N THR T 82 42.93 18.84 -21.38
CA THR T 82 44.21 18.71 -22.08
C THR T 82 44.03 17.85 -23.31
N SER T 83 44.94 18.02 -24.28
CA SER T 83 44.85 17.28 -25.53
C SER T 83 46.22 17.29 -26.20
N THR T 84 46.28 16.64 -27.37
CA THR T 84 47.46 16.55 -28.20
C THR T 84 47.07 16.93 -29.63
N GLY T 85 47.89 17.77 -30.27
CA GLY T 85 47.63 18.21 -31.62
C GLY T 85 48.91 18.34 -32.42
N ALA T 86 48.76 18.73 -33.69
CA ALA T 86 49.95 18.89 -34.52
C ALA T 86 49.73 20.00 -35.54
N ALA T 87 50.69 20.91 -35.66
CA ALA T 87 50.63 22.01 -36.63
C ALA T 87 51.81 21.88 -37.59
N TYR T 88 51.58 22.17 -38.87
CA TYR T 88 52.65 22.10 -39.85
C TYR T 88 52.81 23.44 -40.56
N MET T 89 53.95 23.57 -41.25
CA MET T 89 54.17 24.74 -42.09
C MET T 89 55.08 24.33 -43.23
N GLU T 90 54.79 24.84 -44.43
CA GLU T 90 55.49 24.48 -45.65
C GLU T 90 55.98 25.75 -46.33
N ILE T 91 57.29 25.94 -46.32
CA ILE T 91 57.93 27.10 -46.93
C ILE T 91 58.56 26.67 -48.25
N ARG T 92 58.13 27.31 -49.33
CA ARG T 92 58.60 27.04 -50.68
C ARG T 92 59.58 28.12 -51.13
N ASN T 93 60.19 27.91 -52.29
CA ASN T 93 61.15 28.83 -52.90
C ASN T 93 62.28 29.18 -51.92
N LEU T 94 62.96 28.15 -51.43
CA LEU T 94 64.04 28.35 -50.48
C LEU T 94 65.21 29.08 -51.12
N LYS T 95 65.83 29.97 -50.35
CA LYS T 95 66.99 30.73 -50.79
C LYS T 95 68.10 30.60 -49.75
N PHE T 96 69.25 31.21 -50.05
CA PHE T 96 70.41 31.12 -49.16
C PHE T 96 70.21 31.87 -47.85
N ASP T 97 69.33 32.87 -47.83
CA ASP T 97 69.08 33.65 -46.63
C ASP T 97 68.01 33.05 -45.74
N ASP T 98 67.52 31.85 -46.07
CA ASP T 98 66.50 31.17 -45.28
C ASP T 98 67.10 30.16 -44.32
N THR T 99 68.43 30.13 -44.20
CA THR T 99 69.12 29.20 -43.31
C THR T 99 69.12 29.75 -41.89
N GLY T 100 68.51 29.02 -40.96
CA GLY T 100 68.46 29.47 -39.59
C GLY T 100 67.59 28.55 -38.75
N THR T 101 67.17 29.04 -37.59
CA THR T 101 66.34 28.23 -36.70
C THR T 101 64.89 28.67 -36.77
N TYR T 102 63.98 27.71 -36.94
CA TYR T 102 62.56 27.98 -37.04
C TYR T 102 61.86 27.46 -35.79
N PHE T 103 61.12 28.34 -35.11
CA PHE T 103 60.41 28.00 -33.89
C PHE T 103 58.90 28.07 -34.10
N CYS T 104 58.20 27.23 -33.34
CA CYS T 104 56.74 27.24 -33.23
C CYS T 104 56.39 27.60 -31.79
N ALA T 105 55.42 28.50 -31.64
CA ALA T 105 55.07 29.04 -30.33
C ALA T 105 53.57 28.98 -30.07
N LYS T 106 53.22 28.66 -28.83
CA LYS T 106 51.83 28.64 -28.38
C LYS T 106 51.36 30.05 -28.03
N GLY T 107 50.10 30.33 -28.31
CA GLY T 107 49.53 31.63 -27.98
C GLY T 107 49.50 31.86 -26.47
N LEU T 108 49.26 33.11 -26.10
CA LEU T 108 49.27 33.48 -24.68
C LEU T 108 47.91 33.30 -24.02
N LEU T 109 46.88 34.00 -24.52
CA LEU T 109 45.55 33.94 -23.95
C LEU T 109 44.53 33.56 -25.01
N ARG T 110 43.28 33.36 -24.56
CA ARG T 110 42.19 33.05 -25.48
C ARG T 110 41.47 34.30 -25.95
N ASP T 111 41.27 35.27 -25.05
CA ASP T 111 40.59 36.52 -25.35
C ASP T 111 41.45 37.67 -24.85
N GLY T 112 41.20 38.86 -25.41
CA GLY T 112 41.95 40.03 -25.00
C GLY T 112 42.65 40.69 -26.17
N SER T 113 43.68 41.49 -25.86
CA SER T 113 44.44 42.20 -26.88
C SER T 113 45.77 41.52 -27.18
N SER T 114 46.06 40.40 -26.52
CA SER T 114 47.28 39.65 -26.73
C SER T 114 46.98 38.15 -26.73
N THR T 115 46.03 37.75 -27.56
CA THR T 115 45.61 36.35 -27.59
C THR T 115 46.63 35.50 -28.34
N TRP T 116 47.15 36.01 -29.44
CA TRP T 116 48.06 35.30 -30.33
C TRP T 116 49.50 35.41 -29.88
N LEU T 117 49.78 36.21 -28.85
CA LEU T 117 51.15 36.46 -28.42
C LEU T 117 51.89 35.16 -28.10
N PRO T 118 53.05 34.92 -28.71
CA PRO T 118 53.81 33.70 -28.47
C PRO T 118 54.26 33.54 -27.02
N TYR T 119 53.72 32.54 -26.32
CA TYR T 119 54.06 32.30 -24.92
C TYR T 119 54.91 31.05 -24.73
N LEU T 120 54.38 29.87 -25.05
CA LEU T 120 55.13 28.64 -24.90
C LEU T 120 55.79 28.30 -26.24
N TRP T 121 57.11 28.11 -26.23
CA TRP T 121 57.84 27.88 -27.46
C TRP T 121 58.38 26.46 -27.54
N GLY T 122 58.85 26.15 -28.74
CA GLY T 122 59.43 24.87 -29.07
C GLY T 122 60.91 24.82 -28.73
N GLN T 123 61.57 23.80 -29.27
CA GLN T 123 63.00 23.64 -29.15
C GLN T 123 63.71 24.15 -30.39
N GLY T 124 62.98 24.31 -31.48
CA GLY T 124 63.44 24.85 -32.76
C GLY T 124 64.00 23.79 -33.68
N THR T 125 63.82 24.03 -34.98
CA THR T 125 64.33 23.16 -36.02
C THR T 125 65.26 23.92 -36.95
N LEU T 126 66.52 23.50 -36.98
CA LEU T 126 67.51 24.15 -37.82
C LEU T 126 67.25 23.78 -39.27
N LEU T 127 67.20 24.78 -40.14
CA LEU T 127 66.99 24.57 -41.57
C LEU T 127 68.18 25.13 -42.32
N THR T 128 68.85 24.27 -43.07
CA THR T 128 70.01 24.66 -43.87
C THR T 128 69.69 24.55 -45.35
N VAL T 129 69.86 25.66 -46.06
CA VAL T 129 69.64 25.75 -47.50
C VAL T 129 71.01 25.87 -48.14
N SER T 130 71.50 24.78 -48.73
CA SER T 130 72.81 24.79 -49.35
C SER T 130 72.83 23.83 -50.53
N SER T 131 73.74 24.10 -51.46
CA SER T 131 73.93 23.21 -52.61
C SER T 131 74.90 22.09 -52.28
N ALA T 132 75.98 22.40 -51.55
CA ALA T 132 76.92 21.41 -51.03
C ALA T 132 76.17 20.20 -50.50
N SER T 133 76.65 19.01 -50.88
CA SER T 133 75.91 17.79 -50.59
C SER T 133 76.18 17.29 -49.18
N THR T 134 75.36 16.32 -48.76
CA THR T 134 75.47 15.75 -47.43
C THR T 134 76.67 14.82 -47.35
N LYS T 135 77.51 15.03 -46.33
CA LYS T 135 78.69 14.22 -46.09
C LYS T 135 78.58 13.57 -44.72
N GLY T 136 78.82 12.26 -44.66
CA GLY T 136 78.74 11.51 -43.43
C GLY T 136 79.89 11.78 -42.49
N PRO T 137 79.64 11.66 -41.19
CA PRO T 137 80.67 11.92 -40.19
C PRO T 137 81.65 10.76 -40.08
N SER T 138 82.79 11.05 -39.47
CA SER T 138 83.83 10.04 -39.21
C SER T 138 84.11 9.99 -37.71
N VAL T 139 83.52 8.99 -37.05
CA VAL T 139 83.64 8.84 -35.61
C VAL T 139 84.95 8.12 -35.28
N PHE T 140 85.79 8.75 -34.46
CA PHE T 140 87.02 8.14 -34.01
C PHE T 140 87.02 8.02 -32.48
N PRO T 141 87.43 6.90 -31.91
CA PRO T 141 87.42 6.78 -30.45
C PRO T 141 88.55 7.58 -29.81
N LEU T 142 88.20 8.31 -28.73
CA LEU T 142 89.14 9.11 -27.98
C LEU T 142 89.54 8.27 -26.77
N ALA T 143 90.84 7.98 -26.69
CA ALA T 143 91.44 7.18 -25.63
C ALA T 143 91.35 7.86 -24.27
N PRO T 144 90.95 7.11 -23.23
CA PRO T 144 90.83 7.70 -21.89
C PRO T 144 92.12 8.34 -21.44
N SER T 145 92.01 9.45 -20.73
CA SER T 145 93.16 10.18 -20.23
C SER T 145 93.01 10.37 -18.73
N SER T 146 94.12 10.71 -18.09
CA SER T 146 94.16 10.90 -16.65
C SER T 146 93.70 12.31 -16.29
N LYS T 147 92.70 12.41 -15.41
CA LYS T 147 92.22 13.71 -14.96
C LYS T 147 92.69 14.05 -13.56
N SER T 148 92.81 13.06 -12.69
CA SER T 148 93.27 13.29 -11.32
C SER T 148 93.86 11.98 -10.82
N THR T 149 95.19 11.96 -10.60
CA THR T 149 95.85 10.75 -10.14
C THR T 149 95.44 10.43 -8.71
N SER T 150 95.46 11.42 -7.82
CA SER T 150 95.08 11.15 -6.44
C SER T 150 93.57 10.93 -6.35
N GLY T 151 92.82 11.52 -7.29
CA GLY T 151 91.38 11.36 -7.31
C GLY T 151 90.93 10.07 -7.97
N GLY T 152 91.76 9.54 -8.88
CA GLY T 152 91.43 8.31 -9.58
C GLY T 152 90.38 8.45 -10.65
N THR T 153 90.39 9.56 -11.39
CA THR T 153 89.43 9.81 -12.45
C THR T 153 90.12 9.88 -13.81
N ALA T 154 89.32 9.65 -14.85
CA ALA T 154 89.80 9.68 -16.22
C ALA T 154 88.73 10.31 -17.10
N ALA T 155 88.97 10.31 -18.40
CA ALA T 155 88.04 10.92 -19.34
C ALA T 155 88.24 10.29 -20.71
N LEU T 156 87.18 9.66 -21.23
CA LEU T 156 87.24 9.04 -22.55
C LEU T 156 86.09 9.56 -23.39
N GLY T 157 86.18 9.38 -24.71
CA GLY T 157 85.07 9.90 -25.50
C GLY T 157 85.15 9.53 -26.96
N CYS T 158 84.44 10.31 -27.78
CA CYS T 158 84.46 10.06 -29.22
C CYS T 158 84.68 11.40 -29.93
N LEU T 159 85.14 11.31 -31.19
CA LEU T 159 85.46 12.44 -32.04
C LEU T 159 84.66 12.37 -33.33
N VAL T 160 83.73 13.29 -33.53
CA VAL T 160 82.96 13.35 -34.77
C VAL T 160 83.70 14.32 -35.69
N LYS T 161 84.34 13.79 -36.73
CA LYS T 161 85.16 14.62 -37.61
C LYS T 161 84.61 14.62 -39.02
N ASP T 162 84.59 15.82 -39.62
CA ASP T 162 84.17 16.04 -41.00
C ASP T 162 82.74 15.57 -41.24
N TYR T 163 81.77 16.43 -40.94
CA TYR T 163 80.37 16.15 -41.21
C TYR T 163 79.68 17.42 -41.70
N PHE T 164 78.60 17.24 -42.44
CA PHE T 164 77.84 18.34 -43.00
C PHE T 164 76.44 17.88 -43.40
N PRO T 165 75.39 18.62 -43.02
CA PRO T 165 75.50 19.83 -42.21
C PRO T 165 75.18 19.55 -40.74
N GLU T 166 75.01 20.61 -39.94
CA GLU T 166 74.64 20.42 -38.56
C GLU T 166 73.20 19.91 -38.48
N PRO T 167 72.84 19.22 -37.38
CA PRO T 167 73.64 18.81 -36.23
C PRO T 167 73.96 17.32 -36.21
N VAL T 168 74.57 16.87 -35.11
CA VAL T 168 74.91 15.47 -34.88
C VAL T 168 74.65 15.17 -33.41
N THR T 169 73.84 14.15 -33.13
CA THR T 169 73.53 13.82 -31.74
C THR T 169 74.38 12.64 -31.26
N VAL T 170 74.97 12.78 -30.07
CA VAL T 170 75.82 11.74 -29.51
C VAL T 170 75.28 11.37 -28.13
N SER T 171 74.96 10.09 -27.95
CA SER T 171 74.49 9.57 -26.66
C SER T 171 75.43 8.46 -26.22
N TRP T 172 75.29 8.03 -24.96
CA TRP T 172 76.14 6.98 -24.42
C TRP T 172 75.28 5.84 -23.89
N ASN T 173 75.58 4.63 -24.36
CA ASN T 173 74.89 3.40 -23.94
C ASN T 173 73.37 3.54 -24.13
N SER T 174 72.97 4.03 -25.30
CA SER T 174 71.57 4.24 -25.65
C SER T 174 70.88 5.15 -24.64
N GLY T 175 71.63 6.12 -24.11
CA GLY T 175 71.10 7.09 -23.18
C GLY T 175 71.12 6.63 -21.74
N ALA T 176 72.00 5.71 -21.38
CA ALA T 176 72.11 5.21 -20.01
C ALA T 176 73.13 6.01 -19.20
N LEU T 177 74.26 6.34 -19.80
CA LEU T 177 75.33 7.11 -19.14
C LEU T 177 75.21 8.56 -19.57
N THR T 178 74.70 9.41 -18.67
CA THR T 178 74.50 10.82 -18.94
C THR T 178 75.28 11.76 -18.03
N SER T 179 75.68 11.30 -16.84
CA SER T 179 76.39 12.16 -15.90
C SER T 179 77.85 12.32 -16.32
N GLY T 180 78.34 13.55 -16.31
CA GLY T 180 79.72 13.83 -16.68
C GLY T 180 79.99 13.93 -18.16
N VAL T 181 78.96 13.91 -18.99
CA VAL T 181 79.12 13.98 -20.45
C VAL T 181 79.22 15.44 -20.87
N HIS T 182 80.31 15.80 -21.52
CA HIS T 182 80.56 17.16 -22.00
C HIS T 182 80.76 17.09 -23.51
N THR T 183 79.80 17.64 -24.26
CA THR T 183 79.86 17.69 -25.71
C THR T 183 80.24 19.11 -26.13
N PHE T 184 81.35 19.23 -26.84
CA PHE T 184 81.78 20.55 -27.24
C PHE T 184 81.26 20.90 -28.64
N PRO T 185 80.96 22.18 -28.88
CA PRO T 185 80.51 22.61 -30.21
C PRO T 185 81.55 22.32 -31.28
N ALA T 186 81.08 22.22 -32.51
CA ALA T 186 81.95 21.90 -33.64
C ALA T 186 82.72 23.14 -34.09
N VAL T 187 83.64 22.92 -35.03
CA VAL T 187 84.49 23.96 -35.58
C VAL T 187 84.23 24.07 -37.08
N LEU T 188 84.16 25.32 -37.57
CA LEU T 188 83.96 25.59 -38.99
C LEU T 188 85.32 25.62 -39.66
N GLN T 189 85.68 24.53 -40.33
CA GLN T 189 86.95 24.43 -41.01
C GLN T 189 86.97 25.31 -42.26
N SER T 190 88.12 25.38 -42.92
CA SER T 190 88.22 26.20 -44.12
C SER T 190 87.52 25.54 -45.29
N SER T 191 87.33 24.22 -45.25
CA SER T 191 86.64 23.49 -46.30
C SER T 191 85.14 23.63 -46.20
N GLY T 192 84.62 23.92 -45.01
CA GLY T 192 83.20 24.07 -44.76
C GLY T 192 82.57 22.94 -44.00
N LEU T 193 83.36 21.98 -43.52
CA LEU T 193 82.88 20.83 -42.76
C LEU T 193 83.03 21.08 -41.27
N TYR T 194 82.11 20.52 -40.50
CA TYR T 194 82.11 20.66 -39.05
C TYR T 194 82.71 19.42 -38.40
N SER T 195 83.11 19.57 -37.14
CA SER T 195 83.70 18.45 -36.39
C SER T 195 83.66 18.77 -34.91
N LEU T 196 82.95 17.96 -34.13
CA LEU T 196 82.85 18.16 -32.70
C LEU T 196 83.50 17.00 -31.95
N SER T 197 83.38 17.05 -30.62
CA SER T 197 83.95 16.05 -29.73
C SER T 197 83.08 15.87 -28.50
N SER T 198 82.99 14.64 -28.01
CA SER T 198 82.22 14.34 -26.81
C SER T 198 83.15 13.60 -25.86
N VAL T 199 83.10 13.93 -24.57
CA VAL T 199 83.98 13.29 -23.60
C VAL T 199 83.26 13.15 -22.27
N VAL T 200 83.36 11.97 -21.67
CA VAL T 200 82.75 11.66 -20.39
C VAL T 200 83.83 11.32 -19.38
N THR T 201 83.77 12.00 -18.23
CA THR T 201 84.70 11.80 -17.12
C THR T 201 84.23 10.62 -16.28
N VAL T 202 85.02 9.56 -16.22
CA VAL T 202 84.62 8.37 -15.47
C VAL T 202 85.73 7.87 -14.56
N PRO T 203 85.39 7.28 -13.41
CA PRO T 203 86.41 6.71 -12.52
C PRO T 203 87.24 5.65 -13.24
N SER T 204 88.45 5.42 -12.72
CA SER T 204 89.37 4.47 -13.34
C SER T 204 89.10 3.04 -12.93
N SER T 205 88.43 2.81 -11.80
CA SER T 205 88.16 1.47 -11.30
C SER T 205 87.12 0.71 -12.13
N SER T 206 86.36 1.41 -12.98
CA SER T 206 85.34 0.78 -13.81
C SER T 206 85.95 0.30 -15.11
N LEU T 207 86.07 -1.02 -15.27
CA LEU T 207 86.63 -1.63 -16.47
C LEU T 207 85.73 -2.73 -16.99
N GLY T 208 85.62 -3.83 -16.23
CA GLY T 208 84.79 -4.94 -16.65
C GLY T 208 83.44 -4.95 -15.96
N THR T 209 82.98 -3.76 -15.56
CA THR T 209 81.70 -3.60 -14.90
C THR T 209 80.76 -2.67 -15.65
N GLN T 210 81.20 -2.06 -16.75
CA GLN T 210 80.36 -1.15 -17.52
C GLN T 210 80.88 -1.10 -18.95
N THR T 211 79.98 -1.21 -19.91
CA THR T 211 80.33 -1.16 -21.33
C THR T 211 80.12 0.26 -21.86
N TYR T 212 81.17 0.82 -22.48
CA TYR T 212 81.13 2.17 -23.01
C TYR T 212 80.91 2.10 -24.52
N ILE T 213 79.71 2.46 -24.98
CA ILE T 213 79.37 2.47 -26.40
C ILE T 213 78.82 3.84 -26.75
N CYS T 214 79.60 4.64 -27.48
CA CYS T 214 79.13 5.95 -27.90
C CYS T 214 78.29 5.80 -29.16
N ASN T 215 77.09 6.38 -29.14
CA ASN T 215 76.12 6.32 -30.23
C ASN T 215 76.03 7.66 -30.94
N VAL T 216 76.68 7.77 -32.10
CA VAL T 216 76.67 8.98 -32.92
C VAL T 216 75.59 8.82 -33.99
N ASN T 217 74.64 9.75 -34.04
CA ASN T 217 73.53 9.73 -34.97
C ASN T 217 73.60 10.94 -35.88
N HIS T 218 73.53 10.69 -37.20
CA HIS T 218 73.53 11.71 -38.24
C HIS T 218 72.36 11.44 -39.19
N LYS T 219 71.19 11.96 -38.82
CA LYS T 219 69.98 11.76 -39.60
C LYS T 219 70.04 12.28 -41.04
N PRO T 220 70.66 13.44 -41.34
CA PRO T 220 70.70 13.89 -42.75
C PRO T 220 71.32 12.88 -43.70
N SER T 221 72.24 12.06 -43.21
CA SER T 221 72.87 11.02 -44.00
C SER T 221 72.29 9.66 -43.66
N ASN T 222 71.36 9.62 -42.70
CA ASN T 222 70.72 8.38 -42.27
C ASN T 222 71.76 7.36 -41.84
N THR T 223 72.67 7.79 -40.96
CA THR T 223 73.72 6.88 -40.51
C THR T 223 73.94 6.99 -39.01
N LYS T 224 74.05 5.83 -38.37
CA LYS T 224 74.32 5.72 -36.94
C LYS T 224 75.58 4.89 -36.74
N VAL T 225 76.43 5.32 -35.82
CA VAL T 225 77.69 4.65 -35.53
C VAL T 225 77.73 4.35 -34.04
N ASP T 226 77.98 3.08 -33.69
CA ASP T 226 78.08 2.66 -32.30
C ASP T 226 79.51 2.20 -32.07
N LYS T 227 80.32 3.06 -31.46
CA LYS T 227 81.73 2.76 -31.22
C LYS T 227 81.95 2.27 -29.79
N ARG T 228 82.72 1.20 -29.65
CA ARG T 228 83.09 0.63 -28.36
C ARG T 228 84.40 1.25 -27.90
N VAL T 229 84.30 2.24 -27.01
CA VAL T 229 85.47 2.93 -26.49
C VAL T 229 86.28 1.95 -25.64
N GLU T 230 87.51 1.69 -26.05
CA GLU T 230 88.38 0.76 -25.33
C GLU T 230 88.74 1.33 -23.96
N PRO T 231 88.46 0.60 -22.86
CA PRO T 231 88.79 1.13 -21.53
C PRO T 231 90.28 1.15 -21.21
N LYS T 232 91.11 0.44 -21.96
CA LYS T 232 92.55 0.43 -21.71
C LYS T 232 93.18 1.70 -22.25
N SER T 233 93.64 2.55 -21.32
CA SER T 233 94.21 3.84 -21.66
C SER T 233 95.70 3.70 -22.00
N CYS T 234 96.27 4.80 -22.49
CA CYS T 234 97.68 4.87 -22.84
C CYS T 234 98.40 5.99 -22.11
N ASP T 235 97.69 6.79 -21.32
CA ASP T 235 98.28 7.89 -20.57
C ASP T 235 99.14 7.35 -19.43
N LYS T 236 100.41 7.75 -19.41
CA LYS T 236 101.33 7.27 -18.37
C LYS T 236 100.90 7.76 -17.00
N GLY T 237 100.21 8.89 -16.93
CA GLY T 237 99.76 9.39 -15.64
C GLY T 237 98.58 8.64 -15.07
N LEU T 238 97.95 7.78 -15.88
CA LEU T 238 96.81 6.99 -15.47
C LEU T 238 97.16 5.51 -15.29
N GLU T 239 98.21 5.03 -15.97
CA GLU T 239 98.61 3.64 -15.87
C GLU T 239 99.09 3.26 -14.47
N VAL T 240 99.51 4.24 -13.67
CA VAL T 240 99.95 3.96 -12.31
C VAL T 240 98.78 3.45 -11.48
N LEU T 241 97.58 3.96 -11.73
CA LEU T 241 96.40 3.53 -11.00
C LEU T 241 95.98 2.12 -11.37
N PHE T 242 96.35 1.65 -12.57
CA PHE T 242 96.00 0.30 -13.01
C PHE T 242 97.12 -0.68 -12.71
N SER U 1 66.04 46.44 -39.39
CA SER U 1 64.71 46.50 -38.80
C SER U 1 64.30 47.95 -38.52
N VAL U 2 62.99 48.19 -38.47
CA VAL U 2 62.48 49.54 -38.22
C VAL U 2 62.37 49.86 -36.74
N LEU U 3 62.39 48.85 -35.87
CA LEU U 3 62.31 49.06 -34.43
C LEU U 3 63.73 49.05 -33.88
N THR U 4 64.16 50.19 -33.32
CA THR U 4 65.52 50.39 -32.85
C THR U 4 65.60 50.28 -31.34
N GLN U 5 66.51 49.43 -30.86
CA GLN U 5 66.80 49.29 -29.44
C GLN U 5 68.17 49.87 -29.16
N SER U 6 68.59 49.78 -27.90
CA SER U 6 69.94 50.20 -27.54
C SER U 6 70.95 49.14 -27.97
N ALA U 7 72.06 49.59 -28.53
CA ALA U 7 73.08 48.64 -29.00
C ALA U 7 73.62 47.79 -27.86
N SER U 8 74.14 48.44 -26.82
CA SER U 8 74.66 47.73 -25.66
C SER U 8 74.41 48.54 -24.40
N VAL U 9 74.05 47.84 -23.33
CA VAL U 9 73.80 48.47 -22.04
C VAL U 9 74.38 47.53 -20.97
N SER U 10 74.81 48.12 -19.85
CA SER U 10 75.44 47.36 -18.78
C SER U 10 74.80 47.69 -17.44
N GLY U 11 75.16 46.89 -16.44
CA GLY U 11 74.66 47.05 -15.09
C GLY U 11 75.38 46.15 -14.10
N SER U 12 75.53 46.62 -12.87
CA SER U 12 76.22 45.88 -11.82
C SER U 12 75.25 44.98 -11.06
N LEU U 13 75.82 44.00 -10.36
CA LEU U 13 75.01 43.08 -9.58
C LEU U 13 74.30 43.82 -8.45
N GLY U 14 73.03 43.48 -8.26
CA GLY U 14 72.21 44.10 -7.23
C GLY U 14 71.68 45.47 -7.59
N GLN U 15 71.92 45.95 -8.81
CA GLN U 15 71.44 47.24 -9.27
C GLN U 15 70.45 47.02 -10.41
N SER U 16 70.14 48.09 -11.13
CA SER U 16 69.17 48.01 -12.22
C SER U 16 69.82 48.42 -13.53
N VAL U 17 69.10 48.16 -14.62
CA VAL U 17 69.54 48.48 -15.97
C VAL U 17 68.28 48.67 -16.82
N THR U 18 68.25 49.73 -17.63
CA THR U 18 67.09 50.02 -18.46
C THR U 18 67.43 49.79 -19.92
N ILE U 19 66.54 49.09 -20.62
CA ILE U 19 66.67 48.80 -22.05
C ILE U 19 65.62 49.59 -22.82
N SER U 20 66.08 50.38 -23.79
CA SER U 20 65.23 51.20 -24.65
C SER U 20 64.73 50.40 -25.85
N CYS U 21 63.56 50.80 -26.36
CA CYS U 21 62.92 50.14 -27.51
C CYS U 21 61.98 51.16 -28.18
N THR U 22 62.51 51.89 -29.16
CA THR U 22 61.79 52.94 -29.83
C THR U 22 61.74 52.68 -31.34
N GLY U 23 61.17 53.63 -32.07
CA GLY U 23 61.05 53.54 -33.50
C GLY U 23 60.08 54.55 -34.07
N PRO U 24 59.82 54.47 -35.38
CA PRO U 24 58.87 55.40 -36.01
C PRO U 24 57.48 55.28 -35.41
N ASN U 25 56.65 56.28 -35.70
CA ASN U 25 55.29 56.29 -35.18
C ASN U 25 54.44 55.17 -35.77
N SER U 26 54.87 54.58 -36.88
CA SER U 26 54.12 53.51 -37.52
C SER U 26 54.26 52.20 -36.76
N VAL U 27 55.22 52.11 -35.84
CA VAL U 27 55.46 50.89 -35.07
C VAL U 27 55.60 51.15 -33.58
N CYS U 28 55.81 52.39 -33.15
CA CYS U 28 56.01 52.68 -31.73
C CYS U 28 55.74 54.16 -31.49
N CYS U 29 54.94 54.45 -30.47
CA CYS U 29 54.30 53.44 -29.62
C CYS U 29 52.83 53.79 -29.33
N SER U 30 52.36 54.88 -29.92
CA SER U 30 50.97 55.29 -29.74
C SER U 30 50.03 54.24 -30.32
N HIS U 31 49.05 53.83 -29.50
CA HIS U 31 48.09 52.79 -29.87
C HIS U 31 48.79 51.48 -30.24
N LYS U 32 49.91 51.20 -29.59
CA LYS U 32 50.67 49.98 -29.82
C LYS U 32 51.00 49.32 -28.49
N SER U 33 51.15 48.00 -28.53
CA SER U 33 51.50 47.23 -27.35
C SER U 33 52.95 46.79 -27.48
N ILE U 34 53.64 46.71 -26.34
CA ILE U 34 55.06 46.35 -26.30
C ILE U 34 55.26 45.16 -25.39
N SER U 35 56.03 44.18 -25.86
CA SER U 35 56.34 43.01 -25.06
C SER U 35 57.86 42.83 -25.05
N TRP U 36 58.34 42.02 -24.11
CA TRP U 36 59.76 41.74 -23.97
C TRP U 36 59.97 40.25 -23.79
N TYR U 37 61.09 39.77 -24.34
CA TYR U 37 61.49 38.37 -24.34
C TYR U 37 62.97 38.19 -24.03
N GLN U 38 63.26 37.25 -23.13
CA GLN U 38 64.62 36.80 -22.81
C GLN U 38 65.02 35.67 -23.77
N TRP U 39 65.87 35.96 -24.75
CA TRP U 39 66.21 35.02 -25.82
C TRP U 39 67.70 34.71 -25.79
N PRO U 40 68.10 33.66 -25.05
CA PRO U 40 69.51 33.25 -25.06
C PRO U 40 69.91 32.67 -26.40
N PRO U 41 71.06 33.07 -26.94
CA PRO U 41 71.52 32.57 -28.25
C PRO U 41 71.61 31.05 -28.26
N GLY U 42 70.90 30.43 -29.20
CA GLY U 42 70.93 29.00 -29.34
C GLY U 42 69.91 28.27 -28.49
N ARG U 43 69.15 28.98 -27.68
CA ARG U 43 68.15 28.40 -26.78
C ARG U 43 66.78 28.97 -27.12
N ALA U 44 65.77 28.52 -26.38
CA ALA U 44 64.41 28.99 -26.59
C ALA U 44 64.15 30.25 -25.77
N PRO U 45 63.49 31.24 -26.37
CA PRO U 45 63.21 32.49 -25.64
C PRO U 45 62.13 32.27 -24.59
N THR U 46 62.06 33.21 -23.66
CA THR U 46 61.08 33.16 -22.59
C THR U 46 60.37 34.50 -22.49
N LEU U 47 59.04 34.46 -22.51
CA LEU U 47 58.25 35.68 -22.41
C LEU U 47 58.40 36.29 -21.03
N ILE U 48 58.75 37.58 -20.99
CA ILE U 48 58.95 38.31 -19.76
C ILE U 48 57.83 39.30 -19.53
N ILE U 49 57.66 40.25 -20.44
CA ILE U 49 56.63 41.29 -20.27
C ILE U 49 55.67 41.26 -21.44
N TYR U 50 54.37 41.32 -21.14
CA TYR U 50 53.34 41.43 -22.16
C TYR U 50 52.41 42.59 -21.78
N GLU U 51 51.84 43.22 -22.80
CA GLU U 51 50.96 44.37 -22.64
C GLU U 51 51.63 45.47 -21.82
N ASP U 52 52.71 46.02 -22.38
CA ASP U 52 53.44 47.14 -21.80
C ASP U 52 54.05 46.86 -20.42
N ASN U 53 53.21 46.72 -19.39
CA ASN U 53 53.71 46.63 -18.03
C ASN U 53 53.27 45.39 -17.26
N GLU U 54 52.61 44.44 -17.91
CA GLU U 54 52.16 43.24 -17.22
C GLU U 54 53.18 42.12 -17.40
N ARG U 55 53.49 41.44 -16.30
CA ARG U 55 54.47 40.36 -16.29
C ARG U 55 53.83 39.04 -16.70
N ALA U 56 54.61 38.21 -17.38
CA ALA U 56 54.14 36.90 -17.80
C ALA U 56 53.99 35.98 -16.59
N PRO U 57 53.16 34.95 -16.70
CA PRO U 57 52.97 34.01 -15.59
C PRO U 57 54.29 33.38 -15.15
N GLY U 58 54.58 33.46 -13.86
CA GLY U 58 55.77 32.86 -13.31
C GLY U 58 57.02 33.72 -13.37
N ILE U 59 56.89 34.98 -13.78
CA ILE U 59 58.04 35.88 -13.88
C ILE U 59 58.24 36.59 -12.55
N SER U 60 59.48 36.56 -12.06
CA SER U 60 59.84 37.22 -10.82
C SER U 60 59.52 38.71 -10.89
N PRO U 61 59.09 39.33 -9.79
CA PRO U 61 58.76 40.76 -9.80
C PRO U 61 59.95 41.68 -9.98
N ARG U 62 61.13 41.10 -10.23
CA ARG U 62 62.34 41.89 -10.45
C ARG U 62 62.32 42.62 -11.78
N PHE U 63 61.49 42.19 -12.72
CA PHE U 63 61.37 42.82 -14.02
C PHE U 63 60.21 43.81 -14.02
N SER U 64 60.38 44.92 -14.74
CA SER U 64 59.32 45.91 -14.81
C SER U 64 59.41 46.64 -16.14
N GLY U 65 58.25 47.04 -16.65
CA GLY U 65 58.18 47.71 -17.94
C GLY U 65 57.55 49.08 -17.85
N TYR U 66 57.78 49.91 -18.87
CA TYR U 66 57.19 51.25 -18.87
C TYR U 66 57.17 51.78 -20.29
N LYS U 67 56.00 52.20 -20.76
CA LYS U 67 55.86 52.71 -22.11
C LYS U 67 55.41 54.16 -22.08
N SER U 68 56.09 54.99 -22.87
CA SER U 68 55.79 56.39 -23.06
C SER U 68 54.99 56.51 -24.37
N TYR U 69 54.96 57.71 -24.95
CA TYR U 69 54.23 57.93 -26.18
C TYR U 69 55.07 57.67 -27.42
N TRP U 70 56.39 57.50 -27.26
CA TRP U 70 57.28 57.32 -28.39
C TRP U 70 58.27 56.17 -28.23
N SER U 71 58.45 55.62 -27.02
CA SER U 71 59.35 54.49 -26.81
C SER U 71 58.92 53.71 -25.58
N ALA U 72 59.41 52.47 -25.48
CA ALA U 72 59.11 51.62 -24.34
C ALA U 72 60.42 51.16 -23.72
N TYR U 73 60.38 50.86 -22.42
CA TYR U 73 61.57 50.61 -21.64
C TYR U 73 61.36 49.39 -20.76
N LEU U 74 62.49 48.80 -20.36
CA LEU U 74 62.49 47.61 -19.51
C LEU U 74 63.57 47.72 -18.43
N THR U 75 63.15 47.76 -17.17
CA THR U 75 64.05 47.86 -16.02
C THR U 75 64.15 46.49 -15.36
N ILE U 76 65.38 45.98 -15.23
CA ILE U 76 65.65 44.70 -14.58
C ILE U 76 66.37 44.97 -13.27
N SER U 77 65.61 45.02 -12.18
CA SER U 77 66.17 45.27 -10.86
C SER U 77 66.83 44.02 -10.29
N ASP U 78 67.86 44.23 -9.46
CA ASP U 78 68.63 43.16 -8.84
C ASP U 78 69.18 42.17 -9.87
N LEU U 79 70.23 42.57 -10.59
CA LEU U 79 70.77 41.76 -11.66
C LEU U 79 71.35 40.45 -11.14
N ARG U 80 71.16 39.39 -11.93
CA ARG U 80 71.63 38.04 -11.65
C ARG U 80 72.69 37.61 -12.67
N PRO U 81 73.57 36.67 -12.30
CA PRO U 81 74.58 36.19 -13.25
C PRO U 81 73.99 35.54 -14.50
N GLU U 82 72.75 35.05 -14.44
CA GLU U 82 72.12 34.41 -15.59
C GLU U 82 71.27 35.39 -16.40
N ASP U 83 71.48 36.69 -16.23
CA ASP U 83 70.77 37.71 -16.98
C ASP U 83 71.62 38.36 -18.06
N GLU U 84 72.89 37.97 -18.19
CA GLU U 84 73.77 38.52 -19.21
C GLU U 84 73.53 37.79 -20.52
N THR U 85 72.58 38.30 -21.29
CA THR U 85 72.22 37.72 -22.57
C THR U 85 71.52 38.78 -23.43
N THR U 86 70.87 38.33 -24.50
CA THR U 86 70.18 39.21 -25.42
C THR U 86 68.69 39.28 -25.07
N TYR U 87 68.13 40.48 -25.06
CA TYR U 87 66.73 40.72 -24.74
C TYR U 87 66.09 41.45 -25.90
N TYR U 88 65.03 40.88 -26.46
CA TYR U 88 64.31 41.48 -27.58
C TYR U 88 62.96 42.03 -27.16
N CYS U 89 62.55 43.09 -27.84
CA CYS U 89 61.22 43.67 -27.64
C CYS U 89 60.39 43.47 -28.90
N CYS U 90 59.08 43.60 -28.72
CA CYS U 90 58.14 43.40 -29.83
C CYS U 90 57.03 44.43 -29.78
N SER U 91 56.81 45.08 -30.92
CA SER U 91 55.72 46.03 -31.09
C SER U 91 54.59 45.29 -31.81
N TYR U 92 53.42 45.22 -31.19
CA TYR U 92 52.32 44.46 -31.76
C TYR U 92 50.99 45.07 -31.36
N THR U 93 49.92 44.57 -31.97
CA THR U 93 48.55 44.97 -31.65
C THR U 93 47.70 43.72 -31.55
N HIS U 94 46.38 43.91 -31.54
CA HIS U 94 45.45 42.79 -31.49
C HIS U 94 45.29 42.13 -32.85
N ASN U 95 45.49 42.89 -33.94
CA ASN U 95 45.30 42.38 -35.29
C ASN U 95 46.62 42.03 -35.95
N SER U 96 47.52 43.00 -36.08
CA SER U 96 48.81 42.79 -36.72
C SER U 96 49.69 41.86 -35.88
N GLY U 97 50.80 41.45 -36.46
CA GLY U 97 51.72 40.54 -35.81
C GLY U 97 52.81 41.25 -35.03
N CYS U 98 53.95 40.58 -34.90
CA CYS U 98 55.07 41.11 -34.13
C CYS U 98 56.15 41.65 -35.06
N VAL U 99 56.75 42.77 -34.67
CA VAL U 99 57.88 43.35 -35.39
C VAL U 99 59.01 43.53 -34.38
N PHE U 100 59.90 42.54 -34.31
CA PHE U 100 60.99 42.54 -33.35
C PHE U 100 62.00 43.65 -33.66
N GLY U 101 62.80 43.99 -32.64
CA GLY U 101 63.80 45.02 -32.76
C GLY U 101 65.16 44.48 -33.17
N THR U 102 66.18 45.35 -33.03
CA THR U 102 67.54 44.99 -33.39
C THR U 102 68.23 44.13 -32.33
N GLY U 103 67.85 44.27 -31.08
CA GLY U 103 68.41 43.49 -30.00
C GLY U 103 69.28 44.34 -29.08
N THR U 104 69.42 43.90 -27.84
CA THR U 104 70.23 44.60 -26.83
C THR U 104 71.05 43.57 -26.06
N LYS U 105 72.37 43.66 -26.18
CA LYS U 105 73.27 42.77 -25.46
C LYS U 105 73.63 43.38 -24.11
N VAL U 106 73.07 42.81 -23.04
CA VAL U 106 73.26 43.32 -21.68
C VAL U 106 74.46 42.62 -21.06
N SER U 107 75.45 43.39 -20.63
CA SER U 107 76.63 42.84 -19.97
C SER U 107 76.59 43.16 -18.47
N VAL U 108 76.65 42.11 -17.65
CA VAL U 108 76.62 42.25 -16.19
C VAL U 108 78.07 42.29 -15.70
N LEU U 109 78.47 43.43 -15.12
CA LEU U 109 79.83 43.57 -14.63
C LEU U 109 80.00 43.01 -13.22
N GLY U 110 81.13 42.35 -13.00
CA GLY U 110 81.57 41.96 -11.67
C GLY U 110 81.19 40.57 -11.21
N GLN U 111 82.06 39.58 -11.42
CA GLN U 111 81.81 38.21 -10.98
C GLN U 111 83.10 37.62 -10.41
N SER U 112 83.08 36.32 -10.15
CA SER U 112 84.19 35.60 -9.53
C SER U 112 84.97 34.81 -10.58
N LYS U 113 85.97 34.07 -10.13
CA LYS U 113 86.95 33.43 -11.01
C LYS U 113 86.71 31.92 -11.10
N ALA U 114 87.50 31.28 -11.96
CA ALA U 114 87.51 29.84 -12.18
C ALA U 114 88.71 29.48 -13.04
N ASN U 115 89.27 28.29 -12.79
CA ASN U 115 90.47 27.84 -13.49
C ASN U 115 90.12 26.86 -14.61
N PRO U 116 90.75 27.01 -15.78
CA PRO U 116 90.36 26.21 -16.94
C PRO U 116 90.93 24.79 -16.92
N SER U 117 90.12 23.85 -17.38
CA SER U 117 90.49 22.44 -17.51
C SER U 117 90.76 22.14 -18.98
N VAL U 118 92.04 21.96 -19.31
CA VAL U 118 92.49 21.74 -20.69
C VAL U 118 92.88 20.28 -20.84
N THR U 119 92.42 19.64 -21.92
CA THR U 119 92.78 18.25 -22.20
C THR U 119 93.09 18.08 -23.68
N LEU U 120 94.33 17.66 -23.98
CA LEU U 120 94.77 17.49 -25.36
C LEU U 120 94.73 16.02 -25.76
N PHE U 121 94.07 15.71 -26.89
CA PHE U 121 93.97 14.35 -27.39
C PHE U 121 94.79 14.19 -28.66
N PRO U 122 95.60 13.13 -28.71
CA PRO U 122 96.36 12.78 -29.92
C PRO U 122 95.51 12.03 -30.93
N PRO U 123 95.91 12.01 -32.20
CA PRO U 123 95.14 11.27 -33.21
C PRO U 123 95.09 9.78 -32.90
N SER U 124 93.89 9.21 -33.03
CA SER U 124 93.63 7.80 -32.74
C SER U 124 94.33 6.89 -33.75
N SER U 125 94.38 5.59 -33.41
CA SER U 125 95.02 4.60 -34.28
C SER U 125 94.21 4.38 -35.55
N GLU U 126 92.89 4.56 -35.49
CA GLU U 126 92.06 4.38 -36.68
C GLU U 126 92.29 5.52 -37.66
N GLU U 127 92.68 6.68 -37.15
CA GLU U 127 92.94 7.85 -37.99
C GLU U 127 94.33 7.78 -38.61
N LEU U 128 95.24 7.00 -38.00
CA LEU U 128 96.58 6.84 -38.54
C LEU U 128 96.60 5.84 -39.70
N GLN U 129 95.48 5.18 -39.96
CA GLN U 129 95.33 4.24 -41.06
C GLN U 129 94.47 4.85 -42.18
N ALA U 130 94.08 6.12 -42.03
CA ALA U 130 93.25 6.78 -43.03
C ALA U 130 94.06 7.28 -44.23
N ASN U 131 95.19 7.98 -44.04
CA ASN U 131 95.82 8.36 -42.77
C ASN U 131 95.84 9.88 -42.54
N LYS U 132 95.37 10.33 -41.38
CA LYS U 132 95.37 11.76 -41.05
C LYS U 132 95.81 11.92 -39.60
N ALA U 133 95.90 13.19 -39.16
CA ALA U 133 96.30 13.48 -37.79
C ALA U 133 95.70 14.82 -37.36
N THR U 134 94.86 14.78 -36.33
CA THR U 134 94.19 15.98 -35.83
C THR U 134 94.35 16.04 -34.32
N LEU U 135 95.00 17.11 -33.83
CA LEU U 135 95.17 17.31 -32.39
C LEU U 135 93.95 18.05 -31.86
N VAL U 136 93.38 17.54 -30.77
CA VAL U 136 92.17 18.11 -30.16
C VAL U 136 92.51 18.74 -28.82
N CYS U 137 92.36 20.06 -28.70
CA CYS U 137 92.63 20.78 -27.46
C CYS U 137 91.28 21.21 -26.90
N LEU U 138 90.79 20.52 -25.87
CA LEU U 138 89.48 20.82 -25.28
C LEU U 138 89.66 21.70 -24.05
N ILE U 139 88.91 22.81 -23.98
CA ILE U 139 88.96 23.74 -22.86
C ILE U 139 87.59 23.78 -22.20
N SER U 140 87.54 23.65 -20.88
CA SER U 140 86.23 23.69 -20.23
C SER U 140 86.36 24.29 -18.83
N ASP U 141 85.23 24.77 -18.32
CA ASP U 141 85.14 25.31 -16.96
C ASP U 141 86.14 26.46 -16.75
N PHE U 142 85.95 27.54 -17.51
CA PHE U 142 86.78 28.73 -17.36
C PHE U 142 85.90 29.96 -17.41
N TYR U 143 86.21 30.95 -16.56
CA TYR U 143 85.45 32.19 -16.49
C TYR U 143 86.42 33.35 -16.31
N PRO U 144 86.22 34.46 -17.04
CA PRO U 144 85.17 34.67 -18.05
C PRO U 144 85.46 33.95 -19.37
N GLY U 145 84.52 34.04 -20.31
CA GLY U 145 84.68 33.36 -21.58
C GLY U 145 85.55 34.16 -22.53
N ALA U 146 86.86 34.16 -22.30
CA ALA U 146 87.79 34.87 -23.18
C ALA U 146 89.17 34.23 -23.02
N VAL U 147 89.51 33.33 -23.93
CA VAL U 147 90.78 32.62 -23.91
C VAL U 147 91.38 32.65 -25.31
N THR U 148 92.70 32.54 -25.38
CA THR U 148 93.40 32.48 -26.66
C THR U 148 94.17 31.17 -26.73
N VAL U 149 94.20 30.56 -27.91
CA VAL U 149 94.84 29.26 -28.10
C VAL U 149 95.98 29.39 -29.10
N ALA U 150 97.17 28.94 -28.70
CA ALA U 150 98.35 28.92 -29.54
C ALA U 150 98.90 27.50 -29.57
N TRP U 151 99.38 27.06 -30.72
CA TRP U 151 99.91 25.70 -30.86
C TRP U 151 101.42 25.76 -31.09
N LYS U 152 102.12 24.72 -30.65
CA LYS U 152 103.56 24.69 -30.88
C LYS U 152 104.01 23.31 -31.31
N ALA U 153 104.88 23.28 -32.32
CA ALA U 153 105.46 22.05 -32.84
C ALA U 153 106.91 21.93 -32.36
N ASP U 154 107.12 21.14 -31.31
CA ASP U 154 108.44 20.97 -30.70
C ASP U 154 109.02 22.32 -30.26
N SER U 155 108.29 23.00 -29.37
CA SER U 155 108.68 24.31 -28.86
C SER U 155 108.87 25.33 -29.99
N SER U 156 108.07 25.22 -31.04
CA SER U 156 108.17 26.16 -32.15
C SER U 156 106.80 26.54 -32.71
N PRO U 157 106.46 27.84 -32.68
CA PRO U 157 105.16 28.33 -33.17
C PRO U 157 104.60 27.61 -34.39
N VAL U 158 103.29 27.40 -34.41
CA VAL U 158 102.62 26.73 -35.52
C VAL U 158 101.68 27.74 -36.17
N LYS U 159 101.79 27.88 -37.49
CA LYS U 159 101.07 28.89 -38.23
C LYS U 159 100.10 28.32 -39.25
N ALA U 160 100.08 27.00 -39.43
CA ALA U 160 99.23 26.33 -40.40
C ALA U 160 98.29 25.35 -39.71
N GLY U 161 97.01 25.39 -40.08
CA GLY U 161 96.04 24.46 -39.53
C GLY U 161 95.61 24.71 -38.12
N VAL U 162 95.63 25.96 -37.66
CA VAL U 162 95.23 26.35 -36.32
C VAL U 162 93.81 26.89 -36.37
N GLU U 163 92.89 26.25 -35.64
CA GLU U 163 91.51 26.74 -35.62
C GLU U 163 90.93 26.59 -34.22
N THR U 164 90.21 27.61 -33.78
CA THR U 164 89.64 27.59 -32.44
C THR U 164 88.20 28.07 -32.45
N THR U 165 87.34 27.36 -31.71
CA THR U 165 85.93 27.70 -31.63
C THR U 165 85.70 28.86 -30.68
N THR U 166 84.48 29.41 -30.72
CA THR U 166 84.10 30.49 -29.84
C THR U 166 83.70 29.96 -28.47
N PRO U 167 84.01 30.68 -27.40
CA PRO U 167 83.64 30.24 -26.05
C PRO U 167 82.12 30.16 -25.90
N SER U 168 81.64 28.97 -25.54
CA SER U 168 80.21 28.74 -25.38
C SER U 168 79.88 28.45 -23.92
N LYS U 169 78.80 29.05 -23.45
CA LYS U 169 78.38 28.88 -22.06
C LYS U 169 77.76 27.50 -21.85
N GLN U 170 78.21 26.81 -20.80
CA GLN U 170 77.72 25.48 -20.47
C GLN U 170 76.43 25.59 -19.66
N SER U 171 76.06 24.50 -18.98
CA SER U 171 74.86 24.50 -18.16
C SER U 171 75.16 24.85 -16.71
N ASN U 172 76.41 24.72 -16.28
CA ASN U 172 76.84 25.06 -14.92
C ASN U 172 77.34 26.49 -14.81
N ASN U 173 76.81 27.39 -15.64
CA ASN U 173 77.17 28.81 -15.63
C ASN U 173 78.66 29.02 -15.86
N LYS U 174 79.29 28.15 -16.65
CA LYS U 174 80.69 28.29 -17.01
C LYS U 174 80.82 28.21 -18.53
N TYR U 175 82.04 28.46 -19.01
CA TYR U 175 82.31 28.48 -20.44
C TYR U 175 83.21 27.33 -20.86
N ALA U 176 83.11 26.99 -22.16
CA ALA U 176 83.89 25.92 -22.76
C ALA U 176 84.27 26.33 -24.18
N ALA U 177 85.30 25.69 -24.70
CA ALA U 177 85.76 25.95 -26.07
C ALA U 177 86.52 24.72 -26.56
N SER U 178 86.98 24.79 -27.80
CA SER U 178 87.71 23.69 -28.40
C SER U 178 88.55 24.19 -29.56
N SER U 179 89.81 23.77 -29.61
CA SER U 179 90.74 24.13 -30.65
C SER U 179 91.23 22.86 -31.34
N TYR U 180 91.51 22.97 -32.63
CA TYR U 180 91.95 21.82 -33.40
C TYR U 180 93.13 22.21 -34.27
N LEU U 181 94.07 21.26 -34.40
CA LEU U 181 95.25 21.45 -35.22
C LEU U 181 95.33 20.32 -36.24
N SER U 182 95.22 20.67 -37.52
CA SER U 182 95.31 19.72 -38.62
C SER U 182 96.78 19.52 -38.98
N LEU U 183 97.28 18.29 -38.87
CA LEU U 183 98.67 18.01 -39.17
C LEU U 183 98.75 16.85 -40.14
N THR U 184 99.91 16.73 -40.77
CA THR U 184 100.19 15.65 -41.70
C THR U 184 100.90 14.50 -40.98
N PRO U 185 100.71 13.27 -41.47
CA PRO U 185 101.38 12.12 -40.84
C PRO U 185 102.89 12.26 -40.78
N GLU U 186 103.50 13.08 -41.63
CA GLU U 186 104.94 13.25 -41.60
C GLU U 186 105.34 14.15 -40.44
N GLN U 187 104.63 15.26 -40.24
CA GLN U 187 104.95 16.17 -39.14
C GLN U 187 104.68 15.53 -37.79
N TRP U 188 103.74 14.58 -37.74
CA TRP U 188 103.43 13.89 -36.50
C TRP U 188 104.54 12.93 -36.10
N LYS U 189 105.32 12.44 -37.07
CA LYS U 189 106.39 11.48 -36.82
C LYS U 189 107.76 12.12 -36.96
N SER U 190 107.83 13.45 -37.14
CA SER U 190 109.08 14.17 -37.26
C SER U 190 109.35 15.11 -36.10
N HIS U 191 108.35 15.38 -35.27
CA HIS U 191 108.49 16.27 -34.12
C HIS U 191 108.45 15.44 -32.84
N ARG U 192 109.23 15.89 -31.85
CA ARG U 192 109.31 15.17 -30.58
C ARG U 192 108.02 15.32 -29.76
N SER U 193 107.38 16.48 -29.83
CA SER U 193 106.15 16.71 -29.08
C SER U 193 105.42 17.91 -29.65
N TYR U 194 104.13 17.99 -29.34
CA TYR U 194 103.28 19.10 -29.73
C TYR U 194 102.57 19.65 -28.50
N SER U 195 102.39 20.97 -28.46
CA SER U 195 101.79 21.60 -27.29
C SER U 195 100.59 22.44 -27.70
N CYS U 196 99.76 22.75 -26.69
CA CYS U 196 98.56 23.56 -26.83
C CYS U 196 98.50 24.53 -25.66
N GLN U 197 98.98 25.76 -25.90
CA GLN U 197 99.01 26.82 -24.90
C GLN U 197 97.67 27.53 -24.91
N VAL U 198 97.07 27.71 -23.74
CA VAL U 198 95.80 28.41 -23.59
C VAL U 198 96.00 29.56 -22.60
N THR U 199 95.81 30.78 -23.08
CA THR U 199 96.00 31.98 -22.27
C THR U 199 94.65 32.47 -21.78
N HIS U 200 94.58 32.81 -20.49
CA HIS U 200 93.36 33.31 -19.85
C HIS U 200 93.75 34.26 -18.72
N GLU U 201 93.39 35.53 -18.88
CA GLU U 201 93.64 36.57 -17.88
C GLU U 201 95.12 36.63 -17.50
N GLY U 202 95.99 36.50 -18.49
CA GLY U 202 97.42 36.56 -18.24
C GLY U 202 98.04 35.21 -17.93
N SER U 203 97.30 34.34 -17.25
CA SER U 203 97.81 33.01 -16.91
C SER U 203 97.71 32.09 -18.12
N THR U 204 98.83 31.48 -18.48
CA THR U 204 98.88 30.60 -19.64
C THR U 204 99.15 29.17 -19.19
N VAL U 205 98.19 28.29 -19.47
CA VAL U 205 98.28 26.87 -19.19
C VAL U 205 98.74 26.22 -20.49
N GLU U 206 99.33 25.04 -20.38
CA GLU U 206 99.88 24.40 -21.57
C GLU U 206 99.84 22.90 -21.41
N LYS U 207 99.35 22.21 -22.43
CA LYS U 207 99.34 20.75 -22.41
C LYS U 207 100.13 20.23 -23.61
N THR U 208 100.93 19.18 -23.37
CA THR U 208 101.84 18.68 -24.39
C THR U 208 101.75 17.17 -24.51
N VAL U 209 101.59 16.69 -25.74
CA VAL U 209 101.61 15.27 -26.04
C VAL U 209 102.87 14.99 -26.86
N ALA U 210 103.34 13.75 -26.81
CA ALA U 210 104.57 13.36 -27.49
C ALA U 210 104.35 12.10 -28.31
N PRO U 211 104.58 12.13 -29.62
CA PRO U 211 104.43 10.90 -30.42
C PRO U 211 105.55 9.89 -30.18
N THR U 212 106.70 10.32 -29.66
CA THR U 212 107.82 9.43 -29.43
C THR U 212 107.55 8.41 -28.34
N GLU U 213 106.56 8.67 -27.48
CA GLU U 213 106.22 7.74 -26.41
C GLU U 213 104.71 7.53 -26.32
#